data_5KEL
#
_entry.id   5KEL
#
loop_
_entity.id
_entity.type
_entity.pdbx_description
1 polymer 'Ebola surface glycoprotein, GP1'
2 polymer 'Ebola surface glycoprotein, GP2'
3 polymer 'c2G4 variable Fab domain heavy chain'
4 polymer 'c2G4 variable Fab domain light chain'
5 polymer 'c13C6 variable Fab domain heavy chain'
6 polymer 'c13C6 variable Fab domain light chain'
7 branched 2-acetamido-2-deoxy-beta-D-glucopyranose-(1-4)-2-acetamido-2-deoxy-beta-D-glucopyranose
8 branched beta-D-mannopyranose-(1-4)-2-acetamido-2-deoxy-beta-D-glucopyranose-(1-4)-2-acetamido-2-deoxy-beta-D-glucopyranose
9 branched alpha-D-mannopyranose-(1-3)-beta-D-mannopyranose-(1-4)-2-acetamido-2-deoxy-beta-D-glucopyranose-(1-4)-2-acetamido-2-deoxy-beta-D-glucopyranose
10 branched alpha-D-mannopyranose-(1-3)-[alpha-D-mannopyranose-(1-6)]beta-D-mannopyranose-(1-4)-2-acetamido-2-deoxy-beta-D-glucopyranose-(1-4)-2-acetamido-2-deoxy-beta-D-glucopyranose
11 non-polymer 2-acetamido-2-deoxy-beta-D-glucopyranose
#
loop_
_entity_poly.entity_id
_entity_poly.type
_entity_poly.pdbx_seq_one_letter_code
_entity_poly.pdbx_strand_id
1 'polypeptide(L)'
;IPLGVIHNSTLQVSDVDKLVCRDKLSSTNQLRSVGLNLEGNGVATDVPSATKRWGFRSGVPPKVVNYEAGEWAENCYNLE
IKKPDGSECLPAAPDGIRGFPRCRYVHKVSGTGPCAGDFAFHKEGAFFLYDRLASTVIYRGTTFAEGVVAFLILPQAKKD
FFSSHPLREPVNATEDPSSGYYSTTIRYQATGFGTNETEYLFEVDNLTYVQLESRFTPQFLLQLNETIYTSGKRSNTTGK
LIWKVNPEIDTTIGEWAFWETKKNLTRKIRSEELSFTVVSNGAKNISGQSPARTSSDPGTNTTTEDHKIMASENSSAMVQ
VHSQGREAAVSHLTTLATISTSPQSLTTKPGPDNSTHNTPVYKLDISEATQVEQHHRRTDNDSTASDTPSATTAAGPPKA
ENTNTSKSTDFLDPATTTSPQNHSETAGNNNTHHQDTGEESASSGKLGLITNTIAGVAGLITGGRRTRR
;
A,E,F
2 'polypeptide(L)'
;EAIVNAQPKCNPNLHYWTTQDEGAAIGLAWIPYFGPAAEGIYTEGLMHNQDGLICGLRQLANETTQALQLFLRATTELRT
FSILNRKAIDFLLQRWGGTCHILGPDCCIEPHDWTKNITDKIDQIIHDFVDKTLPDLEVDDDD
;
B,G,I
3 'polypeptide(L)'
;EVQLQESGGGLMQPGGSMKLSCVASGFTFSNYWMNWVRQSPEKGLEWVAEIRLKSNNYATHYAESVKGRFTISRDDSKRS
VYLQMNTLRAEDTGIYYCTRGNGNYRAMDYWGQGTSVTVS
;
H,P,Q
4 'polypeptide(L)'
;DIQMTQSPASLSVSVGETVSITCRASENIYSSLAWYQQKQGKSPQLLVYSATILADGVPSRFSGSGSGTQYSLKINSLQS
EDFGTYYCQHFWGTPYTFGGGTKLEIK
;
L,T,U
5 'polypeptide(L)'
;DVKLLESGGGLVQPGGSLKLSCAASGFSLSTSGVGVGWFRQPSGKGLEWLALIWWDDDKYYNPSLKSQLSISKDFSRNQV
FLKISNVDIADTATYYCARRDPFGYDNAMGYWGQGTSVTVS
;
C,J,M
6 'polypeptide(L)'
;DIVMTQSPLSLSTSVGDRVSLTCKASQNVGTAVAWYQQKPGQSPKLLIYSASNRYTGVPDRFTGSGSGTDFTLTISNMQS
EDLADYFCQQYSSYPLTFGAGTKLELR
;
D,N,O
#
loop_
_chem_comp.id
_chem_comp.type
_chem_comp.name
_chem_comp.formula
BMA D-saccharide, beta linking beta-D-mannopyranose 'C6 H12 O6'
MAN D-saccharide, alpha linking alpha-D-mannopyranose 'C6 H12 O6'
NAG D-saccharide, beta linking 2-acetamido-2-deoxy-beta-D-glucopyranose 'C8 H15 N O6'
#
# COMPACT_ATOMS: atom_id res chain seq x y z
N ILE A 1 23.18 6.49 -15.43
CA ILE A 1 23.74 6.75 -14.12
C ILE A 1 25.08 6.04 -13.94
N PRO A 2 26.18 6.78 -13.81
CA PRO A 2 27.54 6.28 -13.63
C PRO A 2 27.68 5.55 -12.31
N LEU A 3 28.60 4.60 -12.27
CA LEU A 3 28.89 3.86 -11.07
C LEU A 3 30.33 4.08 -10.68
N GLY A 4 30.62 4.14 -9.40
CA GLY A 4 32.00 4.23 -9.03
C GLY A 4 32.63 2.89 -9.31
N VAL A 5 33.91 2.88 -9.61
CA VAL A 5 34.59 1.62 -9.77
C VAL A 5 35.86 1.66 -9.00
N ILE A 6 36.10 0.68 -8.16
CA ILE A 6 37.38 0.72 -7.51
C ILE A 6 38.38 -0.11 -8.28
N HIS A 7 39.40 0.52 -8.82
CA HIS A 7 40.44 -0.24 -9.48
C HIS A 7 41.76 0.49 -9.34
N ASN A 8 42.84 -0.27 -9.27
CA ASN A 8 44.18 0.29 -9.04
C ASN A 8 44.12 1.14 -7.77
N SER A 9 43.41 0.62 -6.77
CA SER A 9 43.12 1.27 -5.50
C SER A 9 42.59 2.72 -5.62
N THR A 10 41.92 3.07 -6.72
CA THR A 10 41.32 4.39 -6.84
C THR A 10 39.94 4.33 -7.46
N LEU A 11 39.15 5.37 -7.25
CA LEU A 11 37.86 5.42 -7.90
C LEU A 11 38.01 5.68 -9.37
N GLN A 12 37.13 5.08 -10.13
CA GLN A 12 37.10 5.30 -11.56
C GLN A 12 35.65 5.39 -11.98
N VAL A 13 35.38 6.13 -13.04
CA VAL A 13 34.01 6.26 -13.48
C VAL A 13 33.65 5.13 -14.44
N SER A 14 32.56 4.39 -14.13
CA SER A 14 32.11 3.27 -14.95
C SER A 14 31.71 3.62 -16.37
N ASP A 15 31.38 4.88 -16.61
CA ASP A 15 30.88 5.27 -17.91
C ASP A 15 31.97 5.44 -18.92
N VAL A 16 32.35 4.32 -19.49
CA VAL A 16 33.33 4.24 -20.54
C VAL A 16 32.74 3.40 -21.65
N ASP A 17 33.26 3.53 -22.87
CA ASP A 17 32.73 2.69 -23.93
C ASP A 17 33.43 1.35 -24.06
N LYS A 18 34.37 1.04 -23.17
CA LYS A 18 34.94 -0.28 -23.15
C LYS A 18 35.00 -0.76 -21.73
N LEU A 19 34.48 -1.95 -21.48
CA LEU A 19 34.53 -2.47 -20.14
C LEU A 19 35.63 -3.49 -20.06
N VAL A 20 36.81 -3.04 -19.67
CA VAL A 20 37.94 -3.93 -19.57
C VAL A 20 37.75 -4.84 -18.36
N CYS A 21 37.99 -6.15 -18.55
CA CYS A 21 37.80 -7.17 -17.50
C CYS A 21 38.66 -7.03 -16.27
N ARG A 22 39.63 -6.13 -16.30
CA ARG A 22 40.43 -5.84 -15.13
C ARG A 22 39.51 -5.52 -13.94
N ASP A 23 38.32 -4.96 -14.23
CA ASP A 23 37.34 -4.85 -13.19
C ASP A 23 36.38 -6.01 -13.40
N LYS A 24 36.12 -6.77 -12.35
CA LYS A 24 35.19 -7.86 -12.49
C LYS A 24 34.14 -7.86 -11.42
N LEU A 25 32.93 -8.17 -11.82
CA LEU A 25 31.84 -8.28 -10.89
C LEU A 25 31.57 -9.75 -10.65
N SER A 26 32.36 -10.40 -9.80
CA SER A 26 32.17 -11.82 -9.56
C SER A 26 30.81 -12.14 -8.93
N SER A 27 30.25 -11.19 -8.19
CA SER A 27 28.93 -11.39 -7.62
C SER A 27 28.21 -10.09 -7.41
N THR A 28 26.91 -10.18 -7.18
CA THR A 28 26.11 -9.01 -6.88
C THR A 28 26.42 -8.44 -5.52
N ASN A 29 27.20 -9.14 -4.70
CA ASN A 29 27.47 -8.60 -3.40
C ASN A 29 28.64 -7.67 -3.41
N GLN A 30 29.20 -7.41 -4.59
CA GLN A 30 30.18 -6.36 -4.70
C GLN A 30 29.48 -5.03 -4.95
N LEU A 31 28.20 -5.07 -5.27
CA LEU A 31 27.52 -3.84 -5.55
C LEU A 31 27.14 -3.09 -4.31
N ARG A 32 27.26 -1.78 -4.33
CA ARG A 32 26.71 -1.00 -3.24
C ARG A 32 26.07 0.27 -3.73
N SER A 33 25.03 0.66 -3.04
CA SER A 33 24.26 1.87 -3.27
C SER A 33 24.34 2.79 -2.07
N VAL A 34 25.49 2.89 -1.43
CA VAL A 34 25.50 3.54 -0.13
C VAL A 34 25.12 4.98 -0.09
N GLY A 35 24.35 5.30 0.93
CA GLY A 35 24.02 6.68 1.25
C GLY A 35 25.22 7.41 1.81
N LEU A 36 25.25 8.72 1.62
CA LEU A 36 26.26 9.58 2.22
C LEU A 36 25.59 10.73 2.93
N ASN A 37 26.17 11.12 4.04
CA ASN A 37 25.66 12.22 4.82
C ASN A 37 26.06 13.55 4.23
N LEU A 38 25.07 14.39 3.93
CA LEU A 38 25.32 15.71 3.39
C LEU A 38 26.25 16.55 4.27
N GLU A 39 26.12 16.33 5.58
CA GLU A 39 26.89 16.99 6.61
C GLU A 39 28.38 16.79 6.46
N GLY A 40 28.78 15.70 5.80
CA GLY A 40 30.17 15.38 5.60
C GLY A 40 30.83 16.28 4.56
N ASN A 41 30.04 17.15 3.93
CA ASN A 41 30.55 18.12 3.01
C ASN A 41 30.73 19.47 3.69
N GLY A 42 30.62 19.51 5.01
CA GLY A 42 30.80 20.77 5.70
C GLY A 42 29.60 21.68 5.63
N VAL A 43 28.46 21.17 5.18
CA VAL A 43 27.26 21.98 5.06
C VAL A 43 26.80 22.41 6.43
N ALA A 44 26.37 23.67 6.53
CA ALA A 44 25.96 24.21 7.81
C ALA A 44 24.82 23.43 8.44
N THR A 45 24.87 23.33 9.76
CA THR A 45 23.86 22.62 10.52
C THR A 45 22.92 23.53 11.29
N ASP A 46 23.03 24.85 11.15
CA ASP A 46 22.12 25.69 11.89
C ASP A 46 20.72 25.42 11.42
N VAL A 47 19.82 25.29 12.36
CA VAL A 47 18.46 24.97 12.04
C VAL A 47 17.80 25.95 11.09
N PRO A 48 18.10 27.25 11.19
CA PRO A 48 17.59 28.20 10.25
C PRO A 48 18.05 27.93 8.83
N SER A 49 19.25 27.37 8.67
CA SER A 49 19.68 27.12 7.32
C SER A 49 19.06 25.85 6.80
N ALA A 50 18.72 24.96 7.73
CA ALA A 50 18.06 23.76 7.31
C ALA A 50 16.73 24.10 6.72
N THR A 51 16.07 25.07 7.34
CA THR A 51 14.80 25.52 6.84
C THR A 51 14.95 26.19 5.50
N LYS A 52 16.05 26.93 5.33
CA LYS A 52 16.31 27.57 4.07
C LYS A 52 16.49 26.60 2.95
N ARG A 53 16.93 25.39 3.26
CA ARG A 53 17.14 24.40 2.23
C ARG A 53 15.91 23.63 1.80
N TRP A 54 14.74 23.91 2.36
CA TRP A 54 13.56 23.13 1.95
C TRP A 54 12.59 23.98 1.11
N GLY A 55 12.21 23.45 -0.05
CA GLY A 55 11.38 24.13 -1.05
C GLY A 55 9.87 24.41 -0.85
N PHE A 56 9.16 23.57 -0.07
CA PHE A 56 7.71 23.78 0.15
C PHE A 56 6.81 23.74 -1.08
N ARG A 57 7.20 22.96 -2.08
CA ARG A 57 6.45 22.77 -3.31
C ARG A 57 5.18 21.91 -3.20
N SER A 58 4.25 22.20 -4.10
CA SER A 58 3.06 21.39 -4.34
C SER A 58 3.11 21.06 -5.83
N GLY A 59 2.47 19.97 -6.23
CA GLY A 59 2.67 19.58 -7.62
C GLY A 59 3.05 18.11 -7.74
N VAL A 60 4.24 17.87 -8.26
CA VAL A 60 4.69 16.53 -8.57
C VAL A 60 4.77 15.66 -7.33
N PRO A 61 4.39 14.39 -7.47
CA PRO A 61 4.37 13.37 -6.44
C PRO A 61 5.76 13.01 -5.96
N PRO A 62 5.88 12.61 -4.70
CA PRO A 62 7.06 12.14 -4.01
C PRO A 62 7.51 10.78 -4.53
N LYS A 63 8.81 10.53 -4.44
CA LYS A 63 9.32 9.20 -4.77
C LYS A 63 10.39 8.78 -3.78
N VAL A 64 10.60 7.48 -3.62
CA VAL A 64 11.68 7.04 -2.75
C VAL A 64 12.53 6.00 -3.45
N VAL A 65 13.76 5.82 -2.96
CA VAL A 65 14.62 4.79 -3.50
C VAL A 65 15.38 4.04 -2.43
N ASN A 66 15.50 2.74 -2.64
CA ASN A 66 16.22 1.88 -1.73
C ASN A 66 17.71 2.12 -1.79
N TYR A 67 18.38 2.14 -0.65
CA TYR A 67 19.82 2.34 -0.76
C TYR A 67 20.58 1.57 0.30
N GLU A 68 21.87 1.33 0.04
CA GLU A 68 22.78 0.69 0.97
C GLU A 68 23.16 1.47 2.19
N ALA A 69 23.44 0.72 3.21
CA ALA A 69 23.81 1.23 4.50
C ALA A 69 24.96 2.22 4.42
N GLY A 70 25.00 3.19 5.34
CA GLY A 70 25.94 4.30 5.20
C GLY A 70 26.29 5.02 6.50
N GLU A 71 27.08 6.07 6.36
CA GLU A 71 27.67 6.82 7.46
C GLU A 71 26.73 7.50 8.44
N TRP A 72 27.23 7.59 9.66
CA TRP A 72 26.58 8.23 10.81
C TRP A 72 26.36 9.72 10.60
N ALA A 73 25.28 10.24 11.15
CA ALA A 73 25.07 11.68 11.07
C ALA A 73 25.11 12.30 12.43
N GLU A 74 25.75 13.46 12.56
CA GLU A 74 25.72 14.10 13.84
C GLU A 74 24.41 14.80 14.06
N ASN A 75 23.87 15.35 12.98
CA ASN A 75 22.62 16.09 13.09
C ASN A 75 21.50 15.55 12.22
N CYS A 76 20.32 15.42 12.81
CA CYS A 76 19.16 14.93 12.07
C CYS A 76 17.92 15.62 12.56
N TYR A 77 16.78 15.44 11.89
CA TYR A 77 15.62 16.22 12.34
C TYR A 77 14.30 15.45 12.41
N ASN A 78 13.45 15.80 13.39
CA ASN A 78 12.08 15.29 13.49
C ASN A 78 11.14 16.45 13.31
N LEU A 79 10.04 16.27 12.59
CA LEU A 79 9.18 17.42 12.39
C LEU A 79 7.67 17.25 12.62
N GLU A 80 7.12 18.15 13.44
CA GLU A 80 5.69 18.28 13.72
C GLU A 80 4.97 19.50 13.16
N ILE A 81 5.57 20.22 12.23
CA ILE A 81 4.99 21.48 11.76
C ILE A 81 3.64 21.35 11.10
N LYS A 82 2.76 22.30 11.45
CA LYS A 82 1.40 22.35 10.94
C LYS A 82 1.01 23.72 10.41
N LYS A 83 0.01 23.75 9.54
CA LYS A 83 -0.50 25.00 8.99
C LYS A 83 -1.19 25.83 10.06
N PRO A 84 -1.17 27.16 9.93
CA PRO A 84 -1.66 28.17 10.87
C PRO A 84 -3.12 27.99 11.24
N ASP A 85 -3.88 27.33 10.39
CA ASP A 85 -5.28 27.04 10.66
C ASP A 85 -5.47 25.74 11.42
N GLY A 86 -4.37 25.13 11.86
CA GLY A 86 -4.37 23.87 12.57
C GLY A 86 -4.45 22.67 11.62
N SER A 87 -4.38 22.90 10.31
CA SER A 87 -4.33 21.76 9.42
C SER A 87 -3.02 21.03 9.57
N GLU A 88 -3.07 19.73 9.43
CA GLU A 88 -1.85 18.97 9.39
C GLU A 88 -1.10 19.37 8.15
N CYS A 89 0.22 19.35 8.23
CA CYS A 89 0.98 19.66 7.03
C CYS A 89 2.05 18.59 6.90
N LEU A 90 2.18 18.05 5.70
CA LEU A 90 3.09 16.95 5.34
C LEU A 90 2.47 15.61 5.76
N PRO A 91 2.51 14.63 4.87
CA PRO A 91 1.95 13.31 5.03
C PRO A 91 2.64 12.49 6.10
N ALA A 92 1.86 11.62 6.72
CA ALA A 92 2.39 10.65 7.65
C ALA A 92 3.33 9.73 6.90
N ALA A 93 4.37 9.26 7.56
CA ALA A 93 5.24 8.34 6.86
C ALA A 93 4.51 7.07 6.43
N PRO A 94 4.83 6.53 5.26
CA PRO A 94 4.43 5.27 4.66
C PRO A 94 5.01 4.09 5.41
N ASP A 95 4.38 2.94 5.29
CA ASP A 95 4.83 1.76 5.99
C ASP A 95 6.25 1.36 5.66
N GLY A 96 6.96 0.99 6.72
CA GLY A 96 8.35 0.56 6.67
C GLY A 96 9.32 1.72 6.87
N ILE A 97 8.80 2.94 6.97
CA ILE A 97 9.65 4.07 7.25
C ILE A 97 9.94 4.22 8.73
N ARG A 98 11.22 4.38 9.05
CA ARG A 98 11.62 4.64 10.41
C ARG A 98 12.83 5.54 10.37
N GLY A 99 13.14 6.19 11.49
CA GLY A 99 14.21 7.16 11.55
C GLY A 99 15.59 6.58 11.34
N PHE A 100 16.49 7.45 10.92
CA PHE A 100 17.85 7.07 10.63
C PHE A 100 18.49 6.43 11.87
N PRO A 101 19.24 5.33 11.71
CA PRO A 101 19.87 4.52 12.76
C PRO A 101 20.90 5.13 13.69
N ARG A 102 21.62 6.13 13.24
CA ARG A 102 22.72 6.62 14.07
C ARG A 102 22.84 8.09 14.31
N CYS A 103 21.75 8.83 14.32
CA CYS A 103 21.96 10.25 14.52
C CYS A 103 22.42 10.55 15.94
N ARG A 104 23.46 11.37 16.07
CA ARG A 104 23.93 11.77 17.38
C ARG A 104 23.04 12.80 18.06
N TYR A 105 22.53 13.73 17.27
CA TYR A 105 21.68 14.81 17.76
C TYR A 105 20.44 15.01 16.96
N VAL A 106 19.42 14.22 17.17
CA VAL A 106 18.23 14.52 16.43
C VAL A 106 17.63 15.79 16.98
N HIS A 107 17.25 16.69 16.09
CA HIS A 107 16.65 17.94 16.47
C HIS A 107 15.19 17.81 16.26
N LYS A 108 14.42 18.20 17.24
CA LYS A 108 13.00 18.07 17.04
C LYS A 108 12.35 19.41 16.99
N VAL A 109 11.44 19.57 16.03
CA VAL A 109 10.77 20.84 15.93
C VAL A 109 9.28 20.66 15.85
N SER A 110 8.59 21.62 16.40
CA SER A 110 7.15 21.68 16.40
C SER A 110 6.73 23.11 16.30
N GLY A 111 5.48 23.34 16.01
CA GLY A 111 5.00 24.69 15.84
C GLY A 111 4.26 24.80 14.52
N THR A 112 3.89 26.02 14.16
CA THR A 112 3.17 26.21 12.93
C THR A 112 3.71 27.33 12.09
N GLY A 113 3.28 27.32 10.85
CA GLY A 113 3.59 28.33 9.88
C GLY A 113 2.83 28.00 8.64
N PRO A 114 2.93 28.81 7.58
CA PRO A 114 2.22 28.66 6.33
C PRO A 114 2.44 27.30 5.73
N CYS A 115 3.65 26.75 5.93
CA CYS A 115 3.97 25.39 5.51
C CYS A 115 3.50 25.20 4.09
N ALA A 116 3.96 26.09 3.21
CA ALA A 116 3.51 26.16 1.84
C ALA A 116 3.68 24.85 1.10
N GLY A 117 2.79 24.63 0.15
CA GLY A 117 2.83 23.45 -0.67
C GLY A 117 2.32 22.26 0.08
N ASP A 118 2.62 21.07 -0.42
CA ASP A 118 2.21 19.88 0.27
C ASP A 118 3.33 18.85 0.42
N PHE A 119 4.26 18.82 -0.52
CA PHE A 119 5.37 17.90 -0.42
C PHE A 119 6.73 18.44 -0.07
N ALA A 120 6.84 19.69 0.39
CA ALA A 120 8.18 20.13 0.80
C ALA A 120 9.15 20.06 -0.40
N PHE A 121 10.14 19.16 -0.31
CA PHE A 121 11.21 18.88 -1.26
C PHE A 121 12.44 19.62 -0.89
N HIS A 122 13.58 19.01 -1.11
CA HIS A 122 14.82 19.66 -0.82
C HIS A 122 15.17 20.62 -1.93
N LYS A 123 15.58 21.83 -1.60
CA LYS A 123 15.95 22.75 -2.67
C LYS A 123 17.13 22.33 -3.51
N GLU A 124 18.04 21.56 -2.95
CA GLU A 124 19.16 21.08 -3.74
C GLU A 124 18.86 19.71 -4.30
N GLY A 125 17.70 19.18 -3.95
CA GLY A 125 17.35 17.85 -4.35
C GLY A 125 18.01 16.81 -3.45
N ALA A 126 18.64 17.23 -2.33
CA ALA A 126 19.28 16.23 -1.51
C ALA A 126 18.25 15.27 -0.97
N PHE A 127 18.62 14.02 -0.86
CA PHE A 127 17.76 13.01 -0.30
C PHE A 127 17.52 13.12 1.18
N PHE A 128 16.35 12.73 1.60
CA PHE A 128 16.10 12.61 3.00
C PHE A 128 16.36 11.14 3.25
N LEU A 129 16.97 10.78 4.36
CA LEU A 129 17.23 9.36 4.50
C LEU A 129 16.53 8.79 5.70
N TYR A 130 15.64 7.86 5.45
CA TYR A 130 14.92 7.25 6.54
C TYR A 130 15.35 5.83 6.58
N ASP A 131 15.98 5.41 7.65
CA ASP A 131 16.44 4.05 7.68
C ASP A 131 17.19 3.74 6.38
N ARG A 132 16.71 2.76 5.62
CA ARG A 132 17.31 2.34 4.39
C ARG A 132 16.65 2.87 3.13
N LEU A 133 15.70 3.80 3.26
CA LEU A 133 15.08 4.34 2.07
C LEU A 133 15.26 5.86 1.93
N ALA A 134 15.91 6.28 0.86
CA ALA A 134 16.09 7.66 0.50
C ALA A 134 14.76 8.24 0.08
N SER A 135 14.55 9.53 0.30
CA SER A 135 13.30 10.11 -0.14
C SER A 135 13.45 11.49 -0.73
N THR A 136 12.52 11.83 -1.60
CA THR A 136 12.50 13.17 -2.16
C THR A 136 11.61 14.07 -1.33
N VAL A 137 10.92 13.50 -0.36
CA VAL A 137 9.96 14.23 0.44
C VAL A 137 10.12 13.96 1.92
N ILE A 138 9.80 14.97 2.70
CA ILE A 138 9.78 14.88 4.13
C ILE A 138 8.53 14.21 4.68
N TYR A 139 8.73 13.23 5.53
CA TYR A 139 7.63 12.58 6.22
C TYR A 139 7.49 13.10 7.62
N ARG A 140 6.27 13.06 8.13
CA ARG A 140 5.98 13.49 9.47
C ARG A 140 6.68 12.72 10.54
N GLY A 141 6.99 13.38 11.65
CA GLY A 141 7.54 12.60 12.71
C GLY A 141 8.98 12.28 12.51
N THR A 142 9.19 11.02 12.16
CA THR A 142 10.47 10.35 12.11
C THR A 142 11.59 11.06 11.36
N THR A 143 12.78 10.80 11.89
CA THR A 143 14.02 11.43 11.45
C THR A 143 14.49 11.17 10.03
N PHE A 144 14.93 12.26 9.40
CA PHE A 144 15.46 12.23 8.06
C PHE A 144 16.80 12.94 8.17
N ALA A 145 17.86 12.33 7.66
CA ALA A 145 19.16 12.95 7.70
C ALA A 145 19.46 13.35 6.28
N GLU A 146 19.77 14.63 6.05
CA GLU A 146 20.05 15.04 4.68
C GLU A 146 21.26 14.31 4.11
N GLY A 147 21.14 13.86 2.86
CA GLY A 147 22.20 13.17 2.20
C GLY A 147 22.04 12.98 0.71
N VAL A 148 23.00 12.27 0.15
CA VAL A 148 22.99 11.98 -1.27
C VAL A 148 23.25 10.49 -1.34
N VAL A 149 23.27 9.95 -2.55
CA VAL A 149 23.51 8.52 -2.71
C VAL A 149 24.48 8.25 -3.82
N ALA A 150 25.25 7.18 -3.69
CA ALA A 150 26.19 6.81 -4.73
C ALA A 150 26.22 5.32 -4.89
N PHE A 151 26.59 4.89 -6.08
CA PHE A 151 26.61 3.48 -6.37
C PHE A 151 27.99 3.12 -6.81
N LEU A 152 28.59 2.15 -6.15
CA LEU A 152 29.95 1.76 -6.46
C LEU A 152 30.15 0.26 -6.60
N ILE A 153 31.14 -0.12 -7.40
CA ILE A 153 31.50 -1.51 -7.51
C ILE A 153 32.72 -1.86 -6.67
N LEU A 154 32.50 -2.66 -5.64
CA LEU A 154 33.55 -3.18 -4.78
C LEU A 154 34.39 -4.20 -5.51
N PRO A 155 35.68 -4.29 -5.21
CA PRO A 155 36.61 -5.31 -5.67
C PRO A 155 36.15 -6.65 -5.15
N PRO A 177 27.57 1.41 23.97
CA PRO A 177 27.11 1.03 22.64
C PRO A 177 25.71 1.55 22.36
N SER A 178 24.91 1.71 23.42
CA SER A 178 23.57 2.19 23.24
C SER A 178 23.52 3.65 22.84
N SER A 179 24.59 4.41 23.14
CA SER A 179 24.64 5.83 22.82
C SER A 179 24.71 6.06 21.35
N GLY A 180 25.03 5.01 20.58
CA GLY A 180 25.11 5.14 19.14
C GLY A 180 23.77 5.53 18.56
N TYR A 181 22.68 5.28 19.29
CA TYR A 181 21.39 5.75 18.85
C TYR A 181 20.66 6.46 19.98
N TYR A 182 21.01 6.15 21.23
CA TYR A 182 20.34 6.78 22.36
C TYR A 182 20.68 8.24 22.54
N SER A 183 21.80 8.69 21.98
CA SER A 183 22.08 10.10 22.09
C SER A 183 21.07 10.90 21.30
N THR A 184 20.74 12.07 21.81
CA THR A 184 19.83 13.03 21.16
C THR A 184 19.38 14.09 22.12
N THR A 185 19.60 15.32 21.70
CA THR A 185 19.20 16.50 22.41
C THR A 185 18.68 17.56 21.46
N ILE A 186 18.13 18.63 22.03
CA ILE A 186 17.59 19.80 21.33
C ILE A 186 16.23 19.69 20.65
N ARG A 187 15.22 20.04 21.42
CA ARG A 187 13.86 20.17 20.93
C ARG A 187 13.44 21.64 21.04
N TYR A 188 12.80 22.16 20.00
CA TYR A 188 12.39 23.58 19.99
C TYR A 188 11.15 23.92 19.16
N GLN A 189 10.55 25.06 19.49
CA GLN A 189 9.40 25.60 18.79
C GLN A 189 9.74 26.37 17.53
N ALA A 190 8.81 26.37 16.59
CA ALA A 190 8.96 27.17 15.39
C ALA A 190 7.91 28.25 15.34
N THR A 191 8.30 29.41 14.84
CA THR A 191 7.38 30.51 14.63
C THR A 191 7.38 30.84 13.16
N GLY A 192 6.36 30.37 12.49
CA GLY A 192 6.22 30.55 11.07
C GLY A 192 6.91 29.35 10.49
N PHE A 193 6.84 29.14 9.20
CA PHE A 193 7.61 28.06 8.66
C PHE A 193 7.78 28.16 7.18
N GLY A 194 8.99 27.88 6.73
CA GLY A 194 9.26 27.86 5.31
C GLY A 194 9.46 29.23 4.69
N THR A 195 9.57 30.26 5.52
CA THR A 195 9.69 31.61 5.00
C THR A 195 10.79 32.36 5.71
N ASN A 196 11.20 33.48 5.15
CA ASN A 196 12.32 34.25 5.66
C ASN A 196 12.07 34.73 7.08
N GLU A 197 10.83 35.05 7.37
CA GLU A 197 10.36 35.48 8.67
C GLU A 197 10.37 34.40 9.77
N THR A 198 10.61 33.14 9.39
CA THR A 198 10.56 32.04 10.36
C THR A 198 11.61 32.22 11.47
N GLU A 199 11.21 31.85 12.68
CA GLU A 199 12.05 32.00 13.87
C GLU A 199 11.93 30.81 14.81
N TYR A 200 12.99 30.52 15.55
CA TYR A 200 12.91 29.36 16.43
C TYR A 200 13.22 29.69 17.86
N LEU A 201 12.57 28.99 18.78
CA LEU A 201 12.87 29.18 20.18
C LEU A 201 13.12 27.87 20.87
N PHE A 202 14.22 27.81 21.58
CA PHE A 202 14.60 26.61 22.30
C PHE A 202 13.64 26.26 23.42
N GLU A 203 13.35 24.99 23.66
CA GLU A 203 12.49 24.72 24.80
C GLU A 203 13.00 23.69 25.78
N VAL A 204 13.04 24.08 27.05
CA VAL A 204 13.36 23.19 28.15
C VAL A 204 12.44 23.45 29.32
N ASP A 205 12.05 22.41 30.05
CA ASP A 205 11.25 22.57 31.26
C ASP A 205 9.96 23.31 31.02
N ASN A 206 9.35 23.04 29.90
CA ASN A 206 8.14 23.72 29.49
C ASN A 206 8.40 25.23 29.45
N LEU A 207 9.58 25.64 28.99
CA LEU A 207 9.85 27.05 28.86
C LEU A 207 10.28 27.32 27.44
N THR A 208 9.66 28.28 26.79
CA THR A 208 10.10 28.64 25.47
C THR A 208 11.11 29.74 25.61
N TYR A 209 12.30 29.59 25.06
CA TYR A 209 13.30 30.64 25.19
C TYR A 209 14.38 30.62 24.12
N VAL A 210 15.22 31.67 24.07
CA VAL A 210 16.36 31.73 23.13
C VAL A 210 16.12 31.51 21.65
N GLN A 211 16.38 32.58 20.92
CA GLN A 211 16.14 32.66 19.48
C GLN A 211 17.00 31.76 18.61
N LEU A 212 18.09 31.20 19.13
CA LEU A 212 18.87 30.21 18.38
C LEU A 212 19.32 30.74 17.03
N GLU A 213 19.66 32.02 16.95
CA GLU A 213 19.89 32.61 15.64
C GLU A 213 20.92 31.96 14.74
N SER A 214 22.10 31.73 15.26
CA SER A 214 23.14 31.10 14.49
C SER A 214 24.26 30.65 15.37
N ARG A 215 25.21 29.96 14.78
CA ARG A 215 26.48 29.65 15.43
C ARG A 215 26.36 28.79 16.65
N PHE A 216 25.35 27.95 16.73
CA PHE A 216 25.25 27.20 17.95
C PHE A 216 25.36 25.73 17.67
N THR A 217 26.43 25.13 18.15
CA THR A 217 26.60 23.71 18.03
C THR A 217 25.65 23.09 19.00
N PRO A 218 25.33 21.81 18.86
CA PRO A 218 24.50 21.08 19.76
C PRO A 218 25.08 21.14 21.15
N GLN A 219 26.42 21.19 21.25
CA GLN A 219 27.04 21.30 22.53
C GLN A 219 26.95 22.71 23.06
N PHE A 220 26.97 23.69 22.15
CA PHE A 220 26.79 25.05 22.57
C PHE A 220 25.46 25.20 23.21
N LEU A 221 24.48 24.55 22.64
CA LEU A 221 23.19 24.59 23.22
C LEU A 221 23.08 23.71 24.45
N LEU A 222 23.77 22.58 24.43
CA LEU A 222 23.70 21.65 25.53
C LEU A 222 24.21 22.22 26.83
N GLN A 223 25.26 23.03 26.74
CA GLN A 223 25.82 23.66 27.92
C GLN A 223 24.88 24.67 28.53
N LEU A 224 23.84 25.08 27.79
CA LEU A 224 22.91 26.04 28.30
C LEU A 224 22.02 25.41 29.33
N ASN A 225 22.09 24.07 29.45
CA ASN A 225 21.32 23.41 30.47
C ASN A 225 22.00 23.53 31.81
N GLU A 226 23.11 24.27 31.86
CA GLU A 226 23.75 24.66 33.10
C GLU A 226 22.83 25.55 33.91
N THR A 227 21.81 26.12 33.26
CA THR A 227 20.86 26.95 33.93
C THR A 227 19.65 26.18 34.39
N ILE A 228 19.50 24.93 33.96
CA ILE A 228 18.23 24.29 34.24
C ILE A 228 18.22 23.75 35.62
N TYR A 229 17.27 24.30 36.37
CA TYR A 229 17.06 24.08 37.78
C TYR A 229 18.29 24.51 38.58
N THR A 230 19.18 25.31 37.97
CA THR A 230 20.39 25.70 38.66
C THR A 230 20.73 27.17 38.57
N SER A 231 21.48 27.52 37.52
CA SER A 231 22.00 28.87 37.41
C SER A 231 21.13 29.94 36.76
N GLY A 232 19.91 29.64 36.32
CA GLY A 232 19.17 30.75 35.71
C GLY A 232 17.82 30.35 35.17
N LYS A 233 17.16 31.30 34.51
CA LYS A 233 15.91 31.01 33.83
C LYS A 233 14.95 30.38 34.80
N ARG A 234 14.39 29.20 34.46
CA ARG A 234 13.60 28.50 35.45
C ARG A 234 12.37 29.27 35.92
N SER A 235 11.51 29.66 34.97
CA SER A 235 10.37 30.50 35.29
C SER A 235 9.41 29.79 36.22
N ASN A 236 9.62 29.95 37.53
CA ASN A 236 8.74 29.36 38.55
C ASN A 236 7.50 30.22 38.75
N THR A 237 6.73 30.31 37.69
CA THR A 237 5.55 31.12 37.55
C THR A 237 4.50 30.28 36.87
N THR A 238 3.30 30.82 36.80
CA THR A 238 2.19 30.21 36.08
C THR A 238 2.38 30.16 34.57
N GLY A 239 3.47 30.71 34.05
CA GLY A 239 3.72 30.70 32.64
C GLY A 239 5.22 30.75 32.40
N LYS A 240 5.59 30.67 31.15
CA LYS A 240 6.98 30.58 30.78
C LYS A 240 7.50 31.80 30.09
N LEU A 241 8.74 32.17 30.39
CA LEU A 241 9.25 33.38 29.79
C LEU A 241 10.35 33.09 28.77
N ILE A 242 10.30 33.82 27.67
CA ILE A 242 11.28 33.75 26.58
C ILE A 242 12.45 34.64 26.81
N TRP A 243 13.67 34.16 26.65
CA TRP A 243 14.77 35.09 26.80
C TRP A 243 15.43 35.29 25.46
N LYS A 244 15.86 36.52 25.19
CA LYS A 244 16.40 36.82 23.86
C LYS A 244 17.89 36.66 23.85
N VAL A 245 18.39 35.66 23.14
CA VAL A 245 19.81 35.35 23.15
C VAL A 245 20.71 36.41 22.56
N ASN A 246 21.86 36.62 23.20
CA ASN A 246 22.84 37.55 22.67
C ASN A 246 24.12 36.87 22.25
N ARG A 267 25.31 35.22 31.32
CA ARG A 267 24.01 35.85 31.41
C ARG A 267 23.70 36.77 30.25
N LYS A 268 24.73 37.40 29.66
CA LYS A 268 24.45 38.21 28.48
C LYS A 268 23.87 37.36 27.37
N ILE A 269 24.39 36.14 27.22
CA ILE A 269 23.91 35.23 26.21
C ILE A 269 22.59 34.66 26.58
N ARG A 270 22.50 34.25 27.84
CA ARG A 270 21.32 33.63 28.42
C ARG A 270 20.21 34.61 28.36
N SER A 271 20.59 35.88 28.48
CA SER A 271 19.71 36.99 28.40
C SER A 271 18.69 36.90 29.48
N GLU A 272 19.16 36.55 30.67
CA GLU A 272 18.19 36.36 31.73
C GLU A 272 17.51 37.68 31.96
N GLU A 273 16.22 37.60 32.21
CA GLU A 273 15.33 38.74 32.43
C GLU A 273 15.33 39.77 31.28
N LEU A 274 15.78 39.38 30.08
CA LEU A 274 15.76 40.26 28.91
C LEU A 274 14.61 39.93 28.00
N SER A 275 13.64 39.21 28.51
CA SER A 275 12.55 38.65 27.74
C SER A 275 11.74 39.59 26.85
N PHE A 276 11.77 40.90 27.09
CA PHE A 276 11.02 41.77 26.21
C PHE A 276 11.57 43.18 26.18
N ALA B 2 38.07 8.92 -11.33
CA ALA B 2 39.02 9.93 -11.76
C ALA B 2 38.44 11.32 -11.58
N ILE B 3 37.93 11.59 -10.38
CA ILE B 3 37.29 12.87 -10.06
C ILE B 3 37.91 13.52 -8.83
N VAL B 4 37.66 14.82 -8.67
CA VAL B 4 38.21 15.57 -7.54
C VAL B 4 37.13 16.31 -6.78
N ASN B 5 37.43 16.64 -5.53
CA ASN B 5 36.46 17.26 -4.64
C ASN B 5 36.00 18.68 -4.94
N ALA B 6 34.70 18.86 -4.77
CA ALA B 6 33.96 20.11 -4.78
C ALA B 6 34.44 21.04 -3.65
N GLN B 7 34.20 22.34 -3.78
CA GLN B 7 34.54 23.32 -2.73
C GLN B 7 34.07 22.97 -1.30
N PRO B 8 33.06 22.12 -1.23
CA PRO B 8 32.57 21.67 0.07
C PRO B 8 33.79 21.10 0.77
N LYS B 9 33.69 20.86 2.07
CA LYS B 9 34.82 20.32 2.76
C LYS B 9 34.64 18.88 3.09
N CYS B 10 35.53 18.05 2.57
CA CYS B 10 35.44 16.63 2.85
C CYS B 10 35.96 16.23 4.19
N ASN B 11 35.15 15.53 4.95
CA ASN B 11 35.68 14.91 6.14
C ASN B 11 36.16 13.53 5.70
N PRO B 12 37.47 13.26 5.76
CA PRO B 12 38.12 12.03 5.35
C PRO B 12 37.68 10.80 6.12
N ASN B 13 37.10 11.00 7.28
CA ASN B 13 36.64 9.87 8.07
C ASN B 13 35.41 9.24 7.51
N LEU B 14 35.35 7.92 7.58
CA LEU B 14 34.09 7.30 7.28
C LEU B 14 33.68 6.48 8.46
N HIS B 15 32.60 6.86 9.09
CA HIS B 15 32.11 6.09 10.20
C HIS B 15 30.78 5.63 9.74
N TYR B 16 30.56 4.33 9.68
CA TYR B 16 29.35 3.87 9.06
C TYR B 16 28.74 2.70 9.72
N TRP B 17 27.50 2.46 9.37
CA TRP B 17 26.81 1.33 9.90
C TRP B 17 26.18 0.53 8.81
N THR B 18 26.04 -0.77 9.03
CA THR B 18 25.36 -1.67 8.11
C THR B 18 24.48 -2.68 8.77
N THR B 19 23.60 -3.25 7.98
CA THR B 19 22.75 -4.31 8.48
C THR B 19 23.37 -5.68 8.30
N GLN B 20 24.47 -5.76 7.57
CA GLN B 20 25.04 -7.07 7.37
C GLN B 20 25.55 -7.68 8.65
N ASP B 21 25.33 -8.98 8.79
CA ASP B 21 25.83 -9.75 9.90
C ASP B 21 25.91 -11.21 9.48
N GLU B 22 27.05 -11.66 8.96
CA GLU B 22 27.12 -13.04 8.51
C GLU B 22 26.97 -14.06 9.64
N GLY B 23 26.31 -15.18 9.32
CA GLY B 23 26.12 -16.26 10.29
C GLY B 23 25.07 -15.91 11.33
N ALA B 24 25.11 -16.61 12.46
CA ALA B 24 24.26 -16.30 13.60
C ALA B 24 25.00 -16.69 14.86
N ALA B 25 24.81 -15.94 15.96
CA ALA B 25 25.52 -16.29 17.18
C ALA B 25 25.09 -17.63 17.75
N ILE B 26 23.79 -17.85 17.74
CA ILE B 26 23.17 -19.09 18.17
C ILE B 26 22.19 -19.50 17.11
N GLY B 27 21.82 -20.76 17.06
CA GLY B 27 20.84 -21.16 16.05
C GLY B 27 19.50 -20.45 16.24
N LEU B 28 19.15 -20.08 17.46
CA LEU B 28 17.90 -19.37 17.63
C LEU B 28 17.93 -17.97 17.06
N ALA B 29 19.12 -17.41 16.84
CA ALA B 29 19.20 -16.06 16.33
C ALA B 29 18.73 -16.00 14.89
N TRP B 30 18.65 -17.16 14.21
CA TRP B 30 18.09 -17.17 12.88
C TRP B 30 16.63 -16.78 12.91
N ILE B 31 16.00 -17.05 14.06
CA ILE B 31 14.58 -16.86 14.26
C ILE B 31 14.24 -15.48 14.78
N PRO B 32 13.39 -14.71 14.09
CA PRO B 32 12.94 -13.38 14.43
C PRO B 32 12.33 -13.32 15.80
N TYR B 33 11.73 -14.42 16.22
CA TYR B 33 11.21 -14.50 17.54
C TYR B 33 12.27 -14.39 18.61
N PHE B 34 13.44 -14.96 18.37
CA PHE B 34 14.54 -14.83 19.28
C PHE B 34 15.58 -13.85 18.76
N GLY B 35 15.23 -13.17 17.69
CA GLY B 35 16.08 -12.21 17.05
C GLY B 35 16.30 -10.97 17.88
N PRO B 36 17.31 -10.21 17.52
CA PRO B 36 17.74 -8.96 18.10
C PRO B 36 16.66 -7.93 17.95
N ALA B 37 16.68 -6.96 18.83
CA ALA B 37 15.76 -5.84 18.79
C ALA B 37 15.88 -5.21 17.44
N ALA B 38 14.82 -4.59 16.95
CA ALA B 38 14.82 -4.06 15.60
C ALA B 38 16.00 -3.15 15.28
N GLU B 39 16.58 -2.47 16.27
CA GLU B 39 17.76 -1.67 16.00
C GLU B 39 19.08 -2.46 16.13
N GLY B 40 19.01 -3.67 16.68
CA GLY B 40 20.17 -4.50 16.92
C GLY B 40 20.82 -5.03 15.68
N ILE B 41 20.11 -4.99 14.56
CA ILE B 41 20.66 -5.43 13.30
C ILE B 41 21.87 -4.66 12.84
N TYR B 42 21.98 -3.41 13.27
CA TYR B 42 23.06 -2.60 12.83
C TYR B 42 24.41 -3.01 13.38
N THR B 43 25.42 -2.86 12.55
CA THR B 43 26.80 -3.11 12.91
C THR B 43 27.55 -1.90 12.42
N GLU B 44 28.76 -1.68 12.88
CA GLU B 44 29.44 -0.46 12.48
C GLU B 44 30.91 -0.64 12.24
N GLY B 45 31.49 0.30 11.51
CA GLY B 45 32.91 0.25 11.26
C GLY B 45 33.46 1.59 10.80
N LEU B 46 34.77 1.62 10.68
CA LEU B 46 35.51 2.82 10.34
C LEU B 46 36.43 2.64 9.16
N MET B 47 36.48 3.64 8.31
CA MET B 47 37.37 3.65 7.19
C MET B 47 38.03 5.00 7.10
N HIS B 48 39.15 5.02 6.44
CA HIS B 48 39.95 6.22 6.38
C HIS B 48 40.21 6.52 4.94
N ASN B 49 40.56 7.76 4.65
CA ASN B 49 40.69 8.20 3.28
C ASN B 49 41.98 7.76 2.62
N GLN B 50 42.15 6.44 2.50
CA GLN B 50 43.31 5.92 1.85
C GLN B 50 43.18 6.26 0.42
N ASP B 51 44.25 6.73 -0.16
CA ASP B 51 44.32 7.08 -1.57
C ASP B 51 43.25 8.08 -2.00
N GLY B 52 42.70 8.86 -1.08
CA GLY B 52 41.70 9.85 -1.45
C GLY B 52 40.32 9.22 -1.68
N LEU B 53 40.17 7.94 -1.37
CA LEU B 53 38.94 7.23 -1.66
C LEU B 53 37.69 7.75 -1.00
N ILE B 54 37.79 8.21 0.23
CA ILE B 54 36.58 8.65 0.87
C ILE B 54 36.12 9.94 0.31
N CYS B 55 37.05 10.86 0.11
CA CYS B 55 36.64 12.10 -0.45
C CYS B 55 36.17 11.97 -1.86
N GLY B 56 36.80 11.06 -2.60
CA GLY B 56 36.44 10.84 -3.99
C GLY B 56 35.02 10.32 -4.00
N LEU B 57 34.73 9.49 -3.02
CA LEU B 57 33.42 8.89 -2.92
C LEU B 57 32.35 9.96 -2.77
N ARG B 58 32.60 10.97 -1.96
CA ARG B 58 31.58 12.01 -1.78
C ARG B 58 31.26 12.73 -3.08
N GLN B 59 32.29 13.09 -3.84
CA GLN B 59 32.08 13.77 -5.11
C GLN B 59 31.33 12.87 -6.07
N LEU B 60 31.71 11.60 -6.08
CA LEU B 60 31.08 10.66 -6.98
C LEU B 60 29.61 10.57 -6.61
N ALA B 61 29.36 10.54 -5.31
CA ALA B 61 28.01 10.44 -4.80
C ALA B 61 27.19 11.63 -5.24
N ASN B 62 27.76 12.83 -5.16
CA ASN B 62 27.00 14.00 -5.57
C ASN B 62 26.63 13.90 -7.05
N GLU B 63 27.60 13.51 -7.87
CA GLU B 63 27.31 13.41 -9.30
C GLU B 63 26.23 12.36 -9.57
N THR B 64 26.35 11.25 -8.86
CA THR B 64 25.41 10.15 -9.02
C THR B 64 24.03 10.60 -8.61
N THR B 65 23.97 11.36 -7.53
CA THR B 65 22.71 11.87 -7.01
C THR B 65 22.05 12.73 -8.06
N GLN B 66 22.84 13.57 -8.72
CA GLN B 66 22.27 14.43 -9.75
C GLN B 66 21.72 13.58 -10.89
N ALA B 67 22.50 12.60 -11.34
CA ALA B 67 22.02 11.77 -12.45
C ALA B 67 20.76 11.00 -12.09
N LEU B 68 20.76 10.52 -10.87
CA LEU B 68 19.68 9.72 -10.30
C LEU B 68 18.38 10.49 -10.19
N GLN B 69 18.49 11.79 -9.91
CA GLN B 69 17.30 12.59 -9.72
C GLN B 69 16.43 12.57 -10.96
N LEU B 70 17.06 12.60 -12.13
CA LEU B 70 16.31 12.60 -13.36
C LEU B 70 15.73 11.26 -13.65
N PHE B 71 16.51 10.22 -13.37
CA PHE B 71 16.04 8.89 -13.58
C PHE B 71 14.83 8.61 -12.75
N LEU B 72 14.85 9.06 -11.51
CA LEU B 72 13.72 8.85 -10.66
C LEU B 72 12.52 9.58 -11.17
N ARG B 73 12.73 10.75 -11.77
CA ARG B 73 11.61 11.45 -12.35
C ARG B 73 11.01 10.62 -13.46
N ALA B 74 11.86 9.95 -14.24
CA ALA B 74 11.42 9.09 -15.31
C ALA B 74 10.78 7.77 -14.84
N THR B 75 11.02 7.36 -13.58
CA THR B 75 10.41 6.12 -13.13
C THR B 75 8.94 6.25 -12.97
N THR B 76 8.25 5.13 -13.04
CA THR B 76 6.84 5.16 -12.79
C THR B 76 6.50 4.41 -11.51
N GLU B 77 7.39 3.50 -11.14
CA GLU B 77 7.25 2.75 -9.91
C GLU B 77 7.46 3.67 -8.70
N LEU B 78 6.68 3.46 -7.64
CA LEU B 78 6.80 4.29 -6.45
C LEU B 78 8.05 4.23 -5.55
N ARG B 79 8.53 3.03 -5.19
CA ARG B 79 9.62 2.95 -4.24
C ARG B 79 11.00 2.49 -4.73
N THR B 80 11.15 2.30 -6.02
CA THR B 80 12.37 1.91 -6.72
C THR B 80 13.31 1.08 -5.88
N PHE B 81 12.87 -0.12 -5.51
CA PHE B 81 13.67 -1.00 -4.69
C PHE B 81 14.94 -1.52 -5.30
N SER B 82 15.04 -1.51 -6.62
CA SER B 82 16.29 -1.95 -7.16
C SER B 82 16.69 -1.14 -8.36
N ILE B 83 17.96 -1.18 -8.62
CA ILE B 83 18.60 -0.52 -9.72
C ILE B 83 19.85 -1.26 -10.07
N LEU B 84 20.58 -1.64 -9.03
CA LEU B 84 21.82 -2.35 -9.15
C LEU B 84 21.68 -3.63 -9.91
N ASN B 85 20.52 -4.25 -9.81
CA ASN B 85 20.31 -5.47 -10.53
C ASN B 85 20.28 -5.17 -12.00
N ARG B 86 19.61 -4.08 -12.35
CA ARG B 86 19.59 -3.67 -13.73
C ARG B 86 20.96 -3.30 -14.20
N LYS B 87 21.74 -2.66 -13.33
CA LYS B 87 23.07 -2.29 -13.72
C LYS B 87 23.92 -3.51 -13.96
N ALA B 88 23.69 -4.57 -13.19
CA ALA B 88 24.41 -5.78 -13.41
C ALA B 88 24.06 -6.38 -14.75
N ILE B 89 22.81 -6.22 -15.14
CA ILE B 89 22.42 -6.73 -16.43
C ILE B 89 23.13 -6.00 -17.53
N ASP B 90 23.24 -4.68 -17.41
CA ASP B 90 23.95 -3.97 -18.45
C ASP B 90 25.43 -4.16 -18.38
N PHE B 91 25.95 -4.52 -17.22
CA PHE B 91 27.34 -4.86 -17.18
C PHE B 91 27.59 -6.02 -18.09
N LEU B 92 26.70 -7.00 -18.03
CA LEU B 92 26.84 -8.14 -18.89
C LEU B 92 26.55 -7.83 -20.34
N LEU B 93 25.53 -7.00 -20.59
CA LEU B 93 25.17 -6.70 -21.96
C LEU B 93 26.23 -5.94 -22.70
N GLN B 94 26.97 -5.12 -21.97
CA GLN B 94 28.06 -4.42 -22.61
C GLN B 94 29.20 -5.33 -22.97
N ARG B 95 29.25 -6.50 -22.34
CA ARG B 95 30.29 -7.43 -22.65
C ARG B 95 29.83 -8.54 -23.59
N TRP B 96 28.52 -8.69 -23.76
CA TRP B 96 28.01 -9.79 -24.57
C TRP B 96 26.96 -9.57 -25.64
N GLY B 97 26.95 -10.55 -26.55
CA GLY B 97 26.16 -10.67 -27.77
C GLY B 97 26.88 -10.16 -29.02
N GLY B 98 28.06 -9.57 -28.84
CA GLY B 98 28.94 -9.21 -29.95
C GLY B 98 29.61 -10.45 -30.51
N THR B 99 30.15 -10.36 -31.73
CA THR B 99 30.95 -11.48 -32.22
C THR B 99 32.20 -11.48 -31.36
N CYS B 100 32.76 -12.64 -31.02
CA CYS B 100 33.93 -12.57 -30.16
C CYS B 100 34.89 -13.76 -30.15
N HIS B 101 35.83 -13.88 -31.09
CA HIS B 101 36.80 -14.97 -30.94
C HIS B 101 38.01 -14.49 -30.19
N ILE B 102 38.68 -13.54 -30.81
CA ILE B 102 39.89 -12.90 -30.33
C ILE B 102 39.99 -11.50 -30.90
N LEU B 103 39.71 -11.39 -32.20
CA LEU B 103 39.81 -10.12 -32.91
C LEU B 103 39.01 -8.98 -32.31
N GLY B 104 37.78 -9.25 -31.87
CA GLY B 104 37.05 -8.17 -31.23
C GLY B 104 37.74 -7.87 -29.91
N PRO B 105 37.65 -6.63 -29.42
CA PRO B 105 38.23 -6.13 -28.19
C PRO B 105 37.39 -6.52 -26.98
N ASP B 106 37.16 -7.82 -26.84
CA ASP B 106 36.29 -8.25 -25.78
C ASP B 106 36.57 -9.69 -25.34
N CYS B 107 35.83 -10.10 -24.32
CA CYS B 107 35.77 -11.40 -23.67
C CYS B 107 37.03 -11.88 -22.99
N CYS B 108 38.07 -11.04 -22.93
CA CYS B 108 39.28 -11.37 -22.21
C CYS B 108 39.82 -12.73 -22.50
N ILE B 109 39.98 -13.02 -23.77
CA ILE B 109 40.46 -14.31 -24.13
C ILE B 109 41.93 -14.42 -23.81
N GLU B 110 42.25 -15.50 -23.13
CA GLU B 110 43.60 -15.86 -22.73
C GLU B 110 44.41 -16.13 -23.99
N PRO B 111 45.72 -15.89 -24.02
CA PRO B 111 46.60 -16.10 -25.15
C PRO B 111 46.57 -17.56 -25.53
N HIS B 112 46.75 -17.88 -26.82
CA HIS B 112 46.60 -19.26 -27.24
C HIS B 112 47.87 -20.07 -27.24
N ASP B 113 47.80 -21.17 -26.50
CA ASP B 113 48.83 -22.17 -26.38
C ASP B 113 48.63 -23.34 -27.34
N TRP B 114 49.64 -24.19 -27.45
CA TRP B 114 49.56 -25.40 -28.27
C TRP B 114 50.09 -26.60 -27.50
N GLU C 1 54.14 13.90 -12.86
CA GLU C 1 54.94 14.88 -12.14
C GLU C 1 54.68 16.28 -12.63
N VAL C 2 54.35 17.17 -11.70
CA VAL C 2 54.11 18.54 -12.06
C VAL C 2 55.44 19.19 -12.45
N GLN C 3 55.40 19.93 -13.55
CA GLN C 3 56.56 20.58 -14.17
C GLN C 3 56.69 22.05 -13.82
N LEU C 4 56.14 22.43 -12.69
CA LEU C 4 56.01 23.80 -12.25
C LEU C 4 57.27 24.62 -12.15
N GLN C 5 57.12 25.88 -12.58
CA GLN C 5 58.14 26.89 -12.53
C GLN C 5 57.53 28.22 -12.14
N GLU C 6 58.34 29.09 -11.56
CA GLU C 6 57.87 30.38 -11.06
C GLU C 6 58.59 31.56 -11.70
N SER C 7 57.90 32.69 -11.79
CA SER C 7 58.43 33.88 -12.46
C SER C 7 57.93 35.20 -11.88
N GLY C 8 58.59 36.30 -12.28
CA GLY C 8 58.21 37.65 -11.86
C GLY C 8 58.71 38.10 -10.48
N GLY C 9 59.60 37.34 -9.86
CA GLY C 9 60.11 37.67 -8.52
C GLY C 9 61.19 38.76 -8.49
N GLY C 10 61.84 38.90 -7.33
CA GLY C 10 62.91 39.88 -7.08
C GLY C 10 62.47 41.17 -6.41
N LEU C 11 63.45 42.04 -6.13
CA LEU C 11 63.24 43.33 -5.46
C LEU C 11 62.44 44.34 -6.25
N MET C 12 61.55 45.02 -5.54
CA MET C 12 60.77 46.12 -6.09
C MET C 12 60.60 47.22 -5.07
N GLN C 13 60.39 48.44 -5.54
CA GLN C 13 60.12 49.55 -4.65
C GLN C 13 58.75 49.41 -3.99
N PRO C 14 58.59 49.92 -2.76
CA PRO C 14 57.37 49.96 -1.98
C PRO C 14 56.33 50.83 -2.65
N GLY C 15 55.07 50.51 -2.43
CA GLY C 15 53.94 51.23 -3.00
C GLY C 15 53.65 50.82 -4.46
N GLY C 16 54.30 49.77 -4.96
CA GLY C 16 54.13 49.35 -6.36
C GLY C 16 53.02 48.31 -6.54
N SER C 17 53.01 47.66 -7.71
CA SER C 17 52.13 46.51 -7.97
C SER C 17 52.85 45.54 -8.91
N MET C 18 52.58 44.24 -8.78
CA MET C 18 53.24 43.28 -9.68
C MET C 18 52.41 42.01 -9.90
N LYS C 19 52.56 41.32 -11.03
CA LYS C 19 51.86 40.04 -11.20
C LYS C 19 52.79 38.86 -11.08
N LEU C 20 52.97 38.34 -9.86
CA LEU C 20 53.84 37.18 -9.65
C LEU C 20 53.22 36.00 -10.37
N SER C 21 54.01 35.12 -10.96
CA SER C 21 53.34 34.09 -11.73
C SER C 21 53.98 32.72 -11.72
N CYS C 22 53.20 31.74 -12.18
CA CYS C 22 53.71 30.39 -12.29
C CYS C 22 53.21 29.74 -13.57
N VAL C 23 53.88 28.66 -13.96
CA VAL C 23 53.47 27.85 -15.09
C VAL C 23 53.66 26.38 -14.74
N ALA C 24 52.82 25.49 -15.24
CA ALA C 24 53.04 24.08 -14.92
C ALA C 24 52.50 23.16 -15.98
N SER C 25 52.94 21.91 -15.95
CA SER C 25 52.42 20.91 -16.88
C SER C 25 52.44 19.52 -16.27
N GLY C 26 51.73 18.61 -16.94
CA GLY C 26 51.60 17.20 -16.57
C GLY C 26 50.53 16.94 -15.49
N PHE C 27 49.80 17.98 -15.12
CA PHE C 27 48.68 17.87 -14.21
C PHE C 27 47.66 18.85 -14.75
N THR C 28 46.64 18.36 -15.44
CA THR C 28 45.71 19.30 -16.04
C THR C 28 45.01 20.17 -15.05
N PHE C 29 44.90 21.43 -15.42
CA PHE C 29 44.25 22.44 -14.63
C PHE C 29 42.78 22.19 -14.45
N SER C 30 42.19 21.46 -15.39
CA SER C 30 40.78 21.14 -15.30
C SER C 30 40.41 20.37 -14.04
N ASN C 31 41.38 19.68 -13.43
CA ASN C 31 41.06 18.96 -12.22
C ASN C 31 41.44 19.65 -10.93
N TYR C 32 41.83 20.91 -10.95
CA TYR C 32 42.18 21.49 -9.66
C TYR C 32 42.09 22.99 -9.48
N TRP C 33 42.24 23.35 -8.22
CA TRP C 33 42.29 24.69 -7.70
C TRP C 33 43.64 24.83 -7.04
N MET C 34 44.07 26.06 -6.87
CA MET C 34 45.43 26.32 -6.42
C MET C 34 45.55 27.30 -5.32
N ASN C 35 46.63 27.22 -4.58
CA ASN C 35 46.85 28.13 -3.50
C ASN C 35 48.17 28.83 -3.55
N TRP C 36 48.23 30.03 -3.02
CA TRP C 36 49.51 30.67 -2.86
C TRP C 36 49.81 30.69 -1.41
N VAL C 37 51.05 30.44 -1.08
CA VAL C 37 51.50 30.47 0.29
C VAL C 37 52.80 31.27 0.36
N ARG C 38 53.16 31.68 1.55
CA ARG C 38 54.37 32.45 1.71
C ARG C 38 55.15 32.08 2.94
N GLN C 39 56.46 32.24 2.92
CA GLN C 39 57.21 31.91 4.12
C GLN C 39 58.34 32.84 4.45
N SER C 40 58.55 33.03 5.74
CA SER C 40 59.66 33.83 6.20
C SER C 40 60.24 33.22 7.43
N PRO C 41 61.50 33.49 7.73
CA PRO C 41 62.12 33.05 8.96
C PRO C 41 61.39 33.61 10.16
N GLU C 42 60.80 34.78 9.99
CA GLU C 42 60.03 35.40 11.04
C GLU C 42 58.59 34.92 11.16
N LYS C 43 58.11 34.19 10.16
CA LYS C 43 56.70 33.82 10.16
C LYS C 43 56.40 32.34 10.07
N GLY C 44 57.25 31.63 9.35
CA GLY C 44 56.99 30.24 9.05
C GLY C 44 56.10 30.28 7.83
N LEU C 45 55.60 29.14 7.40
CA LEU C 45 54.69 29.11 6.28
C LEU C 45 53.36 29.76 6.60
N GLU C 46 52.79 30.49 5.65
CA GLU C 46 51.45 31.02 5.84
C GLU C 46 50.66 30.97 4.55
N TRP C 47 49.37 30.71 4.67
CA TRP C 47 48.51 30.73 3.51
C TRP C 47 48.34 32.13 2.97
N VAL C 48 48.33 32.27 1.66
CA VAL C 48 48.04 33.57 1.08
C VAL C 48 46.71 33.64 0.33
N ALA C 49 46.47 32.71 -0.59
CA ALA C 49 45.24 32.79 -1.38
C ALA C 49 44.79 31.45 -1.94
N GLU C 50 43.50 31.36 -2.29
CA GLU C 50 42.90 30.17 -2.89
C GLU C 50 42.26 30.52 -4.21
N ILE C 51 42.52 29.71 -5.22
CA ILE C 51 41.94 29.90 -6.53
C ILE C 51 41.13 28.73 -6.95
N ARG C 52 39.82 28.86 -6.87
CA ARG C 52 38.95 27.78 -7.28
C ARG C 52 38.89 27.44 -8.74
N LEU C 53 38.58 26.18 -8.97
CA LEU C 53 38.29 25.61 -10.27
C LEU C 53 37.05 26.28 -10.85
N LYS C 54 36.98 26.40 -12.17
CA LYS C 54 35.86 27.05 -12.82
C LYS C 54 34.49 26.47 -12.47
N SER C 55 34.43 25.23 -11.99
CA SER C 55 33.18 24.63 -11.52
C SER C 55 32.59 25.41 -10.35
N ASN C 56 33.46 26.12 -9.63
CA ASN C 56 33.10 26.97 -8.51
C ASN C 56 33.05 28.42 -8.97
N ASN C 57 33.02 28.59 -10.29
CA ASN C 57 33.05 29.85 -10.97
C ASN C 57 34.28 30.63 -10.60
N TYR C 58 35.40 29.93 -10.44
CA TYR C 58 36.65 30.60 -10.14
C TYR C 58 36.62 31.43 -8.86
N ALA C 59 35.80 31.06 -7.87
CA ALA C 59 35.75 31.80 -6.62
C ALA C 59 37.13 31.86 -5.98
N THR C 60 37.42 32.94 -5.25
CA THR C 60 38.74 33.03 -4.66
C THR C 60 38.70 33.44 -3.22
N HIS C 61 39.80 33.21 -2.53
CA HIS C 61 39.89 33.64 -1.14
C HIS C 61 41.27 34.15 -0.88
N TYR C 62 41.41 34.99 0.13
CA TYR C 62 42.71 35.55 0.48
C TYR C 62 42.81 35.57 1.98
N ALA C 63 44.02 35.49 2.53
CA ALA C 63 44.10 35.62 3.98
C ALA C 63 43.59 37.01 4.31
N GLU C 64 42.92 37.15 5.44
CA GLU C 64 42.36 38.46 5.74
C GLU C 64 43.37 39.54 6.00
N SER C 65 44.61 39.17 6.30
CA SER C 65 45.63 40.19 6.51
C SER C 65 46.18 40.70 5.20
N VAL C 66 45.92 39.97 4.11
CA VAL C 66 46.37 40.41 2.82
C VAL C 66 45.22 40.64 1.89
N LYS C 67 44.01 40.31 2.33
CA LYS C 67 42.93 40.42 1.39
C LYS C 67 42.74 41.83 0.92
N GLY C 68 42.57 41.93 -0.38
CA GLY C 68 42.35 43.17 -1.11
C GLY C 68 43.67 43.79 -1.54
N ARG C 69 44.79 43.21 -1.09
CA ARG C 69 46.09 43.66 -1.52
C ARG C 69 46.58 42.83 -2.67
N PHE C 70 45.86 41.74 -2.95
CA PHE C 70 46.21 40.84 -4.02
C PHE C 70 44.95 40.33 -4.69
N THR C 71 45.06 39.94 -5.94
CA THR C 71 43.99 39.25 -6.62
C THR C 71 44.61 38.08 -7.33
N ILE C 72 43.85 37.12 -7.77
CA ILE C 72 44.51 36.07 -8.52
C ILE C 72 43.97 35.87 -9.90
N SER C 73 44.76 35.21 -10.73
CA SER C 73 44.28 34.78 -12.03
C SER C 73 44.89 33.48 -12.43
N ARG C 74 44.22 32.84 -13.37
CA ARG C 74 44.73 31.61 -13.92
C ARG C 74 44.33 31.49 -15.37
N ASP C 75 45.06 30.67 -16.09
CA ASP C 75 44.75 30.41 -17.47
C ASP C 75 44.92 28.95 -17.69
N ASP C 76 43.81 28.28 -17.95
CA ASP C 76 43.88 26.85 -18.01
C ASP C 76 44.26 26.35 -19.39
N SER C 77 44.45 27.25 -20.36
CA SER C 77 44.96 26.79 -21.64
C SER C 77 46.45 26.97 -21.66
N LYS C 78 46.93 27.92 -20.86
CA LYS C 78 48.34 28.14 -20.74
C LYS C 78 48.91 27.46 -19.54
N ARG C 79 48.03 26.97 -18.66
CA ARG C 79 48.46 26.32 -17.44
C ARG C 79 49.30 27.29 -16.64
N SER C 80 48.76 28.49 -16.45
CA SER C 80 49.49 29.55 -15.79
C SER C 80 48.70 30.23 -14.68
N VAL C 81 49.43 30.79 -13.70
CA VAL C 81 48.80 31.42 -12.54
C VAL C 81 49.39 32.78 -12.23
N TYR C 82 48.56 33.71 -11.75
CA TYR C 82 49.07 35.03 -11.41
C TYR C 82 48.64 35.47 -10.01
N LEU C 83 49.59 35.95 -9.23
CA LEU C 83 49.30 36.50 -7.92
C LEU C 83 48.79 37.92 -7.97
N GLN C 84 49.01 38.61 -9.10
CA GLN C 84 48.42 39.92 -9.37
C GLN C 84 48.43 40.82 -8.17
N MET C 85 49.61 41.08 -7.62
CA MET C 85 49.61 41.81 -6.39
C MET C 85 49.01 43.16 -6.69
N ASN C 86 48.14 43.65 -5.81
CA ASN C 86 47.59 44.98 -6.02
C ASN C 86 48.56 45.97 -5.50
N THR C 87 49.27 45.57 -4.46
CA THR C 87 50.27 46.44 -3.91
C THR C 87 51.57 45.72 -3.68
N LEU C 88 52.61 46.52 -3.56
CA LEU C 88 53.91 46.09 -3.13
C LEU C 88 54.23 47.01 -2.00
N ARG C 89 53.67 46.77 -0.84
CA ARG C 89 53.81 47.72 0.27
C ARG C 89 55.05 47.52 1.12
N ALA C 90 54.98 46.56 2.03
CA ALA C 90 56.09 46.26 2.91
C ALA C 90 55.91 44.88 3.47
N GLU C 91 56.99 44.31 4.01
CA GLU C 91 56.94 43.02 4.69
C GLU C 91 56.48 41.88 3.80
N ASP C 92 56.63 42.07 2.50
CA ASP C 92 56.26 41.09 1.52
C ASP C 92 57.42 40.23 1.07
N THR C 93 58.54 40.33 1.80
CA THR C 93 59.82 39.72 1.50
C THR C 93 59.91 38.19 1.64
N GLY C 94 58.88 37.55 2.17
CA GLY C 94 58.88 36.10 2.33
C GLY C 94 58.88 35.38 0.98
N ILE C 95 59.30 34.12 0.99
CA ILE C 95 59.36 33.31 -0.21
C ILE C 95 57.97 32.94 -0.66
N TYR C 96 57.71 33.06 -1.94
CA TYR C 96 56.40 32.74 -2.46
C TYR C 96 56.33 31.41 -3.12
N TYR C 97 55.21 30.74 -2.93
CA TYR C 97 54.92 29.48 -3.57
C TYR C 97 53.51 29.42 -4.09
N CYS C 98 53.32 28.58 -5.07
CA CYS C 98 51.99 28.31 -5.57
C CYS C 98 51.84 26.80 -5.53
N THR C 99 50.67 26.33 -5.09
CA THR C 99 50.47 24.90 -4.89
C THR C 99 49.19 24.38 -5.50
N ARG C 100 49.17 23.08 -5.70
CA ARG C 100 47.99 22.38 -6.23
C ARG C 100 48.02 20.97 -5.77
N GLY C 101 46.90 20.29 -5.87
CA GLY C 101 46.96 18.92 -5.46
C GLY C 101 45.71 18.16 -5.72
N ASN C 102 45.74 16.90 -5.33
CA ASN C 102 44.59 16.07 -5.58
C ASN C 102 43.47 16.58 -4.71
N GLY C 103 42.31 16.70 -5.29
CA GLY C 103 41.16 17.18 -4.55
C GLY C 103 40.72 16.23 -3.48
N ASN C 104 41.17 14.98 -3.55
CA ASN C 104 40.78 14.03 -2.56
C ASN C 104 41.84 13.91 -1.49
N TYR C 105 42.85 14.77 -1.58
CA TYR C 105 43.80 14.96 -0.53
C TYR C 105 43.64 16.43 -0.26
N ARG C 106 44.75 17.15 -0.32
CA ARG C 106 44.76 18.60 -0.23
C ARG C 106 45.89 19.14 -1.12
N ALA C 107 45.82 20.44 -1.44
CA ALA C 107 46.78 21.09 -2.35
C ALA C 107 48.24 21.05 -1.90
N MET C 108 48.50 20.70 -0.65
CA MET C 108 49.86 20.57 -0.20
C MET C 108 50.70 19.57 -0.95
N ASP C 109 50.10 18.64 -1.69
CA ASP C 109 50.97 17.64 -2.30
C ASP C 109 51.72 18.11 -3.57
N TYR C 110 51.59 19.37 -3.98
CA TYR C 110 52.52 19.91 -4.98
C TYR C 110 52.88 21.34 -4.65
N TRP C 111 54.14 21.67 -4.88
CA TRP C 111 54.69 22.98 -4.61
C TRP C 111 55.77 23.37 -5.61
N GLY C 112 56.05 24.67 -5.72
CA GLY C 112 57.13 25.17 -6.57
C GLY C 112 58.47 25.08 -5.87
N GLN C 113 59.52 25.59 -6.52
CA GLN C 113 60.81 25.68 -5.84
C GLN C 113 60.78 26.85 -4.84
N GLY C 114 59.85 27.76 -5.13
CA GLY C 114 59.53 28.98 -4.44
C GLY C 114 60.29 30.10 -5.10
N THR C 115 59.93 31.32 -4.80
CA THR C 115 60.70 32.43 -5.32
C THR C 115 60.90 33.49 -4.29
N SER C 116 61.91 34.31 -4.48
CA SER C 116 62.08 35.41 -3.58
C SER C 116 61.52 36.65 -4.20
N VAL C 117 60.77 37.39 -3.42
CA VAL C 117 60.24 38.66 -3.86
C VAL C 117 60.53 39.59 -2.73
N THR C 118 61.08 40.76 -3.01
CA THR C 118 61.40 41.65 -1.90
C THR C 118 60.96 43.08 -2.15
N VAL C 119 60.93 43.87 -1.09
CA VAL C 119 60.52 45.26 -1.18
C VAL C 119 61.55 46.17 -0.54
N SER C 120 61.82 47.31 -1.18
CA SER C 120 62.81 48.26 -0.69
C SER C 120 62.27 49.23 0.36
N ASP D 1 38.51 31.75 13.05
CA ASP D 1 39.38 30.83 12.31
C ASP D 1 40.16 29.96 13.25
N ILE D 2 40.40 28.72 12.85
CA ILE D 2 41.13 27.83 13.73
C ILE D 2 42.58 28.19 13.88
N GLN D 3 42.99 28.19 15.15
CA GLN D 3 44.34 28.52 15.55
C GLN D 3 45.09 27.25 15.89
N MET D 4 46.40 27.23 15.68
CA MET D 4 47.12 26.02 16.00
C MET D 4 48.52 26.26 16.54
N THR D 5 49.00 25.30 17.32
CA THR D 5 50.33 25.36 17.92
C THR D 5 51.06 24.02 17.81
N GLN D 6 52.36 24.05 18.04
CA GLN D 6 53.14 22.81 18.02
C GLN D 6 54.17 22.77 19.12
N SER D 7 54.46 21.56 19.59
CA SER D 7 55.53 21.42 20.55
C SER D 7 56.19 20.05 20.44
N PRO D 8 57.40 19.90 20.95
CA PRO D 8 58.33 20.89 21.48
C PRO D 8 58.73 21.77 20.32
N ALA D 9 59.12 23.02 20.56
CA ALA D 9 59.51 23.88 19.44
C ALA D 9 60.70 23.29 18.67
N SER D 10 61.50 22.48 19.34
CA SER D 10 62.52 21.73 18.68
C SER D 10 62.77 20.46 19.46
N LEU D 11 63.35 19.46 18.82
CA LEU D 11 63.71 18.27 19.56
C LEU D 11 65.11 17.84 19.24
N SER D 12 65.98 17.67 20.24
CA SER D 12 67.29 17.14 19.94
C SER D 12 67.15 15.65 19.70
N VAL D 13 67.81 15.10 18.68
CA VAL D 13 67.69 13.67 18.41
C VAL D 13 68.96 12.90 18.10
N SER D 14 68.84 11.59 18.17
CA SER D 14 69.91 10.69 17.79
C SER D 14 69.38 9.72 16.76
N VAL D 15 70.28 9.13 15.99
CA VAL D 15 69.84 8.24 14.93
C VAL D 15 69.20 6.98 15.48
N GLY D 16 68.09 6.63 14.88
CA GLY D 16 67.27 5.48 15.22
C GLY D 16 66.35 5.76 16.41
N GLU D 17 66.33 6.99 16.90
CA GLU D 17 65.47 7.38 18.00
C GLU D 17 63.99 7.39 17.65
N THR D 18 63.14 6.98 18.59
CA THR D 18 61.70 7.12 18.34
C THR D 18 61.30 8.53 18.73
N VAL D 19 60.56 9.22 17.88
CA VAL D 19 60.15 10.59 18.20
C VAL D 19 58.69 10.85 17.96
N SER D 20 58.19 11.93 18.56
CA SER D 20 56.85 12.36 18.24
C SER D 20 56.72 13.87 18.35
N ILE D 21 55.67 14.42 17.73
CA ILE D 21 55.41 15.85 17.80
C ILE D 21 53.98 16.14 18.15
N THR D 22 53.78 17.03 19.11
CA THR D 22 52.45 17.43 19.49
C THR D 22 51.95 18.59 18.65
N CYS D 23 50.73 18.51 18.17
CA CYS D 23 50.15 19.66 17.50
C CYS D 23 48.74 19.84 18.05
N ARG D 24 48.42 21.07 18.44
CA ARG D 24 47.13 21.34 19.06
C ARG D 24 46.41 22.45 18.36
N ALA D 25 45.10 22.41 18.42
CA ALA D 25 44.35 23.42 17.71
C ALA D 25 42.98 23.70 18.25
N SER D 26 42.38 24.79 17.76
CA SER D 26 40.99 25.07 18.06
C SER D 26 40.30 23.83 17.50
N GLU D 27 39.17 23.43 18.05
CA GLU D 27 38.64 22.14 17.64
C GLU D 27 38.36 22.03 16.17
N ASN D 28 38.68 20.85 15.66
CA ASN D 28 38.49 20.52 14.27
C ASN D 28 37.83 19.17 14.13
N ILE D 29 36.55 19.16 13.77
CA ILE D 29 35.86 17.89 13.56
C ILE D 29 36.46 17.14 12.39
N TYR D 30 37.12 17.86 11.50
CA TYR D 30 37.75 17.25 10.37
C TYR D 30 39.03 16.57 10.81
N SER D 31 39.30 15.42 10.21
CA SER D 31 40.58 14.74 10.38
C SER D 31 41.55 15.19 9.29
N SER D 32 41.14 16.24 8.54
CA SER D 32 41.85 16.87 7.42
C SER D 32 43.31 17.24 7.68
N LEU D 33 43.70 17.23 8.93
CA LEU D 33 44.99 17.60 9.41
C LEU D 33 46.08 16.81 8.75
N ALA D 34 47.20 17.45 8.52
CA ALA D 34 48.27 16.78 7.82
C ALA D 34 49.61 17.32 8.25
N TRP D 35 50.68 16.60 7.88
CA TRP D 35 52.04 17.00 8.28
C TRP D 35 52.99 17.01 7.11
N TYR D 36 53.98 17.89 7.20
CA TYR D 36 54.99 18.04 6.16
C TYR D 36 56.34 18.50 6.73
N GLN D 37 57.41 18.40 5.94
CA GLN D 37 58.71 18.85 6.42
C GLN D 37 59.52 19.50 5.32
N GLN D 38 60.50 20.30 5.72
CA GLN D 38 61.36 20.97 4.77
C GLN D 38 62.79 21.05 5.27
N LYS D 39 63.70 21.21 4.33
CA LYS D 39 65.12 21.28 4.62
C LYS D 39 65.62 22.61 4.14
N GLN D 40 66.74 23.09 4.66
CA GLN D 40 67.18 24.36 4.16
C GLN D 40 67.47 24.19 2.69
N GLY D 41 67.09 25.19 1.92
CA GLY D 41 67.30 25.16 0.48
C GLY D 41 66.26 24.28 -0.21
N LYS D 42 65.25 23.83 0.54
CA LYS D 42 64.26 22.92 -0.01
C LYS D 42 62.80 23.32 0.21
N SER D 43 62.00 23.09 -0.82
CA SER D 43 60.57 23.31 -0.77
C SER D 43 59.93 22.29 0.16
N PRO D 44 58.84 22.61 0.83
CA PRO D 44 58.23 21.72 1.79
C PRO D 44 57.77 20.46 1.11
N GLN D 45 57.76 19.36 1.84
CA GLN D 45 57.28 18.13 1.28
C GLN D 45 56.32 17.45 2.21
N LEU D 46 55.21 16.99 1.68
CA LEU D 46 54.22 16.35 2.49
C LEU D 46 54.71 15.05 3.08
N LEU D 47 54.39 14.83 4.35
CA LEU D 47 54.72 13.58 4.97
C LEU D 47 53.53 12.68 5.12
N VAL D 48 52.40 13.26 5.49
CA VAL D 48 51.24 12.41 5.62
C VAL D 48 50.03 13.10 5.03
N TYR D 49 49.20 12.30 4.39
CA TYR D 49 47.90 12.67 3.85
C TYR D 49 47.01 12.95 5.02
N SER D 50 45.88 13.57 4.77
CA SER D 50 45.06 13.92 5.90
C SER D 50 44.81 12.72 6.79
N ALA D 51 44.69 13.05 8.07
CA ALA D 51 44.58 12.13 9.17
C ALA D 51 45.85 11.30 9.29
N THR D 52 45.76 9.99 9.11
CA THR D 52 46.92 9.14 9.24
C THR D 52 47.41 8.47 7.98
N ILE D 53 46.87 8.81 6.81
CA ILE D 53 47.34 8.05 5.66
C ILE D 53 48.66 8.63 5.18
N LEU D 54 49.71 7.81 5.10
CA LEU D 54 51.01 8.36 4.68
C LEU D 54 51.07 8.81 3.25
N ALA D 55 51.82 9.90 3.02
CA ALA D 55 52.10 10.40 1.69
C ALA D 55 52.88 9.34 0.90
N ASP D 56 52.71 9.31 -0.41
CA ASP D 56 53.41 8.31 -1.19
C ASP D 56 54.92 8.46 -1.13
N GLY D 57 55.56 7.31 -0.95
CA GLY D 57 57.00 7.15 -0.88
C GLY D 57 57.58 7.49 0.49
N VAL D 58 56.71 7.77 1.46
CA VAL D 58 57.14 7.97 2.82
C VAL D 58 57.45 6.64 3.46
N PRO D 59 58.55 6.52 4.21
CA PRO D 59 58.96 5.31 4.91
C PRO D 59 57.93 4.89 5.92
N SER D 60 57.88 3.58 6.16
CA SER D 60 56.98 2.98 7.13
C SER D 60 57.17 3.49 8.55
N ARG D 61 58.33 4.06 8.82
CA ARG D 61 58.67 4.60 10.11
C ARG D 61 57.68 5.67 10.57
N PHE D 62 57.15 6.41 9.61
CA PHE D 62 56.22 7.47 9.88
C PHE D 62 54.85 6.99 10.40
N SER D 63 54.27 7.76 11.32
CA SER D 63 52.97 7.49 11.90
C SER D 63 52.34 8.76 12.45
N GLY D 64 51.13 8.66 12.95
CA GLY D 64 50.50 9.83 13.59
C GLY D 64 49.19 9.47 14.27
N SER D 65 48.59 10.44 14.97
CA SER D 65 47.37 10.14 15.68
C SER D 65 46.46 11.33 15.95
N GLY D 66 45.25 11.03 16.40
CA GLY D 66 44.32 11.99 16.97
C GLY D 66 43.33 12.68 16.04
N SER D 67 42.47 13.46 16.68
CA SER D 67 41.41 14.24 16.04
C SER D 67 41.03 15.43 16.92
N GLY D 68 40.25 16.35 16.37
CA GLY D 68 39.78 17.48 17.15
C GLY D 68 40.93 18.38 17.51
N THR D 69 40.99 18.78 18.77
CA THR D 69 42.04 19.67 19.20
C THR D 69 43.37 18.99 19.43
N GLN D 70 43.41 17.66 19.47
CA GLN D 70 44.71 17.03 19.76
C GLN D 70 45.10 15.94 18.81
N TYR D 71 46.28 16.10 18.27
CA TYR D 71 46.81 15.14 17.34
C TYR D 71 48.34 15.13 17.34
N SER D 72 48.95 14.12 16.76
CA SER D 72 50.39 14.02 16.80
C SER D 72 51.04 13.36 15.62
N LEU D 73 52.34 13.55 15.53
CA LEU D 73 53.17 12.90 14.52
C LEU D 73 54.11 11.95 15.22
N LYS D 74 54.31 10.78 14.68
CA LYS D 74 55.29 9.89 15.27
C LYS D 74 56.23 9.27 14.25
N ILE D 75 57.48 9.04 14.64
CA ILE D 75 58.36 8.30 13.77
C ILE D 75 59.03 7.22 14.60
N ASN D 76 59.02 5.99 14.10
CA ASN D 76 59.55 4.86 14.84
C ASN D 76 61.06 4.92 15.06
N SER D 77 61.78 5.36 14.05
CA SER D 77 63.22 5.51 14.17
C SER D 77 63.66 6.62 13.24
N LEU D 78 64.87 7.12 13.42
CA LEU D 78 65.33 8.22 12.58
C LEU D 78 66.50 7.89 11.70
N GLN D 79 66.47 8.47 10.52
CA GLN D 79 67.58 8.38 9.59
C GLN D 79 68.09 9.78 9.37
N SER D 80 69.38 9.92 9.08
CA SER D 80 69.96 11.25 8.88
C SER D 80 69.27 12.03 7.77
N GLU D 81 68.65 11.32 6.83
CA GLU D 81 67.90 11.95 5.76
C GLU D 81 66.68 12.72 6.26
N ASP D 82 66.27 12.49 7.50
CA ASP D 82 65.11 13.15 8.04
C ASP D 82 65.40 14.47 8.71
N PHE D 83 66.65 14.93 8.69
CA PHE D 83 66.90 16.23 9.28
C PHE D 83 66.18 17.32 8.54
N GLY D 84 65.67 18.29 9.30
CA GLY D 84 64.87 19.34 8.71
C GLY D 84 64.00 19.96 9.78
N THR D 85 62.91 20.56 9.37
CA THR D 85 61.95 21.10 10.30
C THR D 85 60.61 20.54 9.92
N TYR D 86 59.69 20.56 10.87
CA TYR D 86 58.43 19.87 10.66
C TYR D 86 57.24 20.71 11.00
N TYR D 87 56.17 20.46 10.27
CA TYR D 87 54.96 21.24 10.39
C TYR D 87 53.68 20.45 10.33
N CYS D 88 52.60 21.12 10.70
CA CYS D 88 51.27 20.57 10.56
C CYS D 88 50.35 21.69 10.11
N GLN D 89 49.18 21.31 9.59
CA GLN D 89 48.28 22.32 9.04
C GLN D 89 46.80 22.03 9.12
N HIS D 90 46.01 23.11 9.04
CA HIS D 90 44.58 22.98 8.92
C HIS D 90 44.12 23.18 7.55
N PHE D 91 43.73 22.08 6.97
CA PHE D 91 43.11 22.03 5.68
C PHE D 91 41.62 21.80 5.74
N TRP D 92 41.03 22.04 6.91
CA TRP D 92 39.63 21.68 7.09
C TRP D 92 38.72 22.32 6.04
N GLY D 93 39.10 23.49 5.52
CA GLY D 93 38.38 24.06 4.40
C GLY D 93 39.01 25.34 3.89
N THR D 94 38.80 26.43 4.61
CA THR D 94 39.47 27.69 4.30
C THR D 94 39.18 28.67 5.45
N PRO D 95 40.05 29.62 5.75
CA PRO D 95 41.42 29.84 5.33
C PRO D 95 42.28 28.74 5.88
N TYR D 96 43.35 28.43 5.18
CA TYR D 96 44.29 27.48 5.69
C TYR D 96 45.08 28.04 6.86
N THR D 97 45.48 27.18 7.78
CA THR D 97 46.31 27.63 8.90
C THR D 97 47.53 26.72 8.99
N PHE D 98 48.63 27.22 9.53
CA PHE D 98 49.82 26.38 9.69
C PHE D 98 50.47 26.58 11.03
N GLY D 99 51.08 25.51 11.53
CA GLY D 99 51.82 25.55 12.77
C GLY D 99 53.11 26.34 12.60
N GLY D 100 53.67 26.82 13.70
CA GLY D 100 54.95 27.54 13.63
C GLY D 100 56.12 26.63 13.22
N GLY D 101 55.91 25.33 13.33
CA GLY D 101 56.86 24.31 12.95
C GLY D 101 57.73 23.91 14.11
N THR D 102 58.55 22.88 13.88
CA THR D 102 59.51 22.47 14.89
C THR D 102 60.85 22.22 14.22
N LYS D 103 61.91 22.20 15.01
CA LYS D 103 63.21 21.89 14.43
C LYS D 103 63.79 20.57 14.89
N LEU D 104 64.29 19.79 13.94
CA LEU D 104 64.89 18.53 14.31
C LEU D 104 66.36 18.70 14.66
N GLU D 105 66.62 19.19 15.86
CA GLU D 105 67.98 19.38 16.37
C GLU D 105 68.73 18.07 16.52
N ILE D 106 70.02 18.06 16.33
CA ILE D 106 70.79 16.83 16.51
C ILE D 106 71.61 16.84 17.79
N LYS D 107 71.67 15.69 18.46
CA LYS D 107 72.46 15.49 19.67
C LYS D 107 73.96 15.48 19.38
N ASP E 1 -2.31 47.91 22.16
CA ASP E 1 -3.48 48.38 21.41
C ASP E 1 -4.06 47.27 20.54
N VAL E 2 -4.93 46.47 21.13
CA VAL E 2 -5.55 45.39 20.39
C VAL E 2 -7.03 45.42 20.58
N LYS E 3 -7.78 45.40 19.50
CA LYS E 3 -9.21 45.41 19.68
C LYS E 3 -9.70 43.99 19.84
N LEU E 4 -9.59 43.50 21.06
CA LEU E 4 -10.10 42.20 21.42
C LEU E 4 -11.60 42.27 21.36
N LEU E 5 -12.25 41.25 20.79
CA LEU E 5 -13.68 41.28 20.70
C LEU E 5 -14.33 40.08 21.32
N GLU E 6 -15.27 40.31 22.21
CA GLU E 6 -16.04 39.22 22.80
C GLU E 6 -17.03 38.62 21.83
N SER E 7 -17.25 37.32 21.94
CA SER E 7 -18.32 36.67 21.21
C SER E 7 -18.79 35.42 21.95
N GLY E 8 -19.97 34.94 21.65
CA GLY E 8 -20.37 33.71 22.30
C GLY E 8 -21.75 33.24 21.93
N GLY E 9 -22.14 32.12 22.53
CA GLY E 9 -23.47 31.56 22.39
C GLY E 9 -24.54 32.43 23.05
N GLY E 10 -25.78 32.25 22.61
CA GLY E 10 -26.96 32.94 23.13
C GLY E 10 -27.52 32.24 24.37
N LEU E 11 -28.75 32.56 24.73
CA LEU E 11 -29.40 31.94 25.87
C LEU E 11 -29.55 30.44 25.63
N VAL E 12 -29.27 29.64 26.66
CA VAL E 12 -29.44 28.19 26.50
C VAL E 12 -30.22 27.60 27.64
N GLN E 13 -30.78 26.43 27.43
CA GLN E 13 -31.40 25.71 28.53
C GLN E 13 -30.30 25.28 29.48
N PRO E 14 -30.56 25.16 30.78
CA PRO E 14 -29.67 24.60 31.76
C PRO E 14 -29.52 23.14 31.39
N GLY E 15 -28.37 22.55 31.69
CA GLY E 15 -28.08 21.18 31.29
C GLY E 15 -27.66 21.15 29.79
N GLY E 16 -27.43 22.34 29.22
CA GLY E 16 -27.10 22.54 27.81
C GLY E 16 -25.61 22.54 27.55
N SER E 17 -25.20 23.17 26.47
CA SER E 17 -23.78 23.34 26.20
C SER E 17 -23.53 24.73 25.61
N LEU E 18 -22.32 25.22 25.79
CA LEU E 18 -21.99 26.55 25.36
C LEU E 18 -20.70 26.69 24.59
N LYS E 19 -20.73 27.48 23.53
CA LYS E 19 -19.50 27.79 22.86
C LYS E 19 -19.24 29.28 23.00
N LEU E 20 -18.02 29.63 23.36
CA LEU E 20 -17.63 31.02 23.51
C LEU E 20 -16.45 31.33 22.64
N SER E 21 -16.35 32.58 22.19
CA SER E 21 -15.18 32.90 21.40
C SER E 21 -14.74 34.36 21.52
N CYS E 22 -13.53 34.63 21.10
CA CYS E 22 -13.05 36.00 21.02
C CYS E 22 -12.13 36.16 19.86
N ALA E 23 -11.84 37.42 19.53
CA ALA E 23 -10.89 37.63 18.46
C ALA E 23 -10.03 38.84 18.72
N ALA E 24 -8.81 38.79 18.24
CA ALA E 24 -7.90 39.90 18.43
C ALA E 24 -7.79 40.68 17.16
N SER E 25 -8.78 41.51 16.87
CA SER E 25 -8.72 42.20 15.60
C SER E 25 -7.50 43.11 15.48
N GLY E 26 -6.97 43.62 16.59
CA GLY E 26 -5.78 44.44 16.53
C GLY E 26 -4.44 43.68 16.58
N PHE E 27 -4.47 42.36 16.72
CA PHE E 27 -3.21 41.62 16.80
C PHE E 27 -3.24 40.21 16.24
N SER E 28 -2.21 39.88 15.47
CA SER E 28 -2.08 38.56 14.85
C SER E 28 -2.03 37.37 15.79
N LEU E 29 -1.59 37.60 17.03
CA LEU E 29 -1.37 36.56 18.03
C LEU E 29 -0.24 35.64 17.61
N SER E 30 0.62 36.11 16.70
CA SER E 30 1.72 35.27 16.23
C SER E 30 2.99 35.39 17.02
N THR E 31 3.04 36.25 18.02
CA THR E 31 4.26 36.34 18.77
C THR E 31 4.37 35.13 19.65
N SER E 32 5.53 34.51 19.70
CA SER E 32 5.67 33.36 20.53
C SER E 32 5.52 33.71 21.97
N GLY E 33 4.96 32.80 22.70
CA GLY E 33 4.77 32.98 24.13
C GLY E 33 3.57 33.86 24.45
N VAL E 34 2.76 34.23 23.44
CA VAL E 34 1.57 34.98 23.79
C VAL E 34 0.62 34.12 24.53
N GLY E 35 0.05 34.69 25.57
CA GLY E 35 -0.91 33.96 26.33
C GLY E 35 -2.20 34.74 26.32
N VAL E 36 -3.28 34.00 26.15
CA VAL E 36 -4.59 34.56 26.19
C VAL E 36 -5.40 33.67 27.09
N GLY E 37 -6.54 34.14 27.54
CA GLY E 37 -7.29 33.28 28.41
C GLY E 37 -8.62 33.81 28.80
N TRP E 38 -9.30 33.03 29.62
CA TRP E 38 -10.63 33.36 30.01
C TRP E 38 -10.82 33.36 31.49
N PHE E 39 -11.73 34.20 31.93
CA PHE E 39 -12.13 34.28 33.31
C PHE E 39 -13.58 34.75 33.36
N ARG E 40 -14.26 34.59 34.49
CA ARG E 40 -15.65 35.04 34.55
C ARG E 40 -16.01 35.67 35.87
N GLN E 41 -17.03 36.52 35.82
CA GLN E 41 -17.51 37.22 37.00
C GLN E 41 -19.03 37.13 37.11
N PRO E 42 -19.57 36.07 37.71
CA PRO E 42 -20.98 35.90 37.99
C PRO E 42 -21.39 36.98 38.95
N SER E 43 -22.61 37.48 38.88
CA SER E 43 -23.15 38.37 39.93
C SER E 43 -22.25 39.51 40.45
N GLY E 44 -21.35 40.05 39.63
CA GLY E 44 -20.47 41.13 40.13
C GLY E 44 -19.28 40.59 40.97
N LYS E 45 -19.09 39.27 40.97
CA LYS E 45 -18.04 38.52 41.65
C LYS E 45 -16.68 38.74 41.04
N GLY E 46 -15.66 38.43 41.81
CA GLY E 46 -14.27 38.60 41.39
C GLY E 46 -13.88 37.69 40.23
N LEU E 47 -12.66 37.87 39.77
CA LEU E 47 -12.14 37.31 38.53
C LEU E 47 -11.91 35.81 38.54
N GLU E 48 -12.98 35.01 38.52
CA GLU E 48 -12.74 33.57 38.57
C GLU E 48 -11.97 33.13 37.34
N TRP E 49 -10.92 32.34 37.52
CA TRP E 49 -10.18 31.84 36.38
C TRP E 49 -10.91 30.77 35.61
N LEU E 50 -10.83 30.79 34.29
CA LEU E 50 -11.36 29.67 33.53
C LEU E 50 -10.31 28.88 32.75
N ALA E 51 -9.54 29.57 31.91
CA ALA E 51 -8.58 28.85 31.08
C ALA E 51 -7.42 29.68 30.55
N LEU E 52 -6.32 29.01 30.16
CA LEU E 52 -5.21 29.67 29.48
C LEU E 52 -4.82 28.98 28.20
N ILE E 53 -4.50 29.79 27.21
CA ILE E 53 -4.09 29.32 25.92
C ILE E 53 -2.78 29.96 25.51
N TRP E 54 -1.82 29.17 25.06
CA TRP E 54 -0.58 29.77 24.61
C TRP E 54 -0.35 29.60 23.15
N TRP E 55 0.24 30.62 22.54
CA TRP E 55 0.61 30.62 21.12
C TRP E 55 1.58 29.50 20.80
N ASP E 56 2.27 29.02 21.81
CA ASP E 56 3.20 27.93 21.71
C ASP E 56 2.49 26.56 21.80
N ASP E 57 1.14 26.56 21.74
CA ASP E 57 0.28 25.39 21.81
C ASP E 57 0.24 24.74 23.18
N ASP E 58 0.01 25.55 24.19
CA ASP E 58 -0.13 25.02 25.55
C ASP E 58 -1.51 25.35 26.11
N LYS E 59 -2.12 24.40 26.82
CA LYS E 59 -3.45 24.65 27.36
C LYS E 59 -3.54 24.42 28.86
N TYR E 60 -4.31 25.26 29.55
CA TYR E 60 -4.55 25.07 30.98
C TYR E 60 -6.00 25.34 31.31
N TYR E 61 -6.47 24.71 32.36
CA TYR E 61 -7.85 24.87 32.77
C TYR E 61 -8.00 25.00 34.25
N ASN E 62 -9.11 25.60 34.69
CA ASN E 62 -9.40 25.59 36.10
C ASN E 62 -9.95 24.22 36.38
N PRO E 63 -9.25 23.38 37.16
CA PRO E 63 -9.56 21.99 37.42
C PRO E 63 -10.95 21.77 37.95
N SER E 64 -11.50 22.76 38.67
CA SER E 64 -12.85 22.58 39.16
C SER E 64 -13.89 22.57 38.05
N LEU E 65 -13.60 23.28 36.97
CA LEU E 65 -14.48 23.33 35.83
C LEU E 65 -13.98 22.52 34.66
N LYS E 66 -12.74 22.06 34.77
CA LYS E 66 -12.06 21.39 33.68
C LYS E 66 -12.77 20.18 33.13
N SER E 67 -13.48 19.44 33.98
CA SER E 67 -14.19 18.28 33.46
C SER E 67 -15.23 18.61 32.39
N GLN E 68 -15.77 19.83 32.42
CA GLN E 68 -16.72 20.23 31.39
C GLN E 68 -16.20 21.35 30.51
N LEU E 69 -14.90 21.59 30.51
CA LEU E 69 -14.40 22.73 29.75
C LEU E 69 -13.30 22.39 28.77
N SER E 70 -13.40 22.91 27.53
CA SER E 70 -12.33 22.68 26.57
C SER E 70 -11.92 23.94 25.79
N ILE E 71 -10.63 24.00 25.52
CA ILE E 71 -9.97 25.04 24.73
C ILE E 71 -9.81 24.73 23.26
N SER E 72 -10.16 25.70 22.43
CA SER E 72 -9.91 25.57 21.00
C SER E 72 -9.49 26.92 20.45
N LYS E 73 -8.78 26.91 19.34
CA LYS E 73 -8.36 28.17 18.73
C LYS E 73 -8.37 28.10 17.21
N ASP E 74 -8.42 29.27 16.58
CA ASP E 74 -8.28 29.36 15.14
C ASP E 74 -7.46 30.56 14.82
N PHE E 75 -6.16 30.36 14.87
CA PHE E 75 -5.19 31.38 14.62
C PHE E 75 -5.30 32.07 13.29
N SER E 76 -5.72 31.37 12.26
CA SER E 76 -5.83 32.02 10.96
C SER E 76 -6.78 33.23 10.99
N ARG E 77 -7.74 33.22 11.91
CA ARG E 77 -8.68 34.31 12.07
C ARG E 77 -8.47 35.08 13.39
N ASN E 78 -7.36 34.82 14.08
CA ASN E 78 -7.08 35.37 15.40
C ASN E 78 -8.18 35.04 16.39
N GLN E 79 -8.63 33.78 16.38
CA GLN E 79 -9.75 33.36 17.23
C GLN E 79 -9.37 32.47 18.39
N VAL E 80 -10.10 32.60 19.47
CA VAL E 80 -9.94 31.67 20.59
C VAL E 80 -11.33 31.21 20.99
N PHE E 81 -11.43 29.98 21.47
CA PHE E 81 -12.74 29.45 21.81
C PHE E 81 -12.79 28.62 23.09
N LEU E 82 -13.97 28.56 23.68
CA LEU E 82 -14.23 27.62 24.76
C LEU E 82 -15.44 26.77 24.44
N LYS E 83 -15.38 25.52 24.85
CA LYS E 83 -16.55 24.68 24.76
C LYS E 83 -16.93 24.24 26.16
N ILE E 84 -18.20 24.38 26.52
CA ILE E 84 -18.58 23.96 27.84
C ILE E 84 -19.71 22.94 27.83
N SER E 85 -19.41 21.75 28.31
CA SER E 85 -20.38 20.69 28.52
C SER E 85 -21.25 21.00 29.72
N ASN E 86 -22.49 20.54 29.72
CA ASN E 86 -23.31 20.67 30.92
C ASN E 86 -23.48 22.08 31.47
N VAL E 87 -23.80 23.02 30.60
CA VAL E 87 -24.00 24.37 31.08
C VAL E 87 -25.28 24.45 31.86
N ASP E 88 -25.21 25.11 33.01
CA ASP E 88 -26.43 25.26 33.81
C ASP E 88 -26.41 26.59 34.54
N ILE E 89 -27.36 26.80 35.43
CA ILE E 89 -27.47 28.08 36.12
C ILE E 89 -26.22 28.51 36.88
N ALA E 90 -25.40 27.55 37.36
CA ALA E 90 -24.18 27.90 38.06
C ALA E 90 -23.15 28.48 37.11
N ASP E 91 -23.34 28.26 35.82
CA ASP E 91 -22.46 28.78 34.81
C ASP E 91 -22.91 30.13 34.28
N THR E 92 -23.96 30.73 34.86
CA THR E 92 -24.31 32.01 34.29
C THR E 92 -23.36 33.03 34.87
N ALA E 93 -22.74 33.82 33.99
CA ALA E 93 -21.76 34.78 34.44
C ALA E 93 -21.46 35.82 33.41
N THR E 94 -20.85 36.92 33.82
CA THR E 94 -20.25 37.70 32.76
C THR E 94 -19.01 36.90 32.37
N TYR E 95 -18.55 37.03 31.14
CA TYR E 95 -17.35 36.33 30.70
C TYR E 95 -16.40 37.25 29.98
N TYR E 96 -15.13 37.01 30.17
CA TYR E 96 -14.13 37.83 29.53
C TYR E 96 -12.92 37.08 28.97
N CYS E 97 -12.37 37.64 27.92
CA CYS E 97 -11.10 37.23 27.35
C CYS E 97 -9.95 38.07 27.92
N ALA E 98 -8.73 37.54 27.87
CA ALA E 98 -7.59 38.28 28.39
C ALA E 98 -6.32 37.99 27.62
N ARG E 99 -5.37 38.91 27.69
CA ARG E 99 -4.07 38.74 27.02
C ARG E 99 -2.94 39.33 27.87
N ARG E 100 -1.73 38.79 27.71
CA ARG E 100 -0.58 39.34 28.44
C ARG E 100 -0.44 40.81 28.08
N ASP E 101 -0.10 41.66 29.03
CA ASP E 101 0.04 43.06 28.68
C ASP E 101 1.49 43.57 28.70
N PRO E 102 2.27 43.44 29.80
CA PRO E 102 3.68 43.74 29.76
C PRO E 102 4.40 42.83 28.78
N PHE E 103 3.85 41.64 28.62
CA PHE E 103 4.30 40.69 27.62
C PHE E 103 5.68 40.08 27.78
N GLY E 104 5.72 38.85 28.19
CA GLY E 104 6.96 38.13 28.29
C GLY E 104 7.64 38.16 29.64
N TYR E 105 7.11 38.88 30.62
CA TYR E 105 7.70 38.68 31.93
C TYR E 105 6.58 38.64 32.99
N ASP E 106 6.56 37.58 33.78
CA ASP E 106 5.58 37.33 34.86
C ASP E 106 4.12 37.35 34.40
N ASN E 107 3.88 36.91 33.17
CA ASN E 107 2.55 36.88 32.59
C ASN E 107 2.11 38.31 32.31
N ALA E 108 2.05 39.12 33.36
CA ALA E 108 1.68 40.51 33.26
C ALA E 108 0.34 40.72 32.57
N MET E 109 -0.62 39.83 32.82
CA MET E 109 -1.92 40.00 32.18
C MET E 109 -3.11 40.06 33.15
N GLY E 110 -3.81 41.18 33.10
CA GLY E 110 -3.37 42.26 32.21
C GLY E 110 -4.42 42.64 31.18
N TYR E 111 -4.11 42.59 29.91
CA TYR E 111 -4.98 43.15 28.90
C TYR E 111 -6.35 42.45 28.94
N TRP E 112 -7.44 43.20 28.73
CA TRP E 112 -8.76 42.59 28.90
C TRP E 112 -9.75 42.74 27.75
N GLY E 113 -10.65 41.78 27.69
CA GLY E 113 -11.80 41.75 26.79
C GLY E 113 -12.87 42.77 27.17
N GLN E 114 -13.75 43.05 26.22
CA GLN E 114 -14.87 44.00 26.37
C GLN E 114 -15.89 43.62 27.45
N GLY E 115 -16.06 42.33 27.61
CA GLY E 115 -16.98 41.65 28.49
C GLY E 115 -18.25 41.23 27.76
N THR E 116 -18.72 40.03 28.08
CA THR E 116 -19.95 39.44 27.58
C THR E 116 -20.66 38.76 28.71
N SER E 117 -21.87 38.30 28.49
CA SER E 117 -22.47 37.53 29.57
C SER E 117 -23.28 36.37 29.05
N VAL E 118 -23.47 35.37 29.90
CA VAL E 118 -24.24 34.20 29.55
C VAL E 118 -25.24 33.84 30.63
N THR E 119 -26.44 33.49 30.18
CA THR E 119 -27.52 33.09 31.05
C THR E 119 -28.19 31.81 30.54
N VAL E 120 -28.98 31.17 31.40
CA VAL E 120 -29.70 29.98 30.99
C VAL E 120 -31.18 30.11 31.31
N SER E 121 -32.01 29.28 30.66
CA SER E 121 -33.45 29.29 30.88
C SER E 121 -34.13 28.05 30.30
N ASP F 1 -7.10 27.50 44.07
CA ASP F 1 -6.83 26.61 45.19
C ASP F 1 -6.14 27.34 46.33
N ILE F 2 -5.08 28.07 46.00
CA ILE F 2 -4.34 28.81 46.99
C ILE F 2 -5.18 29.94 47.54
N VAL F 3 -5.18 30.08 48.85
CA VAL F 3 -5.98 31.12 49.45
C VAL F 3 -5.46 32.49 49.15
N MET F 4 -6.37 33.38 48.76
CA MET F 4 -6.06 34.77 48.56
C MET F 4 -7.04 35.61 49.34
N THR F 5 -6.55 36.61 50.07
CA THR F 5 -7.45 37.50 50.76
C THR F 5 -6.99 38.93 50.62
N GLN F 6 -7.88 39.85 50.91
CA GLN F 6 -7.54 41.26 50.87
C GLN F 6 -8.21 42.02 51.98
N SER F 7 -7.59 43.11 52.40
CA SER F 7 -8.27 43.92 53.39
C SER F 7 -7.89 45.40 53.30
N PRO F 8 -8.71 46.28 53.90
CA PRO F 8 -10.03 46.08 54.50
C PRO F 8 -10.99 45.69 53.39
N LEU F 9 -12.04 44.92 53.73
CA LEU F 9 -12.99 44.50 52.70
C LEU F 9 -13.69 45.69 52.06
N SER F 10 -13.86 46.75 52.84
CA SER F 10 -14.33 47.99 52.26
C SER F 10 -13.76 49.16 53.03
N LEU F 11 -13.57 50.28 52.35
CA LEU F 11 -13.05 51.44 53.04
C LEU F 11 -13.81 52.73 52.72
N SER F 12 -14.25 53.45 53.76
CA SER F 12 -14.80 54.76 53.54
C SER F 12 -13.67 55.70 53.16
N THR F 13 -13.90 56.64 52.26
CA THR F 13 -12.82 57.55 51.92
C THR F 13 -13.22 59.00 51.76
N SER F 14 -12.20 59.84 51.67
CA SER F 14 -12.34 61.25 51.42
C SER F 14 -11.15 61.69 50.57
N VAL F 15 -11.24 62.85 49.94
CA VAL F 15 -10.17 63.28 49.05
C VAL F 15 -8.88 63.57 49.82
N GLY F 16 -7.78 63.13 49.22
CA GLY F 16 -6.43 63.27 49.75
C GLY F 16 -6.06 62.19 50.76
N ASP F 17 -6.93 61.21 50.95
CA ASP F 17 -6.61 60.08 51.81
C ASP F 17 -5.48 59.24 51.31
N ARG F 18 -4.62 58.80 52.22
CA ARG F 18 -3.63 57.84 51.79
C ARG F 18 -4.26 56.49 51.97
N VAL F 19 -4.59 55.86 50.87
CA VAL F 19 -5.23 54.56 50.90
C VAL F 19 -4.25 53.47 51.20
N SER F 20 -4.58 52.56 52.08
CA SER F 20 -3.72 51.39 52.21
C SER F 20 -4.54 50.13 52.08
N LEU F 21 -4.11 49.26 51.18
CA LEU F 21 -4.75 47.99 50.92
C LEU F 21 -3.78 46.86 51.02
N THR F 22 -4.22 45.68 51.40
CA THR F 22 -3.29 44.58 51.38
C THR F 22 -3.86 43.35 50.75
N CYS F 23 -2.95 42.48 50.35
CA CYS F 23 -3.25 41.21 49.74
C CYS F 23 -2.41 40.16 50.45
N LYS F 24 -3.04 39.06 50.82
CA LYS F 24 -2.35 38.02 51.53
C LYS F 24 -2.64 36.66 50.95
N ALA F 25 -1.69 35.75 51.05
CA ALA F 25 -1.94 34.44 50.49
C ALA F 25 -1.27 33.32 51.24
N SER F 26 -1.83 32.13 51.11
CA SER F 26 -1.27 30.92 51.71
C SER F 26 0.15 30.60 51.27
N GLN F 27 0.47 30.93 50.03
CA GLN F 27 1.76 30.60 49.45
C GLN F 27 2.63 31.79 49.19
N ASN F 28 3.94 31.59 49.24
CA ASN F 28 4.83 32.71 49.05
C ASN F 28 4.91 33.02 47.58
N VAL F 29 4.12 34.00 47.19
CA VAL F 29 4.02 34.47 45.82
C VAL F 29 5.36 34.96 45.29
N GLY F 30 6.18 35.53 46.16
CA GLY F 30 7.54 35.86 45.76
C GLY F 30 7.65 37.13 44.93
N THR F 31 6.55 37.88 44.87
CA THR F 31 6.34 39.16 44.16
C THR F 31 5.75 38.95 42.78
N ALA F 32 5.42 37.71 42.40
CA ALA F 32 4.73 37.52 41.12
C ALA F 32 3.25 37.81 41.33
N VAL F 33 2.95 39.07 41.55
CA VAL F 33 1.60 39.50 41.88
C VAL F 33 1.23 40.73 41.10
N ALA F 34 -0.05 40.90 40.89
CA ALA F 34 -0.50 42.09 40.21
C ALA F 34 -1.76 42.61 40.84
N TRP F 35 -2.00 43.90 40.69
CA TRP F 35 -3.19 44.54 41.24
C TRP F 35 -4.05 45.09 40.15
N TYR F 36 -5.36 45.07 40.38
CA TYR F 36 -6.32 45.51 39.37
C TYR F 36 -7.40 46.44 39.94
N GLN F 37 -7.95 47.26 39.05
CA GLN F 37 -8.99 48.24 39.36
C GLN F 37 -10.23 48.00 38.52
N GLN F 38 -11.42 48.02 39.11
CA GLN F 38 -12.59 47.83 38.28
C GLN F 38 -13.76 48.70 38.67
N LYS F 39 -14.53 49.08 37.67
CA LYS F 39 -15.73 49.87 37.86
C LYS F 39 -16.81 49.17 37.08
N PRO F 40 -18.09 49.37 37.40
CA PRO F 40 -19.17 48.72 36.71
C PRO F 40 -19.11 49.16 35.27
N GLY F 41 -19.46 48.24 34.39
CA GLY F 41 -19.47 48.53 32.97
C GLY F 41 -18.04 48.51 32.42
N GLN F 42 -17.06 48.06 33.23
CA GLN F 42 -15.68 48.15 32.79
C GLN F 42 -14.84 46.95 33.16
N SER F 43 -13.80 46.73 32.38
CA SER F 43 -12.82 45.70 32.63
C SER F 43 -12.00 46.04 33.87
N PRO F 44 -11.47 45.04 34.57
CA PRO F 44 -10.64 45.12 35.76
C PRO F 44 -9.21 45.51 35.43
N LYS F 45 -9.03 46.76 35.02
CA LYS F 45 -7.76 47.26 34.51
C LYS F 45 -6.55 47.12 35.44
N LEU F 46 -5.42 46.80 34.85
CA LEU F 46 -4.18 46.61 35.60
C LEU F 46 -3.67 47.86 36.27
N LEU F 47 -3.23 47.68 37.51
CA LEU F 47 -2.61 48.73 38.28
C LEU F 47 -1.16 48.51 38.57
N ILE F 48 -0.85 47.31 39.10
CA ILE F 48 0.50 46.99 39.54
C ILE F 48 1.04 45.74 38.92
N TYR F 49 2.29 45.81 38.52
CA TYR F 49 3.02 44.74 37.90
C TYR F 49 4.22 44.28 38.71
N SER F 50 4.27 42.97 38.98
CA SER F 50 5.39 42.34 39.70
C SER F 50 5.59 42.95 41.07
N ALA F 51 4.48 43.19 41.76
CA ALA F 51 4.46 43.81 43.09
C ALA F 51 5.09 45.20 43.15
N SER F 52 5.29 45.89 42.03
CA SER F 52 5.94 47.18 42.17
C SER F 52 5.67 48.18 41.09
N ASN F 53 5.78 47.74 39.85
CA ASN F 53 5.69 48.67 38.75
C ASN F 53 4.28 48.99 38.41
N ARG F 54 3.85 50.20 38.65
CA ARG F 54 2.50 50.46 38.21
C ARG F 54 2.50 50.34 36.70
N TYR F 55 1.41 49.87 36.14
CA TYR F 55 1.32 49.73 34.70
C TYR F 55 1.40 51.09 34.02
N THR F 56 2.01 51.13 32.84
CA THR F 56 2.15 52.40 32.16
C THR F 56 0.80 53.06 31.93
N GLY F 57 0.77 54.34 32.22
CA GLY F 57 -0.40 55.20 32.09
C GLY F 57 -1.20 55.25 33.40
N VAL F 58 -0.83 54.43 34.38
CA VAL F 58 -1.42 54.50 35.70
C VAL F 58 -0.81 55.72 36.38
N PRO F 59 -1.59 56.55 37.07
CA PRO F 59 -1.14 57.72 37.82
C PRO F 59 -0.24 57.25 38.95
N ASP F 60 0.67 58.12 39.36
CA ASP F 60 1.65 57.75 40.36
C ASP F 60 1.11 57.77 41.77
N ARG F 61 -0.19 58.00 41.92
CA ARG F 61 -0.82 57.87 43.20
C ARG F 61 -0.69 56.41 43.65
N PHE F 62 -0.66 55.49 42.67
CA PHE F 62 -0.63 54.07 42.97
C PHE F 62 0.77 53.51 43.13
N THR F 63 1.03 52.99 44.33
CA THR F 63 2.30 52.37 44.69
C THR F 63 2.04 51.06 45.42
N GLY F 64 3.06 50.23 45.59
CA GLY F 64 2.79 48.98 46.32
C GLY F 64 4.06 48.36 46.87
N SER F 65 3.87 47.31 47.67
CA SER F 65 5.00 46.73 48.40
C SER F 65 4.85 45.27 48.77
N GLY F 66 5.95 44.72 49.29
CA GLY F 66 6.02 43.40 49.88
C GLY F 66 6.54 42.27 49.01
N SER F 67 6.67 41.11 49.64
CA SER F 67 7.22 39.89 49.07
C SER F 67 6.64 38.67 49.79
N GLY F 68 6.87 37.49 49.24
CA GLY F 68 6.38 36.30 49.90
C GLY F 68 4.88 36.29 49.87
N THR F 69 4.25 36.10 51.03
CA THR F 69 2.81 36.10 51.15
C THR F 69 2.20 37.48 51.39
N ASP F 70 3.02 38.50 51.62
CA ASP F 70 2.46 39.82 51.98
C ASP F 70 2.62 40.87 50.91
N PHE F 71 1.53 41.56 50.53
CA PHE F 71 1.66 42.66 49.58
C PHE F 71 0.74 43.82 49.90
N THR F 72 1.09 45.02 49.44
CA THR F 72 0.17 46.13 49.61
C THR F 72 0.01 46.95 48.36
N LEU F 73 -1.06 47.72 48.35
CA LEU F 73 -1.35 48.73 47.35
C LEU F 73 -1.73 49.98 48.08
N THR F 74 -1.16 51.10 47.71
CA THR F 74 -1.61 52.29 48.37
C THR F 74 -1.89 53.37 47.37
N ILE F 75 -2.68 54.36 47.78
CA ILE F 75 -2.97 55.47 46.90
C ILE F 75 -2.64 56.77 47.57
N SER F 76 -1.61 57.46 47.12
CA SER F 76 -1.33 58.78 47.66
C SER F 76 -2.38 59.75 47.20
N ASN F 77 -2.78 60.69 48.03
CA ASN F 77 -3.65 61.76 47.54
C ASN F 77 -4.90 61.27 46.84
N MET F 78 -5.68 60.37 47.45
CA MET F 78 -6.76 59.78 46.68
C MET F 78 -7.77 60.77 46.15
N GLN F 79 -8.25 60.49 44.96
CA GLN F 79 -9.24 61.30 44.30
C GLN F 79 -10.53 60.54 44.21
N SER F 80 -11.67 61.22 44.22
CA SER F 80 -12.95 60.51 44.14
C SER F 80 -13.08 59.63 42.90
N GLU F 81 -12.37 59.98 41.84
CA GLU F 81 -12.34 59.19 40.61
C GLU F 81 -11.69 57.83 40.80
N ASP F 82 -11.00 57.65 41.92
CA ASP F 82 -10.34 56.41 42.23
C ASP F 82 -11.26 55.43 42.94
N LEU F 83 -12.54 55.73 43.13
CA LEU F 83 -13.29 54.69 43.80
C LEU F 83 -13.37 53.53 42.83
N ALA F 84 -13.07 52.34 43.29
CA ALA F 84 -13.16 51.18 42.43
C ALA F 84 -13.17 49.90 43.22
N ASP F 85 -13.60 48.83 42.61
CA ASP F 85 -13.42 47.54 43.23
C ASP F 85 -11.95 47.19 42.97
N TYR F 86 -11.19 46.91 44.01
CA TYR F 86 -9.79 46.59 43.77
C TYR F 86 -9.50 45.12 43.98
N PHE F 87 -8.54 44.61 43.21
CA PHE F 87 -8.17 43.20 43.21
C PHE F 87 -6.68 42.97 43.17
N CYS F 88 -6.29 41.73 43.41
CA CYS F 88 -4.91 41.35 43.25
C CYS F 88 -4.88 39.95 42.67
N GLN F 89 -3.74 39.52 42.15
CA GLN F 89 -3.67 38.21 41.51
C GLN F 89 -2.35 37.52 41.71
N GLN F 90 -2.39 36.20 41.74
CA GLN F 90 -1.18 35.42 41.90
C GLN F 90 -0.67 34.80 40.63
N TYR F 91 0.55 35.18 40.24
CA TYR F 91 1.19 34.55 39.12
C TYR F 91 2.28 33.56 39.45
N SER F 92 2.50 33.23 40.73
CA SER F 92 3.57 32.24 40.97
C SER F 92 3.12 30.78 40.89
N SER F 93 1.81 30.53 40.98
CA SER F 93 1.30 29.17 40.90
C SER F 93 -0.11 29.15 40.40
N TYR F 94 -0.57 27.99 39.93
CA TYR F 94 -1.92 27.94 39.41
C TYR F 94 -2.60 26.61 39.82
N PRO F 95 -3.93 26.50 39.68
CA PRO F 95 -4.85 27.37 38.96
C PRO F 95 -4.84 28.74 39.53
N LEU F 96 -5.09 29.71 38.67
CA LEU F 96 -4.94 31.08 39.06
C LEU F 96 -5.89 31.49 40.14
N THR F 97 -5.39 32.35 41.00
CA THR F 97 -6.17 32.85 42.09
C THR F 97 -6.05 34.34 42.13
N PHE F 98 -6.97 34.95 42.82
CA PHE F 98 -7.03 36.39 42.93
C PHE F 98 -7.66 36.75 44.26
N GLY F 99 -7.42 37.97 44.72
CA GLY F 99 -7.96 38.41 46.00
C GLY F 99 -9.47 38.54 45.94
N ALA F 100 -10.14 38.43 47.08
CA ALA F 100 -11.60 38.53 47.14
C ALA F 100 -12.13 39.90 46.68
N GLY F 101 -11.26 40.89 46.67
CA GLY F 101 -11.51 42.23 46.23
C GLY F 101 -11.91 43.13 47.37
N THR F 102 -11.87 44.43 47.12
CA THR F 102 -12.36 45.41 48.09
C THR F 102 -13.12 46.52 47.43
N LYS F 103 -13.92 47.25 48.19
CA LYS F 103 -14.60 48.39 47.60
C LYS F 103 -14.49 49.62 48.46
N LEU F 104 -14.54 50.79 47.84
CA LEU F 104 -14.47 52.01 48.61
C LEU F 104 -15.64 52.90 48.32
N GLU F 105 -16.08 53.64 49.32
CA GLU F 105 -17.11 54.63 49.08
C GLU F 105 -16.69 55.94 49.71
N LEU F 106 -16.68 56.99 48.93
CA LEU F 106 -16.36 58.28 49.50
C LEU F 106 -17.52 58.73 50.37
N ARG F 107 -17.20 59.33 51.52
CA ARG F 107 -18.15 59.88 52.49
C ARG F 107 -17.55 59.88 53.89
N ILE G 1 6.02 -15.29 -23.40
CA ILE G 1 5.59 -14.07 -24.08
C ILE G 1 6.61 -13.62 -25.11
N PRO G 2 6.26 -13.64 -26.40
CA PRO G 2 7.10 -13.24 -27.52
C PRO G 2 7.43 -11.77 -27.48
N LEU G 3 8.57 -11.41 -28.04
CA LEU G 3 8.99 -10.04 -28.12
C LEU G 3 9.14 -9.65 -29.56
N GLY G 4 8.81 -8.43 -29.91
CA GLY G 4 9.07 -8.01 -31.26
C GLY G 4 10.56 -7.87 -31.41
N VAL G 5 11.08 -8.07 -32.60
CA VAL G 5 12.47 -7.83 -32.83
C VAL G 5 12.62 -7.04 -34.07
N ILE G 6 13.34 -5.94 -34.01
CA ILE G 6 13.54 -5.25 -35.27
C ILE G 6 14.83 -5.70 -35.91
N HIS G 7 14.74 -6.34 -37.05
CA HIS G 7 15.95 -6.70 -37.77
C HIS G 7 15.68 -6.69 -39.25
N ASN G 8 16.69 -6.34 -40.03
CA ASN G 8 16.55 -6.20 -41.49
C ASN G 8 15.39 -5.24 -41.76
N SER G 9 15.35 -4.18 -40.96
CA SER G 9 14.31 -3.16 -40.94
C SER G 9 12.87 -3.71 -40.91
N THR G 10 12.66 -4.90 -40.35
CA THR G 10 11.30 -5.42 -40.20
C THR G 10 11.09 -6.08 -38.85
N LEU G 11 9.83 -6.21 -38.45
CA LEU G 11 9.56 -6.92 -37.23
C LEU G 11 9.79 -8.40 -37.39
N GLN G 12 10.27 -9.01 -36.33
CA GLN G 12 10.47 -10.44 -36.32
C GLN G 12 10.04 -10.95 -34.97
N VAL G 13 9.58 -12.19 -34.92
CA VAL G 13 9.16 -12.73 -33.64
C VAL G 13 10.34 -13.34 -32.90
N SER G 14 10.55 -12.91 -31.65
CA SER G 14 11.67 -13.40 -30.82
C SER G 14 11.62 -14.88 -30.49
N ASP G 15 10.45 -15.48 -30.58
CA ASP G 15 10.30 -16.87 -30.19
C ASP G 15 10.79 -17.83 -31.24
N VAL G 16 12.09 -18.02 -31.21
CA VAL G 16 12.78 -18.96 -32.06
C VAL G 16 13.67 -19.82 -31.19
N ASP G 17 14.07 -20.99 -31.67
CA ASP G 17 14.95 -21.80 -30.86
C ASP G 17 16.43 -21.50 -31.07
N LYS G 18 16.75 -20.51 -31.90
CA LYS G 18 18.13 -20.08 -32.02
C LYS G 18 18.17 -18.58 -31.97
N LEU G 19 19.01 -18.05 -31.10
CA LEU G 19 19.11 -16.61 -31.04
C LEU G 19 20.36 -16.17 -31.75
N VAL G 20 20.22 -15.86 -33.02
CA VAL G 20 21.36 -15.45 -33.80
C VAL G 20 21.78 -14.04 -33.38
N CYS G 21 23.08 -13.85 -33.17
CA CYS G 21 23.65 -12.56 -32.70
C CYS G 21 23.45 -11.38 -33.61
N ARG G 22 22.95 -11.60 -34.82
CA ARG G 22 22.62 -10.51 -35.71
C ARG G 22 21.69 -9.53 -35.00
N ASP G 23 20.89 -10.02 -34.04
CA ASP G 23 20.17 -9.13 -33.18
C ASP G 23 20.97 -9.05 -31.90
N LYS G 24 21.26 -7.84 -31.45
CA LYS G 24 22.00 -7.73 -30.20
C LYS G 24 21.36 -6.76 -29.26
N LEU G 25 21.35 -7.13 -28.00
CA LEU G 25 20.84 -6.26 -26.96
C LEU G 25 22.02 -5.63 -26.24
N SER G 26 22.60 -4.59 -26.82
CA SER G 26 23.75 -3.97 -26.18
C SER G 26 23.43 -3.35 -24.81
N SER G 27 22.18 -2.95 -24.63
CA SER G 27 21.78 -2.42 -23.34
C SER G 27 20.31 -2.63 -23.09
N THR G 28 19.91 -2.45 -21.84
CA THR G 28 18.51 -2.55 -21.48
C THR G 28 17.71 -1.38 -22.01
N ASN G 29 18.36 -0.36 -22.55
CA ASN G 29 17.58 0.75 -23.03
C ASN G 29 17.12 0.54 -24.44
N GLN G 30 17.40 -0.63 -25.01
CA GLN G 30 16.80 -0.97 -26.27
C GLN G 30 15.45 -1.63 -26.04
N LEU G 31 15.17 -2.00 -24.79
CA LEU G 31 13.92 -2.66 -24.54
C LEU G 31 12.76 -1.69 -24.47
N ARG G 32 11.62 -2.08 -25.01
CA ARG G 32 10.44 -1.28 -24.79
C ARG G 32 9.22 -2.15 -24.58
N SER G 33 8.34 -1.66 -23.75
CA SER G 33 7.05 -2.27 -23.40
C SER G 33 5.91 -1.37 -23.83
N VAL G 34 6.01 -0.73 -24.97
CA VAL G 34 5.06 0.34 -25.24
C VAL G 34 3.62 -0.07 -25.35
N GLY G 35 2.79 0.78 -24.77
CA GLY G 35 1.35 0.68 -24.91
C GLY G 35 0.91 1.08 -26.31
N LEU G 36 -0.21 0.53 -26.76
CA LEU G 36 -0.81 0.92 -28.00
C LEU G 36 -2.28 1.24 -27.78
N ASN G 37 -2.77 2.22 -28.50
CA ASN G 37 -4.14 2.63 -28.41
C ASN G 37 -5.05 1.71 -29.20
N LEU G 38 -6.04 1.14 -28.52
CA LEU G 38 -7.00 0.25 -29.16
C LEU G 38 -7.70 0.92 -30.34
N GLU G 39 -7.92 2.22 -30.21
CA GLU G 39 -8.56 3.07 -31.19
C GLU G 39 -7.85 3.07 -32.53
N GLY G 40 -6.56 2.76 -32.52
CA GLY G 40 -5.76 2.73 -33.72
C GLY G 40 -6.06 1.53 -34.60
N ASN G 41 -6.92 0.63 -34.11
CA ASN G 41 -7.37 -0.50 -34.87
C ASN G 41 -8.73 -0.22 -35.50
N GLY G 42 -9.18 1.03 -35.46
CA GLY G 42 -10.45 1.34 -36.08
C GLY G 42 -11.65 0.96 -35.23
N VAL G 43 -11.42 0.60 -33.97
CA VAL G 43 -12.50 0.20 -33.10
C VAL G 43 -13.44 1.35 -32.85
N ALA G 44 -14.74 1.08 -32.87
CA ALA G 44 -15.73 2.12 -32.71
C ALA G 44 -15.57 2.88 -31.40
N THR G 45 -15.84 4.17 -31.46
CA THR G 45 -15.74 5.03 -30.30
C THR G 45 -17.08 5.47 -29.73
N ASP G 46 -18.20 4.97 -30.27
CA ASP G 46 -19.47 5.39 -29.72
C ASP G 46 -19.54 4.93 -28.29
N VAL G 47 -19.98 5.82 -27.43
CA VAL G 47 -20.03 5.53 -26.03
C VAL G 47 -20.86 4.31 -25.69
N PRO G 48 -21.96 4.05 -26.39
CA PRO G 48 -22.72 2.85 -26.18
C PRO G 48 -21.92 1.60 -26.47
N SER G 49 -20.98 1.67 -27.42
CA SER G 49 -20.23 0.47 -27.69
C SER G 49 -19.14 0.30 -26.68
N ALA G 50 -18.71 1.41 -26.10
CA ALA G 50 -17.72 1.32 -25.07
C ALA G 50 -18.28 0.57 -23.90
N THR G 51 -19.55 0.86 -23.61
CA THR G 51 -20.22 0.18 -22.54
C THR G 51 -20.39 -1.28 -22.85
N LYS G 52 -20.66 -1.58 -24.12
CA LYS G 52 -20.80 -2.96 -24.53
C LYS G 52 -19.54 -3.75 -24.34
N ARG G 53 -18.39 -3.08 -24.37
CA ARG G 53 -17.14 -3.77 -24.21
C ARG G 53 -16.72 -4.04 -22.77
N TRP G 54 -17.51 -3.66 -21.79
CA TRP G 54 -17.07 -3.90 -20.41
C TRP G 54 -17.91 -4.99 -19.72
N GLY G 55 -17.22 -5.99 -19.15
CA GLY G 55 -17.81 -7.18 -18.55
C GLY G 55 -18.61 -7.14 -17.22
N PHE G 56 -18.31 -6.21 -16.30
CA PHE G 56 -19.02 -6.13 -15.02
C PHE G 56 -18.93 -7.37 -14.10
N ARG G 57 -17.82 -8.07 -14.19
CA ARG G 57 -17.52 -9.24 -13.36
C ARG G 57 -17.20 -8.96 -11.89
N SER G 58 -17.49 -9.96 -11.06
CA SER G 58 -17.07 -10.03 -9.67
C SER G 58 -16.34 -11.35 -9.55
N GLY G 59 -15.45 -11.47 -8.57
CA GLY G 59 -14.64 -12.68 -8.58
C GLY G 59 -13.15 -12.37 -8.45
N VAL G 60 -12.41 -12.72 -9.48
CA VAL G 60 -10.96 -12.61 -9.47
C VAL G 60 -10.50 -11.17 -9.30
N PRO G 61 -9.44 -10.96 -8.53
CA PRO G 61 -8.82 -9.70 -8.21
C PRO G 61 -8.19 -9.05 -9.44
N PRO G 62 -8.15 -7.73 -9.47
CA PRO G 62 -7.53 -6.87 -10.44
C PRO G 62 -6.03 -6.96 -10.42
N LYS G 63 -5.40 -6.73 -11.56
CA LYS G 63 -3.94 -6.64 -11.62
C LYS G 63 -3.50 -5.50 -12.52
N VAL G 64 -2.30 -4.97 -12.30
CA VAL G 64 -1.81 -3.95 -13.22
C VAL G 64 -0.40 -4.28 -13.65
N VAL G 65 0.03 -3.69 -14.77
CA VAL G 65 1.39 -3.87 -15.23
C VAL G 65 2.01 -2.59 -15.74
N ASN G 66 3.27 -2.42 -15.43
CA ASN G 66 4.03 -1.26 -15.87
C ASN G 66 4.30 -1.30 -17.35
N TYR G 67 4.17 -0.18 -18.05
CA TYR G 67 4.49 -0.25 -19.46
C TYR G 67 5.12 1.02 -19.98
N GLU G 68 5.83 0.91 -21.10
CA GLU G 68 6.44 2.04 -21.79
C GLU G 68 5.51 3.00 -22.45
N ALA G 69 5.98 4.21 -22.52
CA ALA G 69 5.27 5.32 -23.08
C ALA G 69 4.77 5.03 -24.49
N GLY G 70 3.65 5.64 -24.87
CA GLY G 70 2.99 5.25 -26.11
C GLY G 70 2.08 6.31 -26.73
N GLU G 71 1.42 5.92 -27.82
CA GLU G 71 0.63 6.80 -28.65
C GLU G 71 -0.58 7.49 -28.03
N TRP G 72 -0.84 8.66 -28.58
CA TRP G 72 -1.95 9.55 -28.21
C TRP G 72 -3.31 8.92 -28.49
N ALA G 73 -4.29 9.23 -27.65
CA ALA G 73 -5.63 8.74 -27.91
C ALA G 73 -6.57 9.87 -28.21
N GLU G 74 -7.44 9.69 -29.20
CA GLU G 74 -8.39 10.75 -29.43
C GLU G 74 -9.52 10.68 -28.43
N ASN G 75 -9.87 9.46 -28.05
CA ASN G 75 -10.98 9.29 -27.11
C ASN G 75 -10.60 8.55 -25.85
N CYS G 76 -11.04 9.07 -24.71
CA CYS G 76 -10.75 8.44 -23.43
C CYS G 76 -11.91 8.64 -22.51
N TYR G 77 -11.93 7.98 -21.34
CA TYR G 77 -13.13 8.13 -20.52
C TYR G 77 -12.89 8.34 -19.02
N ASN G 78 -13.75 9.13 -18.37
CA ASN G 78 -13.76 9.28 -16.91
C ASN G 78 -15.07 8.74 -16.39
N LEU G 79 -15.05 8.03 -15.26
CA LEU G 79 -16.31 7.47 -14.82
C LEU G 79 -16.70 7.64 -13.35
N GLU G 80 -17.94 8.14 -13.16
CA GLU G 80 -18.58 8.30 -11.86
C GLU G 80 -19.76 7.38 -11.55
N ILE G 81 -19.95 6.31 -12.32
CA ILE G 81 -21.14 5.48 -12.16
C ILE G 81 -21.27 4.81 -10.81
N LYS G 82 -22.51 4.81 -10.30
CA LYS G 82 -22.85 4.24 -9.01
C LYS G 82 -24.05 3.32 -9.07
N LYS G 83 -24.15 2.42 -8.10
CA LYS G 83 -25.29 1.51 -7.99
C LYS G 83 -26.57 2.26 -7.65
N PRO G 84 -27.73 1.76 -8.11
CA PRO G 84 -29.07 2.35 -8.01
C PRO G 84 -29.48 2.68 -6.58
N ASP G 85 -28.88 2.00 -5.61
CA ASP G 85 -29.15 2.26 -4.22
C ASP G 85 -28.25 3.34 -3.63
N GLY G 86 -27.48 3.99 -4.49
CA GLY G 86 -26.55 5.03 -4.12
C GLY G 86 -25.22 4.47 -3.61
N SER G 87 -25.02 3.15 -3.70
CA SER G 87 -23.72 2.63 -3.35
C SER G 87 -22.70 3.04 -4.36
N GLU G 88 -21.49 3.27 -3.88
CA GLU G 88 -20.40 3.52 -4.77
C GLU G 88 -20.17 2.27 -5.57
N CYS G 89 -19.75 2.41 -6.81
CA CYS G 89 -19.44 1.24 -7.59
C CYS G 89 -18.10 1.46 -8.25
N LEU G 90 -17.22 0.48 -8.15
CA LEU G 90 -15.83 0.51 -8.63
C LEU G 90 -14.94 1.25 -7.63
N PRO G 91 -13.78 0.67 -7.31
CA PRO G 91 -12.81 1.17 -6.36
C PRO G 91 -12.17 2.46 -6.78
N ALA G 92 -11.82 3.26 -5.79
CA ALA G 92 -11.03 4.45 -6.01
C ALA G 92 -9.69 4.05 -6.58
N ALA G 93 -9.11 4.87 -7.43
CA ALA G 93 -7.80 4.52 -7.94
C ALA G 93 -6.76 4.41 -6.80
N PRO G 94 -5.84 3.46 -6.89
CA PRO G 94 -4.66 3.22 -6.08
C PRO G 94 -3.62 4.32 -6.28
N ASP G 95 -2.76 4.48 -5.30
CA ASP G 95 -1.75 5.52 -5.37
C ASP G 95 -0.83 5.40 -6.57
N GLY G 96 -0.57 6.55 -7.16
CA GLY G 96 0.28 6.70 -8.34
C GLY G 96 -0.52 6.63 -9.64
N ILE G 97 -1.81 6.35 -9.55
CA ILE G 97 -2.64 6.35 -10.73
C ILE G 97 -3.11 7.73 -11.11
N ARG G 98 -2.92 8.07 -12.37
CA ARG G 98 -3.43 9.31 -12.89
C ARG G 98 -3.84 9.09 -14.34
N GLY G 99 -4.64 10.00 -14.87
CA GLY G 99 -5.19 9.85 -16.21
C GLY G 99 -4.16 9.88 -17.31
N PHE G 100 -4.53 9.29 -18.44
CA PHE G 100 -3.67 9.20 -19.58
C PHE G 100 -3.24 10.61 -20.03
N PRO G 101 -1.96 10.81 -20.37
CA PRO G 101 -1.32 12.07 -20.75
C PRO G 101 -1.81 12.85 -21.95
N ARG G 102 -2.35 12.19 -22.94
CA ARG G 102 -2.68 12.90 -24.17
C ARG G 102 -4.03 12.72 -24.78
N CYS G 103 -5.06 12.47 -23.99
CA CYS G 103 -6.32 12.26 -24.66
C CYS G 103 -6.85 13.56 -25.24
N ARG G 104 -7.30 13.51 -26.50
CA ARG G 104 -7.89 14.68 -27.12
C ARG G 104 -9.30 15.00 -26.64
N TYR G 105 -10.08 13.93 -26.43
CA TYR G 105 -11.45 14.07 -26.00
C TYR G 105 -11.81 13.16 -24.85
N VAL G 106 -11.49 13.54 -23.64
CA VAL G 106 -11.93 12.67 -22.59
C VAL G 106 -13.43 12.80 -22.46
N HIS G 107 -14.10 11.68 -22.36
CA HIS G 107 -15.53 11.65 -22.21
C HIS G 107 -15.84 11.40 -20.78
N LYS G 108 -16.71 12.18 -20.21
CA LYS G 108 -16.99 11.95 -18.83
C LYS G 108 -18.39 11.49 -18.64
N VAL G 109 -18.56 10.47 -17.80
CA VAL G 109 -19.89 9.98 -17.57
C VAL G 109 -20.18 9.87 -16.10
N SER G 110 -21.44 10.08 -15.79
CA SER G 110 -21.95 9.99 -14.44
C SER G 110 -23.35 9.46 -14.51
N GLY G 111 -23.87 9.04 -13.39
CA GLY G 111 -25.20 8.47 -13.36
C GLY G 111 -25.17 7.13 -12.65
N THR G 112 -26.27 6.42 -12.68
CA THR G 112 -26.33 5.15 -12.01
C THR G 112 -26.93 4.06 -12.86
N GLY G 113 -26.70 2.86 -12.39
CA GLY G 113 -27.23 1.66 -12.98
C GLY G 113 -26.83 0.52 -12.11
N PRO G 114 -27.22 -0.71 -12.42
CA PRO G 114 -26.96 -1.91 -11.65
C PRO G 114 -25.49 -2.08 -11.39
N CYS G 115 -24.66 -1.68 -12.36
CA CYS G 115 -23.21 -1.67 -12.22
C CYS G 115 -22.79 -3.01 -11.65
N ALA G 116 -23.19 -4.07 -12.34
CA ALA G 116 -23.01 -5.43 -11.89
C ALA G 116 -21.56 -5.76 -11.59
N GLY G 117 -21.37 -6.65 -10.64
CA GLY G 117 -20.06 -7.11 -10.27
C GLY G 117 -19.36 -6.09 -9.42
N ASP G 118 -18.06 -6.21 -9.31
CA ASP G 118 -17.30 -5.24 -8.56
C ASP G 118 -16.06 -4.73 -9.28
N PHE G 119 -15.47 -5.57 -10.12
CA PHE G 119 -14.30 -5.15 -10.86
C PHE G 119 -14.45 -4.89 -12.35
N ALA G 120 -15.68 -4.79 -12.88
CA ALA G 120 -15.76 -4.46 -14.30
C ALA G 120 -15.04 -5.53 -15.15
N PHE G 121 -13.94 -5.13 -15.79
CA PHE G 121 -13.06 -5.90 -16.68
C PHE G 121 -13.45 -5.69 -18.10
N HIS G 122 -12.47 -5.66 -18.96
CA HIS G 122 -12.74 -5.49 -20.36
C HIS G 122 -13.17 -6.81 -20.95
N LYS G 123 -14.23 -6.82 -21.75
CA LYS G 123 -14.64 -8.07 -22.36
C LYS G 123 -13.63 -8.69 -23.30
N GLU G 124 -12.81 -7.88 -23.93
CA GLU G 124 -11.78 -8.44 -24.80
C GLU G 124 -10.49 -8.61 -24.06
N GLY G 125 -10.48 -8.20 -22.80
CA GLY G 125 -9.28 -8.22 -22.02
C GLY G 125 -8.39 -7.02 -22.35
N ALA G 126 -8.89 -6.04 -23.12
CA ALA G 126 -8.01 -4.93 -23.43
C ALA G 126 -7.62 -4.19 -22.17
N PHE G 127 -6.42 -3.72 -22.12
CA PHE G 127 -5.94 -2.95 -21.00
C PHE G 127 -6.54 -1.58 -20.86
N PHE G 128 -6.68 -1.14 -19.65
CA PHE G 128 -7.05 0.23 -19.42
C PHE G 128 -5.71 0.90 -19.21
N LEU G 129 -5.50 2.10 -19.70
CA LEU G 129 -4.19 2.66 -19.50
C LEU G 129 -4.24 3.92 -18.70
N TYR G 130 -3.62 3.89 -17.55
CA TYR G 130 -3.61 5.07 -16.72
C TYR G 130 -2.20 5.53 -16.65
N ASP G 131 -1.92 6.71 -17.17
CA ASP G 131 -0.55 7.15 -17.15
C ASP G 131 0.33 6.03 -17.70
N ARG G 132 1.29 5.56 -16.90
CA ARG G 132 2.21 4.53 -17.29
C ARG G 132 1.88 3.14 -16.78
N LEU G 133 0.70 2.95 -16.20
CA LEU G 133 0.34 1.62 -15.74
C LEU G 133 -0.92 1.06 -16.39
N ALA G 134 -0.78 -0.04 -17.10
CA ALA G 134 -1.88 -0.76 -17.71
C ALA G 134 -2.71 -1.42 -16.63
N SER G 135 -4.00 -1.57 -16.85
CA SER G 135 -4.80 -2.23 -15.85
C SER G 135 -5.83 -3.17 -16.41
N THR G 136 -6.18 -4.16 -15.61
CA THR G 136 -7.24 -5.07 -16.00
C THR G 136 -8.58 -4.58 -15.49
N VAL G 137 -8.56 -3.54 -14.68
CA VAL G 137 -9.76 -3.02 -14.06
C VAL G 137 -9.89 -1.53 -14.17
N ILE G 138 -11.13 -1.10 -14.23
CA ILE G 138 -11.46 0.31 -14.23
C ILE G 138 -11.42 0.94 -12.86
N TYR G 139 -10.71 2.06 -12.76
CA TYR G 139 -10.68 2.83 -11.54
C TYR G 139 -11.59 4.03 -11.63
N ARG G 140 -12.09 4.46 -10.48
CA ARG G 140 -12.96 5.60 -10.41
C ARG G 140 -12.34 6.88 -10.86
N GLY G 141 -13.15 7.78 -11.41
CA GLY G 141 -12.57 9.04 -11.71
C GLY G 141 -11.77 9.02 -12.97
N THR G 142 -10.47 9.05 -12.75
CA THR G 142 -9.42 9.27 -13.73
C THR G 142 -9.49 8.42 -14.99
N THR G 143 -9.03 9.06 -16.06
CA THR G 143 -9.08 8.53 -17.41
C THR G 143 -8.28 7.28 -17.71
N PHE G 144 -8.94 6.39 -18.45
CA PHE G 144 -8.36 5.15 -18.90
C PHE G 144 -8.60 5.12 -20.40
N ALA G 145 -7.57 4.87 -21.18
CA ALA G 145 -7.72 4.81 -22.61
C ALA G 145 -7.58 3.35 -22.98
N GLU G 146 -8.57 2.80 -23.68
CA GLU G 146 -8.45 1.38 -24.01
C GLU G 146 -7.24 1.11 -24.90
N GLY G 147 -6.52 0.03 -24.59
CA GLY G 147 -5.37 -0.35 -25.34
C GLY G 147 -4.82 -1.73 -25.07
N VAL G 148 -3.71 -2.01 -25.72
CA VAL G 148 -3.04 -3.28 -25.56
C VAL G 148 -1.60 -2.92 -25.33
N VAL G 149 -0.76 -3.92 -25.12
CA VAL G 149 0.65 -3.66 -24.88
C VAL G 149 1.53 -4.59 -25.67
N ALA G 150 2.70 -4.11 -26.06
CA ALA G 150 3.64 -4.96 -26.76
C ALA G 150 5.04 -4.68 -26.31
N PHE G 151 5.89 -5.68 -26.48
CA PHE G 151 7.25 -5.56 -26.02
C PHE G 151 8.15 -5.79 -27.19
N LEU G 152 9.02 -4.85 -27.48
CA LEU G 152 9.90 -4.97 -28.62
C LEU G 152 11.36 -4.67 -28.32
N ILE G 153 12.24 -5.27 -29.10
CA ILE G 153 13.66 -4.96 -28.97
C ILE G 153 14.12 -3.98 -30.05
N LEU G 154 14.48 -2.78 -29.63
CA LEU G 154 15.04 -1.76 -30.48
C LEU G 154 16.44 -2.13 -30.92
N PRO G 155 16.85 -1.74 -32.12
CA PRO G 155 18.20 -1.83 -32.65
C PRO G 155 19.12 -0.98 -31.79
N PRO G 177 0.76 24.14 -27.46
CA PRO G 177 1.33 22.94 -26.85
C PRO G 177 0.49 22.45 -25.69
N SER G 178 -0.21 23.36 -25.02
CA SER G 178 -1.03 22.98 -23.90
C SER G 178 -2.25 22.18 -24.31
N SER G 179 -2.67 22.31 -25.58
CA SER G 179 -3.85 21.62 -26.08
C SER G 179 -3.61 20.14 -26.16
N GLY G 180 -2.34 19.73 -26.09
CA GLY G 180 -2.02 18.32 -26.15
C GLY G 180 -2.64 17.57 -24.99
N TYR G 181 -2.97 18.27 -23.90
CA TYR G 181 -3.68 17.65 -22.82
C TYR G 181 -4.89 18.48 -22.41
N TYR G 182 -4.86 19.79 -22.69
CA TYR G 182 -5.96 20.66 -22.30
C TYR G 182 -7.22 20.44 -23.11
N SER G 183 -7.10 19.83 -24.29
CA SER G 183 -8.32 19.55 -25.02
C SER G 183 -9.14 18.52 -24.28
N THR G 184 -10.45 18.66 -24.38
CA THR G 184 -11.42 17.72 -23.80
C THR G 184 -12.80 18.31 -23.76
N THR G 185 -13.71 17.58 -24.35
CA THR G 185 -15.12 17.89 -24.38
C THR G 185 -15.97 16.64 -24.20
N ILE G 186 -17.26 16.87 -24.05
CA ILE G 186 -18.30 15.83 -23.89
C ILE G 186 -18.45 15.14 -22.55
N ARG G 187 -19.31 15.71 -21.73
CA ARG G 187 -19.73 15.13 -20.47
C ARG G 187 -21.21 14.80 -20.56
N TYR G 188 -21.60 13.62 -20.08
CA TYR G 188 -22.99 13.19 -20.15
C TYR G 188 -23.47 12.22 -19.05
N GLN G 189 -24.78 12.18 -18.87
CA GLN G 189 -25.45 11.29 -17.94
C GLN G 189 -25.67 9.89 -18.46
N ALA G 190 -25.71 8.93 -17.54
CA ALA G 190 -26.04 7.57 -17.90
C ALA G 190 -27.33 7.15 -17.25
N THR G 191 -28.11 6.37 -17.98
CA THR G 191 -29.33 5.81 -17.45
C THR G 191 -29.21 4.32 -17.51
N GLY G 192 -28.94 3.73 -16.36
CA GLY G 192 -28.73 2.32 -16.23
C GLY G 192 -27.26 2.15 -16.48
N PHE G 193 -26.73 0.96 -16.29
CA PHE G 193 -25.35 0.80 -16.64
C PHE G 193 -24.97 -0.64 -16.79
N GLY G 194 -24.20 -0.93 -17.82
CA GLY G 194 -23.68 -2.27 -18.01
C GLY G 194 -24.68 -3.23 -18.61
N THR G 195 -25.81 -2.72 -19.09
CA THR G 195 -26.83 -3.60 -19.62
C THR G 195 -27.36 -3.06 -20.92
N ASN G 196 -28.08 -3.90 -21.65
CA ASN G 196 -28.56 -3.55 -22.98
C ASN G 196 -29.48 -2.34 -22.97
N GLU G 197 -30.24 -2.22 -21.90
CA GLU G 197 -31.17 -1.13 -21.65
C GLU G 197 -30.50 0.21 -21.36
N THR G 198 -29.18 0.24 -21.16
CA THR G 198 -28.48 1.46 -20.80
C THR G 198 -28.62 2.54 -21.88
N GLU G 199 -28.76 3.78 -21.44
CA GLU G 199 -28.96 4.92 -22.32
C GLU G 199 -28.21 6.14 -21.86
N TYR G 200 -27.80 7.00 -22.79
CA TYR G 200 -27.04 8.17 -22.38
C TYR G 200 -27.64 9.46 -22.84
N LEU G 201 -27.48 10.50 -22.03
CA LEU G 201 -27.96 11.80 -22.43
C LEU G 201 -26.90 12.86 -22.27
N PHE G 202 -26.68 13.62 -23.32
CA PHE G 202 -25.69 14.67 -23.32
C PHE G 202 -26.00 15.79 -22.34
N GLU G 203 -25.01 16.35 -21.66
CA GLU G 203 -25.38 17.47 -20.81
C GLU G 203 -24.56 18.72 -20.99
N VAL G 204 -25.27 19.83 -21.20
CA VAL G 204 -24.67 21.17 -21.26
C VAL G 204 -25.53 22.16 -20.52
N ASP G 205 -24.93 23.13 -19.85
CA ASP G 205 -25.69 24.19 -19.20
C ASP G 205 -26.70 23.68 -18.21
N ASN G 206 -26.32 22.64 -17.49
CA ASN G 206 -27.22 21.99 -16.56
C ASN G 206 -28.48 21.55 -17.29
N LEU G 207 -28.34 21.06 -18.52
CA LEU G 207 -29.49 20.54 -19.23
C LEU G 207 -29.19 19.15 -19.67
N THR G 208 -30.06 18.22 -19.37
CA THR G 208 -29.87 16.87 -19.84
C THR G 208 -30.58 16.75 -21.17
N TYR G 209 -29.91 16.33 -22.22
CA TYR G 209 -30.57 16.22 -23.51
C TYR G 209 -29.90 15.26 -24.49
N VAL G 210 -30.56 14.97 -25.62
CA VAL G 210 -29.98 14.12 -26.68
C VAL G 210 -29.43 12.75 -26.32
N GLN G 211 -30.11 11.75 -26.89
CA GLN G 211 -29.85 10.34 -26.63
C GLN G 211 -28.50 9.81 -27.11
N LEU G 212 -27.80 10.53 -27.98
CA LEU G 212 -26.44 10.13 -28.36
C LEU G 212 -26.40 8.71 -28.91
N GLU G 213 -27.41 8.30 -29.64
CA GLU G 213 -27.49 6.90 -30.00
C GLU G 213 -26.32 6.28 -30.73
N SER G 214 -25.89 6.91 -31.80
CA SER G 214 -24.75 6.41 -32.53
C SER G 214 -24.25 7.44 -33.49
N ARG G 215 -23.14 7.12 -34.14
CA ARG G 215 -22.64 7.90 -35.25
C ARG G 215 -22.26 9.31 -34.91
N PHE G 216 -21.85 9.58 -33.70
CA PHE G 216 -21.55 10.95 -33.40
C PHE G 216 -20.11 11.10 -33.01
N THR G 217 -19.36 11.79 -33.85
CA THR G 217 -17.98 12.09 -33.54
C THR G 217 -18.00 13.14 -32.48
N PRO G 218 -16.92 13.34 -31.77
CA PRO G 218 -16.78 14.36 -30.78
C PRO G 218 -17.04 15.71 -31.40
N GLN G 219 -16.69 15.86 -32.68
CA GLN G 219 -16.96 17.10 -33.36
C GLN G 219 -18.40 17.20 -33.75
N PHE G 220 -19.02 16.06 -34.04
CA PHE G 220 -20.43 16.07 -34.34
C PHE G 220 -21.18 16.56 -33.16
N LEU G 221 -20.74 16.14 -32.00
CA LEU G 221 -21.37 16.61 -30.81
C LEU G 221 -20.95 18.02 -30.47
N LEU G 222 -19.70 18.36 -30.75
CA LEU G 222 -19.20 19.69 -30.43
C LEU G 222 -19.92 20.79 -31.14
N GLN G 223 -20.29 20.54 -32.40
CA GLN G 223 -21.01 21.53 -33.18
C GLN G 223 -22.41 21.77 -32.64
N LEU G 224 -22.90 20.89 -31.77
CA LEU G 224 -24.22 21.04 -31.22
C LEU G 224 -24.22 22.17 -30.21
N ASN G 225 -23.03 22.66 -29.85
CA ASN G 225 -22.96 23.77 -28.95
C ASN G 225 -23.24 25.06 -29.68
N GLU G 226 -23.57 24.97 -30.98
CA GLU G 226 -24.06 26.08 -31.75
C GLU G 226 -25.40 26.55 -31.20
N THR G 227 -26.06 25.71 -30.40
CA THR G 227 -27.30 26.06 -29.80
C THR G 227 -27.13 26.65 -28.43
N ILE G 228 -25.93 26.59 -27.86
CA ILE G 228 -25.84 26.96 -26.47
C ILE G 228 -25.74 28.43 -26.33
N TYR G 229 -26.76 28.94 -25.64
CA TYR G 229 -27.04 30.34 -25.43
C TYR G 229 -27.25 31.06 -26.76
N THR G 230 -27.52 30.31 -27.84
CA THR G 230 -27.67 30.92 -29.14
C THR G 230 -28.86 30.43 -29.93
N SER G 231 -28.64 29.38 -30.72
CA SER G 231 -29.66 28.92 -31.64
C SER G 231 -30.72 27.94 -31.13
N GLY G 232 -30.72 27.53 -29.87
CA GLY G 232 -31.78 26.61 -29.50
C GLY G 232 -31.70 26.12 -28.08
N LYS G 233 -32.59 25.18 -27.73
CA LYS G 233 -32.54 24.54 -26.43
C LYS G 233 -32.54 25.58 -25.36
N ARG G 234 -31.57 25.57 -24.44
CA ARG G 234 -31.47 26.67 -23.50
C ARG G 234 -32.70 26.82 -22.62
N SER G 235 -33.05 25.76 -21.89
CA SER G 235 -34.27 25.76 -21.09
C SER G 235 -34.21 26.79 -19.99
N ASN G 236 -34.65 28.02 -20.29
CA ASN G 236 -34.70 29.11 -19.31
C ASN G 236 -35.93 28.99 -18.43
N THR G 237 -35.96 27.90 -17.69
CA THR G 237 -37.03 27.47 -16.82
C THR G 237 -36.42 27.00 -15.54
N THR G 238 -37.27 26.71 -14.58
CA THR G 238 -36.88 26.13 -13.30
C THR G 238 -36.33 24.71 -13.40
N GLY G 239 -36.34 24.12 -14.60
CA GLY G 239 -35.84 22.79 -14.77
C GLY G 239 -35.33 22.63 -16.19
N LYS G 240 -34.78 21.48 -16.47
CA LYS G 240 -34.14 21.23 -17.73
C LYS G 240 -34.88 20.25 -18.60
N LEU G 241 -34.90 20.50 -19.90
CA LEU G 241 -35.66 19.62 -20.75
C LEU G 241 -34.76 18.79 -21.67
N ILE G 242 -35.11 17.52 -21.81
CA ILE G 242 -34.42 16.56 -22.67
C ILE G 242 -34.92 16.59 -24.07
N TRP G 243 -34.04 16.64 -25.06
CA TRP G 243 -34.58 16.59 -26.41
C TRP G 243 -34.16 15.28 -27.05
N LYS G 244 -35.05 14.70 -27.84
CA LYS G 244 -34.77 13.38 -28.40
C LYS G 244 -34.14 13.50 -29.75
N VAL G 245 -32.87 13.13 -29.86
CA VAL G 245 -32.14 13.31 -31.12
C VAL G 245 -32.64 12.49 -32.28
N ASN G 246 -32.64 13.11 -33.46
CA ASN G 246 -33.01 12.40 -34.67
C ASN G 246 -31.87 12.27 -35.65
N ARG G 267 -32.58 21.48 -36.58
CA ARG G 267 -33.60 21.31 -35.56
C ARG G 267 -34.20 19.92 -35.53
N LYS G 268 -34.27 19.23 -36.68
CA LYS G 268 -34.75 17.87 -36.64
C LYS G 268 -33.86 17.01 -35.77
N ILE G 269 -32.55 17.24 -35.86
CA ILE G 269 -31.59 16.51 -35.06
C ILE G 269 -31.60 16.95 -33.65
N ARG G 270 -31.62 18.27 -33.48
CA ARG G 270 -31.61 18.93 -32.19
C ARG G 270 -32.83 18.52 -31.45
N SER G 271 -33.89 18.31 -32.23
CA SER G 271 -35.15 17.87 -31.75
C SER G 271 -35.72 18.87 -30.81
N GLU G 272 -35.58 20.14 -31.18
CA GLU G 272 -36.03 21.14 -30.25
C GLU G 272 -37.50 20.95 -30.05
N GLU G 273 -37.92 21.13 -28.80
CA GLU G 273 -39.30 20.98 -28.35
C GLU G 273 -39.90 19.59 -28.63
N LEU G 274 -39.06 18.57 -28.90
CA LEU G 274 -39.52 17.21 -29.11
C LEU G 274 -39.33 16.35 -27.87
N SER G 275 -39.14 17.00 -26.74
CA SER G 275 -38.78 16.35 -25.50
C SER G 275 -39.62 15.19 -25.00
N PHE G 276 -40.86 15.05 -25.46
CA PHE G 276 -41.64 13.92 -25.01
C PHE G 276 -42.73 13.53 -26.00
N ALA H 2 7.45 -11.18 -38.43
CA ALA H 2 6.96 -11.83 -39.64
C ALA H 2 5.47 -12.08 -39.55
N ILE H 3 4.72 -11.04 -39.20
CA ILE H 3 3.27 -11.13 -39.03
C ILE H 3 2.53 -10.11 -39.87
N VAL H 4 1.22 -10.34 -40.07
CA VAL H 4 0.40 -9.44 -40.86
C VAL H 4 -0.83 -8.97 -40.12
N ASN H 5 -1.37 -7.86 -40.55
CA ASN H 5 -2.51 -7.23 -39.87
C ASN H 5 -3.86 -7.95 -39.89
N ALA H 6 -4.48 -7.91 -38.73
CA ALA H 6 -5.85 -8.31 -38.44
C ALA H 6 -6.85 -7.47 -39.24
N GLN H 7 -8.07 -7.98 -39.43
CA GLN H 7 -9.15 -7.22 -40.11
C GLN H 7 -9.38 -5.79 -39.60
N PRO H 8 -8.96 -5.53 -38.37
CA PRO H 8 -9.09 -4.19 -37.82
C PRO H 8 -8.38 -3.28 -38.82
N LYS H 9 -8.57 -1.98 -38.70
CA LYS H 9 -7.92 -1.10 -39.62
C LYS H 9 -6.77 -0.39 -38.99
N CYS H 10 -5.58 -0.60 -39.53
CA CYS H 10 -4.42 0.05 -39.00
C CYS H 10 -4.27 1.48 -39.42
N ASN H 11 -4.11 2.37 -38.45
CA ASN H 11 -3.72 3.71 -38.79
C ASN H 11 -2.20 3.70 -38.80
N PRO H 12 -1.55 3.92 -39.94
CA PRO H 12 -0.10 3.90 -40.14
C PRO H 12 0.64 4.96 -39.35
N ASN H 13 -0.05 5.99 -38.91
CA ASN H 13 0.58 7.03 -38.15
C ASN H 13 0.92 6.61 -36.76
N LEU H 14 2.07 7.04 -36.27
CA LEU H 14 2.31 6.86 -34.88
C LEU H 14 2.59 8.20 -34.26
N HIS H 15 1.71 8.63 -33.38
CA HIS H 15 1.94 9.89 -32.72
C HIS H 15 2.05 9.50 -31.29
N TYR H 16 3.17 9.80 -30.67
CA TYR H 16 3.38 9.27 -29.35
C TYR H 16 4.04 10.19 -28.42
N TRP H 17 3.95 9.85 -27.15
CA TRP H 17 4.61 10.64 -26.15
C TRP H 17 5.43 9.77 -25.26
N THR H 18 6.50 10.36 -24.71
CA THR H 18 7.35 9.69 -23.75
C THR H 18 7.80 10.56 -22.61
N THR H 19 8.25 9.91 -21.55
CA THR H 19 8.80 10.64 -20.43
C THR H 19 10.28 10.88 -20.56
N GLN H 20 10.91 10.27 -21.56
CA GLN H 20 12.34 10.49 -21.66
C GLN H 20 12.69 11.92 -22.00
N ASP H 21 13.75 12.41 -21.36
CA ASP H 21 14.29 13.72 -21.64
C ASP H 21 15.75 13.73 -21.22
N GLU H 22 16.67 13.43 -22.13
CA GLU H 22 18.07 13.39 -21.73
C GLU H 22 18.62 14.75 -21.29
N GLY H 23 19.51 14.73 -20.30
CA GLY H 23 20.15 15.95 -19.81
C GLY H 23 19.20 16.79 -18.97
N ALA H 24 19.52 18.07 -18.82
CA ALA H 24 18.63 19.01 -18.17
C ALA H 24 18.86 20.38 -18.79
N ALA H 25 17.82 21.20 -18.90
CA ALA H 25 18.01 22.52 -19.51
C ALA H 25 18.92 23.42 -18.68
N ILE H 26 18.70 23.39 -17.38
CA ILE H 26 19.50 24.11 -16.41
C ILE H 26 19.85 23.16 -15.31
N GLY H 27 20.90 23.45 -14.54
CA GLY H 27 21.22 22.54 -13.46
C GLY H 27 20.10 22.44 -12.43
N LEU H 28 19.30 23.49 -12.27
CA LEU H 28 18.21 23.40 -11.32
C LEU H 28 17.13 22.44 -11.78
N ALA H 29 17.06 22.14 -13.07
CA ALA H 29 16.01 21.28 -13.57
C ALA H 29 16.22 19.86 -13.08
N TRP H 30 17.43 19.52 -12.61
CA TRP H 30 17.65 18.22 -12.02
C TRP H 30 16.82 18.06 -10.77
N ILE H 31 16.53 19.19 -10.13
CA ILE H 31 15.84 19.26 -8.87
C ILE H 31 14.34 19.35 -9.01
N PRO H 32 13.57 18.42 -8.43
CA PRO H 32 12.12 18.35 -8.46
C PRO H 32 11.48 19.60 -7.95
N TYR H 33 12.16 20.27 -7.04
CA TYR H 33 11.68 21.54 -6.57
C TYR H 33 11.62 22.58 -7.65
N PHE H 34 12.58 22.58 -8.56
CA PHE H 34 12.55 23.49 -9.69
C PHE H 34 12.15 22.77 -10.96
N GLY H 35 11.74 21.53 -10.81
CA GLY H 35 11.32 20.69 -11.91
C GLY H 35 10.04 21.15 -12.55
N PRO H 36 9.78 20.65 -13.73
CA PRO H 36 8.63 20.88 -14.57
C PRO H 36 7.40 20.39 -13.87
N ALA H 37 6.27 20.96 -14.26
CA ALA H 37 4.98 20.55 -13.74
C ALA H 37 4.83 19.08 -14.00
N ALA H 38 4.07 18.38 -13.18
CA ALA H 38 3.99 16.93 -13.29
C ALA H 38 3.62 16.43 -14.70
N GLU H 39 2.92 17.23 -15.51
CA GLU H 39 2.66 16.82 -16.87
C GLU H 39 3.76 17.23 -17.86
N GLY H 40 4.66 18.10 -17.43
CA GLY H 40 5.72 18.63 -18.26
C GLY H 40 6.77 17.62 -18.66
N ILE H 41 6.82 16.51 -17.96
CA ILE H 41 7.76 15.45 -18.28
C ILE H 41 7.58 14.87 -19.66
N TYR H 42 6.37 14.93 -20.18
CA TYR H 42 6.11 14.34 -21.45
C TYR H 42 6.76 15.06 -22.62
N THR H 43 7.18 14.28 -23.59
CA THR H 43 7.74 14.78 -24.82
C THR H 43 7.04 14.00 -25.90
N GLU H 44 7.10 14.45 -27.14
CA GLU H 44 6.33 13.76 -28.16
C GLU H 44 7.03 13.66 -29.49
N GLY H 45 6.58 12.73 -30.31
CA GLY H 45 7.15 12.60 -31.63
C GLY H 45 6.26 11.80 -32.56
N LEU H 46 6.68 11.76 -33.80
CA LEU H 46 5.94 11.13 -34.87
C LEU H 46 6.73 10.11 -35.64
N MET H 47 6.08 9.02 -35.99
CA MET H 47 6.68 7.99 -36.79
C MET H 47 5.71 7.57 -37.84
N HIS H 48 6.23 6.99 -38.89
CA HIS H 48 5.43 6.64 -40.03
C HIS H 48 5.65 5.20 -40.31
N ASN H 49 4.73 4.59 -41.03
CA ASN H 49 4.76 3.15 -41.24
C ASN H 49 5.77 2.72 -42.29
N GLN H 50 7.04 2.98 -42.01
CA GLN H 50 8.08 2.58 -42.92
C GLN H 50 8.15 1.11 -42.85
N ASP H 51 8.22 0.48 -44.00
CA ASP H 51 8.33 -0.97 -44.11
C ASP H 51 7.21 -1.73 -43.41
N GLY H 52 6.07 -1.09 -43.18
CA GLY H 52 4.95 -1.78 -42.55
C GLY H 52 5.15 -1.91 -41.03
N LEU H 53 6.16 -1.24 -40.49
CA LEU H 53 6.48 -1.41 -39.08
C LEU H 53 5.43 -0.99 -38.10
N ILE H 54 4.69 0.06 -38.39
CA ILE H 54 3.73 0.48 -37.41
C ILE H 54 2.57 -0.45 -37.37
N CYS H 55 2.10 -0.84 -38.54
CA CYS H 55 1.00 -1.75 -38.53
C CYS H 55 1.38 -3.09 -37.99
N GLY H 56 2.61 -3.51 -38.26
CA GLY H 56 3.10 -4.80 -37.80
C GLY H 56 3.11 -4.75 -36.29
N LEU H 57 3.49 -3.59 -35.78
CA LEU H 57 3.58 -3.40 -34.34
C LEU H 57 2.22 -3.62 -33.69
N ARG H 58 1.16 -3.11 -34.29
CA ARG H 58 -0.16 -3.29 -33.68
C ARG H 58 -0.55 -4.76 -33.56
N GLN H 59 -0.31 -5.52 -34.62
CA GLN H 59 -0.64 -6.95 -34.59
C GLN H 59 0.21 -7.66 -33.54
N LEU H 60 1.48 -7.29 -33.50
CA LEU H 60 2.38 -7.91 -32.55
C LEU H 60 1.89 -7.62 -31.15
N ALA H 61 1.46 -6.39 -30.96
CA ALA H 61 0.97 -5.95 -29.67
C ALA H 61 -0.24 -6.74 -29.27
N ASN H 62 -1.17 -6.98 -30.20
CA ASN H 62 -2.35 -7.75 -29.84
C ASN H 62 -1.96 -9.15 -29.42
N GLU H 63 -1.06 -9.78 -30.16
CA GLU H 63 -0.65 -11.13 -29.79
C GLU H 63 0.03 -11.15 -28.42
N THR H 64 0.87 -10.16 -28.20
CA THR H 64 1.60 -10.05 -26.95
C THR H 64 0.63 -9.86 -25.81
N THR H 65 -0.38 -9.05 -26.05
CA THR H 65 -1.39 -8.77 -25.04
C THR H 65 -2.09 -10.06 -24.65
N GLN H 66 -2.40 -10.88 -25.65
CA GLN H 66 -3.06 -12.14 -25.34
C GLN H 66 -2.16 -13.03 -24.51
N ALA H 67 -0.89 -13.13 -24.91
CA ALA H 67 0.02 -14.00 -24.14
C ALA H 67 0.21 -13.50 -22.72
N LEU H 68 0.30 -12.19 -22.59
CA LEU H 68 0.51 -11.48 -21.35
C LEU H 68 -0.64 -11.67 -20.38
N GLN H 69 -1.85 -11.75 -20.92
CA GLN H 69 -3.01 -11.88 -20.05
C GLN H 69 -2.92 -13.10 -19.17
N LEU H 70 -2.42 -14.20 -19.73
CA LEU H 70 -2.29 -15.42 -18.97
C LEU H 70 -1.19 -15.34 -17.99
N PHE H 71 -0.09 -14.76 -18.40
CA PHE H 71 1.02 -14.60 -17.51
C PHE H 71 0.65 -13.79 -16.31
N LEU H 72 -0.10 -12.72 -16.52
CA LEU H 72 -0.53 -11.92 -15.42
C LEU H 72 -1.43 -12.69 -14.51
N ARG H 73 -2.24 -13.58 -15.06
CA ARG H 73 -3.07 -14.40 -14.21
C ARG H 73 -2.20 -15.27 -13.32
N ALA H 74 -1.09 -15.77 -13.88
CA ALA H 74 -0.15 -16.56 -13.13
C ALA H 74 0.69 -15.78 -12.13
N THR H 75 0.79 -14.46 -12.27
CA THR H 75 1.59 -13.70 -11.30
C THR H 75 0.94 -13.67 -9.97
N THR H 76 1.75 -13.47 -8.95
CA THR H 76 1.20 -13.31 -7.63
C THR H 76 1.40 -11.90 -7.12
N GLU H 77 2.41 -11.23 -7.68
CA GLU H 77 2.69 -9.85 -7.36
C GLU H 77 1.58 -8.93 -7.89
N LEU H 78 1.22 -7.91 -7.14
CA LEU H 78 0.15 -7.00 -7.57
C LEU H 78 0.35 -6.05 -8.77
N ARG H 79 1.49 -5.34 -8.84
CA ARG H 79 1.65 -4.35 -9.89
C ARG H 79 2.65 -4.61 -11.01
N THR H 80 3.23 -5.78 -11.04
CA THR H 80 4.18 -6.27 -12.05
C THR H 80 4.99 -5.17 -12.71
N PHE H 81 5.82 -4.52 -11.90
CA PHE H 81 6.64 -3.42 -12.41
C PHE H 81 7.70 -3.79 -13.41
N SER H 82 8.10 -5.04 -13.46
CA SER H 82 9.05 -5.38 -14.48
C SER H 82 8.79 -6.73 -15.07
N ILE H 83 9.32 -6.89 -16.25
CA ILE H 83 9.23 -8.10 -17.03
C ILE H 83 10.41 -8.15 -17.95
N LEU H 84 10.69 -7.00 -18.56
CA LEU H 84 11.77 -6.85 -19.50
C LEU H 84 13.09 -7.22 -18.92
N ASN H 85 13.25 -7.02 -17.62
CA ASN H 85 14.49 -7.38 -17.00
C ASN H 85 14.63 -8.87 -17.02
N ARG H 86 13.52 -9.55 -16.73
CA ARG H 86 13.55 -10.97 -16.78
C ARG H 86 13.79 -11.47 -18.17
N LYS H 87 13.22 -10.77 -19.15
CA LYS H 87 13.42 -11.17 -20.51
C LYS H 87 14.86 -11.01 -20.92
N ALA H 88 15.52 -9.99 -20.38
CA ALA H 88 16.91 -9.81 -20.67
C ALA H 88 17.72 -10.94 -20.09
N ILE H 89 17.28 -11.44 -18.94
CA ILE H 89 17.99 -12.54 -18.36
C ILE H 89 17.87 -13.77 -19.22
N ASP H 90 16.69 -14.01 -19.76
CA ASP H 90 16.57 -15.17 -20.61
C ASP H 90 17.20 -14.97 -21.95
N PHE H 91 17.36 -13.72 -22.37
CA PHE H 91 18.10 -13.51 -23.59
C PHE H 91 19.49 -14.04 -23.40
N LEU H 92 20.07 -13.75 -22.25
CA LEU H 92 21.39 -14.25 -21.97
C LEU H 92 21.43 -15.75 -21.74
N LEU H 93 20.43 -16.27 -21.04
CA LEU H 93 20.43 -17.69 -20.74
C LEU H 93 20.30 -18.55 -21.96
N GLN H 94 19.59 -18.05 -22.96
CA GLN H 94 19.49 -18.79 -24.19
C GLN H 94 20.78 -18.81 -24.96
N ARG H 95 21.66 -17.88 -24.65
CA ARG H 95 22.93 -17.86 -25.32
C ARG H 95 24.05 -18.47 -24.49
N TRP H 96 23.82 -18.66 -23.19
CA TRP H 96 24.88 -19.15 -22.32
C TRP H 96 24.65 -20.30 -21.36
N GLY H 97 25.79 -20.89 -21.00
CA GLY H 97 25.99 -22.07 -20.16
C GLY H 97 26.11 -23.37 -20.96
N GLY H 98 25.91 -23.30 -22.27
CA GLY H 98 26.19 -24.42 -23.17
C GLY H 98 27.69 -24.56 -23.39
N THR H 99 28.13 -25.73 -23.87
CA THR H 99 29.54 -25.82 -24.25
C THR H 99 29.69 -24.94 -25.47
N CYS H 100 30.83 -24.26 -25.62
CA CYS H 100 30.89 -23.38 -26.79
C CYS H 100 32.27 -22.97 -27.32
N HIS H 101 32.95 -23.79 -28.12
CA HIS H 101 34.20 -23.28 -28.70
C HIS H 101 33.95 -22.63 -30.02
N ILE H 102 33.49 -23.46 -30.94
CA ILE H 102 33.15 -23.11 -32.31
C ILE H 102 32.09 -24.05 -32.84
N LEU H 103 32.27 -25.34 -32.56
CA LEU H 103 31.36 -26.37 -33.04
C LEU H 103 29.90 -26.17 -32.67
N GLY H 104 29.62 -25.74 -31.45
CA GLY H 104 28.23 -25.47 -31.13
C GLY H 104 27.80 -24.25 -31.93
N PRO H 105 26.52 -24.14 -32.27
CA PRO H 105 25.89 -23.07 -33.03
C PRO H 105 25.64 -21.85 -32.15
N ASP H 106 26.69 -21.36 -31.51
CA ASP H 106 26.51 -20.27 -30.59
C ASP H 106 27.77 -19.43 -30.41
N CYS H 107 27.60 -18.37 -29.63
CA CYS H 107 28.58 -17.39 -29.16
C CYS H 107 29.22 -16.53 -30.23
N CYS H 108 28.78 -16.66 -31.49
CA CYS H 108 29.26 -15.80 -32.56
C CYS H 108 30.74 -15.67 -32.61
N ILE H 109 31.42 -16.79 -32.62
CA ILE H 109 32.84 -16.74 -32.65
C ILE H 109 33.33 -16.32 -34.00
N GLU H 110 34.21 -15.34 -33.98
CA GLU H 110 34.85 -14.78 -35.15
C GLU H 110 35.72 -15.87 -35.79
N PRO H 111 35.93 -15.89 -37.10
CA PRO H 111 36.72 -16.87 -37.82
C PRO H 111 38.14 -16.81 -37.30
N HIS H 112 38.85 -17.95 -37.32
CA HIS H 112 40.18 -17.96 -36.71
C HIS H 112 41.32 -17.66 -37.65
N ASP H 113 42.07 -16.66 -37.24
CA ASP H 113 43.28 -16.19 -37.90
C ASP H 113 44.54 -16.80 -37.29
N TRP H 114 45.66 -16.60 -37.97
CA TRP H 114 46.97 -17.04 -37.48
C TRP H 114 48.00 -15.94 -37.61
N GLU I 1 8.57 -13.14 -55.17
CA GLU I 1 7.73 -12.68 -56.27
C GLU I 1 6.53 -13.56 -56.47
N VAL I 2 5.35 -12.95 -56.47
CA VAL I 2 4.14 -13.69 -56.68
C VAL I 2 4.09 -14.17 -58.13
N GLN I 3 3.72 -15.44 -58.29
CA GLN I 3 3.68 -16.14 -59.57
C GLN I 3 2.30 -16.22 -60.20
N LEU I 4 1.46 -15.28 -59.83
CA LEU I 4 0.06 -15.26 -60.17
C LEU I 4 -0.31 -15.31 -61.63
N GLN I 5 -1.37 -16.08 -61.89
CA GLN I 5 -1.96 -16.27 -63.19
C GLN I 5 -3.48 -16.31 -63.06
N GLU I 6 -4.17 -15.96 -64.13
CA GLU I 6 -5.63 -15.86 -64.12
C GLU I 6 -6.27 -16.78 -65.15
N SER I 7 -7.49 -17.21 -64.87
CA SER I 7 -8.20 -18.16 -65.73
C SER I 7 -9.72 -18.01 -65.71
N GLY I 8 -10.38 -18.66 -66.67
CA GLY I 8 -11.85 -18.66 -66.77
C GLY I 8 -12.49 -17.44 -67.44
N GLY I 9 -11.69 -16.58 -68.06
CA GLY I 9 -12.21 -15.37 -68.70
C GLY I 9 -12.85 -15.58 -70.08
N GLY I 10 -13.10 -14.47 -70.78
CA GLY I 10 -13.71 -14.45 -72.12
C GLY I 10 -15.21 -14.19 -72.15
N LEU I 11 -15.76 -14.12 -73.37
CA LEU I 11 -17.18 -13.87 -73.61
C LEU I 11 -18.12 -14.94 -73.16
N MET I 12 -19.23 -14.52 -72.57
CA MET I 12 -20.31 -15.39 -72.17
C MET I 12 -21.66 -14.74 -72.40
N GLN I 13 -22.69 -15.55 -72.58
CA GLN I 13 -24.03 -15.02 -72.72
C GLN I 13 -24.53 -14.42 -71.40
N PRO I 14 -25.40 -13.40 -71.47
CA PRO I 14 -26.05 -12.73 -70.36
C PRO I 14 -26.98 -13.68 -69.64
N GLY I 15 -27.17 -13.45 -68.35
CA GLY I 15 -28.01 -14.27 -67.49
C GLY I 15 -27.32 -15.57 -67.03
N GLY I 16 -26.02 -15.70 -67.29
CA GLY I 16 -25.29 -16.93 -66.93
C GLY I 16 -24.66 -16.88 -65.54
N SER I 17 -23.74 -17.81 -65.27
CA SER I 17 -22.92 -17.80 -64.05
C SER I 17 -21.54 -18.38 -64.37
N MET I 18 -20.49 -17.91 -63.71
CA MET I 18 -19.15 -18.45 -63.98
C MET I 18 -18.21 -18.35 -62.78
N LYS I 19 -17.22 -19.23 -62.65
CA LYS I 19 -16.24 -19.08 -61.56
C LYS I 19 -14.90 -18.57 -62.07
N LEU I 20 -14.72 -17.25 -62.11
CA LEU I 20 -13.45 -16.67 -62.56
C LEU I 20 -12.39 -17.07 -61.58
N SER I 21 -11.17 -17.32 -62.01
CA SER I 21 -10.24 -17.81 -61.02
C SER I 21 -8.80 -17.38 -61.18
N CYS I 22 -8.03 -17.59 -60.11
CA CYS I 22 -6.62 -17.29 -60.14
C CYS I 22 -5.83 -18.36 -59.42
N VAL I 23 -4.53 -18.38 -59.67
CA VAL I 23 -3.60 -19.26 -58.97
C VAL I 23 -2.32 -18.50 -58.70
N ALA I 24 -1.64 -18.77 -57.59
CA ALA I 24 -0.39 -18.05 -57.35
C ALA I 24 0.57 -18.84 -56.51
N SER I 25 1.84 -18.44 -56.51
CA SER I 25 2.83 -19.07 -55.67
C SER I 25 3.93 -18.10 -55.25
N GLY I 26 4.71 -18.52 -54.27
CA GLY I 26 5.83 -17.77 -53.70
C GLY I 26 5.41 -16.73 -52.65
N PHE I 27 4.13 -16.71 -52.31
CA PHE I 27 3.61 -15.88 -51.25
C PHE I 27 2.55 -16.72 -50.58
N THR I 28 2.86 -17.30 -49.43
CA THR I 28 1.89 -18.20 -48.83
C THR I 28 0.59 -17.54 -48.49
N PHE I 29 -0.47 -18.25 -48.79
CA PHE I 29 -1.82 -17.82 -48.53
C PHE I 29 -2.12 -17.67 -47.07
N SER I 30 -1.39 -18.39 -46.24
CA SER I 30 -1.57 -18.30 -44.80
C SER I 30 -1.36 -16.89 -44.25
N ASN I 31 -0.60 -16.05 -44.97
CA ASN I 31 -0.39 -14.71 -44.47
C ASN I 31 -1.26 -13.65 -45.10
N TYR I 32 -2.27 -14.00 -45.89
CA TYR I 32 -3.06 -12.91 -46.45
C TYR I 32 -4.48 -13.17 -46.87
N TRP I 33 -5.11 -12.05 -47.17
CA TRP I 33 -6.45 -11.93 -47.68
C TRP I 33 -6.35 -11.27 -49.03
N MET I 34 -7.37 -11.42 -49.84
CA MET I 34 -7.29 -10.99 -51.22
C MET I 34 -8.46 -10.20 -51.70
N ASN I 35 -8.24 -9.42 -52.73
CA ASN I 35 -9.30 -8.62 -53.27
C ASN I 35 -9.50 -8.79 -54.75
N TRP I 36 -10.71 -8.62 -55.21
CA TRP I 36 -10.92 -8.58 -56.63
C TRP I 36 -11.25 -7.18 -56.97
N VAL I 37 -10.72 -6.71 -58.08
CA VAL I 37 -11.00 -5.38 -58.58
C VAL I 37 -11.32 -5.47 -60.06
N ARG I 38 -11.92 -4.43 -60.59
CA ARG I 38 -12.27 -4.43 -61.99
C ARG I 38 -12.03 -3.09 -62.65
N GLN I 39 -11.75 -3.08 -63.94
CA GLN I 39 -11.56 -1.81 -64.59
C GLN I 39 -12.13 -1.68 -65.98
N SER I 40 -12.59 -0.49 -66.28
CA SER I 40 -13.09 -0.21 -67.61
C SER I 40 -12.71 1.17 -68.01
N PRO I 41 -12.63 1.46 -69.30
CA PRO I 41 -12.38 2.80 -69.79
C PRO I 41 -13.46 3.75 -69.32
N GLU I 42 -14.67 3.22 -69.14
CA GLU I 42 -15.77 4.01 -68.66
C GLU I 42 -15.84 4.16 -67.15
N LYS I 43 -15.04 3.40 -66.41
CA LYS I 43 -15.16 3.41 -64.96
C LYS I 43 -13.91 3.73 -64.20
N GLY I 44 -12.78 3.29 -64.74
CA GLY I 44 -11.53 3.38 -64.03
C GLY I 44 -11.50 2.15 -63.15
N LEU I 45 -10.51 2.04 -62.29
CA LEU I 45 -10.46 0.91 -61.38
C LEU I 45 -11.56 0.96 -60.34
N GLU I 46 -12.13 -0.19 -60.01
CA GLU I 46 -13.10 -0.23 -58.93
C GLU I 46 -12.93 -1.50 -58.10
N TRP I 47 -13.15 -1.38 -56.81
CA TRP I 47 -13.11 -2.55 -55.96
C TRP I 47 -14.27 -3.47 -56.23
N VAL I 48 -14.04 -4.77 -56.21
CA VAL I 48 -15.13 -5.71 -56.34
C VAL I 48 -15.41 -6.52 -55.08
N ALA I 49 -14.39 -7.16 -54.52
CA ALA I 49 -14.63 -8.00 -53.34
C ALA I 49 -13.40 -8.19 -52.46
N GLU I 50 -13.64 -8.56 -51.20
CA GLU I 50 -12.60 -8.84 -50.22
C GLU I 50 -12.74 -10.24 -49.69
N ILE I 51 -11.63 -10.96 -49.62
CA ILE I 51 -11.62 -12.30 -49.09
C ILE I 51 -10.70 -12.42 -47.92
N ARG I 52 -11.26 -12.47 -46.73
CA ARG I 52 -10.45 -12.59 -45.54
C ARG I 52 -9.74 -13.90 -45.32
N LEU I 53 -8.65 -13.78 -44.60
CA LEU I 53 -7.84 -14.88 -44.10
C LEU I 53 -8.69 -15.69 -43.12
N LYS I 54 -8.44 -17.00 -43.04
CA LYS I 54 -9.20 -17.88 -42.16
C LYS I 54 -9.22 -17.44 -40.69
N SER I 55 -8.25 -16.64 -40.26
CA SER I 55 -8.26 -16.10 -38.90
C SER I 55 -9.48 -15.23 -38.64
N ASN I 56 -10.04 -14.69 -39.72
CA ASN I 56 -11.25 -13.88 -39.71
C ASN I 56 -12.44 -14.73 -40.11
N ASN I 57 -12.23 -16.04 -40.08
CA ASN I 57 -13.17 -17.06 -40.50
C ASN I 57 -13.58 -16.85 -41.93
N TYR I 58 -12.63 -16.44 -42.76
CA TYR I 58 -12.92 -16.25 -44.18
C TYR I 58 -14.05 -15.27 -44.46
N ALA I 59 -14.25 -14.27 -43.61
CA ALA I 59 -15.29 -13.28 -43.85
C ALA I 59 -15.09 -12.60 -45.20
N THR I 60 -16.18 -12.20 -45.85
CA THR I 60 -16.00 -11.58 -47.15
C THR I 60 -16.80 -10.33 -47.30
N HIS I 61 -16.43 -9.53 -48.30
CA HIS I 61 -17.19 -8.33 -48.58
C HIS I 61 -17.28 -8.13 -50.06
N TYR I 62 -18.29 -7.40 -50.50
CA TYR I 62 -18.47 -7.16 -51.92
C TYR I 62 -18.89 -5.71 -52.09
N ALA I 63 -18.58 -5.09 -53.22
CA ALA I 63 -19.09 -3.73 -53.40
C ALA I 63 -20.60 -3.83 -53.38
N GLU I 64 -21.27 -2.84 -52.84
CA GLU I 64 -22.71 -2.94 -52.74
C GLU I 64 -23.44 -2.95 -54.07
N SER I 65 -22.79 -2.49 -55.13
CA SER I 65 -23.44 -2.52 -56.42
C SER I 65 -23.35 -3.88 -57.06
N VAL I 66 -22.46 -4.73 -56.54
CA VAL I 66 -22.35 -6.07 -57.06
C VAL I 66 -22.66 -7.09 -56.01
N LYS I 67 -22.88 -6.65 -54.77
CA LYS I 67 -23.05 -7.63 -53.75
C LYS I 67 -24.25 -8.50 -54.01
N GLY I 68 -24.03 -9.78 -53.82
CA GLY I 68 -25.00 -10.84 -53.98
C GLY I 68 -25.02 -11.35 -55.42
N ARG I 69 -24.26 -10.69 -56.31
CA ARG I 69 -24.13 -11.16 -57.67
C ARG I 69 -22.89 -12.00 -57.82
N PHE I 70 -22.07 -12.00 -56.78
CA PHE I 70 -20.83 -12.75 -56.77
C PHE I 70 -20.58 -13.31 -55.39
N THR I 71 -19.84 -14.41 -55.32
CA THR I 71 -19.37 -14.92 -54.05
C THR I 71 -17.91 -15.23 -54.24
N ILE I 72 -17.17 -15.42 -53.19
CA ILE I 72 -15.79 -15.80 -53.44
C ILE I 72 -15.38 -17.10 -52.81
N SER I 73 -14.29 -17.66 -53.31
CA SER I 73 -13.70 -18.81 -52.67
C SER I 73 -12.21 -18.81 -52.80
N ARG I 74 -11.58 -19.55 -51.93
CA ARG I 74 -10.15 -19.71 -51.98
C ARG I 74 -9.75 -21.07 -51.51
N ASP I 75 -8.57 -21.50 -51.91
CA ASP I 75 -8.05 -22.77 -51.48
C ASP I 75 -6.61 -22.55 -51.15
N ASP I 76 -6.29 -22.67 -49.88
CA ASP I 76 -4.96 -22.32 -49.48
C ASP I 76 -3.98 -23.48 -49.61
N SER I 77 -4.46 -24.65 -50.04
CA SER I 77 -3.52 -25.72 -50.33
C SER I 77 -3.20 -25.71 -51.80
N LYS I 78 -4.13 -25.18 -52.59
CA LYS I 78 -3.90 -25.05 -54.00
C LYS I 78 -3.45 -23.67 -54.37
N ARG I 79 -3.54 -22.74 -53.42
CA ARG I 79 -3.16 -21.37 -53.65
C ARG I 79 -4.00 -20.83 -54.80
N SER I 80 -5.31 -21.01 -54.68
CA SER I 80 -6.22 -20.64 -55.75
C SER I 80 -7.41 -19.82 -55.26
N VAL I 81 -7.96 -18.99 -56.17
CA VAL I 81 -9.06 -18.09 -55.82
C VAL I 81 -10.18 -18.14 -56.84
N TYR I 82 -11.43 -18.01 -56.38
CA TYR I 82 -12.56 -18.02 -57.30
C TYR I 82 -13.49 -16.83 -57.08
N LEU I 83 -13.84 -16.16 -58.18
CA LEU I 83 -14.80 -15.07 -58.13
C LEU I 83 -16.23 -15.55 -58.11
N GLN I 84 -16.46 -16.82 -58.50
CA GLN I 84 -17.76 -17.48 -58.35
C GLN I 84 -18.91 -16.58 -58.70
N MET I 85 -18.92 -16.07 -59.91
CA MET I 85 -19.93 -15.10 -60.21
C MET I 85 -21.26 -15.81 -60.06
N ASN I 86 -22.24 -15.15 -59.44
CA ASN I 86 -23.55 -15.75 -59.34
C ASN I 86 -24.29 -15.49 -60.60
N THR I 87 -23.99 -14.33 -61.19
CA THR I 87 -24.60 -13.98 -62.43
C THR I 87 -23.61 -13.49 -63.44
N LEU I 88 -24.03 -13.55 -64.68
CA LEU I 88 -23.34 -12.94 -65.79
C LEU I 88 -24.40 -12.10 -66.44
N ARG I 89 -24.69 -10.95 -65.87
CA ARG I 89 -25.81 -10.15 -66.35
C ARG I 89 -25.49 -9.21 -67.50
N ALA I 90 -24.90 -8.07 -67.16
CA ALA I 90 -24.52 -7.08 -68.14
C ALA I 90 -23.49 -6.16 -67.54
N GLU I 91 -22.78 -5.43 -68.40
CA GLU I 91 -21.83 -4.41 -67.95
C GLU I 91 -20.70 -4.96 -67.13
N ASP I 92 -20.45 -6.25 -67.27
CA ASP I 92 -19.40 -6.94 -66.56
C ASP I 92 -18.12 -7.05 -67.37
N THR I 93 -18.07 -6.33 -68.49
CA THR I 93 -17.01 -6.37 -69.48
C THR I 93 -15.65 -5.80 -69.08
N GLY I 94 -15.55 -5.17 -67.92
CA GLY I 94 -14.29 -4.60 -67.45
C GLY I 94 -13.25 -5.69 -67.17
N ILE I 95 -11.98 -5.30 -67.16
CA ILE I 95 -10.89 -6.22 -66.90
C ILE I 95 -10.87 -6.62 -65.45
N TYR I 96 -10.70 -7.90 -65.19
CA TYR I 96 -10.68 -8.37 -63.83
C TYR I 96 -9.31 -8.64 -63.31
N TYR I 97 -9.12 -8.33 -62.04
CA TYR I 97 -7.90 -8.60 -61.33
C TYR I 97 -8.15 -9.17 -59.97
N CYS I 98 -7.17 -9.88 -59.47
CA CYS I 98 -7.22 -10.36 -58.11
C CYS I 98 -5.91 -9.90 -57.47
N THR I 99 -5.99 -9.41 -56.23
CA THR I 99 -4.83 -8.83 -55.59
C THR I 99 -4.60 -9.35 -54.19
N ARG I 100 -3.37 -9.17 -53.73
CA ARG I 100 -2.96 -9.55 -52.37
C ARG I 100 -1.82 -8.70 -51.96
N GLY I 101 -1.53 -8.67 -50.69
CA GLY I 101 -0.39 -7.88 -50.30
C GLY I 101 -0.04 -7.98 -48.87
N ASN I 102 1.00 -7.27 -48.50
CA ASN I 102 1.45 -7.33 -47.14
C ASN I 102 0.38 -6.70 -46.29
N GLY I 103 0.06 -7.37 -45.19
CA GLY I 103 -0.96 -6.87 -44.30
C GLY I 103 -0.54 -5.59 -43.61
N ASN I 104 0.75 -5.28 -43.63
CA ASN I 104 1.20 -4.08 -42.99
C ASN I 104 1.34 -2.96 -44.01
N TYR I 105 0.92 -3.23 -45.22
CA TYR I 105 0.75 -2.22 -46.23
C TYR I 105 -0.70 -2.39 -46.56
N ARG I 106 -0.98 -2.60 -47.84
CA ARG I 106 -2.30 -2.92 -48.32
C ARG I 106 -2.18 -3.85 -49.54
N ALA I 107 -3.27 -4.53 -49.88
CA ALA I 107 -3.30 -5.54 -50.96
C ALA I 107 -2.92 -5.00 -52.35
N MET I 108 -2.88 -3.69 -52.52
CA MET I 108 -2.45 -3.15 -53.79
C MET I 108 -1.06 -3.54 -54.23
N ASP I 109 -0.20 -4.02 -53.33
CA ASP I 109 1.15 -4.27 -53.81
C ASP I 109 1.33 -5.57 -54.62
N TYR I 110 0.27 -6.34 -54.88
CA TYR I 110 0.37 -7.39 -55.90
C TYR I 110 -0.90 -7.46 -56.72
N TRP I 111 -0.73 -7.69 -58.01
CA TRP I 111 -1.82 -7.79 -58.97
C TRP I 111 -1.52 -8.77 -60.08
N GLY I 112 -2.57 -9.23 -60.75
CA GLY I 112 -2.44 -10.13 -61.91
C GLY I 112 -2.13 -9.36 -63.17
N GLN I 113 -2.07 -10.06 -64.30
CA GLN I 113 -1.92 -9.37 -65.58
C GLN I 113 -3.28 -8.74 -65.96
N GLY I 114 -4.31 -9.33 -65.37
CA GLY I 114 -5.72 -9.05 -65.49
C GLY I 114 -6.29 -9.94 -66.55
N THR I 115 -7.60 -10.03 -66.62
CA THR I 115 -8.20 -10.78 -67.68
C THR I 115 -9.39 -10.09 -68.26
N SER I 116 -9.75 -10.45 -69.46
CA SER I 116 -10.95 -9.88 -70.03
C SER I 116 -12.06 -10.86 -69.87
N VAL I 117 -13.19 -10.37 -69.43
CA VAL I 117 -14.38 -11.17 -69.33
C VAL I 117 -15.46 -10.34 -69.95
N THR I 118 -16.25 -10.91 -70.84
CA THR I 118 -17.27 -10.08 -71.47
C THR I 118 -18.63 -10.75 -71.51
N VAL I 119 -19.66 -9.96 -71.78
CA VAL I 119 -21.02 -10.46 -71.83
C VAL I 119 -21.70 -10.04 -73.14
N SER I 120 -22.45 -10.97 -73.74
CA SER I 120 -23.14 -10.72 -75.00
C SER I 120 -24.48 -10.01 -74.85
N ASP J 1 -19.98 5.72 -47.22
CA ASP J 1 -18.67 5.32 -47.71
C ASP J 1 -17.89 6.52 -48.20
N ILE J 2 -16.58 6.50 -48.01
CA ILE J 2 -15.80 7.63 -48.44
C ILE J 2 -15.70 7.76 -49.94
N GLN J 3 -15.94 8.99 -50.39
CA GLN J 3 -15.91 9.37 -51.78
C GLN J 3 -14.61 10.09 -52.08
N MET J 4 -14.12 9.96 -53.31
CA MET J 4 -12.88 10.66 -53.61
C MET J 4 -12.81 11.20 -55.04
N THR J 5 -12.01 12.24 -55.20
CA THR J 5 -11.80 12.87 -56.50
C THR J 5 -10.33 13.19 -56.75
N GLN J 6 -10.00 13.47 -58.00
CA GLN J 6 -8.63 13.85 -58.34
C GLN J 6 -8.57 14.97 -59.33
N SER J 7 -7.52 15.78 -59.24
CA SER J 7 -7.32 16.80 -60.23
C SER J 7 -5.84 17.13 -60.41
N PRO J 8 -5.47 17.72 -61.53
CA PRO J 8 -6.21 18.00 -62.75
C PRO J 8 -6.54 16.65 -63.37
N ALA J 9 -7.61 16.56 -64.15
CA ALA J 9 -7.94 15.27 -64.75
C ALA J 9 -6.80 14.77 -65.65
N SER J 10 -6.01 15.68 -66.18
CA SER J 10 -4.81 15.32 -66.87
C SER J 10 -3.82 16.44 -66.73
N LEU J 11 -2.54 16.15 -66.94
CA LEU J 11 -1.56 17.21 -66.90
C LEU J 11 -0.63 17.10 -68.08
N SER J 12 -0.48 18.16 -68.88
CA SER J 12 0.51 18.09 -69.94
C SER J 12 1.88 18.29 -69.32
N VAL J 13 2.88 17.51 -69.72
CA VAL J 13 4.20 17.64 -69.13
C VAL J 13 5.39 17.63 -70.07
N SER J 14 6.52 18.06 -69.53
CA SER J 14 7.78 18.02 -70.24
C SER J 14 8.78 17.27 -69.38
N VAL J 15 9.83 16.75 -70.01
CA VAL J 15 10.79 15.96 -69.27
C VAL J 15 11.56 16.81 -68.28
N GLY J 16 11.70 16.27 -67.07
CA GLY J 16 12.37 16.88 -65.95
C GLY J 16 11.49 17.88 -65.21
N GLU J 17 10.22 18.01 -65.62
CA GLU J 17 9.28 18.90 -64.97
C GLU J 17 8.89 18.47 -63.56
N THR J 18 8.72 19.44 -62.66
CA THR J 18 8.20 19.08 -61.35
C THR J 18 6.69 19.04 -61.44
N VAL J 19 6.08 17.98 -60.92
CA VAL J 19 4.62 17.88 -61.00
C VAL J 19 3.97 17.49 -59.69
N SER J 20 2.67 17.74 -59.60
CA SER J 20 1.94 17.23 -58.45
C SER J 20 0.51 16.90 -58.83
N ILE J 21 -0.15 16.08 -58.00
CA ILE J 21 -1.55 15.73 -58.21
C ILE J 21 -2.37 15.91 -56.96
N THR J 22 -3.51 16.57 -57.11
CA THR J 22 -4.41 16.73 -55.99
C THR J 22 -5.38 15.58 -55.87
N CYS J 23 -5.56 15.07 -54.67
CA CYS J 23 -6.59 14.07 -54.46
C CYS J 23 -7.37 14.46 -53.21
N ARG J 24 -8.70 14.47 -53.32
CA ARG J 24 -9.53 14.91 -52.21
C ARG J 24 -10.57 13.89 -51.87
N ALA J 25 -10.97 13.88 -50.62
CA ALA J 25 -11.92 12.87 -50.21
C ALA J 25 -12.77 13.24 -49.03
N SER J 26 -13.80 12.42 -48.79
CA SER J 26 -14.58 12.56 -47.58
C SER J 26 -13.53 12.33 -46.51
N GLU J 27 -13.69 12.90 -45.33
CA GLU J 27 -12.57 12.85 -44.39
C GLU J 27 -12.15 11.45 -44.04
N ASN J 28 -10.84 11.31 -43.94
CA ASN J 28 -10.20 10.08 -43.60
C ASN J 28 -9.16 10.28 -42.53
N ILE J 29 -9.46 9.86 -41.30
CA ILE J 29 -8.48 9.97 -40.24
C ILE J 29 -7.26 9.11 -40.51
N TYR J 30 -7.44 8.09 -41.33
CA TYR J 30 -6.38 7.22 -41.69
C TYR J 30 -5.47 7.90 -42.68
N SER J 31 -4.18 7.67 -42.54
CA SER J 31 -3.20 8.09 -43.54
C SER J 31 -2.99 6.98 -44.56
N SER J 32 -3.84 5.95 -44.49
CA SER J 32 -3.87 4.73 -45.32
C SER J 32 -3.81 4.95 -46.83
N LEU J 33 -4.03 6.17 -47.24
CA LEU J 33 -4.09 6.61 -48.60
C LEU J 33 -2.83 6.27 -49.34
N ALA J 34 -2.99 5.92 -50.60
CA ALA J 34 -1.84 5.51 -51.37
C ALA J 34 -2.01 5.85 -52.83
N TRP J 35 -0.92 5.75 -53.61
CA TRP J 35 -0.95 6.10 -55.02
C TRP J 35 -0.32 5.03 -55.88
N TYR J 36 -0.82 4.93 -57.11
CA TYR J 36 -0.33 3.95 -58.07
C TYR J 36 -0.48 4.44 -59.51
N GLN J 37 0.19 3.77 -60.45
CA GLN J 37 0.06 4.17 -61.86
C GLN J 37 0.05 2.99 -62.79
N GLN J 38 -0.47 3.21 -64.00
CA GLN J 38 -0.52 2.15 -64.98
C GLN J 38 -0.27 2.69 -66.37
N LYS J 39 0.13 1.79 -67.25
CA LYS J 39 0.44 2.13 -68.63
C LYS J 39 -0.46 1.33 -69.51
N GLN J 40 -0.68 1.76 -70.75
CA GLN J 40 -1.54 0.94 -71.55
C GLN J 40 -0.88 -0.40 -71.71
N GLY J 41 -1.68 -1.45 -71.65
CA GLY J 41 -1.17 -2.80 -71.80
C GLY J 41 -0.51 -3.27 -70.49
N LYS J 42 -0.65 -2.49 -69.41
CA LYS J 42 0.01 -2.82 -68.17
C LYS J 42 -0.89 -2.79 -66.93
N SER J 43 -0.65 -3.76 -66.06
CA SER J 43 -1.31 -3.86 -64.78
C SER J 43 -0.86 -2.72 -63.88
N PRO J 44 -1.70 -2.23 -62.98
CA PRO J 44 -1.36 -1.09 -62.16
C PRO J 44 -0.18 -1.42 -61.28
N GLN J 45 0.60 -0.41 -60.94
CA GLN J 45 1.72 -0.62 -60.06
C GLN J 45 1.76 0.42 -58.97
N LEU J 46 1.97 -0.03 -57.75
CA LEU J 46 2.00 0.87 -56.64
C LEU J 46 3.15 1.83 -56.72
N LEU J 47 2.89 3.08 -56.39
CA LEU J 47 3.95 4.06 -56.31
C LEU J 47 4.33 4.39 -54.90
N VAL J 48 3.34 4.51 -54.03
CA VAL J 48 3.69 4.80 -52.67
C VAL J 48 2.85 3.97 -51.73
N TYR J 49 3.49 3.54 -50.66
CA TYR J 49 2.88 2.84 -49.54
C TYR J 49 2.02 3.83 -48.83
N SER J 50 1.16 3.36 -47.95
CA SER J 50 0.27 4.29 -47.33
C SER J 50 1.01 5.48 -46.74
N ALA J 51 0.31 6.60 -46.79
CA ALA J 51 0.79 7.90 -46.43
C ALA J 51 1.91 8.32 -47.36
N THR J 52 3.12 8.52 -46.84
CA THR J 52 4.21 8.95 -47.68
C THR J 52 5.34 7.95 -47.87
N ILE J 53 5.19 6.72 -47.42
CA ILE J 53 6.36 5.86 -47.57
C ILE J 53 6.41 5.31 -48.98
N LEU J 54 7.50 5.52 -49.71
CA LEU J 54 7.55 5.04 -51.10
C LEU J 54 7.57 3.54 -51.25
N ALA J 55 6.90 3.06 -52.30
CA ALA J 55 6.91 1.66 -52.67
C ALA J 55 8.34 1.25 -53.05
N ASP J 56 8.69 -0.01 -52.82
CA ASP J 56 10.04 -0.43 -53.12
C ASP J 56 10.38 -0.33 -54.60
N GLY J 57 11.56 0.20 -54.84
CA GLY J 57 12.15 0.40 -56.16
C GLY J 57 11.64 1.65 -56.87
N VAL J 58 10.83 2.45 -56.17
CA VAL J 58 10.40 3.72 -56.70
C VAL J 58 11.52 4.73 -56.58
N PRO J 59 11.77 5.54 -57.61
CA PRO J 59 12.79 6.58 -57.63
C PRO J 59 12.56 7.61 -56.56
N SER J 60 13.65 8.20 -56.11
CA SER J 60 13.62 9.25 -55.09
C SER J 60 12.82 10.48 -55.49
N ARG J 61 12.59 10.64 -56.79
CA ARG J 61 11.85 11.75 -57.33
C ARG J 61 10.44 11.82 -56.76
N PHE J 62 9.88 10.67 -56.46
CA PHE J 62 8.54 10.58 -55.94
C PHE J 62 8.38 11.12 -54.52
N SER J 63 7.24 11.75 -54.25
CA SER J 63 6.90 12.32 -52.95
C SER J 63 5.39 12.44 -52.80
N GLY J 64 4.94 12.87 -51.64
CA GLY J 64 3.51 13.13 -51.45
C GLY J 64 3.22 13.80 -50.11
N SER J 65 1.95 14.16 -49.89
CA SER J 65 1.62 14.87 -48.67
C SER J 65 0.18 14.74 -48.22
N GLY J 66 -0.07 15.18 -46.99
CA GLY J 66 -1.40 15.39 -46.44
C GLY J 66 -2.07 14.26 -45.70
N SER J 67 -3.24 14.59 -45.16
CA SER J 67 -4.10 13.70 -44.39
C SER J 67 -5.55 14.18 -44.45
N GLY J 68 -6.47 13.36 -43.98
CA GLY J 68 -7.87 13.76 -43.95
C GLY J 68 -8.41 13.91 -45.34
N THR J 69 -9.11 15.01 -45.57
CA THR J 69 -9.71 15.23 -46.88
C THR J 69 -8.72 15.71 -47.92
N GLN J 70 -7.52 16.15 -47.52
CA GLN J 70 -6.62 16.66 -48.56
C GLN J 70 -5.24 16.09 -48.54
N TYR J 71 -4.84 15.59 -49.68
CA TYR J 71 -3.54 15.01 -49.84
C TYR J 71 -3.05 15.09 -51.28
N SER J 72 -1.76 14.86 -51.49
CA SER J 72 -1.23 15.01 -52.83
C SER J 72 -0.08 14.10 -53.18
N LEU J 73 0.19 14.04 -54.47
CA LEU J 73 1.33 13.30 -55.00
C LEU J 73 2.29 14.29 -55.61
N LYS J 74 3.57 14.11 -55.40
CA LYS J 74 4.52 14.99 -56.06
C LYS J 74 5.67 14.24 -56.72
N ILE J 75 6.16 14.75 -57.83
CA ILE J 75 7.37 14.18 -58.39
C ILE J 75 8.33 15.32 -58.70
N ASN J 76 9.57 15.18 -58.28
CA ASN J 76 10.55 16.24 -58.44
C ASN J 76 10.92 16.53 -59.89
N SER J 77 11.05 15.48 -60.68
CA SER J 77 11.34 15.63 -62.09
C SER J 77 10.75 14.45 -62.83
N LEU J 78 10.63 14.55 -64.14
CA LEU J 78 10.03 13.47 -64.90
C LEU J 78 10.95 12.78 -65.86
N GLN J 79 10.75 11.48 -65.98
CA GLN J 79 11.46 10.68 -66.95
C GLN J 79 10.43 10.11 -67.89
N SER J 80 10.80 9.87 -69.14
CA SER J 80 9.84 9.34 -70.11
C SER J 80 9.23 8.00 -69.67
N GLU J 81 9.94 7.27 -68.81
CA GLU J 81 9.44 6.03 -68.27
C GLU J 81 8.21 6.22 -67.39
N ASP J 82 7.93 7.44 -66.98
CA ASP J 82 6.81 7.71 -66.11
C ASP J 82 5.51 7.99 -66.84
N PHE J 83 5.51 7.92 -68.18
CA PHE J 83 4.25 8.13 -68.85
C PHE J 83 3.24 7.08 -68.50
N GLY J 84 1.99 7.49 -68.36
CA GLY J 84 0.95 6.59 -67.92
C GLY J 84 -0.20 7.40 -67.35
N THR J 85 -0.97 6.76 -66.49
CA THR J 85 -2.04 7.45 -65.81
C THR J 85 -1.85 7.17 -64.33
N TYR J 86 -2.43 8.01 -63.51
CA TYR J 86 -2.16 7.93 -62.08
C TYR J 86 -3.40 7.96 -61.25
N TYR J 87 -3.31 7.27 -60.13
CA TYR J 87 -4.44 7.09 -59.24
C TYR J 87 -4.11 7.19 -57.77
N CYS J 88 -5.18 7.28 -56.98
CA CYS J 88 -5.07 7.24 -55.54
C CYS J 88 -6.25 6.43 -55.02
N GLN J 89 -6.14 5.97 -53.77
CA GLN J 89 -7.18 5.11 -53.22
C GLN J 89 -7.41 5.19 -51.73
N HIS J 90 -8.62 4.76 -51.34
CA HIS J 90 -8.93 4.59 -49.94
C HIS J 90 -8.87 3.20 -49.51
N PHE J 91 -7.84 2.93 -48.76
CA PHE J 91 -7.62 1.68 -48.12
C PHE J 91 -7.91 1.72 -46.64
N TRP J 92 -8.65 2.74 -46.20
CA TRP J 92 -8.84 2.93 -44.77
C TRP J 92 -9.40 1.70 -44.08
N GLY J 93 -10.19 0.88 -44.79
CA GLY J 93 -10.60 -0.39 -44.26
C GLY J 93 -11.41 -1.21 -45.24
N THR J 94 -12.68 -0.83 -45.44
CA THR J 94 -13.51 -1.46 -46.45
C THR J 94 -14.82 -0.65 -46.55
N PRO J 95 -15.48 -0.58 -47.70
CA PRO J 95 -15.11 -0.97 -49.03
C PRO J 95 -14.01 -0.08 -49.52
N TYR J 96 -13.18 -0.59 -50.40
CA TYR J 96 -12.16 0.22 -51.00
C TYR J 96 -12.74 1.23 -51.98
N THR J 97 -12.10 2.38 -52.11
CA THR J 97 -12.56 3.37 -53.08
C THR J 97 -11.37 3.78 -53.94
N PHE J 98 -11.62 4.21 -55.17
CA PHE J 98 -10.54 4.66 -56.03
C PHE J 98 -10.89 5.94 -56.76
N GLY J 99 -9.87 6.75 -57.00
CA GLY J 99 -10.02 7.97 -57.77
C GLY J 99 -10.27 7.65 -59.24
N GLY J 100 -10.84 8.61 -59.98
CA GLY J 100 -11.06 8.41 -61.41
C GLY J 100 -9.74 8.33 -62.20
N GLY J 101 -8.67 8.80 -61.59
CA GLY J 101 -7.33 8.79 -62.13
C GLY J 101 -7.01 10.06 -62.88
N THR J 102 -5.76 10.17 -63.31
CA THR J 102 -5.36 11.31 -64.12
C THR J 102 -4.53 10.82 -65.28
N LYS J 103 -4.39 11.64 -66.30
CA LYS J 103 -3.53 11.25 -67.41
C LYS J 103 -2.28 12.09 -67.55
N LEU J 104 -1.14 11.43 -67.73
CA LEU J 104 0.09 12.18 -67.90
C LEU J 104 0.30 12.56 -69.37
N GLU J 105 -0.39 13.58 -69.81
CA GLU J 105 -0.28 14.09 -71.17
C GLU J 105 1.11 14.65 -71.45
N ILE J 106 1.58 14.54 -72.68
CA ILE J 106 2.89 15.10 -73.01
C ILE J 106 2.78 16.38 -73.84
N LYS J 107 3.65 17.34 -73.54
CA LYS J 107 3.73 18.60 -74.28
C LYS J 107 4.31 18.42 -75.68
N ASP K 1 -50.32 7.53 -14.24
CA ASP K 1 -50.90 6.63 -13.26
C ASP K 1 -49.85 6.07 -12.32
N VAL K 2 -49.57 6.81 -11.26
CA VAL K 2 -48.58 6.38 -10.29
C VAL K 2 -49.14 6.47 -8.92
N LYS K 3 -49.06 5.39 -8.17
CA LYS K 3 -49.57 5.48 -6.82
C LYS K 3 -48.49 6.01 -5.90
N LEU K 4 -48.36 7.32 -5.89
CA LEU K 4 -47.46 7.99 -5.00
C LEU K 4 -47.99 7.85 -3.60
N LEU K 5 -47.12 7.55 -2.64
CA LEU K 5 -47.59 7.37 -1.29
C LEU K 5 -46.88 8.27 -0.32
N GLU K 6 -47.65 9.00 0.46
CA GLU K 6 -47.08 9.82 1.52
C GLU K 6 -46.58 9.01 2.70
N SER K 7 -45.51 9.46 3.31
CA SER K 7 -45.06 8.89 4.57
C SER K 7 -44.30 9.93 5.38
N GLY K 8 -44.15 9.71 6.67
CA GLY K 8 -43.36 10.65 7.42
C GLY K 8 -43.27 10.36 8.89
N GLY K 9 -42.57 11.23 9.60
CA GLY K 9 -42.44 11.18 11.05
C GLY K 9 -43.76 11.51 11.75
N GLY K 10 -43.87 11.05 13.00
CA GLY K 10 -45.02 11.30 13.87
C GLY K 10 -44.92 12.65 14.57
N LEU K 11 -45.72 12.84 15.62
CA LEU K 11 -45.68 14.06 16.39
C LEU K 11 -44.32 14.25 17.03
N VAL K 12 -43.80 15.47 16.98
CA VAL K 12 -42.50 15.72 17.62
C VAL K 12 -42.54 16.94 18.50
N GLN K 13 -41.61 17.04 19.41
CA GLN K 13 -41.46 18.26 20.20
C GLN K 13 -40.99 19.35 19.26
N PRO K 14 -41.35 20.60 19.50
CA PRO K 14 -40.84 21.75 18.80
C PRO K 14 -39.35 21.83 19.15
N GLY K 15 -38.55 22.35 18.23
CA GLY K 15 -37.10 22.35 18.43
C GLY K 15 -36.51 20.96 18.10
N GLY K 16 -37.34 20.10 17.51
CA GLY K 16 -37.02 18.70 17.19
C GLY K 16 -36.47 18.54 15.79
N SER K 17 -36.60 17.35 15.25
CA SER K 17 -36.21 17.12 13.86
C SER K 17 -37.21 16.19 13.21
N LEU K 18 -37.32 16.29 11.89
CA LEU K 18 -38.30 15.51 11.15
C LEU K 18 -37.78 14.80 9.93
N LYS K 19 -38.20 13.57 9.75
CA LYS K 19 -37.89 12.92 8.50
C LYS K 19 -39.20 12.64 7.77
N LEU K 20 -39.23 12.95 6.49
CA LEU K 20 -40.39 12.74 5.65
C LEU K 20 -40.05 11.87 4.48
N SER K 21 -41.01 11.10 4.00
CA SER K 21 -40.70 10.31 2.81
C SER K 21 -41.90 10.04 1.94
N CYS K 22 -41.63 9.64 0.71
CA CYS K 22 -42.70 9.20 -0.18
C CYS K 22 -42.22 8.09 -1.06
N ALA K 23 -43.16 7.45 -1.73
CA ALA K 23 -42.75 6.42 -2.66
C ALA K 23 -43.64 6.37 -3.87
N ALA K 24 -43.06 6.00 -4.99
CA ALA K 24 -43.83 5.92 -6.23
C ALA K 24 -44.12 4.48 -6.52
N SER K 25 -45.11 3.91 -5.84
CA SER K 25 -45.35 2.51 -6.08
C SER K 25 -45.75 2.20 -7.53
N GLY K 26 -46.35 3.16 -8.23
CA GLY K 26 -46.70 2.94 -9.62
C GLY K 26 -45.60 3.28 -10.64
N PHE K 27 -44.44 3.79 -10.19
CA PHE K 27 -43.40 4.13 -11.15
C PHE K 27 -41.98 4.00 -10.63
N SER K 28 -41.12 3.41 -11.47
CA SER K 28 -39.71 3.20 -11.14
C SER K 28 -38.89 4.44 -10.83
N LEU K 29 -39.31 5.58 -11.37
CA LEU K 29 -38.58 6.85 -11.29
C LEU K 29 -37.27 6.77 -12.04
N SER K 30 -37.16 5.81 -12.97
CA SER K 30 -35.92 5.66 -13.71
C SER K 30 -35.84 6.46 -14.99
N THR K 31 -36.89 7.18 -15.35
CA THR K 31 -36.79 7.95 -16.57
C THR K 31 -35.91 9.14 -16.31
N SER K 32 -35.00 9.42 -17.21
CA SER K 32 -34.15 10.55 -17.00
C SER K 32 -34.92 11.82 -17.03
N GLY K 33 -34.49 12.76 -16.23
CA GLY K 33 -35.13 14.05 -16.16
C GLY K 33 -36.41 14.04 -15.34
N VAL K 34 -36.71 12.93 -14.66
CA VAL K 34 -37.87 12.97 -13.78
C VAL K 34 -37.61 13.88 -12.63
N GLY K 35 -38.60 14.68 -12.31
CA GLY K 35 -38.48 15.55 -11.20
C GLY K 35 -39.58 15.26 -10.24
N VAL K 36 -39.21 15.23 -8.97
CA VAL K 36 -40.15 15.05 -7.91
C VAL K 36 -39.87 16.11 -6.89
N GLY K 37 -40.79 16.34 -6.00
CA GLY K 37 -40.50 17.38 -5.04
C GLY K 37 -41.52 17.52 -3.97
N TRP K 38 -41.27 18.48 -3.10
CA TRP K 38 -42.11 18.68 -1.96
C TRP K 38 -42.59 20.10 -1.85
N PHE K 39 -43.77 20.23 -1.28
CA PHE K 39 -44.36 21.51 -0.98
C PHE K 39 -45.27 21.33 0.24
N ARG K 40 -45.67 22.42 0.89
CA ARG K 40 -46.53 22.28 2.06
C ARG K 40 -47.60 23.35 2.13
N GLN K 41 -48.68 23.00 2.82
CA GLN K 41 -49.80 23.90 3.01
C GLN K 41 -50.24 23.95 4.47
N PRO K 42 -49.63 24.80 5.30
CA PRO K 42 -50.01 25.02 6.68
C PRO K 42 -51.40 25.61 6.67
N SER K 43 -52.22 25.34 7.66
CA SER K 43 -53.49 26.06 7.85
C SER K 43 -54.38 26.29 6.61
N GLY K 44 -54.36 25.40 5.60
CA GLY K 44 -55.18 25.63 4.41
C GLY K 44 -54.55 26.65 3.43
N LYS K 45 -53.31 27.03 3.67
CA LYS K 45 -52.48 27.95 2.90
C LYS K 45 -52.07 27.38 1.56
N GLY K 46 -51.67 28.27 0.67
CA GLY K 46 -51.26 27.90 -0.68
C GLY K 46 -49.98 27.08 -0.70
N LEU K 47 -49.62 26.64 -1.89
CA LEU K 47 -48.59 25.65 -2.16
C LEU K 47 -47.17 26.11 -1.90
N GLU K 48 -46.78 26.24 -0.62
CA GLU K 48 -45.42 26.71 -0.38
C GLU K 48 -44.43 25.70 -0.91
N TRP K 49 -43.43 26.15 -1.66
CA TRP K 49 -42.41 25.25 -2.15
C TRP K 49 -41.45 24.77 -1.08
N LEU K 50 -41.08 23.50 -1.12
CA LEU K 50 -40.02 23.06 -0.22
C LEU K 50 -38.74 22.61 -0.92
N ALA K 51 -38.88 21.65 -1.85
CA ALA K 51 -37.68 21.12 -2.48
C ALA K 51 -37.91 20.43 -3.83
N LEU K 52 -36.84 20.32 -4.63
CA LEU K 52 -36.88 19.55 -5.88
C LEU K 52 -35.77 18.53 -5.97
N ILE K 53 -36.11 17.38 -6.50
CA ILE K 53 -35.18 16.29 -6.68
C ILE K 53 -35.22 15.80 -8.11
N TRP K 54 -34.08 15.64 -8.74
CA TRP K 54 -34.09 15.12 -10.09
C TRP K 54 -33.44 13.78 -10.19
N TRP K 55 -34.01 12.93 -11.06
CA TRP K 55 -33.47 11.61 -11.35
C TRP K 55 -32.06 11.66 -11.89
N ASP K 56 -31.69 12.81 -12.42
CA ASP K 56 -30.39 13.07 -12.94
C ASP K 56 -29.39 13.51 -11.83
N ASP K 57 -29.82 13.36 -10.56
CA ASP K 57 -29.06 13.72 -9.36
C ASP K 57 -28.87 15.21 -9.17
N ASP K 58 -29.97 15.95 -9.26
CA ASP K 58 -29.93 17.39 -9.02
C ASP K 58 -30.83 17.75 -7.83
N LYS K 59 -30.37 18.66 -6.99
CA LYS K 59 -31.18 19.03 -5.82
C LYS K 59 -31.42 20.53 -5.72
N TYR K 60 -32.62 20.90 -5.29
CA TYR K 60 -32.94 22.31 -5.06
C TYR K 60 -33.75 22.48 -3.80
N TYR K 61 -33.63 23.63 -3.19
CA TYR K 61 -34.34 23.89 -1.95
C TYR K 61 -34.92 25.27 -1.90
N ASN K 62 -35.95 25.46 -1.07
CA ASN K 62 -36.45 26.79 -0.85
C ASN K 62 -35.46 27.42 0.11
N PRO K 63 -34.70 28.44 -0.31
CA PRO K 63 -33.62 29.07 0.42
C PRO K 63 -34.02 29.56 1.79
N SER K 64 -35.29 29.94 1.96
CA SER K 64 -35.70 30.38 3.27
C SER K 64 -35.71 29.26 4.30
N LEU K 65 -35.96 28.04 3.83
CA LEU K 65 -35.96 26.88 4.69
C LEU K 65 -34.73 26.03 4.53
N LYS K 66 -33.95 26.33 3.51
CA LYS K 66 -32.81 25.51 3.13
C LYS K 66 -31.79 25.29 4.22
N SER K 67 -31.60 26.26 5.09
CA SER K 67 -30.63 26.06 6.15
C SER K 67 -30.96 24.88 7.07
N GLN K 68 -32.24 24.53 7.19
CA GLN K 68 -32.62 23.39 7.99
C GLN K 68 -33.20 22.25 7.18
N LEU K 69 -33.01 22.25 5.87
CA LEU K 69 -33.65 21.23 5.06
C LEU K 69 -32.71 20.45 4.16
N SER K 70 -32.86 19.11 4.14
CA SER K 70 -32.03 18.32 3.25
C SER K 70 -32.81 17.24 2.48
N ILE K 71 -32.38 17.04 1.24
CA ILE K 71 -32.88 16.03 0.31
C ILE K 71 -32.13 14.71 0.32
N SER K 72 -32.88 13.63 0.37
CA SER K 72 -32.27 12.31 0.23
C SER K 72 -33.20 11.43 -0.58
N LYS K 73 -32.64 10.41 -1.21
CA LYS K 73 -33.47 9.49 -1.99
C LYS K 73 -32.98 8.05 -1.90
N ASP K 74 -33.87 7.12 -2.19
CA ASP K 74 -33.49 5.72 -2.30
C ASP K 74 -34.22 5.13 -3.46
N PHE K 75 -33.63 5.30 -4.61
CA PHE K 75 -34.17 4.83 -5.86
C PHE K 75 -34.45 3.36 -5.93
N SER K 76 -33.66 2.53 -5.26
CA SER K 76 -33.91 1.11 -5.32
C SER K 76 -35.31 0.74 -4.81
N ARG K 77 -35.88 1.57 -3.94
CA ARG K 77 -37.21 1.37 -3.42
C ARG K 77 -38.22 2.42 -3.91
N ASN K 78 -37.82 3.22 -4.90
CA ASN K 78 -38.61 4.34 -5.41
C ASN K 78 -38.94 5.32 -4.29
N GLN K 79 -37.95 5.64 -3.46
CA GLN K 79 -38.18 6.51 -2.30
C GLN K 79 -37.58 7.90 -2.42
N VAL K 80 -38.24 8.85 -1.81
CA VAL K 80 -37.68 10.19 -1.70
C VAL K 80 -37.82 10.63 -0.26
N PHE K 81 -36.88 11.43 0.23
CA PHE K 81 -36.92 11.83 1.62
C PHE K 81 -36.54 13.28 1.89
N LEU K 82 -37.04 13.79 3.00
CA LEU K 82 -36.59 15.07 3.51
C LEU K 82 -36.12 14.96 4.94
N LYS K 83 -35.08 15.70 5.27
CA LYS K 83 -34.68 15.78 6.65
C LYS K 83 -34.81 17.22 7.09
N ILE K 84 -35.44 17.46 8.23
CA ILE K 84 -35.57 18.82 8.69
C ILE K 84 -35.00 19.03 10.08
N SER K 85 -33.97 19.85 10.16
CA SER K 85 -33.39 20.29 11.41
C SER K 85 -34.29 21.29 12.10
N ASN K 86 -34.27 21.37 13.42
CA ASN K 86 -35.00 22.43 14.09
C ASN K 86 -36.48 22.54 13.79
N VAL K 87 -37.19 21.43 13.80
CA VAL K 87 -38.60 21.49 13.55
C VAL K 87 -39.32 22.15 14.68
N ASP K 88 -40.22 23.06 14.37
CA ASP K 88 -40.98 23.71 15.44
C ASP K 88 -42.37 24.04 14.96
N ILE K 89 -43.12 24.79 15.75
CA ILE K 89 -44.51 25.08 15.41
C ILE K 89 -44.71 25.76 14.06
N ALA K 90 -43.72 26.53 13.59
CA ALA K 90 -43.85 27.17 12.29
C ALA K 90 -43.77 26.17 11.16
N ASP K 91 -43.26 24.97 11.46
CA ASP K 91 -43.17 23.91 10.50
C ASP K 91 -44.37 23.00 10.52
N THR K 92 -45.41 23.31 11.29
CA THR K 92 -46.51 22.39 11.23
C THR K 92 -47.30 22.71 9.97
N ALA K 93 -47.55 21.69 9.18
CA ALA K 93 -48.25 21.90 7.91
C ALA K 93 -48.79 20.64 7.33
N THR K 94 -49.70 20.75 6.38
CA THR K 94 -49.91 19.56 5.60
C THR K 94 -48.67 19.47 4.71
N TYR K 95 -48.30 18.28 4.28
CA TYR K 95 -47.15 18.14 3.38
C TYR K 95 -47.47 17.24 2.23
N TYR K 96 -46.90 17.56 1.09
CA TYR K 96 -47.13 16.77 -0.10
C TYR K 96 -45.90 16.52 -0.97
N CYS K 97 -45.93 15.38 -1.63
CA CYS K 97 -44.99 15.04 -2.68
C CYS K 97 -45.54 15.40 -4.06
N ALA K 98 -44.66 15.57 -5.04
CA ALA K 98 -45.11 15.93 -6.37
C ALA K 98 -44.22 15.34 -7.45
N ARG K 99 -44.76 15.20 -8.66
CA ARG K 99 -44.01 14.69 -9.80
C ARG K 99 -44.40 15.40 -11.09
N ARG K 100 -43.48 15.47 -12.06
CA ARG K 100 -43.82 16.08 -13.35
C ARG K 100 -44.99 15.32 -13.94
N ASP K 101 -45.93 16.01 -14.58
CA ASP K 101 -47.05 15.29 -15.15
C ASP K 101 -47.05 15.25 -16.69
N PRO K 102 -46.98 16.38 -17.41
CA PRO K 102 -46.80 16.35 -18.85
C PRO K 102 -45.47 15.70 -19.20
N PHE K 103 -44.52 15.84 -18.28
CA PHE K 103 -43.24 15.18 -18.37
C PHE K 103 -42.29 15.59 -19.47
N GLY K 104 -41.27 16.34 -19.12
CA GLY K 104 -40.25 16.72 -20.07
C GLY K 104 -40.45 18.04 -20.78
N TYR K 105 -41.55 18.74 -20.55
CA TYR K 105 -41.55 20.08 -21.09
C TYR K 105 -42.19 21.03 -20.07
N ASP K 106 -41.46 22.09 -19.73
CA ASP K 106 -41.86 23.13 -18.77
C ASP K 106 -42.21 22.61 -17.38
N ASN K 107 -41.54 21.54 -16.96
CA ASN K 107 -41.79 20.93 -15.67
C ASN K 107 -43.13 20.22 -15.71
N ALA K 108 -44.17 21.00 -15.95
CA ALA K 108 -45.53 20.49 -16.05
C ALA K 108 -45.95 19.69 -14.82
N MET K 109 -45.53 20.13 -13.64
CA MET K 109 -45.92 19.40 -12.43
C MET K 109 -46.62 20.24 -11.37
N GLY K 110 -47.86 19.83 -11.08
CA GLY K 110 -48.43 18.70 -11.81
C GLY K 110 -48.82 17.55 -10.89
N TYR K 111 -48.31 16.36 -11.12
CA TYR K 111 -48.81 15.19 -10.44
C TYR K 111 -48.63 15.34 -8.93
N TRP K 112 -49.60 14.87 -8.13
CA TRP K 112 -49.51 15.12 -6.69
C TRP K 112 -49.65 13.93 -5.76
N GLY K 113 -49.05 14.09 -4.58
CA GLY K 113 -49.14 13.18 -3.46
C GLY K 113 -50.51 13.19 -2.80
N GLN K 114 -50.78 12.15 -2.02
CA GLN K 114 -52.04 11.95 -1.28
C GLN K 114 -52.33 13.04 -0.23
N GLY K 115 -51.26 13.55 0.35
CA GLY K 115 -51.20 14.54 1.40
C GLY K 115 -51.02 13.88 2.76
N THR K 116 -50.19 14.49 3.58
CA THR K 116 -49.91 14.11 4.96
C THR K 116 -49.84 15.34 5.81
N SER K 117 -49.75 15.20 7.11
CA SER K 117 -49.56 16.41 7.88
C SER K 117 -48.63 16.19 9.05
N VAL K 118 -48.03 17.28 9.51
CA VAL K 118 -47.11 17.25 10.64
C VAL K 118 -47.42 18.31 11.66
N THR K 119 -47.37 17.92 12.92
CA THR K 119 -47.60 18.80 14.04
C THR K 119 -46.52 18.63 15.10
N VAL K 120 -46.44 19.59 16.03
CA VAL K 120 -45.48 19.49 17.11
C VAL K 120 -46.16 19.68 18.46
N SER K 121 -45.50 19.25 19.53
CA SER K 121 -46.03 19.38 20.89
C SER K 121 -44.97 19.12 21.95
N ASP L 1 -39.70 34.02 -3.96
CA ASP L 1 -39.13 35.35 -3.97
C ASP L 1 -39.89 36.28 -4.90
N ILE L 2 -40.11 35.82 -6.12
CA ILE L 2 -40.82 36.60 -7.10
C ILE L 2 -42.27 36.77 -6.70
N VAL L 3 -42.78 37.98 -6.80
CA VAL L 3 -44.15 38.21 -6.40
C VAL L 3 -45.13 37.56 -7.33
N MET L 4 -46.11 36.88 -6.74
CA MET L 4 -47.21 36.31 -7.48
C MET L 4 -48.51 36.77 -6.86
N THR L 5 -49.46 37.21 -7.67
CA THR L 5 -50.76 37.57 -7.14
C THR L 5 -51.86 37.07 -8.03
N GLN L 6 -53.05 37.03 -7.49
CA GLN L 6 -54.20 36.62 -8.28
C GLN L 6 -55.42 37.41 -7.93
N SER L 7 -56.33 37.56 -8.89
CA SER L 7 -57.56 38.23 -8.55
C SER L 7 -58.76 37.74 -9.40
N PRO L 8 -59.97 38.02 -8.91
CA PRO L 8 -60.39 38.58 -7.63
C PRO L 8 -60.03 37.58 -6.55
N LEU L 9 -59.78 38.05 -5.32
CA LEU L 9 -59.40 37.13 -4.25
C LEU L 9 -60.52 36.15 -3.95
N SER L 10 -61.76 36.58 -4.16
CA SER L 10 -62.86 35.65 -4.09
C SER L 10 -63.95 36.09 -5.04
N LEU L 11 -64.71 35.14 -5.56
CA LEU L 11 -65.79 35.49 -6.46
C LEU L 11 -67.10 34.78 -6.15
N SER L 12 -68.19 35.56 -6.00
CA SER L 12 -69.49 34.93 -5.90
C SER L 12 -69.86 34.37 -7.26
N THR L 13 -70.53 33.23 -7.31
CA THR L 13 -70.91 32.71 -8.62
C THR L 13 -72.30 32.12 -8.71
N SER L 14 -72.70 31.87 -9.93
CA SER L 14 -73.95 31.21 -10.25
C SER L 14 -73.72 30.33 -11.48
N VAL L 15 -74.61 29.40 -11.75
CA VAL L 15 -74.41 28.50 -12.87
C VAL L 15 -74.47 29.21 -14.21
N GLY L 16 -73.55 28.84 -15.08
CA GLY L 16 -73.39 29.39 -16.42
C GLY L 16 -72.59 30.67 -16.47
N ASP L 17 -72.03 31.09 -15.33
CA ASP L 17 -71.16 32.26 -15.30
C ASP L 17 -69.89 32.07 -16.08
N ARG L 18 -69.48 33.11 -16.79
CA ARG L 18 -68.17 33.04 -17.39
C ARG L 18 -67.21 33.54 -16.36
N VAL L 19 -66.43 32.65 -15.80
CA VAL L 19 -65.48 33.02 -14.79
C VAL L 19 -64.26 33.66 -15.37
N SER L 20 -63.79 34.75 -14.79
CA SER L 20 -62.51 35.25 -15.23
C SER L 20 -61.60 35.43 -14.03
N LEU L 21 -60.41 34.85 -14.13
CA LEU L 21 -59.39 34.91 -13.10
C LEU L 21 -58.09 35.39 -13.66
N THR L 22 -57.28 36.06 -12.86
CA THR L 22 -55.98 36.41 -13.39
C THR L 22 -54.87 36.11 -12.43
N CYS L 23 -53.67 36.04 -12.99
CA CYS L 23 -52.46 35.79 -12.27
C CYS L 23 -51.44 36.81 -12.76
N LYS L 24 -50.76 37.43 -11.82
CA LYS L 24 -49.79 38.47 -12.16
C LYS L 24 -48.50 38.27 -11.41
N ALA L 25 -47.40 38.67 -12.03
CA ALA L 25 -46.14 38.50 -11.34
C ALA L 25 -45.13 39.57 -11.64
N SER L 26 -44.19 39.75 -10.71
CA SER L 26 -43.09 40.70 -10.88
C SER L 26 -42.22 40.45 -12.10
N GLN L 27 -42.06 39.18 -12.46
CA GLN L 27 -41.18 38.80 -13.55
C GLN L 27 -41.91 38.26 -14.75
N ASN L 28 -41.32 38.44 -15.92
CA ASN L 28 -41.98 37.99 -17.11
C ASN L 28 -41.82 36.50 -17.24
N VAL L 29 -42.85 35.80 -16.79
CA VAL L 29 -42.91 34.36 -16.80
C VAL L 29 -42.77 33.79 -18.20
N GLY L 30 -43.26 34.51 -19.20
CA GLY L 30 -43.01 34.10 -20.56
C GLY L 30 -43.88 32.96 -21.05
N THR L 31 -44.91 32.63 -20.26
CA THR L 31 -45.92 31.57 -20.44
C THR L 31 -45.53 30.29 -19.77
N ALA L 32 -44.41 30.24 -19.04
CA ALA L 32 -44.09 29.04 -18.27
C ALA L 32 -44.89 29.07 -16.98
N VAL L 33 -46.19 28.91 -17.11
CA VAL L 33 -47.11 29.02 -15.99
C VAL L 33 -48.11 27.91 -16.01
N ALA L 34 -48.62 27.59 -14.85
CA ALA L 34 -49.65 26.58 -14.78
C ALA L 34 -50.69 26.95 -13.77
N TRP L 35 -51.90 26.43 -13.97
CA TRP L 35 -53.01 26.71 -13.07
C TRP L 35 -53.47 25.46 -12.39
N TYR L 36 -53.95 25.60 -11.16
CA TYR L 36 -54.36 24.47 -10.36
C TYR L 36 -55.71 24.69 -9.66
N GLN L 37 -56.38 23.58 -9.37
CA GLN L 37 -57.68 23.54 -8.72
C GLN L 37 -57.62 22.73 -7.44
N GLN L 38 -58.20 23.23 -6.35
CA GLN L 38 -58.17 22.41 -5.15
C GLN L 38 -59.44 22.47 -4.33
N LYS L 39 -59.75 21.37 -3.69
CA LYS L 39 -60.89 21.25 -2.81
C LYS L 39 -60.39 20.63 -1.54
N PRO L 40 -61.07 20.82 -0.41
CA PRO L 40 -60.64 20.28 0.84
C PRO L 40 -60.60 18.78 0.72
N GLY L 41 -59.64 18.18 1.37
CA GLY L 41 -59.50 16.74 1.34
C GLY L 41 -58.86 16.30 0.02
N GLN L 42 -58.37 17.24 -0.79
CA GLN L 42 -57.88 16.89 -2.11
C GLN L 42 -56.63 17.63 -2.53
N SER L 43 -55.87 17.00 -3.40
CA SER L 43 -54.70 17.58 -4.00
C SER L 43 -55.10 18.73 -4.95
N PRO L 44 -54.22 19.71 -5.16
CA PRO L 44 -54.37 20.88 -6.01
C PRO L 44 -54.16 20.53 -7.46
N LYS L 45 -55.12 19.79 -8.03
CA LYS L 45 -55.01 19.24 -9.37
C LYS L 45 -54.76 20.24 -10.50
N LEU L 46 -53.94 19.83 -11.45
CA LEU L 46 -53.59 20.67 -12.59
C LEU L 46 -54.74 20.99 -13.51
N LEU L 47 -54.80 22.25 -13.91
CA LEU L 47 -55.76 22.73 -14.87
C LEU L 47 -55.17 23.16 -16.17
N ILE L 48 -54.15 24.01 -16.10
CA ILE L 48 -53.55 24.61 -17.29
C ILE L 48 -52.07 24.39 -17.37
N TYR L 49 -51.62 24.06 -18.56
CA TYR L 49 -50.24 23.81 -18.87
C TYR L 49 -49.66 24.79 -19.89
N SER L 50 -48.55 25.42 -19.52
CA SER L 50 -47.82 26.34 -20.40
C SER L 50 -48.69 27.50 -20.84
N ALA L 51 -49.47 28.04 -19.91
CA ALA L 51 -50.42 29.13 -20.14
C ALA L 51 -51.48 28.83 -21.19
N SER L 52 -51.73 27.58 -21.55
CA SER L 52 -52.71 27.39 -22.59
C SER L 52 -53.40 26.05 -22.62
N ASN L 53 -52.62 24.99 -22.54
CA ASN L 53 -53.16 23.67 -22.70
C ASN L 53 -53.81 23.18 -21.46
N ARG L 54 -55.12 23.03 -21.46
CA ARG L 54 -55.66 22.46 -20.26
C ARG L 54 -55.11 21.05 -20.15
N TYR L 55 -54.88 20.59 -18.94
CA TYR L 55 -54.37 19.24 -18.76
C TYR L 55 -55.37 18.22 -19.26
N THR L 56 -54.89 17.11 -19.80
CA THR L 56 -55.79 16.10 -20.31
C THR L 56 -56.75 15.62 -19.24
N GLY L 57 -58.00 15.53 -19.64
CA GLY L 57 -59.12 15.10 -18.82
C GLY L 57 -59.79 16.28 -18.11
N VAL L 58 -59.22 17.48 -18.24
CA VAL L 58 -59.85 18.69 -17.77
C VAL L 58 -60.95 19.03 -18.76
N PRO L 59 -62.15 19.43 -18.33
CA PRO L 59 -63.26 19.83 -19.16
C PRO L 59 -62.88 21.09 -19.89
N ASP L 60 -63.49 21.29 -21.06
CA ASP L 60 -63.12 22.42 -21.90
C ASP L 60 -63.73 23.73 -21.46
N ARG L 61 -64.39 23.73 -20.31
CA ARG L 61 -64.84 24.96 -19.71
C ARG L 61 -63.61 25.80 -19.38
N PHE L 62 -62.49 25.13 -19.08
CA PHE L 62 -61.28 25.82 -18.66
C PHE L 62 -60.38 26.21 -19.81
N THR L 63 -60.16 27.52 -19.92
CA THR L 63 -59.30 28.12 -20.94
C THR L 63 -58.41 29.17 -20.29
N GLY L 64 -57.37 29.62 -20.99
CA GLY L 64 -56.55 30.66 -20.36
C GLY L 64 -55.73 31.45 -21.39
N SER L 65 -55.07 32.49 -20.90
CA SER L 65 -54.39 33.42 -21.80
C SER L 65 -53.23 34.18 -21.20
N GLY L 66 -52.54 34.89 -22.09
CA GLY L 66 -51.48 35.84 -21.74
C GLY L 66 -50.05 35.35 -21.84
N SER L 67 -49.14 36.30 -21.62
CA SER L 67 -47.70 36.12 -21.70
C SER L 67 -47.00 37.12 -20.79
N GLY L 68 -45.69 36.94 -20.61
CA GLY L 68 -44.96 37.89 -19.78
C GLY L 68 -45.43 37.77 -18.36
N THR L 69 -45.79 38.90 -17.75
CA THR L 69 -46.30 38.93 -16.39
C THR L 69 -47.80 38.73 -16.27
N ASP L 70 -48.53 38.72 -17.39
CA ASP L 70 -49.99 38.65 -17.30
C ASP L 70 -50.59 37.34 -17.76
N PHE L 71 -51.45 36.73 -16.93
CA PHE L 71 -52.14 35.51 -17.37
C PHE L 71 -53.57 35.44 -16.89
N THR L 72 -54.41 34.67 -17.59
CA THR L 72 -55.76 34.48 -17.09
C THR L 72 -56.20 33.03 -17.16
N LEU L 73 -57.23 32.75 -16.39
CA LEU L 73 -57.94 31.49 -16.41
C LEU L 73 -59.40 31.81 -16.48
N THR L 74 -60.13 31.16 -17.37
CA THR L 74 -61.53 31.44 -17.37
C THR L 74 -62.32 30.15 -17.40
N ILE L 75 -63.57 30.23 -17.00
CA ILE L 75 -64.42 29.05 -17.06
C ILE L 75 -65.68 29.36 -17.82
N SER L 76 -65.85 28.78 -18.99
CA SER L 76 -67.11 28.95 -19.70
C SER L 76 -68.18 28.16 -19.01
N ASN L 77 -69.40 28.67 -18.97
CA ASN L 77 -70.51 27.86 -18.48
C ASN L 77 -70.26 27.25 -17.10
N MET L 78 -69.87 28.04 -16.10
CA MET L 78 -69.47 27.41 -14.86
C MET L 78 -70.54 26.56 -14.21
N GLN L 79 -70.10 25.47 -13.61
CA GLN L 79 -70.97 24.56 -12.93
C GLN L 79 -70.67 24.61 -11.45
N SER L 80 -71.65 24.37 -10.60
CA SER L 80 -71.41 24.42 -9.15
C SER L 80 -70.29 23.47 -8.69
N GLU L 81 -70.07 22.40 -9.44
CA GLU L 81 -69.00 21.45 -9.16
C GLU L 81 -67.62 22.05 -9.34
N ASP L 82 -67.55 23.21 -9.98
CA ASP L 82 -66.31 23.89 -10.21
C ASP L 82 -65.92 24.80 -9.06
N LEU L 83 -66.67 24.82 -7.95
CA LEU L 83 -66.15 25.72 -6.92
C LEU L 83 -64.86 25.10 -6.44
N ALA L 84 -63.81 25.91 -6.35
CA ALA L 84 -62.56 25.40 -5.85
C ALA L 84 -61.63 26.53 -5.46
N ASP L 85 -60.62 26.22 -4.68
CA ASP L 85 -59.59 27.18 -4.46
C ASP L 85 -58.72 27.12 -5.73
N TYR L 86 -58.51 28.24 -6.38
CA TYR L 86 -57.71 28.19 -7.60
C TYR L 86 -56.35 28.81 -7.41
N PHE L 87 -55.36 28.28 -8.12
CA PHE L 87 -53.97 28.70 -8.01
C PHE L 87 -53.27 28.80 -9.34
N CYS L 88 -52.09 29.41 -9.32
CA CYS L 88 -51.26 29.44 -10.50
C CYS L 88 -49.82 29.28 -10.04
N GLN L 89 -48.92 28.97 -10.96
CA GLN L 89 -47.53 28.74 -10.58
C GLN L 89 -46.54 29.19 -11.60
N GLN L 90 -45.37 29.60 -11.14
CA GLN L 90 -44.32 30.04 -12.04
C GLN L 90 -43.24 29.03 -12.27
N TYR L 91 -43.07 28.62 -13.52
CA TYR L 91 -41.98 27.75 -13.88
C TYR L 91 -40.83 28.41 -14.61
N SER L 92 -40.82 29.75 -14.75
CA SER L 92 -39.66 30.32 -15.45
C SER L 92 -38.46 30.63 -14.56
N SER L 93 -38.69 30.71 -13.25
CA SER L 93 -37.60 30.99 -12.31
C SER L 93 -37.89 30.42 -10.94
N TYR L 94 -36.86 30.29 -10.12
CA TYR L 94 -37.10 29.73 -8.81
C TYR L 94 -36.23 30.45 -7.76
N PRO L 95 -36.52 30.28 -6.45
CA PRO L 95 -37.39 29.29 -5.84
C PRO L 95 -38.80 29.45 -6.32
N LEU L 96 -39.50 28.34 -6.36
CA LEU L 96 -40.81 28.34 -6.96
C LEU L 96 -41.78 29.19 -6.24
N THR L 97 -42.65 29.80 -7.02
CA THR L 97 -43.66 30.66 -6.49
C THR L 97 -44.98 30.29 -7.09
N PHE L 98 -46.03 30.72 -6.44
CA PHE L 98 -47.38 30.41 -6.86
C PHE L 98 -48.29 31.55 -6.44
N GLY L 99 -49.44 31.65 -7.08
CA GLY L 99 -50.38 32.73 -6.76
C GLY L 99 -50.96 32.54 -5.37
N ALA L 100 -51.41 33.64 -4.75
CA ALA L 100 -51.98 33.57 -3.40
C ALA L 100 -53.25 32.72 -3.32
N GLY L 101 -53.86 32.48 -4.47
CA GLY L 101 -55.04 31.67 -4.66
C GLY L 101 -56.30 32.48 -4.61
N THR L 102 -57.40 31.87 -5.06
CA THR L 102 -58.70 32.51 -4.95
C THR L 102 -59.77 31.51 -4.57
N LYS L 103 -60.90 31.99 -4.08
CA LYS L 103 -61.98 31.06 -3.79
C LYS L 103 -63.30 31.54 -4.33
N LEU L 104 -64.19 30.62 -4.64
CA LEU L 104 -65.49 31.01 -5.12
C LEU L 104 -66.59 30.41 -4.30
N GLU L 105 -67.69 31.14 -4.16
CA GLU L 105 -68.84 30.57 -3.51
C GLU L 105 -70.07 30.83 -4.35
N LEU L 106 -70.80 29.78 -4.68
CA LEU L 106 -72.02 29.99 -5.42
C LEU L 106 -73.05 30.62 -4.50
N ARG L 107 -73.81 31.57 -5.04
CA ARG L 107 -74.88 32.29 -4.35
C ARG L 107 -75.10 33.67 -4.98
N ILE M 1 22.43 -17.75 0.20
CA ILE M 1 21.38 -18.76 0.24
C ILE M 1 21.60 -19.81 -0.84
N PRO M 2 21.87 -21.06 -0.45
CA PRO M 2 22.11 -22.20 -1.32
C PRO M 2 20.87 -22.56 -2.11
N LEU M 3 21.07 -23.12 -3.29
CA LEU M 3 19.99 -23.57 -4.13
C LEU M 3 20.10 -25.05 -4.35
N GLY M 4 18.99 -25.76 -4.41
CA GLY M 4 19.08 -27.15 -4.74
C GLY M 4 19.47 -27.24 -6.19
N VAL M 5 20.17 -28.29 -6.56
CA VAL M 5 20.46 -28.51 -7.95
C VAL M 5 20.15 -29.91 -8.31
N ILE M 6 19.37 -30.13 -9.34
CA ILE M 6 19.18 -31.51 -9.70
C ILE M 6 20.18 -31.92 -10.75
N HIS M 7 21.05 -32.84 -10.41
CA HIS M 7 21.97 -33.36 -11.41
C HIS M 7 22.30 -34.79 -11.10
N ASN M 8 22.54 -35.58 -12.14
CA ASN M 8 22.79 -37.02 -11.99
C ASN M 8 21.62 -37.62 -11.21
N SER M 9 20.42 -37.16 -11.54
CA SER M 9 19.15 -37.49 -10.89
C SER M 9 19.18 -37.38 -9.34
N THR M 10 20.03 -36.53 -8.78
CA THR M 10 20.02 -36.31 -7.33
C THR M 10 20.16 -34.85 -6.98
N LEU M 11 19.76 -34.50 -5.76
CA LEU M 11 19.97 -33.14 -5.32
C LEU M 11 21.41 -32.86 -5.06
N GLN M 12 21.82 -31.65 -5.34
CA GLN M 12 23.17 -31.23 -5.07
C GLN M 12 23.12 -29.81 -4.55
N VAL M 13 24.06 -29.44 -3.73
CA VAL M 13 24.05 -28.08 -3.20
C VAL M 13 24.77 -27.13 -4.15
N SER M 14 24.09 -26.05 -4.54
CA SER M 14 24.66 -25.05 -5.46
C SER M 14 25.89 -24.33 -4.95
N ASP M 15 26.08 -24.30 -3.64
CA ASP M 15 27.17 -23.55 -3.07
C ASP M 15 28.49 -24.25 -3.18
N VAL M 16 29.08 -24.09 -4.34
CA VAL M 16 30.39 -24.61 -4.65
C VAL M 16 31.20 -23.48 -5.25
N ASP M 17 32.52 -23.60 -5.23
CA ASP M 17 33.31 -22.53 -5.83
C ASP M 17 33.58 -22.73 -7.32
N LYS M 18 33.02 -23.79 -7.91
CA LYS M 18 33.11 -23.94 -9.35
C LYS M 18 31.76 -24.31 -9.89
N LEU M 19 31.29 -23.60 -10.87
CA LEU M 19 30.01 -23.92 -11.44
C LEU M 19 30.23 -24.66 -12.73
N VAL M 20 30.26 -25.98 -12.66
CA VAL M 20 30.48 -26.78 -13.84
C VAL M 20 29.23 -26.74 -14.71
N CYS M 21 29.42 -26.53 -16.01
CA CYS M 21 28.30 -26.41 -16.98
C CYS M 21 27.43 -27.62 -17.14
N ARG M 22 27.81 -28.75 -16.55
CA ARG M 22 26.98 -29.93 -16.55
C ARG M 22 25.59 -29.57 -16.02
N ASP M 23 25.50 -28.56 -15.15
CA ASP M 23 24.21 -28.05 -14.79
C ASP M 23 24.03 -26.79 -15.62
N LYS M 24 22.91 -26.68 -16.31
CA LYS M 24 22.69 -25.47 -17.09
C LYS M 24 21.34 -24.89 -16.83
N LEU M 25 21.31 -23.57 -16.76
CA LEU M 25 20.06 -22.86 -16.60
C LEU M 25 19.67 -22.27 -17.95
N SER M 26 19.09 -23.08 -18.81
CA SER M 26 18.71 -22.58 -20.13
C SER M 26 17.67 -21.47 -20.08
N SER M 27 16.85 -21.48 -19.04
CA SER M 27 15.87 -20.41 -18.88
C SER M 27 15.51 -20.20 -17.43
N THR M 28 14.86 -19.09 -17.16
CA THR M 28 14.40 -18.79 -15.82
C THR M 28 13.25 -19.67 -15.41
N ASN M 29 12.68 -20.44 -16.35
CA ASN M 29 11.56 -21.26 -15.96
C ASN M 29 12.02 -22.57 -15.39
N GLN M 30 13.32 -22.77 -15.26
CA GLN M 30 13.80 -23.91 -14.53
C GLN M 30 13.89 -23.58 -13.05
N LEU M 31 13.77 -22.30 -12.71
CA LEU M 31 13.89 -21.95 -11.32
C LEU M 31 12.63 -22.21 -10.55
N ARG M 32 12.77 -22.69 -9.33
CA ARG M 32 11.61 -22.77 -8.47
C ARG M 32 11.94 -22.39 -7.05
N SER M 33 10.97 -21.80 -6.40
CA SER M 33 11.01 -21.36 -5.01
C SER M 33 9.95 -22.08 -4.21
N VAL M 34 9.73 -23.36 -4.46
CA VAL M 34 8.54 -23.97 -3.89
C VAL M 34 8.46 -24.06 -2.41
N GLY M 35 7.27 -23.78 -1.91
CA GLY M 35 6.95 -23.96 -0.51
C GLY M 35 6.84 -25.44 -0.18
N LEU M 36 7.10 -25.78 1.07
CA LEU M 36 6.91 -27.12 1.58
C LEU M 36 6.09 -27.08 2.85
N ASN M 37 5.25 -28.08 3.01
CA ASN M 37 4.41 -28.18 4.18
C ASN M 37 5.18 -28.73 5.36
N LEU M 38 5.18 -27.97 6.46
CA LEU M 38 5.85 -28.40 7.68
C LEU M 38 5.36 -29.75 8.17
N GLU M 39 4.08 -30.00 7.95
CA GLU M 39 3.38 -31.22 8.33
C GLU M 39 4.00 -32.46 7.71
N GLY M 40 4.69 -32.29 6.58
CA GLY M 40 5.32 -33.39 5.88
C GLY M 40 6.56 -33.91 6.60
N ASN M 41 6.95 -33.23 7.68
CA ASN M 41 8.04 -33.67 8.50
C ASN M 41 7.53 -34.43 9.72
N GLY M 42 6.25 -34.77 9.73
CA GLY M 42 5.73 -35.52 10.86
C GLY M 42 5.45 -34.67 12.08
N VAL M 43 5.48 -33.35 11.93
CA VAL M 43 5.26 -32.46 13.05
C VAL M 43 3.84 -32.60 13.55
N ALA M 44 3.67 -32.61 14.87
CA ALA M 44 2.36 -32.82 15.46
C ALA M 44 1.37 -31.77 15.01
N THR M 45 0.12 -32.21 14.84
CA THR M 45 -0.96 -31.35 14.43
C THR M 45 -1.94 -30.99 15.53
N ASP M 46 -1.69 -31.43 16.77
CA ASP M 46 -2.64 -31.09 17.82
C ASP M 46 -2.66 -29.60 17.97
N VAL M 47 -3.86 -29.06 18.07
CA VAL M 47 -4.00 -27.63 18.16
C VAL M 47 -3.27 -27.01 19.32
N PRO M 48 -3.19 -27.67 20.48
CA PRO M 48 -2.41 -27.17 21.58
C PRO M 48 -0.94 -27.05 21.24
N SER M 49 -0.42 -27.93 20.36
CA SER M 49 0.98 -27.81 20.05
C SER M 49 1.19 -26.73 19.03
N ALA M 50 0.15 -26.46 18.24
CA ALA M 50 0.27 -25.39 17.30
C ALA M 50 0.42 -24.10 18.03
N THR M 51 -0.33 -23.98 19.13
CA THR M 51 -0.24 -22.80 19.94
C THR M 51 1.12 -22.67 20.58
N LYS M 52 1.67 -23.82 20.98
CA LYS M 52 2.99 -23.83 21.58
C LYS M 52 4.05 -23.37 20.64
N ARG M 53 3.82 -23.51 19.34
CA ARG M 53 4.81 -23.09 18.37
C ARG M 53 4.77 -21.62 18.00
N TRP M 54 3.89 -20.82 18.59
CA TRP M 54 3.85 -19.41 18.20
C TRP M 54 4.37 -18.50 19.32
N GLY M 55 5.33 -17.63 18.97
CA GLY M 55 6.04 -16.75 19.89
C GLY M 55 5.37 -15.53 20.58
N PHE M 56 4.37 -14.90 19.96
CA PHE M 56 3.70 -13.74 20.56
C PHE M 56 4.58 -12.51 20.83
N ARG M 57 5.60 -12.32 20.01
CA ARG M 57 6.51 -11.19 20.08
C ARG M 57 5.94 -9.84 19.63
N SER M 58 6.52 -8.78 20.20
CA SER M 58 6.32 -7.40 19.77
C SER M 58 7.71 -6.87 19.51
N GLY M 59 7.83 -5.85 18.66
CA GLY M 59 9.18 -5.46 18.29
C GLY M 59 9.34 -5.36 16.78
N VAL M 60 10.20 -6.19 16.23
CA VAL M 60 10.55 -6.13 14.82
C VAL M 60 9.36 -6.35 13.91
N PRO M 61 9.29 -5.61 12.81
CA PRO M 61 8.26 -5.63 11.81
C PRO M 61 8.23 -6.95 11.05
N PRO M 62 7.06 -7.34 10.58
CA PRO M 62 6.76 -8.49 9.76
C PRO M 62 7.31 -8.36 8.36
N LYS M 63 7.64 -9.48 7.74
CA LYS M 63 8.04 -9.47 6.34
C LYS M 63 7.42 -10.63 5.59
N VAL M 64 7.26 -10.50 4.27
CA VAL M 64 6.77 -11.64 3.52
C VAL M 64 7.63 -11.89 2.30
N VAL M 65 7.56 -13.10 1.75
CA VAL M 65 8.29 -13.41 0.54
C VAL M 65 7.48 -14.23 -0.44
N ASN M 66 7.64 -13.91 -1.70
CA ASN M 66 6.96 -14.61 -2.78
C ASN M 66 7.52 -16.00 -2.96
N TYR M 67 6.66 -16.99 -3.17
CA TYR M 67 7.24 -18.30 -3.40
C TYR M 67 6.43 -19.12 -4.40
N GLU M 68 7.09 -20.13 -4.97
CA GLU M 68 6.46 -21.07 -5.89
C GLU M 68 5.48 -22.02 -5.30
N ALA M 69 4.56 -22.41 -6.13
CA ALA M 69 3.49 -23.30 -5.80
C ALA M 69 3.99 -24.60 -5.17
N GLY M 70 3.19 -25.20 -4.30
CA GLY M 70 3.68 -26.31 -3.51
C GLY M 70 2.61 -27.26 -2.97
N GLU M 71 3.06 -28.22 -2.17
CA GLU M 71 2.25 -29.32 -1.67
C GLU M 71 1.07 -28.98 -0.78
N TRP M 72 0.07 -29.86 -0.89
CA TRP M 72 -1.19 -29.82 -0.15
C TRP M 72 -0.97 -29.98 1.35
N ALA M 73 -1.81 -29.33 2.15
CA ALA M 73 -1.72 -29.52 3.59
C ALA M 73 -2.96 -30.18 4.12
N GLU M 74 -2.80 -31.12 5.03
CA GLU M 74 -3.99 -31.70 5.61
C GLU M 74 -4.58 -30.77 6.64
N ASN M 75 -3.70 -30.10 7.37
CA ASN M 75 -4.17 -29.21 8.43
C ASN M 75 -3.74 -27.78 8.26
N CYS M 76 -4.68 -26.86 8.45
CA CYS M 76 -4.38 -25.44 8.34
C CYS M 76 -5.20 -24.67 9.33
N TYR M 77 -4.95 -23.37 9.53
CA TYR M 77 -5.70 -22.70 10.58
C TYR M 77 -6.25 -21.31 10.22
N ASN M 78 -7.42 -20.96 10.76
CA ASN M 78 -7.98 -19.61 10.65
C ASN M 78 -8.05 -19.03 12.05
N LEU M 79 -7.73 -17.74 12.21
CA LEU M 79 -7.76 -17.23 13.57
C LEU M 79 -8.46 -15.90 13.83
N GLU M 80 -9.37 -15.92 14.82
CA GLU M 80 -10.09 -14.76 15.33
C GLU M 80 -9.72 -14.27 16.73
N ILE M 81 -8.60 -14.72 17.29
CA ILE M 81 -8.28 -14.40 18.67
C ILE M 81 -8.10 -12.93 18.96
N LYS M 82 -8.65 -12.51 20.11
CA LYS M 82 -8.61 -11.13 20.56
C LYS M 82 -8.15 -11.00 22.01
N LYS M 83 -7.65 -9.82 22.36
CA LYS M 83 -7.23 -9.54 23.72
C LYS M 83 -8.41 -9.49 24.67
N PRO M 84 -8.21 -9.86 25.95
CA PRO M 84 -9.19 -10.00 27.03
C PRO M 84 -10.03 -8.75 27.25
N ASP M 85 -9.51 -7.60 26.87
CA ASP M 85 -10.23 -6.34 26.97
C ASP M 85 -11.08 -6.04 25.75
N GLY M 86 -11.17 -7.01 24.85
CA GLY M 86 -11.92 -6.89 23.61
C GLY M 86 -11.12 -6.17 22.52
N SER M 87 -9.85 -5.86 22.77
CA SER M 87 -9.05 -5.30 21.70
C SER M 87 -8.81 -6.33 20.63
N GLU M 88 -8.76 -5.87 19.40
CA GLU M 88 -8.38 -6.73 18.32
C GLU M 88 -6.95 -7.13 18.54
N CYS M 89 -6.59 -8.33 18.14
CA CYS M 89 -5.21 -8.73 18.27
C CYS M 89 -4.80 -9.35 16.95
N LEU M 90 -3.65 -8.93 16.44
CA LEU M 90 -3.09 -9.31 15.13
C LEU M 90 -3.75 -8.52 14.02
N PRO M 91 -2.95 -7.98 13.10
CA PRO M 91 -3.36 -7.16 11.99
C PRO M 91 -4.20 -7.89 10.98
N ALA M 92 -5.09 -7.14 10.34
CA ALA M 92 -5.85 -7.65 9.21
C ALA M 92 -4.89 -8.00 8.10
N ALA M 93 -5.21 -9.01 7.31
CA ALA M 93 -4.32 -9.32 6.22
C ALA M 93 -4.22 -8.15 5.22
N PRO M 94 -3.04 -7.92 4.67
CA PRO M 94 -2.67 -7.00 3.59
C PRO M 94 -3.27 -7.44 2.27
N ASP M 95 -3.41 -6.51 1.36
CA ASP M 95 -4.01 -6.80 0.06
C ASP M 95 -3.26 -7.87 -0.71
N GLY M 96 -4.05 -8.75 -1.30
CA GLY M 96 -3.58 -9.87 -2.11
C GLY M 96 -3.39 -11.13 -1.28
N ILE M 97 -3.58 -11.03 0.03
CA ILE M 97 -3.51 -12.21 0.85
C ILE M 97 -4.80 -13.00 0.86
N ARG M 98 -4.69 -14.30 0.63
CA ARG M 98 -5.83 -15.18 0.72
C ARG M 98 -5.35 -16.52 1.23
N GLY M 99 -6.27 -17.34 1.72
CA GLY M 99 -5.92 -18.60 2.35
C GLY M 99 -5.31 -19.61 1.41
N PHE M 100 -4.58 -20.54 1.99
CA PHE M 100 -3.89 -21.56 1.25
C PHE M 100 -4.90 -22.37 0.40
N PRO M 101 -4.57 -22.68 -0.86
CA PRO M 101 -5.39 -23.35 -1.85
C PRO M 101 -5.91 -24.75 -1.60
N ARG M 102 -5.20 -25.55 -0.83
CA ARG M 102 -5.60 -26.95 -0.71
C ARG M 102 -5.70 -27.55 0.65
N CYS M 103 -6.02 -26.78 1.68
CA CYS M 103 -6.06 -27.44 2.97
C CYS M 103 -7.23 -28.40 3.07
N ARG M 104 -6.97 -29.60 3.56
CA ARG M 104 -8.04 -30.57 3.75
C ARG M 104 -8.91 -30.28 4.96
N TYR M 105 -8.27 -29.83 6.04
CA TYR M 105 -8.96 -29.52 7.28
C TYR M 105 -8.58 -28.20 7.87
N VAL M 106 -9.16 -27.13 7.39
CA VAL M 106 -8.82 -25.89 8.04
C VAL M 106 -9.46 -25.89 9.41
N HIS M 107 -8.69 -25.52 10.42
CA HIS M 107 -9.17 -25.44 11.77
C HIS M 107 -9.46 -24.04 12.08
N LYS M 108 -10.61 -23.76 12.62
CA LYS M 108 -10.88 -22.38 12.92
C LYS M 108 -10.96 -22.15 14.39
N VAL M 109 -10.35 -21.07 14.84
CA VAL M 109 -10.39 -20.79 16.25
C VAL M 109 -10.81 -19.36 16.50
N SER M 110 -11.49 -19.19 17.61
CA SER M 110 -11.96 -17.91 18.06
C SER M 110 -11.91 -17.91 19.56
N GLY M 111 -12.02 -16.74 20.15
CA GLY M 111 -11.94 -16.63 21.59
C GLY M 111 -10.93 -15.57 21.96
N THR M 112 -10.64 -15.47 23.24
CA THR M 112 -9.69 -14.47 23.68
C THR M 112 -8.67 -15.00 24.63
N GLY M 113 -7.63 -14.20 24.79
CA GLY M 113 -6.55 -14.46 25.71
C GLY M 113 -5.65 -13.28 25.66
N PRO M 114 -4.58 -13.26 26.44
CA PRO M 114 -3.63 -12.16 26.55
C PRO M 114 -3.07 -11.77 25.22
N CYS M 115 -2.89 -12.78 24.34
CA CYS M 115 -2.47 -12.55 22.96
C CYS M 115 -1.29 -11.61 22.97
N ALA M 116 -0.27 -12.00 23.72
CA ALA M 116 0.89 -11.16 23.97
C ALA M 116 1.57 -10.70 22.70
N GLY M 117 2.17 -9.52 22.78
CA GLY M 117 2.89 -8.97 21.68
C GLY M 117 1.95 -8.41 20.64
N ASP M 118 2.45 -8.19 19.45
CA ASP M 118 1.59 -7.71 18.39
C ASP M 118 1.75 -8.47 17.08
N PHE M 119 2.94 -9.00 16.83
CA PHE M 119 3.15 -9.76 15.62
C PHE M 119 3.28 -11.27 15.73
N ALA M 120 2.95 -11.88 16.88
CA ALA M 120 3.03 -13.34 16.91
C ALA M 120 4.48 -13.80 16.61
N PHE M 121 4.65 -14.46 15.45
CA PHE M 121 5.88 -15.05 14.92
C PHE M 121 5.97 -16.49 15.27
N HIS M 122 6.51 -17.27 14.37
CA HIS M 122 6.67 -18.67 14.63
C HIS M 122 7.89 -18.90 15.48
N LYS M 123 7.78 -19.71 16.51
CA LYS M 123 8.96 -19.96 17.33
C LYS M 123 10.11 -20.64 16.62
N GLU M 124 9.83 -21.42 15.60
CA GLU M 124 10.91 -22.04 14.85
C GLU M 124 11.27 -21.20 13.66
N GLY M 125 10.53 -20.11 13.46
CA GLY M 125 10.72 -19.29 12.30
C GLY M 125 10.02 -19.89 11.09
N ALA M 126 9.20 -20.94 11.27
CA ALA M 126 8.56 -21.50 10.08
C ALA M 126 7.66 -20.48 9.44
N PHE M 127 7.61 -20.50 8.14
CA PHE M 127 6.75 -19.61 7.39
C PHE M 127 5.28 -19.92 7.52
N PHE M 128 4.49 -18.87 7.45
CA PHE M 128 3.07 -19.06 7.35
C PHE M 128 2.84 -18.98 5.86
N LEU M 129 1.96 -19.78 5.29
CA LEU M 129 1.83 -19.66 3.86
C LEU M 129 0.44 -19.25 3.46
N TYR M 130 0.34 -18.11 2.85
CA TYR M 130 -0.96 -17.64 2.42
C TYR M 130 -0.94 -17.64 0.94
N ASP M 131 -1.77 -18.44 0.31
CA ASP M 131 -1.73 -18.48 -1.12
C ASP M 131 -0.27 -18.63 -1.57
N ARG M 132 0.22 -17.68 -2.36
CA ARG M 132 1.56 -17.71 -2.88
C ARG M 132 2.56 -16.85 -2.14
N LEU M 133 2.20 -16.31 -0.98
CA LEU M 133 3.15 -15.51 -0.23
C LEU M 133 3.43 -16.05 1.18
N ALA M 134 4.67 -16.41 1.43
CA ALA M 134 5.15 -16.84 2.72
C ALA M 134 5.15 -15.68 3.67
N SER M 135 4.95 -15.91 4.96
CA SER M 135 5.00 -14.81 5.89
C SER M 135 5.67 -15.14 7.18
N THR M 136 6.22 -14.13 7.81
CA THR M 136 6.81 -14.30 9.12
C THR M 136 5.80 -14.03 10.21
N VAL M 137 4.63 -13.55 9.81
CA VAL M 137 3.60 -13.17 10.76
C VAL M 137 2.25 -13.70 10.40
N ILE M 138 1.47 -13.96 11.43
CA ILE M 138 0.09 -14.37 11.29
C ILE M 138 -0.86 -13.23 10.98
N TYR M 139 -1.65 -13.42 9.96
CA TYR M 139 -2.70 -12.47 9.63
C TYR M 139 -4.04 -12.94 10.10
N ARG M 140 -4.92 -11.99 10.39
CA ARG M 140 -6.25 -12.29 10.83
C ARG M 140 -7.09 -13.05 9.85
N GLY M 141 -7.99 -13.88 10.36
CA GLY M 141 -8.86 -14.49 9.40
C GLY M 141 -8.22 -15.64 8.70
N THR M 142 -7.90 -15.36 7.45
CA THR M 142 -7.48 -16.31 6.44
C THR M 142 -6.38 -17.28 6.83
N THR M 143 -6.50 -18.45 6.22
CA THR M 143 -5.64 -19.60 6.49
C THR M 143 -4.17 -19.49 6.16
N PHE M 144 -3.38 -19.99 7.10
CA PHE M 144 -1.94 -20.04 6.97
C PHE M 144 -1.56 -21.47 7.27
N ALA M 145 -0.78 -22.09 6.40
CA ALA M 145 -0.36 -23.46 6.63
C ALA M 145 1.10 -23.38 6.99
N GLU M 146 1.49 -23.94 8.12
CA GLU M 146 2.89 -23.86 8.48
C GLU M 146 3.79 -24.57 7.47
N GLY M 147 4.90 -23.92 7.12
CA GLY M 147 5.83 -24.47 6.18
C GLY M 147 7.17 -23.80 6.10
N VAL M 148 7.97 -24.27 5.17
CA VAL M 148 9.29 -23.72 4.95
C VAL M 148 9.36 -23.51 3.46
N VAL M 149 10.47 -22.99 2.98
CA VAL M 149 10.62 -22.75 1.55
C VAL M 149 11.97 -23.19 1.05
N ALA M 150 12.03 -23.63 -0.19
CA ALA M 150 13.30 -24.02 -0.77
C ALA M 150 13.37 -23.58 -2.20
N PHE M 151 14.59 -23.41 -2.68
CA PHE M 151 14.79 -22.93 -4.02
C PHE M 151 15.62 -23.93 -4.74
N LEU M 152 15.14 -24.42 -5.87
CA LEU M 152 15.85 -25.44 -6.62
C LEU M 152 15.96 -25.15 -8.10
N ILE M 153 17.01 -25.67 -8.72
CA ILE M 153 17.16 -25.56 -10.15
C ILE M 153 16.73 -26.84 -10.87
N LEU M 154 15.64 -26.74 -11.61
CA LEU M 154 15.14 -27.83 -12.44
C LEU M 154 16.05 -28.07 -13.62
N PRO M 155 16.17 -29.30 -14.10
CA PRO M 155 16.84 -29.71 -15.32
C PRO M 155 16.13 -29.07 -16.50
N PRO M 177 -13.69 -33.07 -7.47
CA PRO M 177 -12.60 -32.12 -7.65
C PRO M 177 -12.76 -30.91 -6.74
N SER M 178 -14.01 -30.57 -6.40
CA SER M 178 -14.24 -29.44 -5.54
C SER M 178 -13.80 -29.68 -4.12
N SER M 179 -13.69 -30.95 -3.72
CA SER M 179 -13.31 -31.30 -2.37
C SER M 179 -11.87 -30.95 -2.10
N GLY M 180 -11.10 -30.69 -3.16
CA GLY M 180 -9.72 -30.33 -3.02
C GLY M 180 -9.57 -29.04 -2.22
N TYR M 181 -10.61 -28.22 -2.18
CA TYR M 181 -10.59 -27.06 -1.35
C TYR M 181 -11.85 -26.96 -0.50
N TYR M 182 -12.95 -27.60 -0.95
CA TYR M 182 -14.20 -27.54 -0.20
C TYR M 182 -14.17 -28.32 1.09
N SER M 183 -13.25 -29.28 1.23
CA SER M 183 -13.18 -29.96 2.49
C SER M 183 -12.72 -29.01 3.58
N THR M 184 -13.23 -29.22 4.78
CA THR M 184 -12.87 -28.45 5.97
C THR M 184 -13.85 -28.66 7.09
N THR M 185 -13.32 -29.07 8.21
CA THR M 185 -14.04 -29.27 9.44
C THR M 185 -13.25 -28.79 10.63
N ILE M 186 -13.91 -28.78 11.79
CA ILE M 186 -13.36 -28.40 13.09
C ILE M 186 -13.17 -26.93 13.41
N ARG M 187 -14.19 -26.36 14.00
CA ARG M 187 -14.16 -25.00 14.53
C ARG M 187 -14.31 -25.08 16.05
N TYR M 188 -13.51 -24.31 16.78
CA TYR M 188 -13.55 -24.33 18.24
C TYR M 188 -13.15 -23.04 18.95
N GLN M 189 -13.59 -22.94 20.21
CA GLN M 189 -13.26 -21.82 21.09
C GLN M 189 -11.92 -21.94 21.77
N ALA M 190 -11.33 -20.79 22.07
CA ALA M 190 -10.10 -20.76 22.85
C ALA M 190 -10.32 -20.10 24.19
N THR M 191 -9.67 -20.63 25.20
CA THR M 191 -9.70 -20.04 26.52
C THR M 191 -8.30 -19.66 26.89
N GLY M 192 -8.02 -18.38 26.77
CA GLY M 192 -6.71 -17.84 27.03
C GLY M 192 -6.01 -17.95 25.71
N PHE M 193 -4.82 -17.40 25.58
CA PHE M 193 -4.13 -17.61 24.35
C PHE M 193 -2.67 -17.33 24.46
N GLY M 194 -1.86 -18.18 23.86
CA GLY M 194 -0.43 -17.95 23.82
C GLY M 194 0.29 -18.32 25.10
N THR M 195 -0.40 -18.98 26.02
CA THR M 195 0.21 -19.31 27.29
C THR M 195 -0.07 -20.73 27.67
N ASN M 196 0.66 -21.24 28.65
CA ASN M 196 0.57 -22.64 29.05
C ASN M 196 -0.82 -23.02 29.52
N GLU M 197 -1.47 -22.07 30.17
CA GLU M 197 -2.83 -22.19 30.67
C GLU M 197 -3.92 -22.26 29.59
N THR M 198 -3.56 -21.99 28.33
CA THR M 198 -4.55 -21.96 27.26
C THR M 198 -5.26 -23.31 27.08
N GLU M 199 -6.54 -23.25 26.80
CA GLU M 199 -7.39 -24.42 26.66
C GLU M 199 -8.38 -24.28 25.52
N TYR M 200 -8.76 -25.40 24.89
CA TYR M 200 -9.69 -25.29 23.78
C TYR M 200 -10.92 -26.12 23.94
N LEU M 201 -12.03 -25.63 23.43
CA LEU M 201 -13.25 -26.41 23.46
C LEU M 201 -13.91 -26.49 22.12
N PHE M 202 -14.22 -27.70 21.71
CA PHE M 202 -14.84 -27.95 20.43
C PHE M 202 -16.24 -27.34 20.32
N GLU M 203 -16.62 -26.79 19.18
CA GLU M 203 -17.99 -26.31 19.13
C GLU M 203 -18.81 -26.80 17.96
N VAL M 204 -19.98 -27.36 18.27
CA VAL M 204 -20.97 -27.75 17.28
C VAL M 204 -22.36 -27.38 17.75
N ASP M 205 -23.23 -26.97 16.83
CA ASP M 205 -24.63 -26.70 17.17
C ASP M 205 -24.77 -25.66 18.25
N ASN M 206 -23.92 -24.65 18.21
CA ASN M 206 -23.88 -23.63 19.24
C ASN M 206 -23.68 -24.28 20.59
N LEU M 207 -22.85 -25.31 20.67
CA LEU M 207 -22.55 -25.90 21.95
C LEU M 207 -21.06 -25.92 22.14
N THR M 208 -20.58 -25.42 23.26
CA THR M 208 -19.17 -25.47 23.53
C THR M 208 -18.92 -26.75 24.30
N TYR M 209 -18.03 -27.61 23.84
CA TYR M 209 -17.77 -28.85 24.54
C TYR M 209 -16.41 -29.47 24.27
N VAL M 210 -16.03 -30.51 25.03
CA VAL M 210 -14.77 -31.25 24.80
C VAL M 210 -13.47 -30.50 24.71
N GLN M 211 -12.62 -30.78 25.70
CA GLN M 211 -11.34 -30.14 25.90
C GLN M 211 -10.29 -30.36 24.82
N LEU M 212 -10.47 -31.36 23.95
CA LEU M 212 -9.56 -31.54 22.82
C LEU M 212 -8.10 -31.65 23.25
N GLU M 213 -7.85 -32.30 24.38
CA GLU M 213 -6.51 -32.26 24.92
C GLU M 213 -5.36 -32.71 24.04
N SER M 214 -5.49 -33.88 23.46
CA SER M 214 -4.46 -34.38 22.59
C SER M 214 -4.96 -35.55 21.81
N ARG M 215 -4.13 -36.02 20.90
CA ARG M 215 -4.36 -37.28 20.21
C ARG M 215 -5.60 -37.34 19.39
N PHE M 216 -6.05 -36.22 18.86
CA PHE M 216 -7.27 -36.31 18.12
C PHE M 216 -7.06 -35.89 16.69
N THR M 217 -7.20 -36.85 15.79
CA THR M 217 -7.11 -36.56 14.39
C THR M 217 -8.37 -35.84 14.02
N PRO M 218 -8.41 -35.15 12.90
CA PRO M 218 -9.58 -34.49 12.40
C PRO M 218 -10.70 -35.49 12.24
N GLN M 219 -10.35 -36.73 11.92
CA GLN M 219 -11.36 -37.74 11.79
C GLN M 219 -11.81 -38.23 13.13
N PHE M 220 -10.89 -38.22 14.10
CA PHE M 220 -11.27 -38.59 15.43
C PHE M 220 -12.30 -37.65 15.94
N LEU M 221 -12.11 -36.39 15.61
CA LEU M 221 -13.07 -35.42 16.01
C LEU M 221 -14.31 -35.47 15.14
N LEU M 222 -14.14 -35.76 13.86
CA LEU M 222 -15.26 -35.80 12.95
C LEU M 222 -16.29 -36.84 13.30
N GLN M 223 -15.82 -37.99 13.77
CA GLN M 223 -16.72 -39.06 14.18
C GLN M 223 -17.54 -38.69 15.39
N LEU M 224 -17.15 -37.64 16.10
CA LEU M 224 -17.87 -37.22 17.28
C LEU M 224 -19.18 -36.58 16.88
N ASN M 225 -19.33 -36.31 15.58
CA ASN M 225 -20.58 -35.75 15.12
C ASN M 225 -21.63 -36.84 14.99
N GLU M 226 -21.27 -38.07 15.39
CA GLU M 226 -22.22 -39.15 15.52
C GLU M 226 -23.23 -38.84 16.60
N THR M 227 -22.91 -37.87 17.47
CA THR M 227 -23.80 -37.46 18.51
C THR M 227 -24.67 -36.30 18.10
N ILE M 228 -24.39 -35.67 16.96
CA ILE M 228 -25.10 -34.45 16.71
C ILE M 228 -26.43 -34.72 16.13
N TYR M 229 -27.41 -34.26 16.90
CA TYR M 229 -28.82 -34.47 16.71
C TYR M 229 -29.16 -35.96 16.72
N THR M 230 -28.26 -36.80 17.25
CA THR M 230 -28.49 -38.23 17.26
C THR M 230 -28.21 -38.91 18.57
N SER M 231 -26.97 -39.36 18.73
CA SER M 231 -26.62 -40.16 19.88
C SER M 231 -26.22 -39.48 21.18
N GLY M 232 -26.20 -38.15 21.27
CA GLY M 232 -25.82 -37.59 22.56
C GLY M 232 -25.76 -36.09 22.58
N LYS M 233 -25.29 -35.54 23.71
CA LYS M 233 -25.07 -34.11 23.82
C LYS M 233 -26.33 -33.38 23.44
N ARG M 234 -26.26 -32.44 22.49
CA ARG M 234 -27.49 -31.85 22.00
C ARG M 234 -28.28 -31.12 23.08
N SER M 235 -27.64 -30.13 23.73
CA SER M 235 -28.26 -29.45 24.85
C SER M 235 -29.49 -28.68 24.42
N ASN M 236 -30.66 -29.33 24.44
CA ASN M 236 -31.93 -28.71 24.09
C ASN M 236 -32.48 -27.90 25.26
N THR M 237 -31.70 -26.89 25.62
CA THR M 237 -31.92 -26.00 26.73
C THR M 237 -31.66 -24.60 26.25
N THR M 238 -31.94 -23.64 27.12
CA THR M 238 -31.66 -22.23 26.89
C THR M 238 -30.17 -21.89 26.83
N GLY M 239 -29.31 -22.88 27.08
CA GLY M 239 -27.89 -22.64 27.05
C GLY M 239 -27.17 -23.93 26.68
N LYS M 240 -25.88 -23.83 26.54
CA LYS M 240 -25.08 -24.94 26.07
C LYS M 240 -24.20 -25.52 27.12
N LEU M 241 -24.06 -26.85 27.11
CA LEU M 241 -23.26 -27.46 28.14
C LEU M 241 -21.96 -28.05 27.60
N ILE M 242 -20.89 -27.85 28.34
CA ILE M 242 -19.56 -28.36 28.05
C ILE M 242 -19.35 -29.74 28.55
N TRP M 243 -18.82 -30.65 27.75
CA TRP M 243 -18.56 -31.96 28.33
C TRP M 243 -17.06 -32.17 28.39
N LYS M 244 -16.60 -32.82 29.44
CA LYS M 244 -15.16 -32.96 29.63
C LYS M 244 -14.67 -34.26 29.05
N VAL M 245 -13.91 -34.19 27.98
CA VAL M 245 -13.47 -35.40 27.28
C VAL M 245 -12.56 -36.31 28.06
N ASN M 246 -12.79 -37.61 27.90
CA ASN M 246 -11.92 -38.60 28.53
C ASN M 246 -11.15 -39.43 27.54
N ARG M 267 -19.43 -42.96 25.26
CA ARG M 267 -19.89 -41.99 26.23
C ARG M 267 -18.85 -41.61 27.25
N LYS M 268 -17.92 -42.52 27.58
CA LYS M 268 -16.85 -42.12 28.48
C LYS M 268 -16.03 -40.99 27.88
N ILE M 269 -15.80 -41.08 26.57
CA ILE M 269 -15.05 -40.05 25.87
C ILE M 269 -15.85 -38.82 25.69
N ARG M 270 -17.11 -39.04 25.26
CA ARG M 270 -18.07 -37.99 24.99
C ARG M 270 -18.30 -37.23 26.25
N SER M 271 -18.23 -37.98 27.35
CA SER M 271 -18.38 -37.47 28.66
C SER M 271 -19.72 -36.88 28.84
N GLU M 272 -20.72 -37.58 28.31
CA GLU M 272 -22.05 -37.00 28.37
C GLU M 272 -22.40 -36.84 29.81
N GLU M 273 -23.06 -35.73 30.11
CA GLU M 273 -23.49 -35.32 31.44
C GLU M 273 -22.34 -35.23 32.47
N LEU M 274 -21.09 -35.15 32.02
CA LEU M 274 -19.94 -35.00 32.91
C LEU M 274 -19.46 -33.57 32.96
N SER M 275 -20.31 -32.65 32.52
CA SER M 275 -19.96 -31.26 32.34
C SER M 275 -19.32 -30.50 33.50
N PHE M 276 -19.47 -30.98 34.72
CA PHE M 276 -18.82 -30.26 35.82
C PHE M 276 -18.54 -31.16 37.01
N ALA N 2 23.47 -33.20 -1.90
CA ALA N 2 24.25 -34.21 -1.18
C ALA N 2 23.97 -34.14 0.31
N ILE N 3 22.69 -34.14 0.67
CA ILE N 3 22.25 -34.03 2.06
C ILE N 3 21.34 -35.17 2.47
N VAL N 4 21.18 -35.37 3.78
CA VAL N 4 20.32 -36.43 4.29
C VAL N 4 19.30 -35.92 5.27
N ASN N 5 18.24 -36.69 5.45
CA ASN N 5 17.11 -36.27 6.28
C ASN N 5 17.33 -36.16 7.80
N ALA N 6 16.76 -35.11 8.33
CA ALA N 6 16.60 -34.79 9.75
C ALA N 6 15.75 -35.85 10.45
N GLN N 7 15.87 -35.96 11.77
CA GLN N 7 15.04 -36.89 12.57
C GLN N 7 13.52 -36.82 12.30
N PRO N 8 13.07 -35.69 11.77
CA PRO N 8 11.66 -35.55 11.44
C PRO N 8 11.36 -36.71 10.51
N LYS N 9 10.09 -36.98 10.27
CA LYS N 9 9.76 -38.08 9.39
C LYS N 9 9.31 -37.60 8.05
N CYS N 10 10.05 -38.00 7.03
CA CYS N 10 9.68 -37.61 5.69
C CYS N 10 8.56 -38.40 5.10
N ASN N 11 7.52 -37.72 4.62
CA ASN N 11 6.54 -38.41 3.84
C ASN N 11 7.03 -38.32 2.40
N PRO N 12 7.38 -39.43 1.76
CA PRO N 12 7.92 -39.55 0.42
C PRO N 12 6.97 -39.04 -0.67
N ASN N 13 5.70 -38.96 -0.36
CA ASN N 13 4.74 -38.48 -1.33
C ASN N 13 4.83 -37.01 -1.57
N LEU N 14 4.68 -36.60 -2.81
CA LEU N 14 4.52 -35.20 -3.03
C LEU N 14 3.23 -34.97 -3.76
N HIS N 15 2.30 -34.31 -3.11
CA HIS N 15 1.06 -34.00 -3.75
C HIS N 15 1.03 -32.53 -3.79
N TYR N 16 0.94 -31.96 -4.97
CA TYR N 16 1.11 -30.53 -5.04
C TYR N 16 0.23 -29.86 -6.01
N TRP N 17 0.14 -28.55 -5.87
CA TRP N 17 -0.64 -27.78 -6.78
C TRP N 17 0.14 -26.64 -7.31
N THR N 18 -0.19 -26.22 -8.53
CA THR N 18 0.41 -25.05 -9.16
C THR N 18 -0.56 -24.18 -9.91
N THR N 19 -0.13 -22.97 -10.17
CA THR N 19 -0.94 -22.07 -10.97
C THR N 19 -0.64 -22.18 -12.44
N GLN N 20 0.40 -22.92 -12.80
CA GLN N 20 0.70 -23.00 -14.21
C GLN N 20 -0.39 -23.70 -15.00
N ASP N 21 -0.66 -23.17 -16.18
CA ASP N 21 -1.59 -23.77 -17.10
C ASP N 21 -1.25 -23.29 -18.51
N GLU N 22 -0.43 -24.03 -19.24
CA GLU N 22 -0.06 -23.56 -20.57
C GLU N 22 -1.23 -23.49 -21.55
N GLY N 23 -1.21 -22.48 -22.42
CA GLY N 23 -2.24 -22.33 -23.44
C GLY N 23 -3.55 -21.81 -22.84
N ALA N 24 -4.64 -22.02 -23.57
CA ALA N 24 -5.97 -21.70 -23.07
C ALA N 24 -6.95 -22.68 -23.70
N ALA N 25 -8.00 -23.07 -22.99
CA ALA N 25 -8.95 -24.01 -23.56
C ALA N 25 -9.70 -23.42 -24.74
N ILE N 26 -10.12 -22.18 -24.59
CA ILE N 26 -10.79 -21.41 -25.61
C ILE N 26 -10.14 -20.07 -25.68
N GLY N 27 -10.28 -19.36 -26.79
CA GLY N 27 -9.67 -18.04 -26.84
C GLY N 27 -10.23 -17.09 -25.79
N LEU N 28 -11.49 -17.29 -25.38
CA LEU N 28 -12.01 -16.41 -24.36
C LEU N 28 -11.37 -16.65 -23.00
N ALA N 29 -10.76 -17.80 -22.80
CA ALA N 29 -10.17 -18.08 -21.51
C ALA N 29 -8.95 -17.21 -21.26
N TRP N 30 -8.40 -16.60 -22.32
CA TRP N 30 -7.32 -15.65 -22.12
C TRP N 30 -7.81 -14.46 -21.33
N ILE N 31 -9.10 -14.18 -21.45
CA ILE N 31 -9.74 -13.02 -20.88
C ILE N 31 -10.27 -13.27 -19.48
N PRO N 32 -9.85 -12.50 -18.47
CA PRO N 32 -10.24 -12.59 -17.08
C PRO N 32 -11.72 -12.49 -16.91
N TYR N 33 -12.37 -11.77 -17.80
CA TYR N 33 -13.80 -11.71 -17.78
C TYR N 33 -14.46 -13.05 -18.01
N PHE N 34 -13.89 -13.86 -18.89
CA PHE N 34 -14.39 -15.20 -19.11
C PHE N 34 -13.51 -16.23 -18.45
N GLY N 35 -12.57 -15.78 -17.66
CA GLY N 35 -11.63 -16.61 -16.95
C GLY N 35 -12.28 -17.43 -15.86
N PRO N 36 -11.56 -18.43 -15.41
CA PRO N 36 -11.91 -19.35 -14.37
C PRO N 36 -12.05 -18.62 -13.06
N ALA N 37 -12.82 -19.21 -12.17
CA ALA N 37 -13.02 -18.68 -10.84
C ALA N 37 -11.66 -18.52 -10.21
N ALA N 38 -11.51 -17.58 -9.30
CA ALA N 38 -10.20 -17.29 -8.74
C ALA N 38 -9.46 -18.51 -8.18
N GLU N 39 -10.17 -19.55 -7.75
CA GLU N 39 -9.50 -20.75 -7.31
C GLU N 39 -9.23 -21.76 -8.44
N GLY N 40 -9.85 -21.54 -9.60
CA GLY N 40 -9.76 -22.43 -10.74
C GLY N 40 -8.39 -22.46 -11.39
N ILE N 41 -7.57 -21.46 -11.10
CA ILE N 41 -6.23 -21.43 -11.63
C ILE N 41 -5.36 -22.60 -11.21
N TYR N 42 -5.66 -23.18 -10.07
CA TYR N 42 -4.85 -24.25 -9.59
C TYR N 42 -4.95 -25.52 -10.38
N THR N 43 -3.83 -26.21 -10.49
CA THR N 43 -3.75 -27.50 -11.14
C THR N 43 -2.97 -28.36 -10.18
N GLU N 44 -3.00 -29.66 -10.34
CA GLU N 44 -2.33 -30.49 -9.34
C GLU N 44 -1.64 -31.69 -9.92
N GLY N 45 -0.71 -32.24 -9.17
CA GLY N 45 -0.03 -33.44 -9.60
C GLY N 45 0.67 -34.15 -8.47
N LEU N 46 1.20 -35.31 -8.80
CA LEU N 46 1.83 -36.21 -7.85
C LEU N 46 3.22 -36.60 -8.25
N MET N 47 4.10 -36.65 -7.27
CA MET N 47 5.45 -37.11 -7.46
C MET N 47 5.82 -38.05 -6.36
N HIS N 48 6.81 -38.85 -6.63
CA HIS N 48 7.20 -39.89 -5.71
C HIS N 48 8.65 -39.74 -5.44
N ASN N 49 9.11 -40.31 -4.34
CA ASN N 49 10.48 -40.10 -3.91
C ASN N 49 11.49 -40.94 -4.67
N GLN N 50 11.58 -40.67 -5.97
CA GLN N 50 12.54 -41.36 -6.79
C GLN N 50 13.87 -40.87 -6.37
N ASP N 51 14.79 -41.79 -6.19
CA ASP N 51 16.16 -41.49 -5.83
C ASP N 51 16.28 -40.67 -4.55
N GLY N 52 15.28 -40.69 -3.68
CA GLY N 52 15.36 -39.96 -2.43
C GLY N 52 15.10 -38.45 -2.63
N LEU N 53 14.68 -38.05 -3.82
CA LEU N 53 14.53 -36.65 -4.13
C LEU N 53 13.52 -35.88 -3.31
N ILE N 54 12.43 -36.51 -2.94
CA ILE N 54 11.45 -35.75 -2.20
C ILE N 54 11.91 -35.51 -0.81
N CYS N 55 12.45 -36.53 -0.20
CA CYS N 55 12.92 -36.35 1.14
C CYS N 55 14.10 -35.42 1.20
N GLY N 56 14.95 -35.49 0.18
CA GLY N 56 16.13 -34.66 0.12
C GLY N 56 15.65 -33.23 0.04
N LEU N 57 14.58 -33.04 -0.73
CA LEU N 57 14.04 -31.72 -0.92
C LEU N 57 13.60 -31.12 0.40
N ARG N 58 12.98 -31.89 1.27
CA ARG N 58 12.54 -31.33 2.55
C ARG N 58 13.71 -30.82 3.39
N GLN N 59 14.78 -31.59 3.45
CA GLN N 59 15.94 -31.19 4.22
C GLN N 59 16.57 -29.94 3.62
N LEU N 60 16.62 -29.93 2.28
CA LEU N 60 17.21 -28.80 1.60
C LEU N 60 16.39 -27.58 1.92
N ALA N 61 15.08 -27.75 1.92
CA ALA N 61 14.16 -26.66 2.18
C ALA N 61 14.37 -26.13 3.58
N ASN N 62 14.55 -27.01 4.56
CA ASN N 62 14.76 -26.52 5.92
C ASN N 62 16.04 -25.69 5.98
N GLU N 63 17.11 -26.17 5.36
CA GLU N 63 18.35 -25.41 5.40
C GLU N 63 18.20 -24.06 4.71
N THR N 64 17.51 -24.08 3.59
CA THR N 64 17.29 -22.88 2.82
C THR N 64 16.48 -21.89 3.62
N THR N 65 15.49 -22.40 4.33
CA THR N 65 14.62 -21.57 5.15
C THR N 65 15.45 -20.88 6.21
N GLN N 66 16.37 -21.62 6.81
CA GLN N 66 17.20 -21.01 7.83
C GLN N 66 18.06 -19.92 7.23
N ALA N 67 18.69 -20.18 6.08
CA ALA N 67 19.54 -19.16 5.47
C ALA N 67 18.74 -17.93 5.08
N LEU N 68 17.56 -18.17 4.56
CA LEU N 68 16.63 -17.16 4.09
C LEU N 68 16.15 -16.25 5.20
N GLN N 69 15.99 -16.81 6.39
CA GLN N 69 15.48 -16.02 7.49
C GLN N 69 16.37 -14.82 7.78
N LEU N 70 17.68 -15.03 7.67
CA LEU N 70 18.60 -13.94 7.93
C LEU N 70 18.60 -12.95 6.82
N PHE N 71 18.55 -13.45 5.60
CA PHE N 71 18.51 -12.57 4.47
C PHE N 71 17.31 -11.68 4.51
N LEU N 72 16.18 -12.23 4.88
CA LEU N 72 14.99 -11.43 4.97
C LEU N 72 15.14 -10.39 6.04
N ARG N 73 15.84 -10.71 7.12
CA ARG N 73 16.07 -9.71 8.13
C ARG N 73 16.88 -8.56 7.56
N ALA N 74 17.84 -8.90 6.70
CA ALA N 74 18.66 -7.90 6.04
C ALA N 74 17.93 -7.12 4.94
N THR N 75 16.81 -7.62 4.44
CA THR N 75 16.10 -6.87 3.40
C THR N 75 15.49 -5.63 3.94
N THR N 76 15.28 -4.66 3.07
CA THR N 76 14.58 -3.48 3.49
C THR N 76 13.23 -3.38 2.82
N GLU N 77 13.11 -4.04 1.68
CA GLU N 77 11.86 -4.11 0.96
C GLU N 77 10.83 -4.94 1.72
N LEU N 78 9.57 -4.53 1.70
CA LEU N 78 8.53 -5.26 2.43
C LEU N 78 8.08 -6.66 1.98
N ARG N 79 7.83 -6.86 0.67
CA ARG N 79 7.28 -8.14 0.24
C ARG N 79 8.16 -9.09 -0.57
N THR N 80 9.42 -8.75 -0.75
CA THR N 80 10.44 -9.53 -1.44
C THR N 80 9.90 -10.41 -2.55
N PHE N 81 9.35 -9.79 -3.57
CA PHE N 81 8.77 -10.54 -4.68
C PHE N 81 9.73 -11.33 -5.52
N SER N 82 11.01 -11.00 -5.48
CA SER N 82 11.91 -11.83 -6.24
C SER N 82 13.21 -12.03 -5.53
N ILE N 83 13.86 -13.08 -5.93
CA ILE N 83 15.15 -13.48 -5.42
C ILE N 83 15.83 -14.29 -6.49
N LEU N 84 15.07 -15.18 -7.10
CA LEU N 84 15.55 -16.06 -8.12
C LEU N 84 16.14 -15.32 -9.29
N ASN N 85 15.63 -14.12 -9.55
CA ASN N 85 16.18 -13.36 -10.63
C ASN N 85 17.58 -12.94 -10.28
N ARG N 86 17.75 -12.54 -9.02
CA ARG N 86 19.06 -12.19 -8.58
C ARG N 86 19.98 -13.38 -8.59
N LYS N 87 19.45 -14.54 -8.23
CA LYS N 87 20.27 -15.71 -8.25
C LYS N 87 20.70 -16.07 -9.65
N ALA N 88 19.84 -15.81 -10.62
CA ALA N 88 20.20 -16.05 -11.98
C ALA N 88 21.32 -15.13 -12.41
N ILE N 89 21.30 -13.91 -11.88
CA ILE N 89 22.36 -13.00 -12.20
C ILE N 89 23.67 -13.49 -11.66
N ASP N 90 23.67 -14.00 -10.44
CA ASP N 90 24.92 -14.50 -9.92
C ASP N 90 25.32 -15.81 -10.53
N PHE N 91 24.37 -16.55 -11.08
CA PHE N 91 24.77 -17.73 -11.79
C PHE N 91 25.64 -17.33 -12.94
N LEU N 92 25.23 -16.27 -13.63
CA LEU N 92 26.03 -15.79 -14.72
C LEU N 92 27.32 -15.14 -14.28
N LEU N 93 27.28 -14.38 -13.19
CA LEU N 93 28.47 -13.69 -12.75
C LEU N 93 29.55 -14.62 -12.29
N GLN N 94 29.16 -15.76 -11.75
CA GLN N 94 30.14 -16.74 -11.37
C GLN N 94 30.80 -17.39 -12.55
N ARG N 95 30.16 -17.31 -13.70
CA ARG N 95 30.73 -17.88 -14.88
C ARG N 95 31.41 -16.85 -15.77
N TRP N 96 31.14 -15.56 -15.53
CA TRP N 96 31.67 -14.54 -16.41
C TRP N 96 32.36 -13.30 -15.86
N GLY N 97 33.16 -12.73 -16.76
CA GLY N 97 34.05 -11.57 -16.60
C GLY N 97 35.50 -11.96 -16.26
N GLY N 98 35.74 -13.25 -16.05
CA GLY N 98 37.10 -13.78 -15.91
C GLY N 98 37.77 -13.86 -17.27
N THR N 99 39.10 -13.98 -17.29
CA THR N 99 39.75 -14.22 -18.57
C THR N 99 39.34 -15.64 -18.96
N CYS N 100 39.14 -15.92 -20.24
CA CYS N 100 38.71 -17.27 -20.54
C CYS N 100 38.94 -17.81 -21.96
N HIS N 101 40.12 -18.31 -22.31
CA HIS N 101 40.24 -18.93 -23.62
C HIS N 101 39.94 -20.41 -23.55
N ILE N 102 40.80 -21.08 -22.81
CA ILE N 102 40.77 -22.50 -22.55
C ILE N 102 41.42 -22.80 -21.22
N LEU N 103 42.56 -22.17 -20.98
CA LEU N 103 43.34 -22.39 -19.77
C LEU N 103 42.59 -22.18 -18.47
N GLY N 104 41.76 -21.13 -18.40
CA GLY N 104 40.98 -20.99 -17.18
C GLY N 104 39.97 -22.12 -17.14
N PRO N 105 39.55 -22.56 -15.95
CA PRO N 105 38.60 -23.62 -15.68
C PRO N 105 37.17 -23.14 -15.86
N ASP N 106 36.88 -22.61 -17.05
CA ASP N 106 35.58 -22.04 -17.26
C ASP N 106 35.17 -22.04 -18.74
N CYS N 107 33.94 -21.59 -18.94
CA CYS N 107 33.23 -21.38 -20.21
C CYS N 107 32.97 -22.60 -21.05
N CYS N 108 33.29 -23.79 -20.55
CA CYS N 108 32.98 -25.03 -21.23
C CYS N 108 33.35 -25.04 -22.69
N ILE N 109 34.59 -24.69 -22.95
CA ILE N 109 35.02 -24.64 -24.31
C ILE N 109 35.17 -26.04 -24.86
N GLU N 110 34.57 -26.24 -26.01
CA GLU N 110 34.61 -27.49 -26.74
C GLU N 110 36.05 -27.73 -27.20
N PRO N 111 36.51 -28.98 -27.33
CA PRO N 111 37.86 -29.34 -27.74
C PRO N 111 38.11 -28.77 -29.12
N HIS N 112 39.37 -28.44 -29.42
CA HIS N 112 39.64 -27.78 -30.69
C HIS N 112 40.01 -28.68 -31.83
N ASP N 113 39.22 -28.55 -32.88
CA ASP N 113 39.38 -29.23 -34.15
C ASP N 113 40.16 -28.41 -35.17
N TRP N 114 40.54 -29.05 -36.27
CA TRP N 114 41.22 -28.37 -37.37
C TRP N 114 40.59 -28.75 -38.71
N GLU O 1 30.38 -48.62 -1.66
CA GLU O 1 30.02 -49.85 -0.97
C GLU O 1 30.48 -49.86 0.46
N VAL O 2 29.54 -50.10 1.36
CA VAL O 2 29.88 -50.17 2.77
C VAL O 2 30.72 -51.42 3.02
N GLN O 3 31.79 -51.24 3.79
CA GLN O 3 32.78 -52.27 4.10
C GLN O 3 32.58 -52.92 5.46
N LEU O 4 31.36 -52.88 5.93
CA LEU O 4 30.98 -53.29 7.27
C LEU O 4 31.33 -54.70 7.69
N GLN O 5 31.76 -54.79 8.95
CA GLN O 5 32.11 -56.01 9.63
C GLN O 5 31.62 -55.96 11.07
N GLU O 6 31.38 -57.13 11.64
CA GLU O 6 30.83 -57.23 12.99
C GLU O 6 31.74 -58.00 13.94
N SER O 7 31.66 -57.67 15.22
CA SER O 7 32.53 -58.26 16.23
C SER O 7 31.90 -58.38 17.62
N GLY O 8 32.56 -59.15 18.50
CA GLY O 8 32.11 -59.34 19.89
C GLY O 8 30.99 -60.36 20.12
N GLY O 9 30.65 -61.15 19.11
CA GLY O 9 29.57 -62.13 19.23
C GLY O 9 29.95 -63.44 19.96
N GLY O 10 29.07 -64.43 19.86
CA GLY O 10 29.23 -65.75 20.48
C GLY O 10 28.53 -65.94 21.83
N LEU O 11 28.63 -67.15 22.36
CA LEU O 11 28.01 -67.55 23.63
C LEU O 11 28.56 -66.86 24.86
N MET O 12 27.64 -66.49 25.74
CA MET O 12 27.97 -65.91 27.03
C MET O 12 27.01 -66.39 28.10
N GLN O 13 27.46 -66.40 29.34
CA GLN O 13 26.59 -66.77 30.45
C GLN O 13 25.52 -65.70 30.68
N PRO O 14 24.34 -66.10 31.17
CA PRO O 14 23.20 -65.27 31.52
C PRO O 14 23.56 -64.35 32.68
N GLY O 15 22.92 -63.20 32.73
CA GLY O 15 23.14 -62.19 33.76
C GLY O 15 24.41 -61.34 33.51
N GLY O 16 25.02 -61.47 32.33
CA GLY O 16 26.27 -60.75 32.04
C GLY O 16 26.02 -59.39 31.37
N SER O 17 27.09 -58.82 30.79
CA SER O 17 26.99 -57.61 29.96
C SER O 17 28.05 -57.67 28.86
N MET O 18 27.77 -57.11 27.68
CA MET O 18 28.77 -57.14 26.61
C MET O 18 28.64 -55.96 25.64
N LYS O 19 29.72 -55.54 24.98
CA LYS O 19 29.58 -54.49 23.97
C LYS O 19 29.70 -55.04 22.56
N LEU O 20 28.57 -55.44 21.96
CA LEU O 20 28.59 -55.97 20.59
C LEU O 20 29.01 -54.84 19.67
N SER O 21 29.75 -55.12 18.63
CA SER O 21 30.22 -53.98 17.86
C SER O 21 30.33 -54.17 16.36
N CYS O 22 30.46 -53.04 15.67
CA CYS O 22 30.66 -53.07 14.24
C CYS O 22 31.67 -52.03 13.81
N VAL O 23 32.18 -52.20 12.59
CA VAL O 23 33.07 -51.23 11.98
C VAL O 23 32.73 -51.10 10.51
N ALA O 24 32.87 -49.93 9.91
CA ALA O 24 32.56 -49.83 8.49
C ALA O 24 33.34 -48.74 7.81
N SER O 25 33.38 -48.80 6.47
CA SER O 25 34.03 -47.75 5.71
C SER O 25 33.39 -47.57 4.34
N GLY O 26 33.74 -46.45 3.70
CA GLY O 26 33.26 -46.06 2.38
C GLY O 26 31.88 -45.37 2.39
N PHE O 27 31.36 -45.12 3.58
CA PHE O 27 30.14 -44.37 3.76
C PHE O 27 30.37 -43.55 5.01
N THR O 28 30.66 -42.26 4.85
CA THR O 28 30.99 -41.51 6.05
C THR O 28 29.87 -41.44 7.04
N PHE O 29 30.27 -41.58 8.30
CA PHE O 29 29.36 -41.53 9.42
C PHE O 29 28.71 -40.19 9.59
N SER O 30 29.36 -39.15 9.10
CA SER O 30 28.80 -37.82 9.19
C SER O 30 27.45 -37.67 8.51
N ASN O 31 27.15 -38.55 7.55
CA ASN O 31 25.86 -38.45 6.90
C ASN O 31 24.79 -39.41 7.40
N TYR O 32 25.01 -40.11 8.50
CA TYR O 32 23.94 -41.01 8.91
C TYR O 32 23.84 -41.40 10.36
N TRP O 33 22.71 -42.05 10.60
CA TRP O 33 22.32 -42.65 11.86
C TRP O 33 22.13 -44.12 11.59
N MET O 34 22.17 -44.92 12.63
CA MET O 34 22.21 -46.36 12.47
C MET O 34 21.25 -47.11 13.33
N ASN O 35 20.91 -48.30 12.92
CA ASN O 35 20.01 -49.10 13.69
C ASN O 35 20.52 -50.48 13.98
N TRP O 36 20.10 -51.04 15.09
CA TRP O 36 20.41 -52.43 15.34
C TRP O 36 19.13 -53.17 15.20
N VAL O 37 19.20 -54.33 14.60
CA VAL O 37 18.05 -55.19 14.45
C VAL O 37 18.45 -56.61 14.83
N ARG O 38 17.47 -57.45 15.09
CA ARG O 38 17.76 -58.80 15.47
C ARG O 38 16.82 -59.80 14.84
N GLN O 39 17.27 -61.02 14.63
CA GLN O 39 16.36 -62.00 14.04
C GLN O 39 16.46 -63.39 14.60
N SER O 40 15.33 -64.05 14.67
CA SER O 40 15.29 -65.42 15.10
C SER O 40 14.28 -66.18 14.31
N PRO O 41 14.41 -67.49 14.19
CA PRO O 41 13.43 -68.32 13.54
C PRO O 41 12.09 -68.21 14.24
N GLU O 42 12.13 -67.95 15.53
CA GLU O 42 10.93 -67.77 16.30
C GLU O 42 10.33 -66.38 16.25
N LYS O 43 11.07 -65.41 15.73
CA LYS O 43 10.61 -64.03 15.79
C LYS O 43 10.51 -63.32 14.46
N GLY O 44 11.41 -63.65 13.55
CA GLY O 44 11.54 -62.92 12.32
C GLY O 44 12.40 -61.74 12.66
N LEU O 45 12.58 -60.83 11.73
CA LEU O 45 13.35 -59.62 12.00
C LEU O 45 12.65 -58.72 12.99
N GLU O 46 13.41 -58.11 13.89
CA GLU O 46 12.83 -57.10 14.77
C GLU O 46 13.79 -55.95 15.00
N TRP O 47 13.25 -54.76 15.11
CA TRP O 47 14.07 -53.62 15.42
C TRP O 47 14.60 -53.68 16.83
N VAL O 48 15.85 -53.28 17.03
CA VAL O 48 16.38 -53.20 18.37
C VAL O 48 16.66 -51.78 18.84
N ALA O 49 17.41 -51.00 18.07
CA ALA O 49 17.75 -49.65 18.52
C ALA O 49 18.06 -48.68 17.38
N GLU O 50 17.96 -47.39 17.68
CA GLU O 50 18.27 -46.31 16.74
C GLU O 50 19.34 -45.40 17.32
N ILE O 51 20.33 -45.08 16.50
CA ILE O 51 21.39 -44.19 16.90
C ILE O 51 21.47 -42.98 16.04
N ARG O 52 20.98 -41.87 16.53
CA ARG O 52 21.01 -40.64 15.75
C ARG O 52 22.36 -40.02 15.50
N LEU O 53 22.40 -39.30 14.40
CA LEU O 53 23.50 -38.46 13.98
C LEU O 53 23.69 -37.34 15.00
N LYS O 54 24.92 -36.88 15.19
CA LYS O 54 25.22 -35.84 16.17
C LYS O 54 24.40 -34.56 15.98
N SER O 55 23.87 -34.32 14.79
CA SER O 55 22.99 -33.17 14.56
C SER O 55 21.73 -33.24 15.42
N ASN O 56 21.37 -34.46 15.83
CA ASN O 56 20.24 -34.74 16.70
C ASN O 56 20.75 -34.95 18.12
N ASN O 57 21.99 -34.55 18.34
CA ASN O 57 22.72 -34.71 19.57
C ASN O 57 22.81 -36.16 19.95
N TYR O 58 22.98 -37.02 18.95
CA TYR O 58 23.13 -38.44 19.22
C TYR O 58 21.97 -39.06 19.98
N ALA O 59 20.75 -38.54 19.82
CA ALA O 59 19.59 -39.10 20.49
C ALA O 59 19.43 -40.58 20.13
N THR O 60 18.90 -41.37 21.05
CA THR O 60 18.78 -42.78 20.74
C THR O 60 17.42 -43.33 21.09
N HIS O 61 17.11 -44.49 20.52
CA HIS O 61 15.86 -45.14 20.85
C HIS O 61 16.08 -46.63 20.94
N TYR O 62 15.22 -47.31 21.67
CA TYR O 62 15.34 -48.75 21.82
C TYR O 62 13.95 -49.34 21.75
N ALA O 63 13.81 -50.58 21.30
CA ALA O 63 12.48 -51.17 21.35
C ALA O 63 12.08 -51.21 22.81
N GLU O 64 10.81 -51.01 23.10
CA GLU O 64 10.42 -50.96 24.49
C GLU O 64 10.56 -52.28 25.24
N SER O 65 10.66 -53.39 24.51
CA SER O 65 10.85 -54.66 25.19
C SER O 65 12.29 -54.87 25.57
N VAL O 66 13.19 -54.09 24.99
CA VAL O 66 14.58 -54.20 25.34
C VAL O 66 15.10 -52.92 25.91
N LYS O 67 14.28 -51.88 25.94
CA LYS O 67 14.83 -50.62 26.39
C LYS O 67 15.30 -50.70 27.80
N GLY O 68 16.47 -50.15 28.00
CA GLY O 68 17.15 -50.06 29.27
C GLY O 68 18.02 -51.30 29.51
N ARG O 69 17.93 -52.28 28.62
CA ARG O 69 18.78 -53.44 28.70
C ARG O 69 19.98 -53.28 27.80
N PHE O 70 19.95 -52.23 26.98
CA PHE O 70 21.02 -51.95 26.06
C PHE O 70 21.22 -50.45 25.96
N THR O 71 22.42 -50.04 25.60
CA THR O 71 22.67 -48.65 25.27
C THR O 71 23.48 -48.65 24.01
N ILE O 72 23.58 -47.55 23.32
CA ILE O 72 24.45 -47.60 22.15
C ILE O 72 25.57 -46.61 22.17
N SER O 73 26.57 -46.88 21.34
CA SER O 73 27.61 -45.90 21.13
C SER O 73 28.12 -45.94 19.72
N ARG O 74 28.75 -44.86 19.33
CA ARG O 74 29.37 -44.78 18.03
C ARG O 74 30.60 -43.92 18.09
N ASP O 75 31.48 -44.11 17.12
CA ASP O 75 32.67 -43.31 17.02
C ASP O 75 32.84 -42.98 15.58
N ASP O 76 32.69 -41.71 15.27
CA ASP O 76 32.69 -41.34 13.88
C ASP O 76 34.09 -41.10 13.34
N SER O 77 35.12 -41.20 14.19
CA SER O 77 36.46 -41.12 13.66
C SER O 77 36.98 -42.51 13.41
N LYS O 78 36.43 -43.47 14.15
CA LYS O 78 36.78 -44.85 13.94
C LYS O 78 35.79 -45.56 13.09
N ARG O 79 34.65 -44.92 12.83
CA ARG O 79 33.60 -45.51 12.04
C ARG O 79 33.17 -46.81 12.70
N SER O 80 32.87 -46.72 13.99
CA SER O 80 32.56 -47.90 14.78
C SER O 80 31.29 -47.74 15.61
N VAL O 81 30.63 -48.86 15.90
CA VAL O 81 29.36 -48.86 16.63
C VAL O 81 29.34 -49.87 17.75
N TYR O 82 28.68 -49.55 18.87
CA TYR O 82 28.59 -50.49 19.97
C TYR O 82 27.16 -50.67 20.46
N LEU O 83 26.76 -51.93 20.62
CA LEU O 83 25.45 -52.25 21.17
C LEU O 83 25.41 -52.18 22.68
N GLN O 84 26.59 -52.21 23.32
CA GLN O 84 26.73 -51.95 24.75
C GLN O 84 25.65 -52.61 25.57
N MET O 85 25.54 -53.91 25.46
CA MET O 85 24.41 -54.52 26.11
C MET O 85 24.58 -54.27 27.59
N ASN O 86 23.50 -53.90 28.27
CA ASN O 86 23.59 -53.71 29.71
C ASN O 86 23.47 -55.04 30.36
N THR O 87 22.69 -55.91 29.73
CA THR O 87 22.54 -57.23 30.25
C THR O 87 22.70 -58.28 29.19
N LEU O 88 22.98 -59.48 29.65
CA LEU O 88 22.96 -60.67 28.85
C LEU O 88 22.06 -61.59 29.60
N ARG O 89 20.76 -61.39 29.48
CA ARG O 89 19.81 -62.14 30.31
C ARG O 89 19.39 -63.49 29.73
N ALA O 90 18.45 -63.45 28.79
CA ALA O 90 17.97 -64.65 28.16
C ALA O 90 17.29 -64.28 26.86
N GLU O 91 17.11 -65.26 25.98
CA GLU O 91 16.37 -65.07 24.74
C GLU O 91 17.00 -64.05 23.82
N ASP O 92 18.28 -63.81 24.00
CA ASP O 92 19.03 -62.88 23.21
C ASP O 92 19.78 -63.56 22.07
N THR O 93 19.46 -64.82 21.82
CA THR O 93 20.13 -65.71 20.88
C THR O 93 19.93 -65.40 19.39
N GLY O 94 19.07 -64.45 19.05
CA GLY O 94 18.83 -64.11 17.65
C GLY O 94 20.06 -63.46 17.01
N ILE O 95 20.11 -63.50 15.69
CA ILE O 95 21.23 -62.93 14.94
C ILE O 95 21.18 -61.42 15.00
N TYR O 96 22.32 -60.80 15.24
CA TYR O 96 22.36 -59.36 15.33
C TYR O 96 22.89 -58.71 14.10
N TYR O 97 22.31 -57.57 13.77
CA TYR O 97 22.75 -56.74 12.67
C TYR O 97 22.79 -55.29 13.04
N CYS O 98 23.60 -54.55 12.32
CA CYS O 98 23.63 -53.12 12.47
C CYS O 98 23.46 -52.57 11.06
N THR O 99 22.64 -51.53 10.93
CA THR O 99 22.30 -51.01 9.61
C THR O 99 22.44 -49.51 9.51
N ARG O 100 22.54 -49.05 8.27
CA ARG O 100 22.63 -47.62 7.96
C ARG O 100 22.12 -47.40 6.59
N GLY O 101 21.81 -46.17 6.25
CA GLY O 101 21.36 -45.96 4.91
C GLY O 101 21.16 -44.54 4.55
N ASN O 102 20.74 -44.33 3.32
CA ASN O 102 20.55 -42.98 2.87
C ASN O 102 19.41 -42.40 3.64
N GLY O 103 19.59 -41.18 4.11
CA GLY O 103 18.54 -40.53 4.87
C GLY O 103 17.33 -40.21 4.04
N ASN O 104 17.48 -40.24 2.72
CA ASN O 104 16.36 -39.94 1.89
C ASN O 104 15.67 -41.22 1.43
N TYR O 105 16.14 -42.34 1.96
CA TYR O 105 15.46 -43.59 1.83
C TYR O 105 15.23 -43.95 3.27
N ARG O 106 15.70 -45.13 3.65
CA ARG O 106 15.70 -45.57 5.02
C ARG O 106 16.93 -46.47 5.26
N ALA O 107 17.29 -46.67 6.53
CA ALA O 107 18.50 -47.42 6.92
C ALA O 107 18.53 -48.88 6.44
N MET O 108 17.42 -49.41 5.98
CA MET O 108 17.42 -50.76 5.45
C MET O 108 18.35 -50.99 4.29
N ASP O 109 18.80 -49.94 3.59
CA ASP O 109 19.60 -50.25 2.41
C ASP O 109 21.06 -50.64 2.70
N TYR O 110 21.49 -50.74 3.96
CA TYR O 110 22.76 -51.42 4.25
C TYR O 110 22.65 -52.25 5.51
N TRP O 111 23.28 -53.40 5.47
CA TRP O 111 23.28 -54.36 6.56
C TRP O 111 24.60 -55.12 6.65
N GLY O 112 24.86 -55.71 7.82
CA GLY O 112 26.04 -56.56 8.04
C GLY O 112 25.82 -57.96 7.54
N GLN O 113 26.79 -58.84 7.75
CA GLN O 113 26.57 -60.25 7.44
C GLN O 113 25.68 -60.87 8.53
N GLY O 114 25.72 -60.20 9.68
CA GLY O 114 25.04 -60.47 10.91
C GLY O 114 25.96 -61.27 11.79
N THR O 115 25.64 -61.39 13.06
CA THR O 115 26.43 -62.23 13.91
C THR O 115 25.59 -63.04 14.84
N SER O 116 26.15 -64.11 15.34
CA SER O 116 25.40 -64.88 16.31
C SER O 116 25.88 -64.52 17.67
N VAL O 117 24.95 -64.31 18.57
CA VAL O 117 25.26 -64.05 19.95
C VAL O 117 24.34 -64.94 20.72
N THR O 118 24.85 -65.67 21.69
CA THR O 118 23.96 -66.57 22.41
C THR O 118 24.13 -66.50 23.92
N VAL O 119 23.16 -67.05 24.63
CA VAL O 119 23.19 -67.03 26.09
C VAL O 119 22.98 -68.44 26.64
N SER O 120 23.74 -68.79 27.68
CA SER O 120 23.65 -70.11 28.29
C SER O 120 22.54 -70.24 29.33
N ASP P 1 1.89 -47.97 18.89
CA ASP P 1 2.82 -48.25 17.79
C ASP P 1 2.13 -49.03 16.69
N ILE P 2 2.51 -48.76 15.45
CA ILE P 2 1.87 -49.44 14.35
C ILE P 2 2.21 -50.91 14.28
N GLN P 3 1.15 -51.69 14.11
CA GLN P 3 1.22 -53.14 14.02
C GLN P 3 1.07 -53.56 12.58
N MET P 4 1.69 -54.66 12.20
CA MET P 4 1.55 -55.09 10.82
C MET P 4 1.50 -56.59 10.64
N THR P 5 0.86 -57.01 9.55
CA THR P 5 0.73 -58.41 9.19
C THR P 5 0.99 -58.66 7.71
N GLN P 6 1.20 -59.91 7.35
CA GLN P 6 1.39 -60.27 5.95
C GLN P 6 0.68 -61.54 5.57
N SER P 7 0.26 -61.61 4.31
CA SER P 7 -0.31 -62.85 3.84
C SER P 7 -0.08 -63.01 2.33
N PRO P 8 -0.18 -64.24 1.83
CA PRO P 8 -0.31 -65.52 2.50
C PRO P 8 0.97 -65.76 3.27
N ALA P 9 0.93 -66.55 4.34
CA ALA P 9 2.17 -66.76 5.09
C ALA P 9 3.24 -67.42 4.22
N SER P 10 2.82 -68.14 3.19
CA SER P 10 3.73 -68.63 2.20
C SER P 10 3.00 -68.76 0.90
N LEU P 11 3.73 -68.80 -0.21
CA LEU P 11 3.09 -69.02 -1.48
C LEU P 11 3.82 -70.06 -2.28
N SER P 12 3.13 -71.12 -2.73
CA SER P 12 3.82 -72.06 -3.60
C SER P 12 3.91 -71.43 -4.99
N VAL P 13 5.05 -71.55 -5.66
CA VAL P 13 5.19 -70.93 -6.98
C VAL P 13 5.84 -71.77 -8.07
N SER P 14 5.67 -71.30 -9.29
CA SER P 14 6.31 -71.90 -10.44
C SER P 14 7.06 -70.81 -11.18
N VAL P 15 8.05 -71.20 -11.97
CA VAL P 15 8.86 -70.22 -12.65
C VAL P 15 8.06 -69.47 -13.70
N GLY P 16 8.25 -68.16 -13.69
CA GLY P 16 7.60 -67.21 -14.58
C GLY P 16 6.19 -66.84 -14.10
N GLU P 17 5.79 -67.33 -12.92
CA GLU P 17 4.50 -67.02 -12.36
C GLU P 17 4.35 -65.57 -11.90
N THR P 18 3.17 -65.00 -12.08
CA THR P 18 2.94 -63.66 -11.54
C THR P 18 2.52 -63.83 -10.09
N VAL P 19 3.14 -63.07 -9.18
CA VAL P 19 2.78 -63.19 -7.77
C VAL P 19 2.55 -61.88 -7.09
N SER P 20 1.88 -61.92 -5.94
CA SER P 20 1.78 -60.73 -5.13
C SER P 20 1.72 -61.07 -3.65
N ILE P 21 2.00 -60.09 -2.80
CA ILE P 21 1.94 -60.28 -1.35
C ILE P 21 1.15 -59.17 -0.69
N THR P 22 0.24 -59.56 0.18
CA THR P 22 -0.52 -58.60 0.95
C THR P 22 0.17 -58.20 2.23
N CYS P 23 0.23 -56.92 2.51
CA CYS P 23 0.74 -56.50 3.80
C CYS P 23 -0.23 -55.46 4.36
N ARG P 24 -0.62 -55.64 5.62
CA ARG P 24 -1.61 -54.75 6.21
C ARG P 24 -1.12 -54.20 7.51
N ALA P 25 -1.60 -53.01 7.85
CA ALA P 25 -1.11 -52.40 9.06
C ALA P 25 -2.04 -51.41 9.69
N SER P 26 -1.71 -51.03 10.93
CA SER P 26 -2.43 -49.95 11.58
C SER P 26 -2.19 -48.79 10.62
N GLU P 27 -3.10 -47.83 10.53
CA GLU P 27 -2.96 -46.87 9.46
C GLU P 27 -1.66 -46.10 9.49
N ASN P 28 -1.14 -45.89 8.30
CA ASN P 28 0.08 -45.17 8.09
C ASN P 28 -0.08 -44.16 6.99
N ILE P 29 -0.14 -42.88 7.36
CA ILE P 29 -0.24 -41.83 6.35
C ILE P 29 1.01 -41.78 5.50
N TYR P 30 2.12 -42.28 6.04
CA TYR P 30 3.34 -42.32 5.32
C TYR P 30 3.30 -43.42 4.28
N SER P 31 3.89 -43.15 3.13
CA SER P 31 4.10 -44.16 2.11
C SER P 31 5.47 -44.81 2.31
N SER P 32 6.11 -44.50 3.45
CA SER P 32 7.43 -44.95 3.90
C SER P 32 7.68 -46.45 3.83
N LEU P 33 6.62 -47.22 3.66
CA LEU P 33 6.61 -48.63 3.63
C LEU P 33 7.53 -49.18 2.58
N ALA P 34 8.15 -50.29 2.89
CA ALA P 34 9.12 -50.85 1.96
C ALA P 34 9.17 -52.36 2.08
N TRP P 35 9.83 -53.00 1.11
CA TRP P 35 9.91 -54.47 1.08
C TRP P 35 11.32 -54.95 0.86
N TYR P 36 11.61 -56.12 1.42
CA TYR P 36 12.92 -56.73 1.31
C TYR P 36 12.85 -58.26 1.35
N GLN P 37 13.94 -58.94 0.99
CA GLN P 37 13.93 -60.40 1.02
C GLN P 37 15.26 -60.97 1.45
N GLN P 38 15.24 -62.21 1.92
CA GLN P 38 16.46 -62.86 2.35
C GLN P 38 16.45 -64.32 2.00
N LYS P 39 17.64 -64.89 1.94
CA LYS P 39 17.83 -66.29 1.60
C LYS P 39 18.52 -66.96 2.74
N GLN P 40 18.41 -68.28 2.85
CA GLN P 40 19.10 -68.86 3.97
C GLN P 40 20.57 -68.61 3.78
N GLY P 41 21.24 -68.29 4.87
CA GLY P 41 22.67 -68.02 4.85
C GLY P 41 22.93 -66.59 4.32
N LYS P 42 21.87 -65.80 4.15
CA LYS P 42 22.02 -64.47 3.59
C LYS P 42 21.36 -63.35 4.38
N SER P 43 22.07 -62.22 4.43
CA SER P 43 21.58 -61.00 5.05
C SER P 43 20.43 -60.45 4.21
N PRO P 44 19.47 -59.77 4.81
CA PRO P 44 18.31 -59.28 4.09
C PRO P 44 18.73 -58.29 3.04
N GLN P 45 17.97 -58.21 1.96
CA GLN P 45 18.28 -57.24 0.95
C GLN P 45 17.04 -56.48 0.52
N LEU P 46 17.17 -55.17 0.43
CA LEU P 46 16.04 -54.36 0.06
C LEU P 46 15.57 -54.64 -1.34
N LEU P 47 14.26 -54.70 -1.51
CA LEU P 47 13.70 -54.83 -2.83
C LEU P 47 13.12 -53.56 -3.36
N VAL P 48 12.45 -52.82 -2.50
CA VAL P 48 11.91 -51.58 -2.98
C VAL P 48 12.11 -50.49 -1.95
N TYR P 49 12.40 -49.31 -2.45
CA TYR P 49 12.52 -48.07 -1.70
C TYR P 49 11.14 -47.72 -1.24
N SER P 50 11.04 -46.80 -0.31
CA SER P 50 9.74 -46.52 0.22
C SER P 50 8.74 -46.25 -0.89
N ALA P 51 7.52 -46.64 -0.59
CA ALA P 51 6.39 -46.64 -1.49
C ALA P 51 6.64 -47.59 -2.64
N THR P 52 6.70 -47.08 -3.87
CA THR P 52 6.90 -47.94 -5.02
C THR P 52 8.22 -47.78 -5.74
N ILE P 53 9.16 -47.01 -5.22
CA ILE P 53 10.36 -46.84 -6.04
C ILE P 53 11.27 -48.04 -5.84
N LEU P 54 11.63 -48.73 -6.92
CA LEU P 54 12.48 -49.91 -6.76
C LEU P 54 13.88 -49.64 -6.28
N ALA P 55 14.40 -50.55 -5.46
CA ALA P 55 15.78 -50.51 -4.99
C ALA P 55 16.71 -50.67 -6.20
N ASP P 56 17.90 -50.07 -6.13
CA ASP P 56 18.80 -50.17 -7.26
C ASP P 56 19.24 -51.60 -7.55
N GLY P 57 19.21 -51.91 -8.83
CA GLY P 57 19.60 -53.19 -9.40
C GLY P 57 18.51 -54.25 -9.30
N VAL P 58 17.33 -53.86 -8.82
CA VAL P 58 16.19 -54.75 -8.80
C VAL P 58 15.61 -54.85 -10.20
N PRO P 59 15.25 -56.06 -10.66
CA PRO P 59 14.66 -56.31 -11.95
C PRO P 59 13.34 -55.60 -12.11
N SER P 60 13.03 -55.26 -13.35
CA SER P 60 11.78 -54.58 -13.71
C SER P 60 10.53 -55.36 -13.33
N ARG P 61 10.68 -56.66 -13.13
CA ARG P 61 9.60 -57.54 -12.75
C ARG P 61 8.92 -57.09 -11.46
N PHE P 62 9.69 -56.51 -10.57
CA PHE P 62 9.19 -56.07 -9.30
C PHE P 62 8.25 -54.86 -9.38
N SER P 63 7.23 -54.85 -8.53
CA SER P 63 6.24 -53.79 -8.44
C SER P 63 5.60 -53.77 -7.05
N GLY P 64 4.73 -52.80 -6.82
CA GLY P 64 3.98 -52.78 -5.55
C GLY P 64 2.90 -51.70 -5.55
N SER P 65 2.11 -51.66 -4.48
CA SER P 65 1.02 -50.71 -4.44
C SER P 65 0.53 -50.32 -3.06
N GLY P 66 -0.29 -49.28 -3.02
CA GLY P 66 -1.07 -48.90 -1.85
C GLY P 66 -0.48 -47.91 -0.88
N SER P 67 -1.31 -47.56 0.10
CA SER P 67 -1.01 -46.61 1.16
C SER P 67 -1.89 -46.89 2.40
N GLY P 68 -1.56 -46.26 3.51
CA GLY P 68 -2.40 -46.42 4.69
C GLY P 68 -2.31 -47.83 5.21
N THR P 69 -3.46 -48.40 5.53
CA THR P 69 -3.48 -49.74 6.07
C THR P 69 -3.30 -50.82 5.03
N GLN P 70 -3.41 -50.50 3.74
CA GLN P 70 -3.29 -51.58 2.76
C GLN P 70 -2.33 -51.32 1.64
N TYR P 71 -1.44 -52.26 1.46
CA TYR P 71 -0.44 -52.16 0.43
C TYR P 71 0.05 -53.55 0.00
N SER P 72 0.74 -53.61 -1.13
CA SER P 72 1.15 -54.90 -1.63
C SER P 72 2.44 -54.92 -2.41
N LEU P 73 2.96 -56.11 -2.60
CA LEU P 73 4.14 -56.35 -3.42
C LEU P 73 3.73 -57.16 -4.61
N LYS P 74 4.24 -56.84 -5.77
CA LYS P 74 3.94 -57.65 -6.94
C LYS P 74 5.18 -58.00 -7.75
N ILE P 75 5.19 -59.19 -8.34
CA ILE P 75 6.26 -59.50 -9.27
C ILE P 75 5.63 -60.06 -10.53
N ASN P 76 6.03 -59.54 -11.69
CA ASN P 76 5.44 -59.94 -12.95
C ASN P 76 5.72 -61.39 -13.33
N SER P 77 6.93 -61.84 -13.08
CA SER P 77 7.29 -63.22 -13.35
C SER P 77 8.37 -63.63 -12.37
N LEU P 78 8.61 -64.92 -12.25
CA LEU P 78 9.62 -65.38 -11.30
C LEU P 78 10.82 -66.05 -11.90
N GLN P 79 11.95 -65.81 -11.29
CA GLN P 79 13.19 -66.47 -11.66
C GLN P 79 13.63 -67.26 -10.47
N SER P 80 14.33 -68.38 -10.69
CA SER P 80 14.78 -69.21 -9.56
C SER P 80 15.66 -68.44 -8.58
N GLU P 81 16.30 -67.38 -9.04
CA GLU P 81 17.11 -66.53 -8.18
C GLU P 81 16.29 -65.81 -7.12
N ASP P 82 14.97 -65.78 -7.28
CA ASP P 82 14.12 -65.09 -6.34
C ASP P 82 13.67 -65.95 -5.17
N PHE P 83 14.11 -67.20 -5.09
CA PHE P 83 13.71 -67.98 -3.94
C PHE P 83 14.23 -67.40 -2.66
N GLY P 84 13.41 -67.46 -1.63
CA GLY P 84 13.77 -66.85 -0.36
C GLY P 84 12.51 -66.59 0.43
N THR P 85 12.59 -65.64 1.34
CA THR P 85 11.43 -65.23 2.09
C THR P 85 11.32 -63.73 1.96
N TYR P 86 10.13 -63.21 2.19
CA TYR P 86 9.88 -61.81 1.91
C TYR P 86 9.22 -61.08 3.04
N TYR P 87 9.56 -59.82 3.13
CA TYR P 87 9.10 -58.98 4.22
C TYR P 87 8.70 -57.58 3.83
N CYS P 88 8.04 -56.92 4.77
CA CYS P 88 7.71 -55.53 4.63
C CYS P 88 7.90 -54.85 5.98
N GLN P 89 8.00 -53.53 5.97
CA GLN P 89 8.28 -52.81 7.22
C GLN P 89 7.72 -51.43 7.36
N HIS P 90 7.60 -51.00 8.62
CA HIS P 90 7.24 -49.63 8.91
C HIS P 90 8.40 -48.83 9.29
N PHE P 91 8.76 -47.97 8.37
CA PHE P 91 9.78 -46.99 8.55
C PHE P 91 9.23 -45.60 8.76
N TRP P 92 7.94 -45.51 9.11
CA TRP P 92 7.30 -44.20 9.16
C TRP P 92 8.04 -43.22 10.06
N GLY P 93 8.72 -43.72 11.10
CA GLY P 93 9.58 -42.87 11.89
C GLY P 93 10.34 -43.64 12.95
N THR P 94 9.65 -44.00 14.04
CA THR P 94 10.24 -44.84 15.07
C THR P 94 9.12 -45.23 16.05
N PRO P 95 9.16 -46.39 16.68
CA PRO P 95 10.02 -47.55 16.53
C PRO P 95 9.71 -48.19 15.21
N TYR P 96 10.69 -48.85 14.64
CA TYR P 96 10.46 -49.59 13.43
C TYR P 96 9.65 -50.85 13.69
N THR P 97 8.84 -51.26 12.71
CA THR P 97 8.09 -52.50 12.87
C THR P 97 8.34 -53.36 11.64
N PHE P 98 8.22 -54.68 11.79
CA PHE P 98 8.41 -55.57 10.64
C PHE P 98 7.35 -56.65 10.59
N GLY P 99 7.01 -57.06 9.38
CA GLY P 99 6.08 -58.14 9.15
C GLY P 99 6.71 -59.47 9.55
N GLY P 100 5.88 -60.48 9.81
CA GLY P 100 6.40 -61.81 10.13
C GLY P 100 7.11 -62.48 8.95
N GLY P 101 6.86 -61.95 7.75
CA GLY P 101 7.46 -62.40 6.51
C GLY P 101 6.63 -63.45 5.83
N THR P 102 7.04 -63.83 4.62
CA THR P 102 6.38 -64.90 3.92
C THR P 102 7.42 -65.82 3.33
N LYS P 103 7.03 -67.03 2.97
CA LYS P 103 7.98 -67.92 2.33
C LYS P 103 7.66 -68.22 0.89
N LEU P 104 8.67 -68.15 0.03
CA LEU P 104 8.43 -68.46 -1.36
C LEU P 104 8.59 -69.95 -1.63
N GLU P 105 7.56 -70.71 -1.29
CA GLU P 105 7.53 -72.15 -1.51
C GLU P 105 7.55 -72.50 -3.00
N ILE P 106 8.15 -73.61 -3.35
CA ILE P 106 8.17 -74.01 -4.76
C ILE P 106 7.22 -75.17 -5.04
N LYS P 107 6.54 -75.11 -6.18
CA LYS P 107 5.64 -76.17 -6.63
C LYS P 107 6.39 -77.42 -7.08
N ASP Q 1 -18.94 -18.65 45.67
CA ASP Q 1 -18.58 -17.48 46.47
C ASP Q 1 -18.01 -16.37 45.62
N VAL Q 2 -18.90 -15.55 45.07
CA VAL Q 2 -18.46 -14.44 44.24
C VAL Q 2 -19.11 -13.17 44.68
N LYS Q 3 -18.33 -12.15 44.93
CA LYS Q 3 -18.96 -10.92 45.34
C LYS Q 3 -19.35 -10.12 44.11
N LEU Q 4 -20.50 -10.48 43.56
CA LEU Q 4 -21.08 -9.77 42.45
C LEU Q 4 -21.50 -8.41 42.94
N LEU Q 5 -21.24 -7.37 42.18
CA LEU Q 5 -21.60 -6.04 42.63
C LEU Q 5 -22.47 -5.32 41.63
N GLU Q 6 -23.60 -4.83 42.09
CA GLU Q 6 -24.46 -4.02 41.25
C GLU Q 6 -23.90 -2.63 40.99
N SER Q 7 -24.15 -2.12 39.80
CA SER Q 7 -23.85 -0.71 39.51
C SER Q 7 -24.77 -0.19 38.43
N GLY Q 8 -24.89 1.11 38.31
CA GLY Q 8 -25.70 1.61 37.21
C GLY Q 8 -25.83 3.11 37.17
N GLY Q 9 -26.59 3.59 36.20
CA GLY Q 9 -26.92 4.99 36.04
C GLY Q 9 -27.83 5.50 37.15
N GLY Q 10 -27.82 6.81 37.35
CA GLY Q 10 -28.66 7.51 38.34
C GLY Q 10 -30.05 7.80 37.77
N LEU Q 11 -30.77 8.71 38.43
CA LEU Q 11 -32.09 9.11 37.96
C LEU Q 11 -32.00 9.73 36.59
N VAL Q 12 -32.92 9.38 35.70
CA VAL Q 12 -32.91 9.99 34.36
C VAL Q 12 -34.28 10.49 33.98
N GLN Q 13 -34.33 11.39 33.02
CA GLN Q 13 -35.60 11.80 32.46
C GLN Q 13 -36.17 10.63 31.69
N PRO Q 14 -37.49 10.48 31.61
CA PRO Q 14 -38.15 9.51 30.79
C PRO Q 14 -37.85 9.91 29.35
N GLY Q 15 -37.79 8.93 28.45
CA GLY Q 15 -37.39 9.20 27.08
C GLY Q 15 -35.85 9.31 26.98
N GLY Q 16 -35.16 8.95 28.07
CA GLY Q 16 -33.72 9.06 28.23
C GLY Q 16 -32.99 7.79 27.82
N SER Q 17 -31.80 7.60 28.35
CA SER Q 17 -31.07 6.36 28.12
C SER Q 17 -30.37 5.94 29.38
N LEU Q 18 -30.12 4.64 29.51
CA LEU Q 18 -29.52 4.10 30.72
C LEU Q 18 -28.37 3.16 30.50
N LYS Q 19 -27.34 3.31 31.31
CA LYS Q 19 -26.29 2.32 31.28
C LYS Q 19 -26.25 1.62 32.63
N LEU Q 20 -26.18 0.31 32.60
CA LEU Q 20 -26.12 -0.50 33.81
C LEU Q 20 -24.89 -1.37 33.82
N SER Q 21 -24.37 -1.66 34.99
CA SER Q 21 -23.22 -2.56 35.01
C SER Q 21 -23.11 -3.38 36.26
N CYS Q 22 -22.31 -4.43 36.19
CA CYS Q 22 -22.00 -5.22 37.37
C CYS Q 22 -20.59 -5.72 37.32
N ALA Q 23 -20.13 -6.23 38.43
CA ALA Q 23 -18.80 -6.81 38.42
C ALA Q 23 -18.70 -8.01 39.32
N ALA Q 24 -17.86 -8.94 38.94
CA ALA Q 24 -17.68 -10.15 39.74
C ALA Q 24 -16.40 -10.04 40.50
N SER Q 25 -16.39 -9.28 41.58
CA SER Q 25 -15.13 -9.13 42.28
C SER Q 25 -14.57 -10.45 42.82
N GLY Q 26 -15.43 -11.43 43.10
CA GLY Q 26 -14.95 -12.72 43.55
C GLY Q 26 -14.60 -13.72 42.44
N PHE Q 27 -14.82 -13.37 41.17
CA PHE Q 27 -14.52 -14.33 40.11
C PHE Q 27 -14.09 -13.72 38.79
N SER Q 28 -13.05 -14.29 38.20
CA SER Q 28 -12.50 -13.85 36.93
C SER Q 28 -13.44 -13.86 35.74
N LEU Q 29 -14.45 -14.72 35.78
CA LEU Q 29 -15.38 -14.95 34.68
C LEU Q 29 -14.67 -15.58 33.50
N SER Q 30 -13.51 -16.19 33.74
CA SER Q 30 -12.75 -16.78 32.65
C SER Q 30 -13.09 -18.23 32.36
N THR Q 31 -13.97 -18.84 33.14
CA THR Q 31 -14.29 -20.22 32.84
C THR Q 31 -15.15 -20.25 31.61
N SER Q 32 -14.85 -21.15 30.70
CA SER Q 32 -15.67 -21.21 29.51
C SER Q 32 -17.05 -21.65 29.84
N GLY Q 33 -17.98 -21.12 29.10
CA GLY Q 33 -19.38 -21.46 29.27
C GLY Q 33 -20.01 -20.73 30.45
N VAL Q 34 -19.30 -19.79 31.07
CA VAL Q 34 -19.97 -19.04 32.11
C VAL Q 34 -21.03 -18.17 31.53
N GLY Q 35 -22.16 -18.16 32.19
CA GLY Q 35 -23.23 -17.33 31.75
C GLY Q 35 -23.59 -16.38 32.85
N VAL Q 36 -23.82 -15.14 32.46
CA VAL Q 36 -24.25 -14.13 33.37
C VAL Q 36 -25.41 -13.44 32.72
N GLY Q 37 -26.18 -12.70 33.48
CA GLY Q 37 -27.30 -12.06 32.83
C GLY Q 37 -28.05 -11.14 33.70
N TRP Q 38 -29.09 -10.56 33.12
CA TRP Q 38 -29.87 -9.58 33.80
C TRP Q 38 -31.33 -9.89 33.80
N PHE Q 39 -31.99 -9.45 34.84
CA PHE Q 39 -33.42 -9.56 34.98
C PHE Q 39 -33.91 -8.40 35.84
N ARG Q 40 -35.20 -8.10 35.84
CA ARG Q 40 -35.68 -7.00 36.66
C ARG Q 40 -37.01 -7.29 37.32
N GLN Q 41 -37.25 -6.59 38.42
CA GLN Q 41 -38.48 -6.73 39.19
C GLN Q 41 -39.07 -5.37 39.53
N PRO Q 42 -39.88 -4.78 38.64
CA PRO Q 42 -40.60 -3.55 38.87
C PRO Q 42 -41.57 -3.79 39.99
N SER Q 43 -41.88 -2.82 40.81
CA SER Q 43 -42.99 -2.92 41.77
C SER Q 43 -43.13 -4.22 42.59
N GLY Q 44 -42.04 -4.93 42.90
CA GLY Q 44 -42.16 -6.18 43.64
C GLY Q 44 -42.60 -7.38 42.76
N LYS Q 45 -42.61 -7.17 41.45
CA LYS Q 45 -42.96 -8.13 40.40
C LYS Q 45 -41.93 -9.23 40.25
N GLY Q 46 -42.35 -10.31 39.62
CA GLY Q 46 -41.51 -11.48 39.41
C GLY Q 46 -40.33 -11.19 38.46
N LEU Q 47 -39.48 -12.18 38.32
CA LEU Q 47 -38.18 -12.11 37.68
C LEU Q 47 -38.21 -11.89 36.17
N GLU Q 48 -38.57 -10.70 35.71
CA GLU Q 48 -38.62 -10.52 34.26
C GLU Q 48 -37.24 -10.68 33.67
N TRP Q 49 -37.12 -11.48 32.61
CA TRP Q 49 -35.83 -11.63 31.97
C TRP Q 49 -35.40 -10.42 31.18
N LEU Q 50 -34.12 -10.06 31.23
CA LEU Q 50 -33.64 -9.02 30.34
C LEU Q 50 -32.62 -9.50 29.30
N ALA Q 51 -31.53 -10.11 29.78
CA ALA Q 51 -30.48 -10.50 28.85
C ALA Q 51 -29.55 -11.62 29.35
N LEU Q 52 -28.88 -12.29 28.40
CA LEU Q 52 -27.84 -13.26 28.73
C LEU Q 52 -26.54 -13.00 28.02
N ILE Q 53 -25.45 -13.20 28.74
CA ILE Q 53 -24.13 -13.01 28.22
C ILE Q 53 -23.28 -14.25 28.48
N TRP Q 54 -22.59 -14.74 27.46
CA TRP Q 54 -21.74 -15.89 27.70
C TRP Q 54 -20.29 -15.57 27.53
N TRP Q 55 -19.46 -16.19 28.37
CA TRP Q 55 -18.01 -16.06 28.31
C TRP Q 55 -17.46 -16.51 26.98
N ASP Q 56 -18.22 -17.33 26.28
CA ASP Q 56 -17.89 -17.83 24.97
C ASP Q 56 -18.28 -16.83 23.86
N ASP Q 57 -18.65 -15.60 24.25
CA ASP Q 57 -19.07 -14.51 23.37
C ASP Q 57 -20.41 -14.73 22.71
N ASP Q 58 -21.40 -15.10 23.51
CA ASP Q 58 -22.75 -15.26 22.99
C ASP Q 58 -23.71 -14.28 23.68
N LYS Q 59 -24.63 -13.70 22.91
CA LYS Q 59 -25.55 -12.74 23.51
C LYS Q 59 -27.01 -13.07 23.25
N TYR Q 60 -27.86 -12.85 24.25
CA TYR Q 60 -29.30 -13.04 24.09
C TYR Q 60 -30.07 -11.93 24.75
N TYR Q 61 -31.25 -11.65 24.23
CA TYR Q 61 -32.07 -10.59 24.77
C TYR Q 61 -33.51 -10.97 24.87
N ASN Q 62 -34.25 -10.28 25.75
CA ASN Q 62 -35.68 -10.47 25.77
C ASN Q 62 -36.20 -9.68 24.60
N PRO Q 63 -36.76 -10.33 23.57
CA PRO Q 63 -37.18 -9.74 22.31
C PRO Q 63 -38.15 -8.60 22.48
N SER Q 64 -38.95 -8.60 23.55
CA SER Q 64 -39.86 -7.51 23.74
C SER Q 64 -39.14 -6.21 24.07
N LEU Q 65 -37.98 -6.32 24.73
CA LEU Q 65 -37.18 -5.16 25.07
C LEU Q 65 -35.97 -5.01 24.18
N LYS Q 66 -35.70 -6.03 23.39
CA LYS Q 66 -34.49 -6.10 22.59
C LYS Q 66 -34.27 -4.94 21.67
N SER Q 67 -35.34 -4.36 21.13
CA SER Q 67 -35.15 -3.23 20.24
C SER Q 67 -34.45 -2.03 20.90
N GLN Q 68 -34.58 -1.90 22.21
CA GLN Q 68 -33.89 -0.83 22.92
C GLN Q 68 -32.82 -1.31 23.87
N LEU Q 69 -32.39 -2.56 23.73
CA LEU Q 69 -31.45 -3.09 24.71
C LEU Q 69 -30.18 -3.67 24.11
N SER Q 70 -29.02 -3.33 24.68
CA SER Q 70 -27.78 -3.90 24.19
C SER Q 70 -26.84 -4.38 25.31
N ILE Q 71 -26.16 -5.48 25.02
CA ILE Q 71 -25.14 -6.11 25.86
C ILE Q 71 -23.72 -5.69 25.57
N SER Q 72 -23.00 -5.38 26.63
CA SER Q 72 -21.57 -5.11 26.49
C SER Q 72 -20.84 -5.69 27.69
N LYS Q 73 -19.56 -5.97 27.51
CA LYS Q 73 -18.78 -6.50 28.62
C LYS Q 73 -17.35 -5.98 28.62
N ASP Q 74 -16.71 -6.06 29.77
CA ASP Q 74 -15.30 -5.74 29.88
C ASP Q 74 -14.66 -6.72 30.81
N PHE Q 75 -14.30 -7.84 30.24
CA PHE Q 75 -13.69 -8.94 30.95
C PHE Q 75 -12.44 -8.60 31.70
N SER Q 76 -11.62 -7.68 31.19
CA SER Q 76 -10.40 -7.35 31.90
C SER Q 76 -10.67 -6.85 33.32
N ARG Q 77 -11.85 -6.27 33.55
CA ARG Q 77 -12.24 -5.79 34.86
C ARG Q 77 -13.37 -6.61 35.48
N ASN Q 78 -13.68 -7.77 34.89
CA ASN Q 78 -14.81 -8.62 35.29
C ASN Q 78 -16.12 -7.84 35.24
N GLN Q 79 -16.33 -7.08 34.17
CA GLN Q 79 -17.51 -6.23 34.05
C GLN Q 79 -18.54 -6.70 33.05
N VAL Q 80 -19.79 -6.43 33.33
CA VAL Q 80 -20.85 -6.67 32.36
C VAL Q 80 -21.70 -5.42 32.30
N PHE Q 81 -22.26 -5.13 31.13
CA PHE Q 81 -23.03 -3.91 30.98
C PHE Q 81 -24.29 -4.04 30.15
N LEU Q 82 -25.24 -3.15 30.41
CA LEU Q 82 -26.39 -3.00 29.54
C LEU Q 82 -26.54 -1.58 29.08
N LYS Q 83 -26.98 -1.40 27.85
CA LYS Q 83 -27.32 -0.08 27.38
C LYS Q 83 -28.78 -0.07 27.02
N ILE Q 84 -29.52 0.91 27.50
CA ILE Q 84 -30.92 0.96 27.15
C ILE Q 84 -31.33 2.26 26.51
N SER Q 85 -31.76 2.17 25.26
CA SER Q 85 -32.33 3.27 24.51
C SER Q 85 -33.72 3.59 25.02
N ASN Q 86 -34.15 4.84 24.92
CA ASN Q 86 -35.55 5.15 25.23
C ASN Q 86 -36.04 4.73 26.61
N VAL Q 87 -35.27 5.03 27.64
CA VAL Q 87 -35.70 4.69 28.97
C VAL Q 87 -36.85 5.55 29.38
N ASP Q 88 -37.88 4.94 29.95
CA ASP Q 88 -39.01 5.73 30.42
C ASP Q 88 -39.62 5.10 31.64
N ILE Q 89 -40.76 5.61 32.08
CA ILE Q 89 -41.37 5.13 33.31
C ILE Q 89 -41.66 3.62 33.33
N ALA Q 90 -41.91 3.01 32.17
CA ALA Q 90 -42.16 1.57 32.13
C ALA Q 90 -40.90 0.79 32.43
N ASP Q 91 -39.75 1.44 32.32
CA ASP Q 91 -38.49 0.83 32.61
C ASP Q 91 -38.05 1.03 34.04
N THR Q 92 -38.89 1.62 34.90
CA THR Q 92 -38.40 1.75 36.25
C THR Q 92 -38.58 0.42 36.93
N ALA Q 93 -37.51 -0.06 37.53
CA ALA Q 93 -37.57 -1.37 38.16
C ALA Q 93 -36.44 -1.61 39.11
N THR Q 94 -36.56 -2.61 39.98
CA THR Q 94 -35.33 -3.03 40.59
C THR Q 94 -34.60 -3.78 39.49
N TYR Q 95 -33.29 -3.84 39.53
CA TYR Q 95 -32.52 -4.59 38.54
C TYR Q 95 -31.48 -5.46 39.18
N TYR Q 96 -31.26 -6.60 38.57
CA TYR Q 96 -30.28 -7.53 39.09
C TYR Q 96 -29.42 -8.22 38.05
N CYS Q 97 -28.21 -8.54 38.48
CA CYS Q 97 -27.29 -9.39 37.74
C CYS Q 97 -27.41 -10.85 38.19
N ALA Q 98 -27.00 -11.78 37.34
CA ALA Q 98 -27.08 -13.19 37.71
C ALA Q 98 -25.96 -14.00 37.10
N ARG Q 99 -25.66 -15.15 37.70
CA ARG Q 99 -24.63 -16.05 37.20
C ARG Q 99 -25.03 -17.52 37.40
N ARG Q 100 -24.52 -18.40 36.54
CA ARG Q 100 -24.81 -19.83 36.72
C ARG Q 100 -24.33 -20.25 38.09
N ASP Q 101 -25.08 -21.12 38.77
CA ASP Q 101 -24.63 -21.52 40.09
C ASP Q 101 -24.15 -22.98 40.17
N PRO Q 102 -24.94 -24.00 39.77
CA PRO Q 102 -24.43 -25.35 39.66
C PRO Q 102 -23.33 -25.43 38.62
N PHE Q 103 -23.41 -24.54 37.64
CA PHE Q 103 -22.38 -24.35 36.65
C PHE Q 103 -22.12 -25.48 35.66
N GLY Q 104 -22.57 -25.29 34.45
CA GLY Q 104 -22.31 -26.25 33.40
C GLY Q 104 -23.37 -27.31 33.19
N TYR Q 105 -24.42 -27.35 33.99
CA TYR Q 105 -25.48 -28.25 33.58
C TYR Q 105 -26.84 -27.58 33.82
N ASP Q 106 -27.66 -27.51 32.77
CA ASP Q 106 -29.00 -26.91 32.79
C ASP Q 106 -29.04 -25.45 33.23
N ASN Q 107 -27.98 -24.71 32.93
CA ASN Q 107 -27.87 -23.32 33.31
C ASN Q 107 -27.66 -23.22 34.80
N ALA Q 108 -28.63 -23.75 35.55
CA ALA Q 108 -28.57 -23.77 37.00
C ALA Q 108 -28.34 -22.39 37.61
N MET Q 109 -28.94 -21.36 37.02
CA MET Q 109 -28.74 -20.02 37.59
C MET Q 109 -30.03 -19.29 37.94
N GLY Q 110 -30.15 -18.95 39.22
CA GLY Q 110 -29.10 -19.37 40.15
C GLY Q 110 -28.45 -18.19 40.87
N TYR Q 111 -27.15 -18.05 40.78
CA TYR Q 111 -26.44 -17.09 41.60
C TYR Q 111 -26.96 -15.67 41.33
N TRP Q 112 -27.08 -14.83 42.36
CA TRP Q 112 -27.68 -13.51 42.14
C TRP Q 112 -26.92 -12.30 42.62
N GLY Q 113 -27.21 -11.19 41.96
CA GLY Q 113 -26.74 -9.86 42.29
C GLY Q 113 -27.37 -9.29 43.56
N GLN Q 114 -26.74 -8.27 44.12
CA GLN Q 114 -27.18 -7.58 45.34
C GLN Q 114 -28.56 -6.91 45.23
N GLY Q 115 -28.83 -6.43 44.03
CA GLY Q 115 -30.01 -5.70 43.61
C GLY Q 115 -29.75 -4.20 43.60
N THR Q 116 -30.27 -3.54 42.58
CA THR Q 116 -30.23 -2.10 42.38
C THR Q 116 -31.56 -1.63 41.89
N SER Q 117 -31.77 -0.34 41.80
CA SER Q 117 -33.03 0.07 41.19
C SER Q 117 -32.87 1.29 40.34
N VAL Q 118 -33.79 1.47 39.40
CA VAL Q 118 -33.77 2.61 38.50
C VAL Q 118 -35.13 3.27 38.41
N THR Q 119 -35.12 4.59 38.44
CA THR Q 119 -36.31 5.40 38.32
C THR Q 119 -36.11 6.53 37.32
N VAL Q 120 -37.21 7.15 36.89
CA VAL Q 120 -37.13 8.27 35.97
C VAL Q 120 -37.91 9.46 36.51
N SER Q 121 -37.61 10.65 35.98
CA SER Q 121 -38.28 11.88 36.38
C SER Q 121 -38.02 13.04 35.42
N ASP R 1 -42.36 -15.67 26.62
CA ASP R 1 -43.38 -16.03 25.65
C ASP R 1 -44.19 -17.23 26.11
N ILE R 2 -43.50 -18.28 26.51
CA ILE R 2 -44.15 -19.49 26.97
C ILE R 2 -44.88 -19.22 28.27
N VAL R 3 -46.11 -19.70 28.36
CA VAL R 3 -46.87 -19.46 29.57
C VAL R 3 -46.34 -20.22 30.74
N MET R 4 -46.21 -19.52 31.86
CA MET R 4 -45.84 -20.13 33.12
C MET R 4 -46.85 -19.74 34.17
N THR R 5 -47.32 -20.69 34.95
CA THR R 5 -48.21 -20.36 36.05
C THR R 5 -47.86 -21.13 37.28
N GLN R 6 -48.36 -20.68 38.41
CA GLN R 6 -48.14 -21.38 39.65
C GLN R 6 -49.35 -21.34 40.54
N SER R 7 -49.50 -22.35 41.38
CA SER R 7 -50.60 -22.30 42.32
C SER R 7 -50.31 -23.03 43.63
N PRO R 8 -51.08 -22.72 44.68
CA PRO R 8 -52.09 -21.67 44.84
C PRO R 8 -51.38 -20.32 44.78
N LEU R 9 -52.08 -19.28 44.34
CA LEU R 9 -51.43 -17.96 44.24
C LEU R 9 -50.99 -17.46 45.61
N SER R 10 -51.72 -17.86 46.65
CA SER R 10 -51.25 -17.60 47.99
C SER R 10 -51.73 -18.69 48.91
N LEU R 11 -50.97 -18.96 49.96
CA LEU R 11 -51.38 -19.98 50.90
C LEU R 11 -51.25 -19.57 52.35
N SER R 12 -52.34 -19.70 53.13
CA SER R 12 -52.22 -19.52 54.56
C SER R 12 -51.45 -20.67 55.14
N THR R 13 -50.62 -20.44 56.14
CA THR R 13 -49.89 -21.55 56.72
C THR R 13 -49.79 -21.56 58.23
N SER R 14 -49.33 -22.68 58.75
CA SER R 14 -49.06 -22.87 60.15
C SER R 14 -47.84 -23.80 60.26
N VAL R 15 -47.21 -23.84 61.42
CA VAL R 15 -46.00 -24.65 61.57
C VAL R 15 -46.29 -26.14 61.45
N GLY R 16 -45.41 -26.81 60.74
CA GLY R 16 -45.46 -28.24 60.47
C GLY R 16 -46.36 -28.60 59.28
N ASP R 17 -46.88 -27.59 58.58
CA ASP R 17 -47.66 -27.84 57.37
C ASP R 17 -46.86 -28.47 56.26
N ARG R 18 -47.46 -29.42 55.57
CA ARG R 18 -46.80 -29.90 54.39
C ARG R 18 -47.25 -29.00 53.26
N VAL R 19 -46.34 -28.16 52.79
CA VAL R 19 -46.67 -27.24 51.73
C VAL R 19 -46.68 -27.91 50.40
N SER R 20 -47.68 -27.63 49.58
CA SER R 20 -47.59 -28.12 48.22
C SER R 20 -47.80 -26.98 47.25
N LEU R 21 -46.87 -26.84 46.32
CA LEU R 21 -46.89 -25.81 45.30
C LEU R 21 -46.75 -26.41 43.94
N THR R 22 -47.31 -25.79 42.92
CA THR R 22 -47.05 -26.32 41.61
C THR R 22 -46.71 -25.25 40.61
N CYS R 23 -46.11 -25.70 39.53
CA CYS R 23 -45.69 -24.87 38.43
C CYS R 23 -46.15 -25.56 37.16
N LYS R 24 -46.76 -24.81 36.27
CA LYS R 24 -47.28 -25.37 35.05
C LYS R 24 -46.90 -24.52 33.85
N ALA R 25 -46.74 -25.16 32.70
CA ALA R 25 -46.37 -24.38 31.54
C ALA R 25 -46.92 -24.92 30.26
N SER R 26 -47.05 -24.03 29.27
CA SER R 26 -47.50 -24.39 27.94
C SER R 26 -46.65 -25.44 27.24
N GLN R 27 -45.35 -25.41 27.51
CA GLN R 27 -44.41 -26.30 26.85
C GLN R 27 -43.81 -27.33 27.76
N ASN R 28 -43.45 -28.47 27.18
CA ASN R 28 -42.92 -29.53 28.01
C ASN R 28 -41.49 -29.22 28.34
N VAL R 29 -41.32 -28.65 29.52
CA VAL R 29 -40.03 -28.25 30.05
C VAL R 29 -39.07 -29.43 30.16
N GLY R 30 -39.59 -30.61 30.43
CA GLY R 30 -38.76 -31.80 30.38
C GLY R 30 -37.87 -32.00 31.60
N THR R 31 -38.13 -31.20 32.64
CA THR R 31 -37.45 -31.13 33.95
C THR R 31 -36.34 -30.10 33.97
N ALA R 32 -36.16 -29.32 32.89
CA ALA R 32 -35.19 -28.24 32.96
C ALA R 32 -35.84 -27.04 33.65
N VAL R 33 -36.08 -27.19 34.93
CA VAL R 33 -36.80 -26.22 35.72
C VAL R 33 -36.11 -25.97 37.03
N ALA R 34 -36.32 -24.80 37.57
CA ALA R 34 -35.76 -24.51 38.86
C ALA R 34 -36.72 -23.71 39.70
N TRP R 35 -36.57 -23.81 41.01
CA TRP R 35 -37.45 -23.10 41.93
C TRP R 35 -36.66 -22.13 42.74
N TYR R 36 -37.30 -21.01 43.10
CA TYR R 36 -36.63 -19.95 43.84
C TYR R 36 -37.46 -19.42 45.01
N GLN R 37 -36.76 -18.87 45.99
CA GLN R 37 -37.33 -18.30 47.21
C GLN R 37 -36.95 -16.84 47.36
N GLN R 38 -37.89 -15.98 47.71
CA GLN R 38 -37.49 -14.59 47.89
C GLN R 38 -38.19 -13.90 49.04
N LYS R 39 -37.47 -12.99 49.66
CA LYS R 39 -37.99 -12.19 50.75
C LYS R 39 -37.63 -10.76 50.42
N PRO R 40 -38.34 -9.78 50.97
CA PRO R 40 -38.07 -8.40 50.69
C PRO R 40 -36.67 -8.10 51.14
N GLY R 41 -36.00 -7.24 50.40
CA GLY R 41 -34.65 -6.86 50.74
C GLY R 41 -33.67 -7.96 50.33
N GLN R 42 -34.14 -8.98 49.59
CA GLN R 42 -33.28 -10.11 49.29
C GLN R 42 -33.44 -10.65 47.89
N SER R 43 -32.36 -11.26 47.42
CA SER R 43 -32.34 -11.94 46.13
C SER R 43 -33.24 -13.19 46.18
N PRO R 44 -33.78 -13.61 45.04
CA PRO R 44 -34.64 -14.77 44.83
C PRO R 44 -33.84 -16.05 44.81
N LYS R 45 -33.32 -16.44 45.97
CA LYS R 45 -32.40 -17.57 46.11
C LYS R 45 -32.91 -18.92 45.59
N LEU R 46 -32.00 -19.66 44.98
CA LEU R 46 -32.32 -20.97 44.43
C LEU R 46 -32.71 -22.00 45.45
N LEU R 47 -33.75 -22.75 45.11
CA LEU R 47 -34.22 -23.86 45.90
C LEU R 47 -34.05 -25.19 45.25
N ILE R 48 -34.51 -25.30 44.00
CA ILE R 48 -34.51 -26.58 43.30
C ILE R 48 -33.82 -26.51 41.97
N TYR R 49 -33.03 -27.53 41.70
CA TYR R 49 -32.28 -27.68 40.48
C TYR R 49 -32.68 -28.90 39.66
N SER R 50 -33.00 -28.67 38.39
CA SER R 50 -33.35 -29.72 37.44
C SER R 50 -34.55 -30.52 37.90
N ALA R 51 -35.55 -29.82 38.43
CA ALA R 51 -36.77 -30.40 38.99
C ALA R 51 -36.55 -31.39 40.13
N SER R 52 -35.39 -31.39 40.77
CA SER R 52 -35.24 -32.39 41.81
C SER R 52 -34.24 -32.09 42.89
N ASN R 53 -33.06 -31.65 42.49
CA ASN R 53 -32.00 -31.48 43.45
C ASN R 53 -32.12 -30.18 44.17
N ARG R 54 -32.40 -30.22 45.45
CA ARG R 54 -32.42 -28.93 46.09
C ARG R 54 -30.99 -28.40 46.04
N TYR R 55 -30.85 -27.11 45.92
CA TYR R 55 -29.52 -26.52 45.87
C TYR R 55 -28.77 -26.76 47.17
N THR R 56 -27.46 -26.93 47.09
CA THR R 56 -26.70 -27.20 48.29
C THR R 56 -26.88 -26.09 49.32
N GLY R 57 -27.08 -26.52 50.55
CA GLY R 57 -27.29 -25.67 51.71
C GLY R 57 -28.78 -25.37 51.93
N VAL R 58 -29.64 -25.80 51.00
CA VAL R 58 -31.07 -25.72 51.18
C VAL R 58 -31.44 -26.84 52.15
N PRO R 59 -32.31 -26.59 53.14
CA PRO R 59 -32.80 -27.57 54.10
C PRO R 59 -33.60 -28.62 53.36
N ASP R 60 -33.64 -29.82 53.92
CA ASP R 60 -34.30 -30.92 53.24
C ASP R 60 -35.81 -30.90 53.35
N ARG R 61 -36.35 -29.84 53.94
CA ARG R 61 -37.78 -29.64 53.94
C ARG R 61 -38.23 -29.50 52.49
N PHE R 62 -37.36 -28.95 51.64
CA PHE R 62 -37.71 -28.67 50.26
C PHE R 62 -37.44 -29.83 49.32
N THR R 63 -38.52 -30.31 48.70
CA THR R 63 -38.49 -31.40 47.73
C THR R 63 -39.34 -31.02 46.52
N GLY R 64 -39.22 -31.76 45.42
CA GLY R 64 -40.06 -31.40 44.28
C GLY R 64 -40.22 -32.56 43.29
N SER R 65 -41.09 -32.34 42.31
CA SER R 65 -41.45 -33.44 41.41
C SER R 65 -41.94 -33.01 40.04
N GLY R 66 -42.11 -34.02 39.18
CA GLY R 66 -42.72 -33.90 37.87
C GLY R 66 -41.78 -33.76 36.67
N SER R 67 -42.41 -33.78 35.50
CA SER R 67 -41.77 -33.72 34.19
C SER R 67 -42.70 -33.09 33.17
N GLY R 68 -42.17 -32.79 31.99
CA GLY R 68 -43.02 -32.23 30.97
C GLY R 68 -43.47 -30.86 31.39
N THR R 69 -44.78 -30.62 31.34
CA THR R 69 -45.36 -29.35 31.75
C THR R 69 -45.71 -29.27 33.24
N ASP R 70 -45.60 -30.38 33.98
CA ASP R 70 -46.05 -30.36 35.38
C ASP R 70 -44.92 -30.46 36.39
N PHE R 71 -44.88 -29.55 37.36
CA PHE R 71 -43.88 -29.66 38.42
C PHE R 71 -44.41 -29.26 39.78
N THR R 72 -43.79 -29.77 40.85
CA THR R 72 -44.19 -29.31 42.17
C THR R 72 -43.01 -28.98 43.05
N LEU R 73 -43.30 -28.23 44.10
CA LEU R 73 -42.39 -27.94 45.18
C LEU R 73 -43.13 -28.18 46.46
N THR R 74 -42.53 -28.89 47.38
CA THR R 74 -43.23 -29.04 48.62
C THR R 74 -42.31 -28.76 49.79
N ILE R 75 -42.90 -28.46 50.93
CA ILE R 75 -42.10 -28.23 52.11
C ILE R 75 -42.56 -29.12 53.24
N SER R 76 -41.75 -30.09 53.63
CA SER R 76 -42.11 -30.89 54.78
C SER R 76 -41.95 -30.07 56.03
N ASN R 77 -42.81 -30.25 57.02
CA ASN R 77 -42.56 -29.61 58.31
C ASN R 77 -42.33 -28.10 58.22
N MET R 78 -43.21 -27.35 57.55
CA MET R 78 -42.86 -25.95 57.33
C MET R 78 -42.63 -25.16 58.59
N GLN R 79 -41.68 -24.26 58.51
CA GLN R 79 -41.33 -23.38 59.60
C GLN R 79 -41.70 -21.97 59.23
N SER R 80 -42.04 -21.13 60.21
CA SER R 80 -42.42 -19.75 59.91
C SER R 80 -41.34 -18.99 59.15
N GLU R 81 -40.08 -19.38 59.32
CA GLU R 81 -38.96 -18.79 58.61
C GLU R 81 -39.01 -19.05 57.11
N ASP R 82 -39.86 -19.99 56.69
CA ASP R 82 -40.00 -20.32 55.30
C ASP R 82 -41.03 -19.46 54.60
N LEU R 83 -41.60 -18.44 55.25
CA LEU R 83 -42.54 -17.68 54.44
C LEU R 83 -41.71 -16.97 53.39
N ALA R 84 -42.12 -17.06 52.14
CA ALA R 84 -41.40 -16.37 51.09
C ALA R 84 -42.23 -16.26 49.84
N ASP R 85 -41.85 -15.36 48.96
CA ASP R 85 -42.45 -15.37 47.65
C ASP R 85 -41.75 -16.51 46.90
N TYR R 86 -42.51 -17.45 46.37
CA TYR R 86 -41.85 -18.55 45.69
C TYR R 86 -42.03 -18.47 44.19
N PHE R 87 -41.03 -18.94 43.45
CA PHE R 87 -40.99 -18.88 42.00
C PHE R 87 -40.48 -20.13 41.35
N CYS R 88 -40.66 -20.22 40.04
CA CYS R 88 -40.08 -21.31 39.29
C CYS R 88 -39.61 -20.75 37.97
N GLN R 89 -38.77 -21.49 37.25
CA GLN R 89 -38.23 -20.97 36.00
C GLN R 89 -38.02 -22.03 34.96
N GLN R 90 -38.14 -21.64 33.70
CA GLN R 90 -37.95 -22.56 32.60
C GLN R 90 -36.62 -22.43 31.91
N TYR R 91 -35.84 -23.51 31.94
CA TYR R 91 -34.60 -23.54 31.21
C TYR R 91 -34.63 -24.36 29.93
N SER R 92 -35.78 -24.87 29.49
CA SER R 92 -35.72 -25.64 28.24
C SER R 92 -35.88 -24.80 26.97
N SER R 93 -36.39 -23.58 27.10
CA SER R 93 -36.56 -22.71 25.95
C SER R 93 -36.54 -21.25 26.36
N TYR R 94 -36.32 -20.37 25.40
CA TYR R 94 -36.27 -18.97 25.75
C TYR R 94 -36.94 -18.11 24.66
N PRO R 95 -37.25 -16.83 24.94
CA PRO R 95 -36.81 -16.01 26.05
C PRO R 95 -37.27 -16.61 27.35
N LEU R 96 -36.48 -16.37 28.38
CA LEU R 96 -36.72 -17.01 29.64
C LEU R 96 -38.02 -16.62 30.25
N THR R 97 -38.63 -17.60 30.90
CA THR R 97 -39.88 -17.38 31.56
C THR R 97 -39.80 -17.93 32.95
N PHE R 98 -40.71 -17.49 33.77
CA PHE R 98 -40.74 -17.88 35.17
C PHE R 98 -42.18 -17.85 35.64
N GLY R 99 -42.47 -18.56 36.72
CA GLY R 99 -43.83 -18.61 37.25
C GLY R 99 -44.25 -17.26 37.80
N ALA R 100 -45.56 -17.01 37.84
CA ALA R 100 -46.07 -15.72 38.35
C ALA R 100 -45.74 -15.49 39.83
N GLY R 101 -45.38 -16.55 40.53
CA GLY R 101 -44.97 -16.56 41.91
C GLY R 101 -46.13 -16.82 42.83
N THR R 102 -45.81 -17.14 44.08
CA THR R 102 -46.83 -17.29 45.11
C THR R 102 -46.38 -16.71 46.43
N LYS R 103 -47.32 -16.44 47.32
CA LYS R 103 -46.91 -15.96 48.63
C LYS R 103 -47.61 -16.68 49.75
N LEU R 104 -46.98 -16.77 50.90
CA LEU R 104 -47.62 -17.43 52.02
C LEU R 104 -47.66 -16.53 53.22
N GLU R 105 -48.72 -16.67 54.01
CA GLU R 105 -48.75 -15.94 55.28
C GLU R 105 -49.15 -16.90 56.37
N LEU R 106 -48.35 -16.95 57.41
CA LEU R 106 -48.72 -17.79 58.52
C LEU R 106 -49.87 -17.15 59.26
N ARG R 107 -50.83 -17.98 59.69
CA ARG R 107 -52.02 -17.59 60.45
C ARG R 107 -53.15 -18.59 60.23
C1 NAG S . 10.78 38.75 4.99
C2 NAG S . 10.97 40.22 5.45
C3 NAG S . 10.14 41.24 4.66
C4 NAG S . 10.38 41.15 3.16
C5 NAG S . 10.17 39.70 2.75
C6 NAG S . 10.58 39.49 1.30
C7 NAG S . 11.25 39.56 7.78
C8 NAG S . 11.44 40.20 9.12
N2 NAG S . 10.65 40.32 6.86
O3 NAG S . 10.47 42.56 5.11
O4 NAG S . 9.55 42.02 2.35
O5 NAG S . 10.95 38.82 3.56
O6 NAG S . 11.83 38.78 1.26
O7 NAG S . 11.61 38.42 7.54
C1 NAG S . 10.36 42.61 1.32
C2 NAG S . 9.47 43.28 0.29
C3 NAG S . 10.27 44.00 -0.79
C4 NAG S . 11.30 44.91 -0.15
C5 NAG S . 12.15 44.12 0.84
C6 NAG S . 13.19 45.02 1.50
C7 NAG S . 9.01 41.11 -0.70
C8 NAG S . 10.18 41.10 -1.62
N2 NAG S . 8.57 42.32 -0.32
O3 NAG S . 9.40 44.75 -1.62
O4 NAG S . 12.13 45.48 -1.16
O5 NAG S . 11.33 43.53 1.85
O6 NAG S . 14.08 44.23 2.29
O7 NAG S . 8.48 40.08 -0.31
C1 NAG T . 10.90 31.75 42.32
C2 NAG T . 11.51 31.80 43.75
C3 NAG T . 11.41 33.19 44.32
C4 NAG T . 12.04 34.18 43.36
C5 NAG T . 11.48 34.02 41.94
C6 NAG T . 12.23 34.91 40.97
C7 NAG T . 9.52 30.63 44.56
C8 NAG T . 9.02 29.43 45.29
N2 NAG T . 10.84 30.84 44.61
O3 NAG T . 12.11 33.24 45.58
O4 NAG T . 11.80 35.49 43.88
O5 NAG T . 11.60 32.67 41.50
O6 NAG T . 13.63 34.92 41.29
O7 NAG T . 8.77 31.38 43.95
C1 NAG T . 12.94 35.90 44.65
C2 NAG T . 13.19 37.39 44.43
C3 NAG T . 14.38 37.86 45.25
C4 NAG T . 14.24 37.43 46.70
C5 NAG T . 13.94 35.95 46.80
C6 NAG T . 13.74 35.52 48.24
C7 NAG T . 14.52 37.29 42.40
C8 NAG T . 14.52 37.43 40.90
N2 NAG T . 13.41 37.66 43.02
O3 NAG T . 14.48 39.30 45.18
O4 NAG T . 15.44 37.73 47.42
O5 NAG T . 12.76 35.65 46.04
O6 NAG T . 13.04 36.55 48.95
O7 NAG T . 15.49 36.84 43.00
C1 BMA T . 15.18 38.82 48.32
C2 BMA T . 16.01 38.66 49.59
C3 BMA T . 15.79 39.83 50.54
C4 BMA T . 16.01 41.14 49.79
C5 BMA T . 15.13 41.19 48.56
C6 BMA T . 15.35 42.49 47.80
O2 BMA T . 17.39 38.58 49.25
O3 BMA T . 16.72 39.74 51.63
O4 BMA T . 15.70 42.24 50.65
O5 BMA T . 15.42 40.08 47.70
O6 BMA T . 15.00 42.41 46.40
C1 NAG U . 19.51 19.61 32.47
C2 NAG U . 19.22 18.43 31.54
C3 NAG U . 18.22 17.40 32.11
C4 NAG U . 18.55 17.03 33.54
C5 NAG U . 18.78 18.30 34.38
C6 NAG U . 19.23 18.01 35.78
C7 NAG U . 19.07 18.42 29.07
C8 NAG U . 18.30 18.93 27.89
N2 NAG U . 18.74 18.94 30.27
O3 NAG U . 18.23 16.22 31.30
O4 NAG U . 17.43 16.33 34.09
O5 NAG U . 19.80 19.10 33.78
O6 NAG U . 19.36 19.23 36.52
O7 NAG U . 19.94 17.55 28.95
C1 NAG U . 17.78 14.94 34.24
C2 NAG U . 17.19 14.40 35.53
C3 NAG U . 17.50 12.93 35.70
C4 NAG U . 17.04 12.16 34.47
C5 NAG U . 17.64 12.77 33.21
C6 NAG U . 17.12 12.06 31.97
C7 NAG U . 17.17 16.32 37.01
C8 NAG U . 17.52 16.80 38.39
N2 NAG U . 17.70 15.16 36.66
O3 NAG U . 16.84 12.42 36.86
O4 NAG U . 17.44 10.80 34.58
O5 NAG U . 17.33 14.17 33.12
O6 NAG U . 15.73 12.36 31.79
O7 NAG U . 16.43 16.95 36.27
C1 BMA U . 16.36 9.96 34.09
C2 BMA U . 16.95 8.89 33.18
C3 BMA U . 15.87 7.94 32.70
C4 BMA U . 15.08 7.40 33.88
C5 BMA U . 14.54 8.55 34.71
C6 BMA U . 13.76 8.03 35.91
O2 BMA U . 17.94 8.15 33.89
O3 BMA U . 16.48 6.85 31.99
O4 BMA U . 13.99 6.60 33.41
O5 BMA U . 15.61 9.38 35.16
O6 BMA U . 14.55 7.25 36.82
C1 MAN U . 15.98 6.83 30.64
C2 MAN U . 16.18 5.44 30.05
C3 MAN U . 17.66 5.12 29.93
C4 MAN U . 18.39 6.24 29.19
C5 MAN U . 18.06 7.59 29.81
C6 MAN U . 18.73 8.72 29.02
O2 MAN U . 15.57 5.39 28.76
O3 MAN U . 17.83 3.88 29.23
O4 MAN U . 19.80 6.01 29.25
O5 MAN U . 16.65 7.79 29.82
O6 MAN U . 18.22 8.72 27.67
C1 NAG V . 27.12 18.75 -4.92
C2 NAG V . 25.73 19.36 -4.70
C3 NAG V . 25.65 20.86 -4.98
C4 NAG V . 26.81 21.63 -4.35
C5 NAG V . 28.13 20.94 -4.70
C6 NAG V . 29.32 21.56 -4.00
C7 NAG V . 23.52 18.33 -5.10
C8 NAG V . 22.61 17.80 -6.16
N2 NAG V . 24.77 18.64 -5.51
O3 NAG V . 24.42 21.37 -4.48
O4 NAG V . 26.83 22.95 -4.90
O5 NAG V . 28.09 19.58 -4.27
O6 NAG V . 30.52 20.93 -4.41
O7 NAG V . 23.15 18.50 -3.94
C1 NAG V . 26.15 24.02 -4.24
C2 NAG V . 27.10 25.20 -4.09
C3 NAG V . 26.35 26.30 -3.33
C4 NAG V . 25.09 26.71 -4.09
C5 NAG V . 24.24 25.48 -4.40
C6 NAG V . 23.10 25.75 -5.36
C7 NAG V . 29.41 24.36 -3.97
C8 NAG V . 30.56 24.02 -3.05
N2 NAG V . 28.30 24.82 -3.37
O3 NAG V . 27.18 27.44 -3.11
O4 NAG V . 24.36 27.66 -3.30
O5 NAG V . 25.04 24.46 -5.03
O6 NAG V . 22.64 24.55 -5.98
O7 NAG V . 29.49 24.21 -5.19
C1 BMA V . 24.36 28.97 -3.89
C2 BMA V . 22.90 29.41 -3.96
C3 BMA V . 22.74 30.86 -4.37
C4 BMA V . 23.62 31.72 -3.49
C5 BMA V . 25.06 31.22 -3.51
C6 BMA V . 25.94 32.06 -2.60
O2 BMA V . 22.29 29.20 -2.68
O3 BMA V . 21.37 31.26 -4.22
O4 BMA V . 23.57 33.08 -3.95
O5 BMA V . 25.13 29.86 -3.09
O6 BMA V . 25.47 31.94 -1.26
C1 MAN V . 20.63 31.62 -5.40
C2 MAN V . 19.36 32.25 -4.82
C3 MAN V . 18.70 31.24 -3.90
C4 MAN V . 18.39 30.00 -4.71
C5 MAN V . 19.68 29.44 -5.29
C6 MAN V . 19.35 28.23 -6.15
O2 MAN V . 18.40 32.54 -5.83
O3 MAN V . 17.49 31.79 -3.37
O4 MAN V . 17.80 29.01 -3.86
O5 MAN V . 20.28 30.43 -6.12
O6 MAN V . 18.28 28.58 -7.03
C1 MAN V . 26.52 32.56 -0.57
C2 MAN V . 26.95 32.16 0.84
C3 MAN V . 26.12 32.92 1.87
C4 MAN V . 26.11 34.42 1.56
C5 MAN V . 25.68 34.60 0.11
C6 MAN V . 25.54 36.07 -0.27
O2 MAN V . 28.35 32.47 1.01
O3 MAN V . 26.66 32.70 3.17
O4 MAN V . 25.18 35.07 2.43
O5 MAN V . 26.63 33.97 -0.73
O6 MAN V . 26.84 36.61 -0.08
C1 NAG W . -32.93 -5.56 -22.97
C2 NAG W . -34.32 -5.52 -23.64
C3 NAG W . -35.29 -6.61 -23.15
C4 NAG W . -34.70 -8.02 -23.29
C5 NAG W . -33.34 -8.01 -22.61
C6 NAG W . -32.60 -9.32 -22.87
C7 NAG W . -34.31 -3.09 -23.78
C8 NAG W . -35.20 -1.98 -24.22
N2 NAG W . -34.93 -4.22 -23.43
O3 NAG W . -36.50 -6.53 -23.91
O4 NAG W . -35.52 -9.08 -22.77
O5 NAG W . -32.54 -6.95 -23.09
O6 NAG W . -31.56 -9.08 -23.82
O7 NAG W . -33.09 -2.98 -23.75
C1 NAG W . -35.50 -10.19 -23.69
C2 NAG W . -36.10 -11.42 -23.01
C3 NAG W . -36.17 -12.60 -23.96
C4 NAG W . -36.85 -12.19 -25.25
C5 NAG W . -36.15 -10.97 -25.84
C6 NAG W . -36.82 -10.54 -27.15
C7 NAG W . -34.01 -11.77 -21.83
C8 NAG W . -33.36 -12.60 -22.91
N2 NAG W . -35.34 -11.77 -21.83
O3 NAG W . -36.90 -13.67 -23.35
O4 NAG W . -36.81 -13.27 -26.20
O5 NAG W . -36.16 -9.89 -24.91
O6 NAG W . -36.04 -9.51 -27.76
O7 NAG W . -33.36 -11.14 -21.02
C1 NAG X . -37.24 32.18 -22.29
C2 NAG X . -37.49 33.56 -22.93
C3 NAG X . -38.95 33.71 -23.31
C4 NAG X . -39.36 32.55 -24.18
C5 NAG X . -39.00 31.20 -23.55
C6 NAG X . -39.28 30.05 -24.50
C7 NAG X . -37.32 34.55 -20.70
C8 NAG X . -36.59 35.57 -19.87
N2 NAG X . -37.09 34.62 -22.02
O3 NAG X . -39.13 34.93 -24.03
O4 NAG X . -40.77 32.65 -24.40
O5 NAG X . -37.62 31.16 -23.21
O6 NAG X . -38.92 30.45 -25.83
O7 NAG X . -38.06 33.72 -20.22
C1 NAG X . -40.99 33.34 -25.64
C2 NAG X . -42.19 32.73 -26.36
C3 NAG X . -42.47 33.45 -27.67
C4 NAG X . -42.54 34.95 -27.45
C5 NAG X . -41.33 35.44 -26.68
C6 NAG X . -41.42 36.94 -26.41
C7 NAG X . -41.09 30.89 -27.50
C8 NAG X . -40.80 29.41 -27.49
N2 NAG X . -41.96 31.31 -26.59
O3 NAG X . -43.71 32.98 -28.22
O4 NAG X . -42.63 35.63 -28.71
O5 NAG X . -41.22 34.74 -25.45
O6 NAG X . -42.77 37.28 -26.11
O7 NAG X . -40.55 31.64 -28.29
C1 BMA X . -43.96 36.16 -28.85
C2 BMA X . -43.91 37.47 -29.63
C3 BMA X . -45.30 38.04 -29.85
C4 BMA X . -46.20 36.96 -30.46
C5 BMA X . -46.18 35.71 -29.58
C6 BMA X . -47.06 34.62 -30.18
O2 BMA X . -43.29 37.24 -30.90
O3 BMA X . -45.24 39.15 -30.74
O4 BMA X . -47.54 37.46 -30.55
O5 BMA X . -44.84 35.23 -29.46
O6 BMA X . -46.71 33.30 -29.77
C1 NAG Y . -20.69 26.67 -26.08
C2 NAG Y . -19.45 26.09 -25.38
C3 NAG Y . -19.02 26.86 -24.14
C4 NAG Y . -18.98 28.36 -24.38
C5 NAG Y . -20.29 28.82 -25.04
C6 NAG Y . -20.29 30.27 -25.44
C7 NAG Y . -18.79 23.73 -25.15
C8 NAG Y . -19.17 22.41 -24.55
N2 NAG Y . -19.70 24.70 -25.05
O3 NAG Y . -17.72 26.43 -23.73
O4 NAG Y . -18.87 29.03 -23.12
O5 NAG Y . -20.51 28.08 -26.24
O6 NAG Y . -21.55 30.64 -25.97
O7 NAG Y . -17.70 23.90 -25.68
C1 NAG Y . -17.54 29.57 -22.99
C2 NAG Y . -17.62 30.93 -22.32
C3 NAG Y . -16.24 31.53 -22.15
C4 NAG Y . -15.34 30.54 -21.41
C5 NAG Y . -15.34 29.19 -22.12
C6 NAG Y . -14.51 28.18 -21.35
C7 NAG Y . -19.78 31.81 -22.98
C8 NAG Y . -20.49 33.01 -23.53
N2 NAG Y . -18.46 31.83 -23.09
O3 NAG Y . -16.32 32.75 -21.40
O4 NAG Y . -14.01 31.06 -21.34
O5 NAG Y . -16.67 28.70 -22.28
O6 NAG Y . -15.17 27.85 -20.13
O7 NAG Y . -20.38 30.88 -22.45
C1 BMA Y . -13.47 30.77 -20.04
C2 BMA Y . -12.05 30.22 -20.20
C3 BMA Y . -11.40 29.96 -18.85
C4 BMA Y . -11.50 31.21 -17.99
C5 BMA Y . -12.95 31.65 -17.88
C6 BMA Y . -13.08 32.90 -17.03
O2 BMA Y . -11.26 31.17 -20.94
O3 BMA Y . -10.02 29.64 -19.06
O4 BMA Y . -10.99 30.92 -16.68
O5 BMA Y . -13.49 31.91 -19.19
O6 BMA Y . -12.38 34.04 -17.55
C1 MAN Y . -9.77 28.32 -18.53
C2 MAN Y . -8.29 28.16 -18.24
C3 MAN Y . -7.49 28.21 -19.54
C4 MAN Y . -8.05 27.24 -20.55
C5 MAN Y . -9.56 27.42 -20.71
C6 MAN Y . -10.13 26.39 -21.67
O2 MAN Y . -8.06 26.90 -17.60
O3 MAN Y . -6.12 27.90 -19.26
O4 MAN Y . -7.40 27.44 -21.81
O5 MAN Y . -10.19 27.30 -19.43
O6 MAN Y . -9.91 25.08 -21.14
C1 NAG Z . -6.79 -8.46 -31.52
C2 NAG Z . -7.85 -8.50 -30.42
C3 NAG Z . -9.15 -9.20 -30.82
C4 NAG Z . -9.64 -8.75 -32.18
C5 NAG Z . -8.50 -8.81 -33.20
C6 NAG Z . -8.87 -8.24 -34.55
C7 NAG Z . -7.51 -8.72 -27.98
C8 NAG Z . -7.02 -9.63 -26.90
N2 NAG Z . -7.27 -9.12 -29.25
O3 NAG Z . -10.15 -8.94 -29.84
O4 NAG Z . -10.67 -9.63 -32.61
O5 NAG Z . -7.39 -8.01 -32.73
O6 NAG Z . -7.80 -8.39 -35.47
O7 NAG Z . -8.11 -7.67 -27.73
C1 NAG Z . -12.05 -9.35 -32.34
C2 NAG Z . -12.85 -9.48 -33.63
C3 NAG Z . -14.30 -9.12 -33.31
C4 NAG Z . -14.86 -10.03 -32.22
C5 NAG Z . -13.94 -10.04 -31.00
C6 NAG Z . -14.27 -11.09 -29.98
C7 NAG Z . -11.38 -9.00 -35.55
C8 NAG Z . -10.96 -7.97 -36.56
N2 NAG Z . -12.32 -8.62 -34.67
O3 NAG Z . -15.12 -9.17 -34.48
O4 NAG Z . -16.17 -9.59 -31.87
O5 NAG Z . -12.58 -10.29 -31.41
O6 NAG Z . -13.16 -11.37 -29.13
O7 NAG Z . -10.87 -10.12 -35.53
C1 BMA Z . -17.19 -10.51 -32.27
C2 BMA Z . -18.04 -10.80 -31.03
C3 BMA Z . -19.28 -11.61 -31.34
C4 BMA Z . -20.03 -10.96 -32.48
C5 BMA Z . -19.11 -10.76 -33.68
C6 BMA Z . -19.84 -10.07 -34.82
O2 BMA Z . -18.42 -9.54 -30.45
O3 BMA Z . -20.12 -11.66 -30.18
O4 BMA Z . -21.14 -11.78 -32.86
O5 BMA Z . -17.98 -9.97 -33.33
O6 BMA Z . -20.26 -8.77 -34.39
C1 MAN Z . -20.34 -12.93 -29.55
C2 MAN Z . -21.49 -12.63 -28.58
C3 MAN Z . -21.06 -11.50 -27.67
C4 MAN Z . -19.81 -11.94 -26.93
C5 MAN Z . -18.72 -12.27 -27.94
C6 MAN Z . -17.49 -12.77 -27.22
O2 MAN Z . -21.79 -13.73 -27.73
O3 MAN Z . -22.10 -11.21 -26.72
O4 MAN Z . -19.34 -10.88 -26.08
O5 MAN Z . -19.18 -13.30 -28.80
O6 MAN Z . -17.90 -13.77 -26.28
C1 MAN Z . -20.68 -8.22 -35.61
C2 MAN Z . -20.59 -6.74 -35.95
C3 MAN Z . -21.84 -6.03 -35.45
C4 MAN Z . -23.10 -6.75 -35.91
C5 MAN Z . -22.99 -8.21 -35.51
C6 MAN Z . -24.25 -8.99 -35.83
O2 MAN Z . -20.47 -6.59 -37.37
O3 MAN Z . -21.83 -4.68 -35.93
O4 MAN Z . -24.24 -6.15 -35.28
O5 MAN Z . -21.87 -8.78 -36.17
O6 MAN Z . -24.37 -8.89 -37.25
C1 NAG AA . 0.98 -22.30 33.83
C2 NAG AA . 0.68 -23.04 35.16
C3 NAG AA . 1.22 -22.33 36.41
C4 NAG AA . 2.72 -22.03 36.31
C5 NAG AA . 2.95 -21.30 35.00
C6 NAG AA . 4.44 -21.14 34.74
C7 NAG AA . -1.46 -23.86 34.36
C8 NAG AA . -2.63 -24.65 34.87
N2 NAG AA . -0.75 -23.24 35.29
O3 NAG AA . 0.98 -23.14 37.56
O4 NAG AA . 3.26 -21.27 37.41
O5 NAG AA . 2.39 -22.01 33.91
O6 NAG AA . 4.84 -22.05 33.71
O7 NAG AA . -1.18 -23.79 33.18
C1 NAG AA . 4.53 -21.83 37.78
C2 NAG AA . 5.25 -20.87 38.72
C3 NAG AA . 6.57 -21.45 39.22
C4 NAG AA . 6.35 -22.85 39.77
C5 NAG AA . 5.64 -23.71 38.74
C6 NAG AA . 5.40 -25.12 39.28
C7 NAG AA . 5.91 -19.53 36.82
C8 NAG AA . 7.17 -20.28 36.51
N2 NAG AA . 5.48 -19.60 38.08
O3 NAG AA . 7.12 -20.61 40.23
O4 NAG AA . 7.61 -23.44 40.13
O5 NAG AA . 4.39 -23.13 38.37
O6 NAG AA . 4.91 -25.95 38.24
O7 NAG AA . 5.32 -18.89 35.97
C1 NAG BA . -34.67 -32.56 25.61
C2 NAG BA . -35.81 -33.58 25.43
C3 NAG BA . -36.31 -34.08 26.77
C4 NAG BA . -35.14 -34.60 27.58
C5 NAG BA . -33.99 -33.60 27.65
C6 NAG BA . -32.77 -34.21 28.32
C7 NAG BA . -37.29 -31.73 24.86
C8 NAG BA . -38.21 -31.17 23.81
N2 NAG BA . -36.90 -32.99 24.68
O3 NAG BA . -37.26 -35.12 26.58
O4 NAG BA . -35.63 -34.93 28.88
O5 NAG BA . -33.61 -33.19 26.34
O6 NAG BA . -32.64 -35.58 27.91
O7 NAG BA . -36.91 -31.07 25.81
C1 NAG BA . -35.97 -36.33 28.92
C2 NAG BA . -35.59 -36.91 30.28
C3 NAG BA . -35.95 -38.38 30.37
C4 NAG BA . -37.40 -38.60 29.94
C5 NAG BA . -37.67 -37.93 28.59
C6 NAG BA . -39.13 -38.10 28.18
C7 NAG BA . -33.26 -37.42 29.88
C8 NAG BA . -31.83 -36.98 30.09
N2 NAG BA . -34.18 -36.72 30.53
O3 NAG BA . -35.78 -38.85 31.71
O4 NAG BA . -37.68 -40.00 29.84
O5 NAG BA . -37.35 -36.55 28.68
O6 NAG BA . -39.96 -37.99 29.34
O7 NAG BA . -33.54 -38.36 29.15
C1 BMA BA . -38.55 -40.36 30.93
C2 BMA BA . -39.49 -41.48 30.49
C3 BMA BA . -40.39 -41.93 31.63
C4 BMA BA . -39.54 -42.25 32.85
C5 BMA BA . -38.65 -41.07 33.21
C6 BMA BA . -37.79 -41.39 34.42
O2 BMA BA . -38.73 -42.60 30.03
O3 BMA BA . -41.12 -43.09 31.24
O4 BMA BA . -40.39 -42.56 33.97
O5 BMA BA . -37.81 -40.73 32.09
O6 BMA BA . -36.59 -40.59 34.50
C1 NAG CA . -23.28 -33.70 11.92
C2 NAG CA . -22.57 -32.80 10.90
C3 NAG CA . -23.47 -31.80 10.19
C4 NAG CA . -24.75 -32.46 9.69
C5 NAG CA . -25.39 -33.28 10.80
C6 NAG CA . -26.59 -34.07 10.35
C7 NAG CA . -20.28 -31.86 11.04
C8 NAG CA . -19.38 -30.94 11.80
N2 NAG CA . -21.48 -32.10 11.59
O3 NAG CA . -22.78 -31.21 9.10
O4 NAG CA . -25.68 -31.42 9.31
O5 NAG CA . -24.45 -34.23 11.29
O6 NAG CA . -27.18 -34.77 11.44
O7 NAG CA . -19.93 -32.36 9.97
C1 NAG CA . -25.76 -31.38 7.88
C2 NAG CA . -27.21 -31.12 7.48
C3 NAG CA . -27.36 -31.05 5.97
C4 NAG CA . -26.39 -30.01 5.42
C5 NAG CA . -24.97 -30.31 5.88
C6 NAG CA . -24.01 -29.23 5.40
C7 NAG CA . -28.52 -32.13 9.27
C8 NAG CA . -29.67 -33.04 9.57
N2 NAG CA . -28.08 -32.16 8.02
O3 NAG CA . -28.70 -30.68 5.63
O4 NAG CA . -26.45 -30.01 3.99
O5 NAG CA . -24.90 -30.40 7.31
O6 NAG CA . -24.27 -28.02 6.09
O7 NAG CA . -28.02 -31.40 10.11
C1 BMA CA . -26.38 -28.66 3.53
C2 BMA CA . -25.38 -28.58 2.37
C3 BMA CA . -25.33 -27.17 1.78
C4 BMA CA . -26.73 -26.70 1.45
C5 BMA CA . -27.62 -26.81 2.67
C6 BMA CA . -29.05 -26.36 2.34
O2 BMA CA . -25.77 -29.51 1.35
O3 BMA CA . -24.53 -27.19 0.58
O4 BMA CA . -26.69 -25.34 1.00
O5 BMA CA . -27.66 -28.16 3.14
O6 BMA CA . -29.69 -27.13 1.34
C1 MAN CA . -23.41 -26.30 0.77
C2 MAN CA . -22.87 -25.90 -0.59
C3 MAN CA . -22.30 -27.12 -1.32
C4 MAN CA . -21.30 -27.84 -0.43
C5 MAN CA . -21.91 -28.13 0.94
C6 MAN CA . -20.89 -28.79 1.86
O2 MAN CA . -21.85 -24.92 -0.42
O3 MAN CA . -21.65 -26.69 -2.52
O4 MAN CA . -20.91 -29.07 -1.05
O5 MAN CA . -22.37 -26.91 1.53
O6 MAN CA . -19.79 -27.90 2.05
C1 NAG DA . 14.46 -28.18 10.40
C2 NAG DA . 13.83 -27.17 11.37
C3 NAG DA . 14.16 -27.43 12.85
C4 NAG DA . 13.98 -28.90 13.22
C5 NAG DA . 14.69 -29.79 12.20
C6 NAG DA . 14.45 -31.26 12.41
C7 NAG DA . 13.45 -24.76 11.03
C8 NAG DA . 14.12 -23.44 10.82
N2 NAG DA . 14.25 -25.83 10.99
O3 NAG DA . 13.32 -26.63 13.67
O4 NAG DA . 14.58 -29.11 14.49
O5 NAG DA . 14.21 -29.50 10.89
O6 NAG DA . 15.19 -32.04 11.49
O7 NAG DA . 12.24 -24.85 11.25
C1 NAG DA . 13.80 -29.01 15.69
C2 NAG DA . 14.03 -30.26 16.55
C3 NAG DA . 13.14 -30.13 17.79
C4 NAG DA . 13.48 -28.87 18.58
C5 NAG DA . 13.43 -27.65 17.65
C6 NAG DA . 13.99 -26.38 18.27
C7 NAG DA . 14.62 -32.15 15.07
C8 NAG DA . 14.10 -33.38 14.38
N2 NAG DA . 13.72 -31.47 15.81
O3 NAG DA . 13.26 -31.28 18.62
O4 NAG DA . 12.55 -28.73 19.65
O5 NAG DA . 14.22 -27.88 16.46
O6 NAG DA . 14.35 -25.44 17.27
O7 NAG DA . 15.78 -31.78 14.95
C1 BMA DA . 13.17 -28.92 20.92
C2 BMA DA . 12.80 -27.69 21.76
C3 BMA DA . 13.22 -27.83 23.22
C4 BMA DA . 12.72 -29.16 23.77
C5 BMA DA . 13.19 -30.30 22.88
C6 BMA DA . 12.65 -31.63 23.38
O2 BMA DA . 11.39 -27.51 21.70
O3 BMA DA . 12.66 -26.75 23.99
O4 BMA DA . 13.22 -29.34 25.10
O5 BMA DA . 12.73 -30.12 21.54
O6 BMA DA . 11.22 -31.61 23.35
C1 MAN DA . 13.56 -25.80 24.59
C2 MAN DA . 12.64 -25.03 25.54
C3 MAN DA . 11.50 -24.45 24.72
C4 MAN DA . 12.09 -23.54 23.65
C5 MAN DA . 13.02 -24.36 22.77
C6 MAN DA . 13.66 -23.45 21.74
O2 MAN DA . 13.31 -23.91 26.14
O3 MAN DA . 10.63 -23.68 25.57
O4 MAN DA . 11.05 -23.00 22.84
O5 MAN DA . 14.06 -24.92 23.59
O6 MAN DA . 14.17 -22.29 22.42
C1 MAN DA . 10.94 -32.95 23.62
C2 MAN DA . 9.73 -33.70 23.06
C3 MAN DA . 8.54 -33.50 23.99
C4 MAN DA . 8.90 -33.80 25.43
C5 MAN DA . 10.15 -33.00 25.79
C6 MAN DA . 10.54 -33.16 27.24
O2 MAN DA . 10.03 -35.09 22.95
O3 MAN DA . 7.46 -34.34 23.57
O4 MAN DA . 7.83 -33.43 26.30
O5 MAN DA . 11.21 -33.41 24.94
O6 MAN DA . 10.82 -34.55 27.38
C1 NAG EA . 5.04 20.42 31.12
C2 NAG EA . 4.98 19.48 32.31
C3 NAG EA . 3.92 18.37 32.18
C4 NAG EA . 2.58 18.93 31.71
C5 NAG EA . 2.79 19.82 30.49
C6 NAG EA . 1.53 20.52 30.04
C7 NAG EA . 6.83 18.66 33.73
C8 NAG EA . 8.08 17.84 33.74
N2 NAG EA . 6.29 18.89 32.52
O3 NAG EA . 3.74 17.73 33.45
O4 NAG EA . 1.74 17.83 31.34
O5 NAG EA . 3.73 20.86 30.79
O6 NAG EA . 1.77 21.26 28.85
O7 NAG EA . 6.31 19.09 34.77
C1 NAG FA . -25.71 24.31 -12.63
C2 NAG FA . -25.21 25.72 -12.30
C3 NAG FA . -24.52 25.85 -10.94
C4 NAG FA . -25.31 25.16 -9.84
C5 NAG FA . -25.71 23.75 -10.27
C6 NAG FA . -26.61 23.04 -9.28
C7 NAG FA . -24.28 27.41 -13.84
C8 NAG FA . -23.14 27.72 -14.76
N2 NAG FA . -24.32 26.16 -13.36
O3 NAG FA . -24.36 27.23 -10.61
O4 NAG FA . -24.49 25.07 -8.67
O5 NAG FA . -26.43 23.80 -11.51
O6 NAG FA . -26.87 21.72 -9.71
O7 NAG FA . -25.13 28.26 -13.53
C1 NAG GA . -26.61 -20.43 16.89
C2 NAG GA . -27.81 -20.49 15.96
C3 NAG GA . -28.10 -19.19 15.21
C4 NAG GA . -28.05 -17.98 16.14
C5 NAG GA . -26.78 -18.02 16.98
C6 NAG GA . -26.72 -16.93 18.03
C7 NAG GA . -28.60 -22.39 14.59
C8 NAG GA . -28.26 -23.29 13.44
N2 NAG GA . -27.62 -21.57 15.01
O3 NAG GA . -29.39 -19.25 14.59
O4 NAG GA . -28.03 -16.79 15.35
O5 NAG GA . -26.71 -19.26 17.70
O6 NAG GA . -25.48 -16.98 18.72
O7 NAG GA . -29.73 -22.39 15.10
#